data_1X50
#
_entry.id   1X50
#
_cell.length_a   1.000
_cell.length_b   1.000
_cell.length_c   1.000
_cell.angle_alpha   90.00
_cell.angle_beta   90.00
_cell.angle_gamma   90.00
#
_symmetry.space_group_name_H-M   'P 1'
#
_entity_poly.entity_id   1
_entity_poly.type   'polypeptide(L)'
_entity_poly.pdbx_seq_one_letter_code
;GSSGSSGHQQLNSLPTMEGPPTFNPPVPYFGRLQGGLTARRTIIIKGYVPPTGKSFAINFKVGSSGDIALHINPRMGNGT
VVRNSLLNGSWGSEEKKITHNPFGPGQFFDLSIRCGLDRFKVYANGQHLFDFAHRLSAFQRVDTLEIQGDVTLSYVQISG
PSSG
;
_entity_poly.pdbx_strand_id   A
#
# COMPACT_ATOMS: atom_id res chain seq x y z
N GLY A 1 37.20 -7.43 -4.24
CA GLY A 1 36.13 -8.22 -4.84
C GLY A 1 34.75 -7.68 -4.50
N SER A 2 34.43 -6.50 -5.01
CA SER A 2 33.13 -5.89 -4.75
C SER A 2 32.79 -4.86 -5.83
N SER A 3 31.53 -4.86 -6.26
CA SER A 3 31.08 -3.93 -7.29
C SER A 3 29.80 -3.22 -6.85
N GLY A 4 29.49 -2.10 -7.52
CA GLY A 4 28.31 -1.34 -7.18
C GLY A 4 28.58 -0.25 -6.16
N SER A 5 27.97 0.90 -6.36
CA SER A 5 28.16 2.03 -5.45
C SER A 5 27.02 3.03 -5.59
N SER A 6 26.53 3.54 -4.46
CA SER A 6 25.45 4.51 -4.45
C SER A 6 25.90 5.82 -5.09
N GLY A 7 27.01 6.37 -4.60
CA GLY A 7 27.51 7.62 -5.13
C GLY A 7 26.44 8.68 -5.26
N HIS A 8 26.35 9.53 -4.24
CA HIS A 8 25.35 10.60 -4.23
C HIS A 8 25.98 11.93 -3.85
N GLN A 9 26.25 12.77 -4.84
CA GLN A 9 26.86 14.08 -4.61
C GLN A 9 26.12 14.83 -3.51
N GLN A 10 24.79 14.74 -3.53
CA GLN A 10 23.97 15.42 -2.53
C GLN A 10 22.67 14.66 -2.30
N LEU A 11 22.43 14.27 -1.05
CA LEU A 11 21.22 13.53 -0.70
C LEU A 11 19.98 14.25 -1.22
N ASN A 12 19.17 13.53 -2.00
CA ASN A 12 17.96 14.09 -2.55
C ASN A 12 16.84 13.04 -2.62
N SER A 13 15.66 13.46 -3.04
CA SER A 13 14.52 12.56 -3.15
C SER A 13 14.19 12.27 -4.61
N LEU A 14 13.78 11.04 -4.89
CA LEU A 14 13.42 10.65 -6.25
C LEU A 14 12.28 11.50 -6.79
N PRO A 15 12.21 11.62 -8.12
CA PRO A 15 11.17 12.39 -8.80
C PRO A 15 9.79 11.75 -8.69
N THR A 16 8.81 12.37 -9.33
CA THR A 16 7.44 11.85 -9.30
C THR A 16 7.36 10.48 -9.96
N MET A 17 6.30 9.74 -9.64
CA MET A 17 6.09 8.41 -10.20
C MET A 17 5.12 8.46 -11.37
N GLU A 18 5.28 9.46 -12.24
CA GLU A 18 4.42 9.62 -13.40
C GLU A 18 4.83 8.67 -14.51
N GLY A 19 4.12 8.75 -15.64
CA GLY A 19 4.42 7.89 -16.77
C GLY A 19 3.77 6.52 -16.66
N PRO A 20 4.35 5.53 -17.36
CA PRO A 20 3.82 4.16 -17.36
C PRO A 20 4.02 3.47 -16.00
N PRO A 21 3.39 2.30 -15.85
CA PRO A 21 3.48 1.52 -14.61
C PRO A 21 4.87 0.90 -14.41
N THR A 22 5.17 0.52 -13.18
CA THR A 22 6.46 -0.07 -12.86
C THR A 22 6.50 -1.54 -13.26
N PHE A 23 7.68 -2.02 -13.64
CA PHE A 23 7.85 -3.40 -14.06
C PHE A 23 9.03 -4.05 -13.32
N ASN A 24 8.74 -5.12 -12.58
CA ASN A 24 9.77 -5.82 -11.82
C ASN A 24 10.40 -4.91 -10.78
N PRO A 25 9.54 -4.28 -9.94
CA PRO A 25 9.99 -3.38 -8.89
C PRO A 25 10.69 -4.12 -7.76
N PRO A 26 11.78 -3.53 -7.25
CA PRO A 26 12.57 -4.12 -6.16
C PRO A 26 11.82 -4.08 -4.83
N VAL A 27 12.46 -4.61 -3.79
CA VAL A 27 11.86 -4.65 -2.46
C VAL A 27 12.88 -4.31 -1.39
N PRO A 28 12.46 -3.49 -0.40
CA PRO A 28 11.09 -2.96 -0.35
C PRO A 28 10.83 -1.93 -1.45
N TYR A 29 9.62 -1.94 -1.98
CA TYR A 29 9.24 -1.01 -3.04
C TYR A 29 8.53 0.22 -2.46
N PHE A 30 9.14 1.38 -2.63
CA PHE A 30 8.58 2.63 -2.13
C PHE A 30 7.89 3.40 -3.24
N GLY A 31 6.55 3.38 -3.23
CA GLY A 31 5.79 4.08 -4.25
C GLY A 31 4.91 5.16 -3.67
N ARG A 32 5.35 6.41 -3.82
CA ARG A 32 4.59 7.54 -3.29
C ARG A 32 3.34 7.79 -4.14
N LEU A 33 2.22 8.03 -3.45
CA LEU A 33 0.95 8.28 -4.14
C LEU A 33 0.84 9.73 -4.56
N GLN A 34 0.71 9.96 -5.87
CA GLN A 34 0.60 11.31 -6.40
C GLN A 34 -0.78 11.89 -6.13
N GLY A 35 -0.89 12.64 -5.04
CA GLY A 35 -2.16 13.25 -4.67
C GLY A 35 -2.60 12.87 -3.27
N GLY A 36 -2.70 11.58 -3.00
CA GLY A 36 -3.11 11.11 -1.70
C GLY A 36 -4.36 10.27 -1.75
N LEU A 37 -4.77 9.74 -0.60
CA LEU A 37 -5.96 8.90 -0.52
C LEU A 37 -7.20 9.69 -0.92
N THR A 38 -7.67 9.48 -2.14
CA THR A 38 -8.85 10.17 -2.65
C THR A 38 -9.93 9.18 -3.05
N ALA A 39 -11.18 9.49 -2.70
CA ALA A 39 -12.30 8.63 -3.04
C ALA A 39 -12.18 8.09 -4.46
N ARG A 40 -11.44 8.81 -5.29
CA ARG A 40 -11.24 8.41 -6.69
C ARG A 40 -9.85 7.82 -6.88
N ARG A 41 -9.35 7.12 -5.86
CA ARG A 41 -8.03 6.52 -5.94
C ARG A 41 -8.12 5.00 -5.72
N THR A 42 -7.35 4.25 -6.50
CA THR A 42 -7.33 2.80 -6.39
C THR A 42 -5.92 2.25 -6.46
N ILE A 43 -5.49 1.60 -5.39
CA ILE A 43 -4.15 1.02 -5.32
C ILE A 43 -4.14 -0.42 -5.82
N ILE A 44 -3.18 -0.74 -6.67
CA ILE A 44 -3.05 -2.09 -7.21
C ILE A 44 -1.66 -2.64 -7.00
N ILE A 45 -1.59 -3.90 -6.55
CA ILE A 45 -0.31 -4.55 -6.30
C ILE A 45 -0.31 -5.98 -6.85
N LYS A 46 0.42 -6.19 -7.95
CA LYS A 46 0.51 -7.50 -8.57
C LYS A 46 1.90 -8.10 -8.36
N GLY A 47 1.98 -9.12 -7.51
CA GLY A 47 3.25 -9.76 -7.25
C GLY A 47 3.12 -11.27 -7.11
N TYR A 48 3.93 -11.86 -6.24
CA TYR A 48 3.91 -13.30 -6.03
C TYR A 48 4.70 -13.68 -4.78
N VAL A 49 4.08 -14.46 -3.91
CA VAL A 49 4.73 -14.90 -2.68
C VAL A 49 5.71 -16.03 -2.96
N PRO A 50 7.01 -15.76 -2.72
CA PRO A 50 8.07 -16.75 -2.92
C PRO A 50 8.02 -17.88 -1.91
N PRO A 51 8.57 -19.04 -2.29
CA PRO A 51 8.61 -20.23 -1.44
C PRO A 51 9.55 -20.06 -0.24
N THR A 52 10.42 -19.05 -0.32
CA THR A 52 11.37 -18.78 0.75
C THR A 52 11.01 -17.50 1.49
N GLY A 53 9.80 -17.00 1.27
CA GLY A 53 9.36 -15.78 1.91
C GLY A 53 8.26 -16.03 2.94
N LYS A 54 8.52 -15.63 4.18
CA LYS A 54 7.54 -15.82 5.26
C LYS A 54 6.27 -15.02 4.99
N SER A 55 6.42 -13.70 4.88
CA SER A 55 5.29 -12.82 4.63
C SER A 55 5.74 -11.39 4.40
N PHE A 56 4.90 -10.60 3.75
CA PHE A 56 5.22 -9.21 3.47
C PHE A 56 4.31 -8.27 4.25
N ALA A 57 4.41 -6.97 3.97
CA ALA A 57 3.60 -5.98 4.65
C ALA A 57 3.46 -4.71 3.81
N ILE A 58 2.24 -4.19 3.73
CA ILE A 58 1.97 -3.00 2.95
C ILE A 58 1.51 -1.85 3.86
N ASN A 59 2.41 -0.90 4.11
CA ASN A 59 2.10 0.25 4.96
C ASN A 59 1.90 1.50 4.11
N PHE A 60 0.95 2.33 4.53
CA PHE A 60 0.65 3.57 3.81
C PHE A 60 0.97 4.79 4.67
N LYS A 61 2.11 5.42 4.41
CA LYS A 61 2.53 6.59 5.16
C LYS A 61 2.13 7.87 4.43
N VAL A 62 2.26 9.00 5.12
CA VAL A 62 1.91 10.29 4.54
C VAL A 62 3.15 11.04 4.07
N GLY A 63 3.15 11.40 2.79
CA GLY A 63 4.28 12.11 2.22
C GLY A 63 4.53 13.44 2.90
N SER A 64 3.46 14.10 3.33
CA SER A 64 3.55 15.39 4.00
C SER A 64 4.21 15.23 5.37
N SER A 65 3.47 14.64 6.31
CA SER A 65 3.97 14.44 7.67
C SER A 65 4.81 13.17 7.75
N GLY A 66 4.16 12.02 7.66
CA GLY A 66 4.86 10.75 7.72
C GLY A 66 4.22 9.78 8.70
N ASP A 67 2.89 9.73 8.69
CA ASP A 67 2.15 8.84 9.58
C ASP A 67 1.48 7.73 8.79
N ILE A 68 1.44 6.53 9.37
CA ILE A 68 0.82 5.39 8.71
C ILE A 68 -0.66 5.30 9.06
N ALA A 69 -1.50 5.38 8.04
CA ALA A 69 -2.95 5.30 8.22
C ALA A 69 -3.45 3.86 8.11
N LEU A 70 -2.79 3.09 7.24
CA LEU A 70 -3.15 1.69 7.03
C LEU A 70 -1.92 0.81 6.93
N HIS A 71 -1.91 -0.28 7.70
CA HIS A 71 -0.79 -1.20 7.70
C HIS A 71 -1.28 -2.65 7.63
N ILE A 72 -1.38 -3.19 6.43
CA ILE A 72 -1.85 -4.56 6.23
C ILE A 72 -0.66 -5.51 6.09
N ASN A 73 -0.74 -6.64 6.77
CA ASN A 73 0.32 -7.64 6.72
C ASN A 73 -0.26 -9.06 6.69
N PRO A 74 -0.18 -9.71 5.52
CA PRO A 74 -0.69 -11.07 5.34
C PRO A 74 0.13 -12.10 6.09
N ARG A 75 -0.49 -13.23 6.41
CA ARG A 75 0.18 -14.30 7.14
C ARG A 75 -0.04 -15.64 6.45
N MET A 76 0.94 -16.06 5.65
CA MET A 76 0.85 -17.33 4.93
C MET A 76 0.74 -18.49 5.91
N GLY A 77 1.49 -18.43 7.00
CA GLY A 77 1.47 -19.49 7.99
C GLY A 77 0.09 -19.68 8.60
N ASN A 78 -0.17 -18.98 9.70
CA ASN A 78 -1.46 -19.08 10.39
C ASN A 78 -2.60 -18.89 9.40
N GLY A 79 -2.60 -17.75 8.69
CA GLY A 79 -3.65 -17.47 7.73
C GLY A 79 -4.52 -16.31 8.15
N THR A 80 -3.92 -15.30 8.76
CA THR A 80 -4.66 -14.13 9.22
C THR A 80 -3.89 -12.84 8.89
N VAL A 81 -4.55 -11.95 8.14
CA VAL A 81 -3.93 -10.68 7.78
C VAL A 81 -4.26 -9.60 8.79
N VAL A 82 -3.27 -9.20 9.56
CA VAL A 82 -3.45 -8.16 10.57
C VAL A 82 -3.42 -6.77 9.95
N ARG A 83 -4.20 -5.85 10.51
CA ARG A 83 -4.25 -4.49 10.01
C ARG A 83 -4.04 -3.48 11.14
N ASN A 84 -3.13 -2.54 10.92
CA ASN A 84 -2.83 -1.51 11.92
C ASN A 84 -2.57 -0.16 11.25
N SER A 85 -2.29 0.84 12.07
CA SER A 85 -2.03 2.19 11.57
C SER A 85 -1.24 3.01 12.58
N LEU A 86 0.04 3.23 12.29
CA LEU A 86 0.91 3.99 13.17
C LEU A 86 0.63 5.48 13.05
N LEU A 87 0.20 6.09 14.15
CA LEU A 87 -0.09 7.52 14.16
C LEU A 87 1.11 8.33 14.67
N ASN A 88 1.09 9.63 14.38
CA ASN A 88 2.18 10.50 14.82
C ASN A 88 2.63 10.17 16.23
N GLY A 89 3.76 9.46 16.33
CA GLY A 89 4.28 9.08 17.64
C GLY A 89 3.36 8.13 18.38
N SER A 90 2.22 7.80 17.76
CA SER A 90 1.25 6.91 18.37
C SER A 90 0.93 5.75 17.43
N TRP A 91 0.17 4.78 17.93
CA TRP A 91 -0.20 3.61 17.15
C TRP A 91 -1.71 3.37 17.22
N GLY A 92 -2.23 2.61 16.26
CA GLY A 92 -3.66 2.33 16.24
C GLY A 92 -4.01 1.07 16.99
N SER A 93 -4.28 -0.01 16.26
CA SER A 93 -4.63 -1.29 16.87
C SER A 93 -4.55 -2.42 15.86
N GLU A 94 -4.69 -3.65 16.35
CA GLU A 94 -4.63 -4.82 15.48
C GLU A 94 -6.03 -5.26 15.06
N GLU A 95 -6.28 -5.27 13.76
CA GLU A 95 -7.57 -5.68 13.22
C GLU A 95 -7.44 -6.88 12.30
N LYS A 96 -8.14 -7.96 12.64
CA LYS A 96 -8.10 -9.18 11.85
C LYS A 96 -9.51 -9.62 11.46
N LYS A 97 -9.75 -9.74 10.15
CA LYS A 97 -11.05 -10.16 9.64
C LYS A 97 -10.99 -10.41 8.14
N ILE A 98 -11.01 -11.68 7.75
CA ILE A 98 -10.96 -12.06 6.35
C ILE A 98 -11.77 -13.31 6.08
N THR A 99 -12.32 -13.42 4.88
CA THR A 99 -13.11 -14.58 4.50
C THR A 99 -12.25 -15.65 3.84
N HIS A 100 -11.33 -15.23 2.98
CA HIS A 100 -10.44 -16.14 2.29
C HIS A 100 -9.06 -15.53 2.12
N ASN A 101 -8.03 -16.30 2.47
CA ASN A 101 -6.65 -15.84 2.35
C ASN A 101 -5.92 -16.57 1.22
N PRO A 102 -5.89 -15.92 0.04
CA PRO A 102 -5.21 -16.49 -1.13
C PRO A 102 -3.70 -16.53 -0.99
N PHE A 103 -3.14 -15.46 -0.43
CA PHE A 103 -1.70 -15.37 -0.23
C PHE A 103 -1.11 -16.73 0.11
N GLY A 104 -0.37 -17.31 -0.84
CA GLY A 104 0.23 -18.62 -0.62
C GLY A 104 1.66 -18.68 -1.12
N PRO A 105 2.54 -19.32 -0.33
CA PRO A 105 3.95 -19.47 -0.69
C PRO A 105 4.16 -20.41 -1.87
N GLY A 106 4.43 -19.83 -3.03
CA GLY A 106 4.64 -20.64 -4.23
C GLY A 106 3.64 -20.34 -5.32
N GLN A 107 2.70 -19.44 -5.03
CA GLN A 107 1.68 -19.07 -6.00
C GLN A 107 1.50 -17.56 -6.05
N PHE A 108 1.17 -17.04 -7.23
CA PHE A 108 0.98 -15.62 -7.42
C PHE A 108 -0.25 -15.12 -6.66
N PHE A 109 -0.44 -13.82 -6.63
CA PHE A 109 -1.57 -13.21 -5.92
C PHE A 109 -1.82 -11.79 -6.41
N ASP A 110 -3.05 -11.53 -6.86
CA ASP A 110 -3.42 -10.21 -7.36
C ASP A 110 -4.16 -9.42 -6.29
N LEU A 111 -3.48 -8.46 -5.70
CA LEU A 111 -4.08 -7.63 -4.65
C LEU A 111 -4.41 -6.23 -5.19
N SER A 112 -5.59 -5.74 -4.82
CA SER A 112 -6.02 -4.42 -5.28
C SER A 112 -6.84 -3.72 -4.19
N ILE A 113 -6.29 -2.63 -3.65
CA ILE A 113 -6.97 -1.88 -2.60
C ILE A 113 -7.72 -0.69 -3.18
N ARG A 114 -8.95 -0.49 -2.73
CA ARG A 114 -9.77 0.62 -3.20
C ARG A 114 -9.92 1.69 -2.13
N CYS A 115 -9.60 2.92 -2.49
CA CYS A 115 -9.70 4.04 -1.54
C CYS A 115 -11.04 4.74 -1.67
N GLY A 116 -11.79 4.77 -0.57
CA GLY A 116 -13.10 5.40 -0.58
C GLY A 116 -13.20 6.51 0.46
N LEU A 117 -14.44 6.86 0.81
CA LEU A 117 -14.68 7.90 1.80
C LEU A 117 -15.03 7.31 3.15
N ASP A 118 -15.87 6.27 3.14
CA ASP A 118 -16.29 5.61 4.36
C ASP A 118 -15.24 4.59 4.82
N ARG A 119 -14.62 3.92 3.85
CA ARG A 119 -13.60 2.92 4.15
C ARG A 119 -12.94 2.42 2.87
N PHE A 120 -12.01 1.47 3.03
CA PHE A 120 -11.31 0.91 1.88
C PHE A 120 -11.87 -0.48 1.52
N LYS A 121 -11.65 -0.88 0.28
CA LYS A 121 -12.13 -2.18 -0.18
C LYS A 121 -11.01 -2.95 -0.91
N VAL A 122 -10.46 -3.95 -0.23
CA VAL A 122 -9.40 -4.76 -0.81
C VAL A 122 -9.95 -5.97 -1.54
N TYR A 123 -9.45 -6.22 -2.75
CA TYR A 123 -9.90 -7.34 -3.55
C TYR A 123 -8.75 -8.27 -3.90
N ALA A 124 -9.03 -9.56 -4.00
CA ALA A 124 -8.02 -10.55 -4.33
C ALA A 124 -8.51 -11.51 -5.41
N ASN A 125 -7.96 -11.36 -6.60
CA ASN A 125 -8.34 -12.21 -7.73
C ASN A 125 -9.86 -12.16 -7.96
N GLY A 126 -10.43 -10.98 -7.82
CA GLY A 126 -11.86 -10.81 -8.01
C GLY A 126 -12.66 -11.32 -6.83
N GLN A 127 -12.14 -11.12 -5.62
CA GLN A 127 -12.81 -11.55 -4.41
C GLN A 127 -12.60 -10.55 -3.27
N HIS A 128 -13.70 -10.05 -2.71
CA HIS A 128 -13.63 -9.08 -1.62
C HIS A 128 -12.84 -9.66 -0.44
N LEU A 129 -11.56 -9.34 -0.38
CA LEU A 129 -10.70 -9.82 0.70
C LEU A 129 -11.20 -9.33 2.05
N PHE A 130 -11.09 -8.02 2.28
CA PHE A 130 -11.55 -7.43 3.55
C PHE A 130 -11.65 -5.91 3.42
N ASP A 131 -12.13 -5.28 4.48
CA ASP A 131 -12.28 -3.83 4.49
C ASP A 131 -11.39 -3.20 5.55
N PHE A 132 -11.04 -1.93 5.35
CA PHE A 132 -10.19 -1.20 6.27
C PHE A 132 -10.89 0.05 6.80
N ALA A 133 -11.36 -0.02 8.05
CA ALA A 133 -12.04 1.11 8.67
C ALA A 133 -11.14 2.32 8.74
N HIS A 134 -11.67 3.48 8.38
CA HIS A 134 -10.92 4.73 8.42
C HIS A 134 -10.48 5.06 9.84
N ARG A 135 -9.22 4.74 10.15
CA ARG A 135 -8.68 5.00 11.49
C ARG A 135 -8.22 6.44 11.60
N LEU A 136 -7.47 6.91 10.61
CA LEU A 136 -6.97 8.27 10.60
C LEU A 136 -7.85 9.18 9.74
N SER A 137 -8.61 10.05 10.38
CA SER A 137 -9.50 10.96 9.67
C SER A 137 -8.75 11.69 8.55
N ALA A 138 -7.47 11.95 8.79
CA ALA A 138 -6.64 12.62 7.79
C ALA A 138 -6.11 11.65 6.76
N PHE A 139 -6.84 10.56 6.54
CA PHE A 139 -6.44 9.54 5.57
C PHE A 139 -6.01 10.18 4.25
N GLN A 140 -6.79 11.15 3.80
CA GLN A 140 -6.49 11.85 2.54
C GLN A 140 -5.02 12.24 2.48
N ARG A 141 -4.48 12.70 3.60
CA ARG A 141 -3.08 13.10 3.68
C ARG A 141 -2.16 11.99 3.20
N VAL A 142 -2.48 10.76 3.60
CA VAL A 142 -1.68 9.60 3.22
C VAL A 142 -1.46 9.58 1.70
N ASP A 143 -0.24 9.93 1.29
CA ASP A 143 0.11 9.93 -0.13
C ASP A 143 1.37 9.13 -0.39
N THR A 144 1.61 8.13 0.45
CA THR A 144 2.78 7.27 0.31
C THR A 144 2.44 5.80 0.53
N LEU A 145 2.90 4.96 -0.37
CA LEU A 145 2.63 3.52 -0.28
C LEU A 145 3.92 2.72 -0.39
N GLU A 146 4.34 2.12 0.72
CA GLU A 146 5.56 1.33 0.75
C GLU A 146 5.24 -0.14 0.98
N ILE A 147 6.11 -1.01 0.48
CA ILE A 147 5.93 -2.46 0.63
C ILE A 147 7.24 -3.15 0.99
N GLN A 148 7.30 -3.69 2.20
CA GLN A 148 8.50 -4.38 2.65
C GLN A 148 8.18 -5.81 3.07
N GLY A 149 9.21 -6.59 3.39
CA GLY A 149 9.02 -7.96 3.80
C GLY A 149 9.47 -8.95 2.73
N ASP A 150 8.75 -10.06 2.61
CA ASP A 150 9.08 -11.08 1.63
C ASP A 150 7.97 -11.21 0.58
N VAL A 151 8.12 -10.47 -0.51
CA VAL A 151 7.13 -10.49 -1.59
C VAL A 151 7.78 -10.19 -2.94
N THR A 152 7.31 -10.87 -3.98
CA THR A 152 7.85 -10.67 -5.32
C THR A 152 6.91 -9.81 -6.16
N LEU A 153 7.17 -8.50 -6.17
CA LEU A 153 6.35 -7.57 -6.93
C LEU A 153 6.64 -7.68 -8.42
N SER A 154 5.60 -7.67 -9.24
CA SER A 154 5.75 -7.77 -10.68
C SER A 154 5.23 -6.51 -11.37
N TYR A 155 4.12 -5.99 -10.86
CA TYR A 155 3.51 -4.79 -11.43
C TYR A 155 2.84 -3.95 -10.35
N VAL A 156 3.14 -2.66 -10.33
CA VAL A 156 2.56 -1.75 -9.35
C VAL A 156 2.21 -0.40 -9.98
N GLN A 157 0.95 0.00 -9.84
CA GLN A 157 0.49 1.27 -10.41
C GLN A 157 -0.62 1.86 -9.56
N ILE A 158 -0.51 3.15 -9.26
CA ILE A 158 -1.50 3.84 -8.45
C ILE A 158 -2.57 4.49 -9.33
N SER A 159 -3.62 3.74 -9.65
CA SER A 159 -4.69 4.25 -10.48
C SER A 159 -5.29 5.53 -9.89
N GLY A 160 -5.42 6.55 -10.73
CA GLY A 160 -5.97 7.82 -10.27
C GLY A 160 -7.11 8.31 -11.15
N PRO A 161 -7.37 9.62 -11.11
CA PRO A 161 -8.42 10.25 -11.91
C PRO A 161 -8.10 10.25 -13.39
N SER A 162 -6.93 9.74 -13.75
CA SER A 162 -6.51 9.68 -15.14
C SER A 162 -7.65 9.21 -16.04
N SER A 163 -8.07 7.97 -15.83
CA SER A 163 -9.15 7.39 -16.62
C SER A 163 -10.43 8.20 -16.48
N GLY A 164 -10.87 8.80 -17.58
CA GLY A 164 -12.08 9.60 -17.56
C GLY A 164 -12.41 10.19 -18.93
N GLY A 1 17.35 -15.73 -15.63
CA GLY A 1 18.06 -14.55 -16.10
C GLY A 1 17.18 -13.63 -16.92
N SER A 2 17.56 -12.36 -16.99
CA SER A 2 16.80 -11.37 -17.74
C SER A 2 17.70 -10.23 -18.20
N SER A 3 17.28 -9.55 -19.26
CA SER A 3 18.04 -8.43 -19.81
C SER A 3 17.33 -7.10 -19.55
N GLY A 4 18.05 -6.17 -18.93
CA GLY A 4 17.48 -4.87 -18.62
C GLY A 4 18.53 -3.80 -18.44
N SER A 5 18.10 -2.56 -18.28
CA SER A 5 19.01 -1.44 -18.09
C SER A 5 18.31 -0.27 -17.41
N SER A 6 19.10 0.57 -16.73
CA SER A 6 18.56 1.72 -16.02
C SER A 6 19.43 2.95 -16.23
N GLY A 7 18.81 4.12 -16.24
CA GLY A 7 19.55 5.35 -16.43
C GLY A 7 20.14 5.88 -15.13
N HIS A 8 20.10 7.20 -14.97
CA HIS A 8 20.63 7.83 -13.76
C HIS A 8 19.52 8.49 -12.96
N GLN A 9 19.65 8.46 -11.63
CA GLN A 9 18.65 9.07 -10.75
C GLN A 9 19.31 9.63 -9.50
N GLN A 10 18.78 10.75 -9.02
CA GLN A 10 19.32 11.40 -7.83
C GLN A 10 19.38 10.43 -6.66
N LEU A 11 20.28 10.70 -5.71
CA LEU A 11 20.43 9.84 -4.54
C LEU A 11 19.75 10.47 -3.33
N ASN A 12 19.84 11.79 -3.22
CA ASN A 12 19.23 12.50 -2.09
C ASN A 12 17.74 12.22 -2.00
N SER A 13 17.07 12.26 -3.15
CA SER A 13 15.63 12.01 -3.20
C SER A 13 15.17 11.75 -4.63
N LEU A 14 14.47 10.65 -4.83
CA LEU A 14 13.96 10.29 -6.15
C LEU A 14 12.88 11.25 -6.62
N PRO A 15 12.73 11.40 -7.94
CA PRO A 15 11.73 12.28 -8.53
C PRO A 15 10.30 11.77 -8.32
N THR A 16 9.37 12.33 -9.08
CA THR A 16 7.97 11.92 -8.99
C THR A 16 7.67 10.76 -9.93
N MET A 17 6.68 9.95 -9.55
CA MET A 17 6.30 8.80 -10.36
C MET A 17 5.30 9.21 -11.44
N GLU A 18 5.81 9.60 -12.61
CA GLU A 18 4.96 10.01 -13.72
C GLU A 18 5.27 9.21 -14.98
N GLY A 19 4.33 9.20 -15.91
CA GLY A 19 4.54 8.48 -17.16
C GLY A 19 3.93 7.08 -17.11
N PRO A 20 4.69 6.10 -17.62
CA PRO A 20 4.23 4.70 -17.65
C PRO A 20 4.19 4.08 -16.26
N PRO A 21 3.56 2.89 -16.16
CA PRO A 21 3.43 2.17 -14.90
C PRO A 21 4.77 1.62 -14.39
N THR A 22 4.73 0.87 -13.30
CA THR A 22 5.93 0.29 -12.72
C THR A 22 6.14 -1.14 -13.20
N PHE A 23 7.40 -1.56 -13.25
CA PHE A 23 7.74 -2.91 -13.70
C PHE A 23 9.02 -3.39 -13.03
N ASN A 24 9.01 -4.65 -12.60
CA ASN A 24 10.17 -5.25 -11.94
C ASN A 24 10.66 -4.35 -10.81
N PRO A 25 9.72 -3.84 -10.00
CA PRO A 25 10.04 -2.97 -8.86
C PRO A 25 10.75 -3.72 -7.74
N PRO A 26 11.82 -3.12 -7.21
CA PRO A 26 12.60 -3.72 -6.12
C PRO A 26 11.84 -3.72 -4.79
N VAL A 27 12.48 -4.26 -3.76
CA VAL A 27 11.87 -4.33 -2.44
C VAL A 27 12.87 -3.98 -1.34
N PRO A 28 12.43 -3.20 -0.35
CA PRO A 28 11.06 -2.68 -0.32
C PRO A 28 10.79 -1.64 -1.40
N TYR A 29 9.59 -1.64 -1.94
CA TYR A 29 9.21 -0.69 -2.99
C TYR A 29 8.54 0.54 -2.40
N PHE A 30 9.13 1.70 -2.63
CA PHE A 30 8.58 2.95 -2.12
C PHE A 30 7.92 3.75 -3.24
N GLY A 31 6.59 3.71 -3.29
CA GLY A 31 5.86 4.44 -4.30
C GLY A 31 5.11 5.63 -3.74
N ARG A 32 5.57 6.83 -4.06
CA ARG A 32 4.93 8.04 -3.58
C ARG A 32 3.61 8.29 -4.31
N LEU A 33 2.51 8.11 -3.60
CA LEU A 33 1.18 8.31 -4.18
C LEU A 33 0.92 9.80 -4.43
N GLN A 34 1.23 10.24 -5.65
CA GLN A 34 1.03 11.64 -6.02
C GLN A 34 -0.46 11.99 -6.01
N GLY A 35 -0.89 12.73 -4.98
CA GLY A 35 -2.28 13.12 -4.88
C GLY A 35 -2.86 12.84 -3.50
N GLY A 36 -2.60 11.63 -3.00
CA GLY A 36 -3.11 11.26 -1.70
C GLY A 36 -4.39 10.43 -1.79
N LEU A 37 -4.71 9.73 -0.71
CA LEU A 37 -5.90 8.88 -0.67
C LEU A 37 -7.15 9.71 -1.02
N THR A 38 -7.68 9.47 -2.22
CA THR A 38 -8.86 10.17 -2.68
C THR A 38 -10.01 9.20 -2.95
N ALA A 39 -11.24 9.67 -2.75
CA ALA A 39 -12.41 8.85 -2.97
C ALA A 39 -12.37 8.17 -4.34
N ARG A 40 -11.61 8.77 -5.26
CA ARG A 40 -11.47 8.22 -6.60
C ARG A 40 -10.08 7.62 -6.81
N ARG A 41 -9.52 7.05 -5.75
CA ARG A 41 -8.20 6.45 -5.81
C ARG A 41 -8.28 4.94 -5.62
N THR A 42 -7.49 4.19 -6.40
CA THR A 42 -7.47 2.74 -6.32
C THR A 42 -6.04 2.21 -6.39
N ILE A 43 -5.62 1.51 -5.34
CA ILE A 43 -4.29 0.95 -5.29
C ILE A 43 -4.27 -0.48 -5.83
N ILE A 44 -3.27 -0.79 -6.63
CA ILE A 44 -3.14 -2.13 -7.22
C ILE A 44 -1.73 -2.67 -7.04
N ILE A 45 -1.63 -3.92 -6.61
CA ILE A 45 -0.33 -4.55 -6.40
C ILE A 45 -0.33 -5.98 -6.94
N LYS A 46 0.43 -6.20 -8.01
CA LYS A 46 0.53 -7.52 -8.62
C LYS A 46 1.92 -8.10 -8.44
N GLY A 47 2.03 -9.13 -7.60
CA GLY A 47 3.32 -9.76 -7.35
C GLY A 47 3.22 -11.27 -7.28
N TYR A 48 4.00 -11.87 -6.40
CA TYR A 48 4.00 -13.32 -6.24
C TYR A 48 4.80 -13.73 -5.01
N VAL A 49 4.12 -14.35 -4.05
CA VAL A 49 4.76 -14.79 -2.82
C VAL A 49 5.69 -15.97 -3.08
N PRO A 50 7.00 -15.76 -2.86
CA PRO A 50 8.01 -16.80 -3.06
C PRO A 50 7.91 -17.92 -2.04
N PRO A 51 8.45 -19.09 -2.39
CA PRO A 51 8.44 -20.27 -1.51
C PRO A 51 9.36 -20.10 -0.31
N THR A 52 10.25 -19.11 -0.37
CA THR A 52 11.18 -18.84 0.72
C THR A 52 10.84 -17.54 1.43
N GLY A 53 9.61 -17.07 1.22
CA GLY A 53 9.18 -15.83 1.86
C GLY A 53 8.12 -16.07 2.92
N LYS A 54 8.45 -15.70 4.16
CA LYS A 54 7.52 -15.87 5.27
C LYS A 54 6.24 -15.08 5.04
N SER A 55 6.38 -13.76 4.93
CA SER A 55 5.24 -12.88 4.70
C SER A 55 5.69 -11.45 4.45
N PHE A 56 4.83 -10.66 3.81
CA PHE A 56 5.14 -9.27 3.51
C PHE A 56 4.21 -8.33 4.25
N ALA A 57 4.32 -7.04 3.96
CA ALA A 57 3.48 -6.03 4.59
C ALA A 57 3.35 -4.79 3.73
N ILE A 58 2.18 -4.16 3.76
CA ILE A 58 1.93 -2.96 2.97
C ILE A 58 1.49 -1.80 3.87
N ASN A 59 2.44 -0.93 4.18
CA ASN A 59 2.15 0.24 5.02
C ASN A 59 1.94 1.48 4.17
N PHE A 60 1.01 2.32 4.59
CA PHE A 60 0.70 3.55 3.87
C PHE A 60 0.99 4.78 4.73
N LYS A 61 2.14 5.38 4.52
CA LYS A 61 2.54 6.57 5.29
C LYS A 61 2.22 7.84 4.53
N VAL A 62 2.32 8.98 5.21
CA VAL A 62 2.04 10.27 4.59
C VAL A 62 3.33 10.99 4.22
N GLY A 63 3.49 11.27 2.92
CA GLY A 63 4.68 11.95 2.46
C GLY A 63 4.91 13.27 3.17
N SER A 64 3.83 13.97 3.47
CA SER A 64 3.91 15.27 4.15
C SER A 64 4.44 15.09 5.57
N SER A 65 3.59 14.55 6.45
CA SER A 65 3.97 14.33 7.84
C SER A 65 4.82 13.08 7.98
N GLY A 66 4.19 11.92 7.89
CA GLY A 66 4.90 10.66 8.01
C GLY A 66 4.21 9.69 8.94
N ASP A 67 2.88 9.65 8.88
CA ASP A 67 2.11 8.76 9.73
C ASP A 67 1.44 7.66 8.90
N ILE A 68 1.37 6.46 9.45
CA ILE A 68 0.76 5.34 8.77
C ILE A 68 -0.74 5.26 9.06
N ALA A 69 -1.55 5.40 8.01
CA ALA A 69 -3.00 5.33 8.16
C ALA A 69 -3.50 3.90 8.02
N LEU A 70 -2.81 3.11 7.21
CA LEU A 70 -3.19 1.72 6.99
C LEU A 70 -1.95 0.82 6.92
N HIS A 71 -1.98 -0.27 7.69
CA HIS A 71 -0.86 -1.21 7.70
C HIS A 71 -1.35 -2.65 7.62
N ILE A 72 -1.44 -3.17 6.41
CA ILE A 72 -1.91 -4.54 6.20
C ILE A 72 -0.74 -5.50 6.07
N ASN A 73 -0.82 -6.63 6.77
CA ASN A 73 0.23 -7.64 6.73
C ASN A 73 -0.37 -9.05 6.73
N PRO A 74 -0.30 -9.71 5.57
CA PRO A 74 -0.82 -11.07 5.41
C PRO A 74 0.01 -12.11 6.16
N ARG A 75 -0.62 -13.22 6.52
CA ARG A 75 0.06 -14.29 7.24
C ARG A 75 -0.17 -15.64 6.56
N MET A 76 0.80 -16.08 5.78
CA MET A 76 0.70 -17.36 5.09
C MET A 76 0.48 -18.50 6.07
N GLY A 77 -0.25 -19.54 5.63
CA GLY A 77 -0.52 -20.67 6.48
C GLY A 77 -1.77 -20.47 7.33
N ASN A 78 -1.59 -19.91 8.51
CA ASN A 78 -2.70 -19.67 9.42
C ASN A 78 -3.91 -19.12 8.67
N GLY A 79 -3.70 -18.01 7.96
CA GLY A 79 -4.79 -17.40 7.20
C GLY A 79 -5.43 -16.24 7.93
N THR A 80 -4.61 -15.28 8.33
CA THR A 80 -5.10 -14.11 9.05
C THR A 80 -4.28 -12.87 8.73
N VAL A 81 -4.92 -11.87 8.14
CA VAL A 81 -4.25 -10.62 7.78
C VAL A 81 -4.51 -9.53 8.81
N VAL A 82 -3.46 -9.17 9.54
CA VAL A 82 -3.58 -8.13 10.57
C VAL A 82 -3.55 -6.74 9.95
N ARG A 83 -4.36 -5.84 10.50
CA ARG A 83 -4.44 -4.47 10.01
C ARG A 83 -4.19 -3.47 11.13
N ASN A 84 -3.24 -2.58 10.92
CA ASN A 84 -2.90 -1.56 11.92
C ASN A 84 -2.67 -0.21 11.26
N SER A 85 -2.41 0.81 12.08
CA SER A 85 -2.18 2.16 11.58
C SER A 85 -1.41 2.99 12.60
N LEU A 86 -0.13 3.21 12.32
CA LEU A 86 0.73 3.99 13.21
C LEU A 86 0.46 5.48 13.05
N LEU A 87 0.04 6.12 14.13
CA LEU A 87 -0.25 7.56 14.11
C LEU A 87 0.93 8.36 14.63
N ASN A 88 0.95 9.65 14.30
CA ASN A 88 2.04 10.53 14.74
C ASN A 88 2.48 10.18 16.16
N GLY A 89 3.60 9.48 16.26
CA GLY A 89 4.11 9.09 17.57
C GLY A 89 3.18 8.15 18.31
N SER A 90 2.00 7.92 17.74
CA SER A 90 1.02 7.03 18.35
C SER A 90 0.72 5.85 17.43
N TRP A 91 -0.02 4.88 17.97
CA TRP A 91 -0.38 3.69 17.20
C TRP A 91 -1.89 3.44 17.26
N GLY A 92 -2.39 2.65 16.31
CA GLY A 92 -3.81 2.35 16.28
C GLY A 92 -4.15 1.06 16.99
N SER A 93 -4.66 0.09 16.24
CA SER A 93 -5.03 -1.20 16.81
C SER A 93 -4.93 -2.31 15.76
N GLU A 94 -5.22 -3.53 16.18
CA GLU A 94 -5.16 -4.69 15.28
C GLU A 94 -6.55 -5.12 14.86
N GLU A 95 -6.77 -5.21 13.55
CA GLU A 95 -8.07 -5.60 13.02
C GLU A 95 -7.93 -6.82 12.11
N LYS A 96 -8.34 -7.98 12.61
CA LYS A 96 -8.27 -9.22 11.84
C LYS A 96 -9.66 -9.72 11.48
N LYS A 97 -9.91 -9.88 10.18
CA LYS A 97 -11.20 -10.36 9.70
C LYS A 97 -11.15 -10.65 8.20
N ILE A 98 -11.12 -11.93 7.85
CA ILE A 98 -11.07 -12.34 6.46
C ILE A 98 -11.87 -13.63 6.23
N THR A 99 -12.38 -13.80 5.02
CA THR A 99 -13.16 -14.98 4.67
C THR A 99 -12.28 -16.04 4.00
N HIS A 100 -11.40 -15.60 3.10
CA HIS A 100 -10.52 -16.51 2.40
C HIS A 100 -9.14 -15.87 2.19
N ASN A 101 -8.10 -16.60 2.58
CA ASN A 101 -6.73 -16.10 2.44
C ASN A 101 -6.03 -16.76 1.26
N PRO A 102 -6.06 -16.08 0.10
CA PRO A 102 -5.42 -16.58 -1.13
C PRO A 102 -3.91 -16.58 -1.05
N PHE A 103 -3.36 -15.53 -0.45
CA PHE A 103 -1.91 -15.40 -0.31
C PHE A 103 -1.28 -16.74 0.07
N GLY A 104 -0.57 -17.35 -0.87
CA GLY A 104 0.06 -18.62 -0.61
C GLY A 104 1.51 -18.65 -1.05
N PRO A 105 2.38 -19.27 -0.23
CA PRO A 105 3.81 -19.37 -0.51
C PRO A 105 4.11 -20.29 -1.69
N GLY A 106 4.35 -19.71 -2.85
CA GLY A 106 4.65 -20.49 -4.04
C GLY A 106 3.63 -20.29 -5.14
N GLN A 107 2.71 -19.36 -4.92
CA GLN A 107 1.67 -19.06 -5.91
C GLN A 107 1.47 -17.55 -6.06
N PHE A 108 1.18 -17.13 -7.29
CA PHE A 108 0.98 -15.72 -7.57
C PHE A 108 -0.28 -15.21 -6.88
N PHE A 109 -0.45 -13.89 -6.88
CA PHE A 109 -1.62 -13.27 -6.25
C PHE A 109 -1.81 -11.84 -6.76
N ASP A 110 -3.08 -11.45 -6.89
CA ASP A 110 -3.41 -10.11 -7.37
C ASP A 110 -4.17 -9.33 -6.31
N LEU A 111 -3.47 -8.43 -5.62
CA LEU A 111 -4.08 -7.61 -4.58
C LEU A 111 -4.43 -6.22 -5.11
N SER A 112 -5.61 -5.74 -4.74
CA SER A 112 -6.07 -4.42 -5.18
C SER A 112 -6.90 -3.74 -4.10
N ILE A 113 -6.33 -2.67 -3.51
CA ILE A 113 -7.02 -1.94 -2.47
C ILE A 113 -7.77 -0.75 -3.04
N ARG A 114 -9.01 -0.56 -2.57
CA ARG A 114 -9.84 0.54 -3.04
C ARG A 114 -10.02 1.59 -1.94
N CYS A 115 -9.79 2.85 -2.29
CA CYS A 115 -9.92 3.94 -1.33
C CYS A 115 -11.24 4.68 -1.53
N GLY A 116 -12.10 4.62 -0.52
CA GLY A 116 -13.39 5.29 -0.61
C GLY A 116 -13.53 6.40 0.41
N LEU A 117 -14.74 6.57 0.94
CA LEU A 117 -15.01 7.62 1.91
C LEU A 117 -15.39 7.02 3.26
N ASP A 118 -16.14 5.92 3.23
CA ASP A 118 -16.58 5.26 4.44
C ASP A 118 -15.54 4.23 4.91
N ARG A 119 -14.92 3.56 3.94
CA ARG A 119 -13.91 2.55 4.24
C ARG A 119 -13.25 2.04 2.96
N PHE A 120 -12.18 1.26 3.12
CA PHE A 120 -11.46 0.71 1.98
C PHE A 120 -12.02 -0.66 1.60
N LYS A 121 -11.77 -1.06 0.36
CA LYS A 121 -12.26 -2.35 -0.13
C LYS A 121 -11.14 -3.10 -0.86
N VAL A 122 -10.52 -4.04 -0.15
CA VAL A 122 -9.43 -4.83 -0.72
C VAL A 122 -9.98 -6.05 -1.46
N TYR A 123 -9.39 -6.34 -2.61
CA TYR A 123 -9.81 -7.49 -3.42
C TYR A 123 -8.62 -8.36 -3.80
N ALA A 124 -8.87 -9.67 -3.94
CA ALA A 124 -7.82 -10.61 -4.30
C ALA A 124 -8.31 -11.60 -5.34
N ASN A 125 -7.81 -11.47 -6.57
CA ASN A 125 -8.20 -12.36 -7.65
C ASN A 125 -9.70 -12.30 -7.89
N GLY A 126 -10.29 -11.13 -7.69
CA GLY A 126 -11.72 -10.97 -7.88
C GLY A 126 -12.53 -11.51 -6.72
N GLN A 127 -12.04 -11.26 -5.50
CA GLN A 127 -12.72 -11.73 -4.30
C GLN A 127 -12.57 -10.73 -3.16
N HIS A 128 -13.67 -10.45 -2.47
CA HIS A 128 -13.65 -9.52 -1.36
C HIS A 128 -12.85 -10.08 -0.18
N LEU A 129 -11.63 -9.60 -0.04
CA LEU A 129 -10.75 -10.06 1.04
C LEU A 129 -11.22 -9.50 2.39
N PHE A 130 -11.11 -8.19 2.55
CA PHE A 130 -11.53 -7.54 3.79
C PHE A 130 -11.61 -6.03 3.62
N ASP A 131 -12.10 -5.35 4.63
CA ASP A 131 -12.23 -3.89 4.59
C ASP A 131 -11.35 -3.24 5.65
N PHE A 132 -10.98 -1.98 5.41
CA PHE A 132 -10.14 -1.25 6.34
C PHE A 132 -10.85 0.00 6.85
N ALA A 133 -11.32 -0.05 8.09
CA ALA A 133 -12.02 1.08 8.70
C ALA A 133 -11.12 2.31 8.74
N HIS A 134 -11.69 3.46 8.40
CA HIS A 134 -10.95 4.72 8.40
C HIS A 134 -10.49 5.08 9.82
N ARG A 135 -9.19 4.91 10.07
CA ARG A 135 -8.63 5.20 11.38
C ARG A 135 -8.13 6.65 11.44
N LEU A 136 -7.33 7.03 10.45
CA LEU A 136 -6.78 8.38 10.39
C LEU A 136 -7.64 9.28 9.51
N SER A 137 -8.35 10.21 10.13
CA SER A 137 -9.21 11.13 9.41
C SER A 137 -8.45 11.80 8.26
N ALA A 138 -7.16 12.04 8.49
CA ALA A 138 -6.32 12.68 7.48
C ALA A 138 -5.83 11.66 6.45
N PHE A 139 -6.56 10.57 6.31
CA PHE A 139 -6.19 9.51 5.38
C PHE A 139 -5.80 10.11 4.03
N GLN A 140 -6.51 11.16 3.62
CA GLN A 140 -6.24 11.82 2.34
C GLN A 140 -4.76 12.19 2.24
N ARG A 141 -4.23 12.80 3.29
CA ARG A 141 -2.84 13.21 3.31
C ARG A 141 -1.92 12.08 2.85
N VAL A 142 -2.20 10.88 3.33
CA VAL A 142 -1.40 9.71 2.97
C VAL A 142 -1.06 9.72 1.49
N ASP A 143 0.21 10.00 1.18
CA ASP A 143 0.67 10.05 -0.20
C ASP A 143 1.96 9.25 -0.37
N THR A 144 2.11 8.19 0.43
CA THR A 144 3.30 7.36 0.38
C THR A 144 2.94 5.88 0.57
N LEU A 145 3.16 5.09 -0.46
CA LEU A 145 2.86 3.66 -0.40
C LEU A 145 4.14 2.83 -0.44
N GLU A 146 4.49 2.23 0.69
CA GLU A 146 5.69 1.42 0.79
C GLU A 146 5.33 -0.06 0.99
N ILE A 147 6.25 -0.94 0.60
CA ILE A 147 6.03 -2.37 0.73
C ILE A 147 7.32 -3.10 1.08
N GLN A 148 7.34 -3.71 2.26
CA GLN A 148 8.52 -4.43 2.72
C GLN A 148 8.17 -5.87 3.08
N GLY A 149 9.19 -6.68 3.32
CA GLY A 149 8.98 -8.07 3.67
C GLY A 149 9.37 -9.02 2.57
N ASP A 150 8.73 -10.19 2.53
CA ASP A 150 9.02 -11.20 1.52
C ASP A 150 7.91 -11.24 0.47
N VAL A 151 8.09 -10.48 -0.61
CA VAL A 151 7.12 -10.43 -1.69
C VAL A 151 7.79 -10.13 -3.03
N THR A 152 7.28 -10.74 -4.09
CA THR A 152 7.82 -10.55 -5.43
C THR A 152 6.91 -9.66 -6.27
N LEU A 153 7.21 -8.36 -6.27
CA LEU A 153 6.42 -7.39 -7.04
C LEU A 153 6.78 -7.44 -8.51
N SER A 154 5.76 -7.45 -9.36
CA SER A 154 5.97 -7.50 -10.81
C SER A 154 5.38 -6.27 -11.48
N TYR A 155 4.21 -5.85 -11.02
CA TYR A 155 3.53 -4.69 -11.58
C TYR A 155 2.80 -3.92 -10.49
N VAL A 156 3.00 -2.60 -10.47
CA VAL A 156 2.36 -1.74 -9.48
C VAL A 156 1.91 -0.42 -10.11
N GLN A 157 0.61 -0.28 -10.30
CA GLN A 157 0.05 0.94 -10.90
C GLN A 157 -0.89 1.63 -9.93
N ILE A 158 -0.81 2.95 -9.87
CA ILE A 158 -1.66 3.74 -8.98
C ILE A 158 -2.73 4.48 -9.77
N SER A 159 -3.91 3.86 -9.88
CA SER A 159 -5.02 4.45 -10.60
C SER A 159 -5.45 5.77 -9.95
N GLY A 160 -5.95 6.69 -10.78
CA GLY A 160 -6.39 7.98 -10.26
C GLY A 160 -5.92 9.13 -11.12
N PRO A 161 -6.03 10.36 -10.59
CA PRO A 161 -5.61 11.57 -11.30
C PRO A 161 -4.09 11.66 -11.45
N SER A 162 -3.61 11.32 -12.64
CA SER A 162 -2.18 11.36 -12.92
C SER A 162 -1.74 12.78 -13.26
N SER A 163 -0.46 13.06 -13.02
CA SER A 163 0.09 14.39 -13.30
C SER A 163 0.94 14.37 -14.55
N GLY A 164 1.04 15.51 -15.23
CA GLY A 164 1.83 15.60 -16.44
C GLY A 164 2.80 16.76 -16.42
N GLY A 1 -6.12 26.66 -6.77
CA GLY A 1 -5.23 25.54 -7.02
C GLY A 1 -4.41 25.17 -5.79
N SER A 2 -4.55 23.93 -5.34
CA SER A 2 -3.82 23.46 -4.17
C SER A 2 -2.44 22.96 -4.56
N SER A 3 -1.42 23.76 -4.24
CA SER A 3 -0.05 23.39 -4.56
C SER A 3 0.93 24.41 -3.97
N GLY A 4 1.64 24.00 -2.91
CA GLY A 4 2.59 24.87 -2.27
C GLY A 4 3.05 24.35 -0.92
N SER A 5 4.28 23.87 -0.86
CA SER A 5 4.84 23.33 0.37
C SER A 5 6.34 23.59 0.46
N SER A 6 6.86 23.61 1.67
CA SER A 6 8.29 23.85 1.89
C SER A 6 9.11 22.67 1.40
N GLY A 7 10.43 22.81 1.45
CA GLY A 7 11.32 21.75 1.00
C GLY A 7 12.52 21.58 1.90
N HIS A 8 13.06 22.69 2.38
CA HIS A 8 14.22 22.66 3.26
C HIS A 8 13.92 21.86 4.53
N GLN A 9 14.02 20.54 4.42
CA GLN A 9 13.76 19.67 5.56
C GLN A 9 14.80 18.56 5.65
N GLN A 10 14.96 17.99 6.85
CA GLN A 10 15.93 16.93 7.06
C GLN A 10 15.25 15.56 6.99
N LEU A 11 14.77 15.22 5.80
CA LEU A 11 14.09 13.93 5.60
C LEU A 11 14.38 13.38 4.20
N ASN A 12 13.87 12.20 3.93
CA ASN A 12 14.07 11.56 2.63
C ASN A 12 12.79 11.61 1.80
N SER A 13 12.94 11.85 0.50
CA SER A 13 11.80 11.94 -0.40
C SER A 13 12.20 11.53 -1.82
N LEU A 14 11.22 11.11 -2.61
CA LEU A 14 11.46 10.70 -3.98
C LEU A 14 10.65 11.53 -4.96
N PRO A 15 11.11 11.61 -6.22
CA PRO A 15 10.44 12.37 -7.27
C PRO A 15 9.12 11.73 -7.70
N THR A 16 8.23 12.53 -8.27
CA THR A 16 6.94 12.04 -8.73
C THR A 16 7.09 10.77 -9.56
N MET A 17 6.11 9.88 -9.46
CA MET A 17 6.14 8.63 -10.21
C MET A 17 5.32 8.74 -11.48
N GLU A 18 5.27 9.95 -12.05
CA GLU A 18 4.51 10.18 -13.27
C GLU A 18 5.03 9.31 -14.41
N GLY A 19 4.22 9.19 -15.46
CA GLY A 19 4.62 8.38 -16.60
C GLY A 19 3.96 7.02 -16.61
N PRO A 20 4.65 6.01 -17.16
CA PRO A 20 4.14 4.64 -17.23
C PRO A 20 4.08 3.97 -15.87
N PRO A 21 3.41 2.81 -15.80
CA PRO A 21 3.27 2.05 -14.57
C PRO A 21 4.59 1.42 -14.11
N THR A 22 4.56 0.80 -12.93
CA THR A 22 5.76 0.17 -12.38
C THR A 22 5.93 -1.25 -12.92
N PHE A 23 7.18 -1.66 -13.12
CA PHE A 23 7.47 -2.98 -13.64
C PHE A 23 8.74 -3.55 -12.99
N ASN A 24 8.65 -4.81 -12.57
CA ASN A 24 9.78 -5.47 -11.92
C ASN A 24 10.38 -4.59 -10.83
N PRO A 25 9.50 -4.00 -9.99
CA PRO A 25 9.92 -3.13 -8.90
C PRO A 25 10.62 -3.89 -7.78
N PRO A 26 11.71 -3.32 -7.26
CA PRO A 26 12.49 -3.93 -6.18
C PRO A 26 11.74 -3.93 -4.85
N VAL A 27 12.40 -4.40 -3.80
CA VAL A 27 11.80 -4.45 -2.48
C VAL A 27 12.82 -4.13 -1.39
N PRO A 28 12.39 -3.32 -0.40
CA PRO A 28 11.04 -2.78 -0.35
C PRO A 28 10.79 -1.74 -1.44
N TYR A 29 9.57 -1.72 -1.98
CA TYR A 29 9.22 -0.78 -3.02
C TYR A 29 8.53 0.45 -2.43
N PHE A 30 9.11 1.62 -2.67
CA PHE A 30 8.57 2.87 -2.17
C PHE A 30 7.85 3.64 -3.28
N GLY A 31 6.53 3.60 -3.26
CA GLY A 31 5.75 4.30 -4.26
C GLY A 31 4.90 5.41 -3.69
N ARG A 32 5.29 6.65 -3.97
CA ARG A 32 4.55 7.81 -3.46
C ARG A 32 3.23 7.99 -4.21
N LEU A 33 2.13 7.91 -3.48
CA LEU A 33 0.80 8.06 -4.06
C LEU A 33 0.50 9.52 -4.34
N GLN A 34 0.81 9.96 -5.56
CA GLN A 34 0.57 11.35 -5.95
C GLN A 34 -0.93 11.65 -5.99
N GLY A 35 -1.41 12.34 -4.96
CA GLY A 35 -2.82 12.68 -4.89
C GLY A 35 -3.42 12.41 -3.52
N GLY A 36 -2.99 11.32 -2.89
CA GLY A 36 -3.50 10.97 -1.58
C GLY A 36 -4.76 10.11 -1.65
N LEU A 37 -5.01 9.35 -0.60
CA LEU A 37 -6.19 8.49 -0.54
C LEU A 37 -7.45 9.27 -0.86
N THR A 38 -7.92 9.15 -2.10
CA THR A 38 -9.13 9.85 -2.53
C THR A 38 -10.22 8.86 -2.92
N ALA A 39 -11.48 9.30 -2.80
CA ALA A 39 -12.61 8.46 -3.13
C ALA A 39 -12.45 7.86 -4.52
N ARG A 40 -11.79 8.58 -5.41
CA ARG A 40 -11.57 8.13 -6.78
C ARG A 40 -10.16 7.56 -6.94
N ARG A 41 -9.65 6.93 -5.88
CA ARG A 41 -8.32 6.36 -5.91
C ARG A 41 -8.38 4.85 -5.67
N THR A 42 -7.58 4.10 -6.43
CA THR A 42 -7.55 2.66 -6.31
C THR A 42 -6.12 2.13 -6.42
N ILE A 43 -5.64 1.49 -5.35
CA ILE A 43 -4.30 0.95 -5.33
C ILE A 43 -4.29 -0.50 -5.80
N ILE A 44 -3.31 -0.85 -6.64
CA ILE A 44 -3.18 -2.20 -7.16
C ILE A 44 -1.77 -2.74 -6.97
N ILE A 45 -1.68 -3.97 -6.48
CA ILE A 45 -0.38 -4.60 -6.25
C ILE A 45 -0.36 -6.03 -6.78
N LYS A 46 0.34 -6.24 -7.88
CA LYS A 46 0.45 -7.56 -8.49
C LYS A 46 1.84 -8.15 -8.28
N GLY A 47 1.94 -9.10 -7.35
CA GLY A 47 3.22 -9.72 -7.07
C GLY A 47 3.11 -11.24 -6.97
N TYR A 48 3.95 -11.83 -6.13
CA TYR A 48 3.96 -13.28 -5.95
C TYR A 48 4.82 -13.67 -4.77
N VAL A 49 4.24 -14.46 -3.85
CA VAL A 49 4.96 -14.91 -2.67
C VAL A 49 5.95 -16.02 -3.01
N PRO A 50 7.25 -15.76 -2.80
CA PRO A 50 8.31 -16.73 -3.08
C PRO A 50 8.28 -17.91 -2.11
N PRO A 51 8.81 -19.05 -2.56
CA PRO A 51 8.86 -20.28 -1.76
C PRO A 51 9.86 -20.17 -0.61
N THR A 52 10.79 -19.24 -0.73
CA THR A 52 11.80 -19.04 0.30
C THR A 52 11.45 -17.86 1.20
N GLY A 53 10.23 -17.35 1.03
CA GLY A 53 9.79 -16.22 1.83
C GLY A 53 8.92 -16.64 3.00
N LYS A 54 8.34 -15.66 3.69
CA LYS A 54 7.47 -15.93 4.83
C LYS A 54 6.19 -15.13 4.75
N SER A 55 6.33 -13.80 4.83
CA SER A 55 5.18 -12.91 4.77
C SER A 55 5.62 -11.46 4.53
N PHE A 56 4.79 -10.71 3.82
CA PHE A 56 5.09 -9.32 3.51
C PHE A 56 4.15 -8.38 4.27
N ALA A 57 4.27 -7.09 3.98
CA ALA A 57 3.44 -6.08 4.64
C ALA A 57 3.31 -4.84 3.78
N ILE A 58 2.12 -4.22 3.80
CA ILE A 58 1.87 -3.02 3.02
C ILE A 58 1.44 -1.86 3.92
N ASN A 59 2.37 -0.95 4.19
CA ASN A 59 2.08 0.20 5.03
C ASN A 59 1.88 1.45 4.19
N PHE A 60 0.95 2.30 4.62
CA PHE A 60 0.66 3.54 3.91
C PHE A 60 0.94 4.76 4.79
N LYS A 61 2.10 5.37 4.59
CA LYS A 61 2.49 6.54 5.35
C LYS A 61 2.19 7.82 4.59
N VAL A 62 2.29 8.95 5.27
CA VAL A 62 2.03 10.24 4.65
C VAL A 62 3.32 10.96 4.28
N GLY A 63 3.46 11.28 2.99
CA GLY A 63 4.66 11.95 2.53
C GLY A 63 4.87 13.30 3.21
N SER A 64 3.78 13.98 3.52
CA SER A 64 3.85 15.28 4.17
C SER A 64 4.40 15.15 5.59
N SER A 65 3.59 14.59 6.49
CA SER A 65 3.99 14.41 7.87
C SER A 65 4.84 13.16 8.03
N GLY A 66 4.21 12.00 7.87
CA GLY A 66 4.93 10.74 8.00
C GLY A 66 4.23 9.77 8.93
N ASP A 67 2.91 9.77 8.91
CA ASP A 67 2.12 8.89 9.76
C ASP A 67 1.43 7.81 8.94
N ILE A 68 1.39 6.59 9.49
CA ILE A 68 0.77 5.47 8.80
C ILE A 68 -0.74 5.43 9.08
N ALA A 69 -1.53 5.48 8.02
CA ALA A 69 -2.98 5.45 8.15
C ALA A 69 -3.51 4.02 8.02
N LEU A 70 -2.80 3.20 7.26
CA LEU A 70 -3.20 1.80 7.06
C LEU A 70 -1.97 0.90 6.95
N HIS A 71 -1.97 -0.18 7.72
CA HIS A 71 -0.87 -1.13 7.72
C HIS A 71 -1.38 -2.56 7.67
N ILE A 72 -1.51 -3.10 6.45
CA ILE A 72 -1.98 -4.46 6.27
C ILE A 72 -0.82 -5.44 6.16
N ASN A 73 -0.93 -6.56 6.88
CA ASN A 73 0.11 -7.58 6.86
C ASN A 73 -0.50 -8.99 6.82
N PRO A 74 -0.40 -9.63 5.64
CA PRO A 74 -0.95 -10.97 5.43
C PRO A 74 -0.15 -12.04 6.19
N ARG A 75 -0.80 -13.16 6.49
CA ARG A 75 -0.15 -14.25 7.21
C ARG A 75 -0.41 -15.59 6.51
N MET A 76 0.57 -16.03 5.74
CA MET A 76 0.45 -17.30 5.01
C MET A 76 0.23 -18.46 5.99
N GLY A 77 -0.50 -19.47 5.53
CA GLY A 77 -0.78 -20.61 6.37
C GLY A 77 -2.03 -20.44 7.21
N ASN A 78 -1.90 -19.74 8.34
CA ASN A 78 -3.02 -19.50 9.23
C ASN A 78 -4.23 -18.98 8.45
N GLY A 79 -4.10 -17.76 7.93
CA GLY A 79 -5.19 -17.17 7.17
C GLY A 79 -5.78 -15.96 7.87
N THR A 80 -4.92 -15.12 8.44
CA THR A 80 -5.37 -13.92 9.14
C THR A 80 -4.49 -12.72 8.80
N VAL A 81 -5.10 -11.70 8.20
CA VAL A 81 -4.37 -10.50 7.82
C VAL A 81 -4.63 -9.37 8.81
N VAL A 82 -3.62 -9.07 9.63
CA VAL A 82 -3.74 -8.00 10.61
C VAL A 82 -3.58 -6.63 9.97
N ARG A 83 -4.41 -5.68 10.39
CA ARG A 83 -4.37 -4.32 9.87
C ARG A 83 -4.25 -3.30 10.99
N ASN A 84 -3.23 -2.44 10.90
CA ASN A 84 -3.00 -1.42 11.91
C ASN A 84 -2.75 -0.06 11.26
N SER A 85 -2.45 0.94 12.08
CA SER A 85 -2.18 2.28 11.59
C SER A 85 -1.40 3.10 12.61
N LEU A 86 -0.11 3.28 12.34
CA LEU A 86 0.75 4.04 13.24
C LEU A 86 0.52 5.54 13.08
N LEU A 87 0.07 6.17 14.17
CA LEU A 87 -0.20 7.61 14.15
C LEU A 87 1.00 8.39 14.68
N ASN A 88 1.04 9.68 14.38
CA ASN A 88 2.13 10.53 14.84
C ASN A 88 2.56 10.17 16.25
N GLY A 89 3.67 9.44 16.36
CA GLY A 89 4.16 9.04 17.66
C GLY A 89 3.22 8.10 18.38
N SER A 90 2.04 7.88 17.80
CA SER A 90 1.04 7.01 18.39
C SER A 90 0.71 5.85 17.46
N TRP A 91 -0.06 4.90 17.96
CA TRP A 91 -0.45 3.73 17.17
C TRP A 91 -1.97 3.52 17.21
N GLY A 92 -2.48 2.77 16.25
CA GLY A 92 -3.90 2.50 16.19
C GLY A 92 -4.29 1.27 16.98
N SER A 93 -4.33 0.12 16.29
CA SER A 93 -4.71 -1.14 16.93
C SER A 93 -4.54 -2.31 15.96
N GLU A 94 -4.73 -3.52 16.46
CA GLU A 94 -4.60 -4.71 15.64
C GLU A 94 -5.98 -5.30 15.32
N GLU A 95 -6.32 -5.33 14.04
CA GLU A 95 -7.60 -5.86 13.59
C GLU A 95 -7.41 -7.01 12.61
N LYS A 96 -8.15 -8.09 12.81
CA LYS A 96 -8.06 -9.26 11.94
C LYS A 96 -9.45 -9.73 11.52
N LYS A 97 -9.64 -9.88 10.21
CA LYS A 97 -10.91 -10.33 9.68
C LYS A 97 -10.83 -10.53 8.16
N ILE A 98 -10.86 -11.79 7.74
CA ILE A 98 -10.79 -12.12 6.32
C ILE A 98 -11.58 -13.38 6.00
N THR A 99 -12.21 -13.40 4.84
CA THR A 99 -13.01 -14.55 4.42
C THR A 99 -12.12 -15.67 3.88
N HIS A 100 -11.08 -15.28 3.14
CA HIS A 100 -10.15 -16.25 2.57
C HIS A 100 -8.78 -15.62 2.34
N ASN A 101 -7.73 -16.35 2.68
CA ASN A 101 -6.36 -15.86 2.50
C ASN A 101 -5.68 -16.55 1.32
N PRO A 102 -5.73 -15.88 0.15
CA PRO A 102 -5.13 -16.41 -1.08
C PRO A 102 -3.60 -16.42 -1.02
N PHE A 103 -3.03 -15.40 -0.36
CA PHE A 103 -1.59 -15.29 -0.24
C PHE A 103 -0.97 -16.62 0.15
N GLY A 104 -0.19 -17.19 -0.75
CA GLY A 104 0.46 -18.47 -0.49
C GLY A 104 1.84 -18.56 -1.11
N PRO A 105 2.77 -19.20 -0.39
CA PRO A 105 4.15 -19.37 -0.85
C PRO A 105 4.25 -20.34 -2.02
N GLY A 106 4.54 -19.81 -3.20
CA GLY A 106 4.67 -20.65 -4.39
C GLY A 106 3.67 -20.28 -5.46
N GLN A 107 2.73 -19.40 -5.12
CA GLN A 107 1.71 -18.97 -6.06
C GLN A 107 1.55 -17.44 -6.04
N PHE A 108 1.16 -16.89 -7.18
CA PHE A 108 0.98 -15.44 -7.29
C PHE A 108 -0.33 -15.00 -6.65
N PHE A 109 -0.43 -13.72 -6.32
CA PHE A 109 -1.64 -13.18 -5.71
C PHE A 109 -1.89 -11.75 -6.17
N ASP A 110 -3.06 -11.53 -6.76
CA ASP A 110 -3.44 -10.20 -7.25
C ASP A 110 -4.20 -9.42 -6.19
N LEU A 111 -3.52 -8.50 -5.53
CA LEU A 111 -4.14 -7.69 -4.48
C LEU A 111 -4.47 -6.30 -5.01
N SER A 112 -5.64 -5.80 -4.64
CA SER A 112 -6.08 -4.47 -5.07
C SER A 112 -6.88 -3.77 -3.97
N ILE A 113 -6.33 -2.68 -3.45
CA ILE A 113 -6.99 -1.92 -2.40
C ILE A 113 -7.71 -0.71 -2.97
N ARG A 114 -9.02 -0.63 -2.73
CA ARG A 114 -9.82 0.49 -3.21
C ARG A 114 -10.01 1.54 -2.13
N CYS A 115 -9.79 2.79 -2.49
CA CYS A 115 -9.93 3.89 -1.54
C CYS A 115 -11.28 4.58 -1.69
N GLY A 116 -12.04 4.62 -0.61
CA GLY A 116 -13.35 5.25 -0.64
C GLY A 116 -13.43 6.49 0.22
N LEU A 117 -14.56 6.68 0.90
CA LEU A 117 -14.76 7.83 1.77
C LEU A 117 -15.00 7.38 3.20
N ASP A 118 -15.65 6.24 3.37
CA ASP A 118 -15.93 5.70 4.69
C ASP A 118 -14.90 4.66 5.09
N ARG A 119 -14.59 3.76 4.17
CA ARG A 119 -13.61 2.71 4.43
C ARG A 119 -12.94 2.26 3.13
N PHE A 120 -12.08 1.25 3.23
CA PHE A 120 -11.37 0.73 2.07
C PHE A 120 -11.93 -0.62 1.65
N LYS A 121 -11.69 -1.00 0.39
CA LYS A 121 -12.16 -2.27 -0.14
C LYS A 121 -11.05 -3.02 -0.84
N VAL A 122 -10.53 -4.05 -0.19
CA VAL A 122 -9.45 -4.86 -0.76
C VAL A 122 -10.00 -6.08 -1.49
N TYR A 123 -9.47 -6.33 -2.69
CA TYR A 123 -9.92 -7.46 -3.49
C TYR A 123 -8.74 -8.37 -3.84
N ALA A 124 -9.01 -9.67 -3.95
CA ALA A 124 -7.98 -10.64 -4.28
C ALA A 124 -8.44 -11.59 -5.38
N ASN A 125 -7.90 -11.42 -6.58
CA ASN A 125 -8.26 -12.25 -7.72
C ASN A 125 -9.75 -12.13 -8.02
N GLY A 126 -10.32 -10.95 -7.80
CA GLY A 126 -11.72 -10.74 -8.05
C GLY A 126 -12.59 -11.23 -6.92
N GLN A 127 -12.05 -11.20 -5.70
CA GLN A 127 -12.79 -11.66 -4.53
C GLN A 127 -12.59 -10.69 -3.36
N HIS A 128 -13.68 -10.11 -2.88
CA HIS A 128 -13.62 -9.16 -1.76
C HIS A 128 -12.86 -9.76 -0.59
N LEU A 129 -11.61 -9.35 -0.44
CA LEU A 129 -10.77 -9.84 0.65
C LEU A 129 -11.31 -9.40 2.00
N PHE A 130 -11.21 -8.10 2.27
CA PHE A 130 -11.70 -7.55 3.53
C PHE A 130 -11.83 -6.03 3.45
N ASP A 131 -12.34 -5.42 4.50
CA ASP A 131 -12.52 -3.98 4.55
C ASP A 131 -11.61 -3.35 5.60
N PHE A 132 -11.32 -2.06 5.44
CA PHE A 132 -10.46 -1.34 6.37
C PHE A 132 -11.11 -0.02 6.81
N ALA A 133 -11.59 0.00 8.04
CA ALA A 133 -12.23 1.20 8.58
C ALA A 133 -11.24 2.35 8.69
N HIS A 134 -11.64 3.52 8.20
CA HIS A 134 -10.78 4.70 8.25
C HIS A 134 -10.36 5.01 9.68
N ARG A 135 -9.05 4.94 9.93
CA ARG A 135 -8.52 5.22 11.26
C ARG A 135 -8.01 6.66 11.36
N LEU A 136 -7.21 7.06 10.39
CA LEU A 136 -6.66 8.42 10.37
C LEU A 136 -7.51 9.34 9.50
N SER A 137 -8.22 10.25 10.15
CA SER A 137 -9.08 11.20 9.43
C SER A 137 -8.33 11.85 8.27
N ALA A 138 -7.03 12.05 8.46
CA ALA A 138 -6.19 12.65 7.43
C ALA A 138 -5.75 11.62 6.41
N PHE A 139 -6.55 10.57 6.22
CA PHE A 139 -6.23 9.52 5.27
C PHE A 139 -5.90 10.09 3.90
N GLN A 140 -6.57 11.18 3.54
CA GLN A 140 -6.35 11.84 2.26
C GLN A 140 -4.90 12.30 2.13
N ARG A 141 -4.26 12.58 3.27
CA ARG A 141 -2.88 13.04 3.29
C ARG A 141 -1.93 11.92 2.87
N VAL A 142 -2.25 10.70 3.29
CA VAL A 142 -1.42 9.54 2.96
C VAL A 142 -1.06 9.53 1.48
N ASP A 143 0.18 9.90 1.18
CA ASP A 143 0.65 9.92 -0.20
C ASP A 143 1.95 9.13 -0.35
N THR A 144 2.11 8.12 0.49
CA THR A 144 3.31 7.28 0.45
C THR A 144 2.96 5.81 0.65
N LEU A 145 3.12 5.02 -0.41
CA LEU A 145 2.81 3.60 -0.35
C LEU A 145 4.10 2.77 -0.41
N GLU A 146 4.48 2.21 0.73
CA GLU A 146 5.70 1.39 0.82
C GLU A 146 5.34 -0.08 1.03
N ILE A 147 6.21 -0.97 0.57
CA ILE A 147 5.99 -2.40 0.72
C ILE A 147 7.29 -3.12 1.07
N GLN A 148 7.31 -3.76 2.23
CA GLN A 148 8.49 -4.49 2.69
C GLN A 148 8.14 -5.93 3.05
N GLY A 149 9.16 -6.73 3.31
CA GLY A 149 8.94 -8.12 3.67
C GLY A 149 9.36 -9.08 2.57
N ASP A 150 8.71 -10.24 2.53
CA ASP A 150 9.03 -11.25 1.51
C ASP A 150 7.92 -11.32 0.46
N VAL A 151 8.09 -10.56 -0.62
CA VAL A 151 7.12 -10.54 -1.69
C VAL A 151 7.78 -10.22 -3.03
N THR A 152 7.21 -10.76 -4.11
CA THR A 152 7.76 -10.55 -5.45
C THR A 152 6.84 -9.65 -6.27
N LEU A 153 7.14 -8.36 -6.27
CA LEU A 153 6.33 -7.40 -7.03
C LEU A 153 6.65 -7.46 -8.52
N SER A 154 5.61 -7.52 -9.34
CA SER A 154 5.79 -7.59 -10.79
C SER A 154 5.18 -6.36 -11.46
N TYR A 155 4.10 -5.86 -10.89
CA TYR A 155 3.42 -4.69 -11.44
C TYR A 155 2.67 -3.92 -10.36
N VAL A 156 2.87 -2.61 -10.33
CA VAL A 156 2.22 -1.76 -9.34
C VAL A 156 1.74 -0.45 -9.96
N GLN A 157 0.42 -0.29 -10.03
CA GLN A 157 -0.17 0.91 -10.61
C GLN A 157 -1.12 1.57 -9.62
N ILE A 158 -1.05 2.90 -9.53
CA ILE A 158 -1.90 3.65 -8.62
C ILE A 158 -2.97 4.43 -9.39
N SER A 159 -4.12 3.79 -9.61
CA SER A 159 -5.21 4.42 -10.33
C SER A 159 -5.40 5.87 -9.89
N GLY A 160 -5.57 6.76 -10.86
CA GLY A 160 -5.76 8.16 -10.56
C GLY A 160 -5.77 9.03 -11.81
N PRO A 161 -6.41 10.21 -11.71
CA PRO A 161 -6.50 11.16 -12.82
C PRO A 161 -5.15 11.79 -13.16
N SER A 162 -4.88 11.93 -14.45
CA SER A 162 -3.62 12.52 -14.91
C SER A 162 -3.69 14.04 -14.87
N SER A 163 -2.53 14.68 -14.96
CA SER A 163 -2.46 16.14 -14.93
C SER A 163 -3.07 16.69 -13.65
N GLY A 164 -2.78 16.03 -12.52
CA GLY A 164 -3.30 16.47 -11.25
C GLY A 164 -4.32 15.50 -10.67
N GLY A 1 16.14 3.23 -19.51
CA GLY A 1 17.33 3.40 -20.33
C GLY A 1 17.50 4.82 -20.83
N SER A 2 18.47 5.02 -21.71
CA SER A 2 18.75 6.34 -22.27
C SER A 2 18.95 7.36 -21.15
N SER A 3 19.69 6.96 -20.12
CA SER A 3 19.97 7.84 -18.98
C SER A 3 21.34 7.53 -18.38
N GLY A 4 21.91 8.52 -17.71
CA GLY A 4 23.21 8.35 -17.10
C GLY A 4 23.79 9.66 -16.58
N SER A 5 23.68 9.87 -15.27
CA SER A 5 24.18 11.09 -14.65
C SER A 5 24.46 10.86 -13.17
N SER A 6 25.61 11.35 -12.71
CA SER A 6 26.01 11.19 -11.32
C SER A 6 26.28 12.56 -10.67
N GLY A 7 25.39 12.97 -9.77
CA GLY A 7 25.55 14.24 -9.11
C GLY A 7 24.42 14.53 -8.14
N HIS A 8 24.44 13.84 -7.00
CA HIS A 8 23.41 14.03 -5.98
C HIS A 8 24.02 14.55 -4.69
N GLN A 9 24.24 15.86 -4.63
CA GLN A 9 24.82 16.48 -3.45
C GLN A 9 24.13 16.01 -2.18
N GLN A 10 22.80 16.04 -2.20
CA GLN A 10 22.00 15.62 -1.05
C GLN A 10 20.81 14.79 -1.49
N LEU A 11 20.62 13.64 -0.85
CA LEU A 11 19.51 12.75 -1.18
C LEU A 11 18.40 12.86 -0.14
N ASN A 12 17.21 13.25 -0.59
CA ASN A 12 16.07 13.40 0.30
C ASN A 12 15.05 12.28 0.05
N SER A 13 14.47 12.28 -1.14
CA SER A 13 13.47 11.26 -1.50
C SER A 13 13.30 11.17 -3.01
N LEU A 14 12.91 10.00 -3.48
CA LEU A 14 12.72 9.78 -4.92
C LEU A 14 11.71 10.78 -5.49
N PRO A 15 11.83 11.05 -6.80
CA PRO A 15 10.94 11.98 -7.50
C PRO A 15 9.53 11.45 -7.62
N THR A 16 8.75 12.06 -8.52
CA THR A 16 7.37 11.65 -8.75
C THR A 16 7.29 10.50 -9.75
N MET A 17 6.29 9.64 -9.58
CA MET A 17 6.10 8.50 -10.47
C MET A 17 5.23 8.88 -11.66
N GLU A 18 5.86 9.38 -12.72
CA GLU A 18 5.14 9.79 -13.91
C GLU A 18 5.49 8.88 -15.09
N GLY A 19 4.71 8.98 -16.16
CA GLY A 19 4.94 8.16 -17.34
C GLY A 19 4.25 6.81 -17.26
N PRO A 20 4.90 5.78 -17.79
CA PRO A 20 4.36 4.42 -17.79
C PRO A 20 4.32 3.80 -16.39
N PRO A 21 3.66 2.65 -16.27
CA PRO A 21 3.53 1.95 -14.99
C PRO A 21 4.85 1.33 -14.53
N THR A 22 4.82 0.66 -13.38
CA THR A 22 6.02 0.04 -12.85
C THR A 22 6.15 -1.40 -13.33
N PHE A 23 7.37 -1.93 -13.27
CA PHE A 23 7.63 -3.30 -13.70
C PHE A 23 8.86 -3.87 -12.99
N ASN A 24 8.76 -5.13 -12.56
CA ASN A 24 9.86 -5.79 -11.86
C ASN A 24 10.48 -4.87 -10.82
N PRO A 25 9.62 -4.24 -10.01
CA PRO A 25 10.06 -3.31 -8.95
C PRO A 25 10.77 -4.04 -7.81
N PRO A 26 11.84 -3.43 -7.29
CA PRO A 26 12.63 -3.99 -6.19
C PRO A 26 11.87 -3.98 -4.88
N VAL A 27 12.50 -4.51 -3.83
CA VAL A 27 11.88 -4.56 -2.51
C VAL A 27 12.90 -4.23 -1.42
N PRO A 28 12.46 -3.43 -0.43
CA PRO A 28 11.08 -2.91 -0.39
C PRO A 28 10.83 -1.86 -1.46
N TYR A 29 9.62 -1.86 -2.01
CA TYR A 29 9.24 -0.91 -3.05
C TYR A 29 8.55 0.31 -2.45
N PHE A 30 9.20 1.46 -2.57
CA PHE A 30 8.65 2.70 -2.04
C PHE A 30 7.95 3.50 -3.15
N GLY A 31 6.63 3.49 -3.13
CA GLY A 31 5.87 4.21 -4.14
C GLY A 31 4.98 5.29 -3.54
N ARG A 32 5.38 6.54 -3.70
CA ARG A 32 4.61 7.66 -3.16
C ARG A 32 3.39 7.96 -4.05
N LEU A 33 2.23 8.04 -3.43
CA LEU A 33 0.99 8.31 -4.14
C LEU A 33 0.94 9.77 -4.60
N GLN A 34 0.81 9.96 -5.91
CA GLN A 34 0.75 11.32 -6.47
C GLN A 34 -0.62 11.94 -6.25
N GLY A 35 -0.85 12.44 -5.03
CA GLY A 35 -2.13 13.06 -4.72
C GLY A 35 -2.62 12.69 -3.33
N GLY A 36 -2.57 11.39 -3.01
CA GLY A 36 -3.02 10.94 -1.70
C GLY A 36 -4.32 10.17 -1.78
N LEU A 37 -4.65 9.46 -0.71
CA LEU A 37 -5.88 8.68 -0.65
C LEU A 37 -7.09 9.53 -1.05
N THR A 38 -7.61 9.29 -2.24
CA THR A 38 -8.76 10.04 -2.74
C THR A 38 -9.89 9.10 -3.13
N ALA A 39 -11.12 9.50 -2.84
CA ALA A 39 -12.28 8.69 -3.17
C ALA A 39 -12.17 8.10 -4.57
N ARG A 40 -11.44 8.79 -5.44
CA ARG A 40 -11.24 8.34 -6.81
C ARG A 40 -9.84 7.76 -7.01
N ARG A 41 -9.40 6.95 -6.04
CA ARG A 41 -8.08 6.35 -6.11
C ARG A 41 -8.16 4.85 -5.84
N THR A 42 -7.38 4.07 -6.59
CA THR A 42 -7.37 2.62 -6.43
C THR A 42 -5.95 2.07 -6.55
N ILE A 43 -5.50 1.39 -5.50
CA ILE A 43 -4.16 0.82 -5.48
C ILE A 43 -4.17 -0.61 -6.00
N ILE A 44 -3.24 -0.92 -6.89
CA ILE A 44 -3.15 -2.25 -7.47
C ILE A 44 -1.75 -2.84 -7.28
N ILE A 45 -1.66 -3.93 -6.54
CA ILE A 45 -0.38 -4.59 -6.28
C ILE A 45 -0.38 -6.00 -6.84
N LYS A 46 0.37 -6.20 -7.93
CA LYS A 46 0.47 -7.51 -8.55
C LYS A 46 1.87 -8.10 -8.38
N GLY A 47 1.97 -9.17 -7.60
CA GLY A 47 3.24 -9.81 -7.37
C GLY A 47 3.13 -11.31 -7.23
N TYR A 48 3.93 -11.89 -6.35
CA TYR A 48 3.93 -13.33 -6.13
C TYR A 48 4.73 -13.70 -4.89
N VAL A 49 4.10 -14.44 -3.98
CA VAL A 49 4.76 -14.87 -2.76
C VAL A 49 5.73 -16.01 -3.02
N PRO A 50 7.03 -15.75 -2.77
CA PRO A 50 8.08 -16.75 -2.97
C PRO A 50 8.01 -17.89 -1.96
N PRO A 51 8.59 -19.04 -2.32
CA PRO A 51 8.61 -20.23 -1.46
C PRO A 51 9.50 -20.05 -0.23
N THR A 52 10.38 -19.04 -0.30
CA THR A 52 11.29 -18.76 0.80
C THR A 52 10.94 -17.45 1.49
N GLY A 53 9.70 -16.99 1.30
CA GLY A 53 9.26 -15.76 1.90
C GLY A 53 8.21 -15.98 2.98
N LYS A 54 8.55 -15.63 4.21
CA LYS A 54 7.64 -15.79 5.33
C LYS A 54 6.35 -15.00 5.10
N SER A 55 6.48 -13.69 4.96
CA SER A 55 5.33 -12.82 4.74
C SER A 55 5.77 -11.39 4.47
N PHE A 56 4.90 -10.62 3.81
CA PHE A 56 5.20 -9.23 3.49
C PHE A 56 4.29 -8.29 4.27
N ALA A 57 4.38 -7.00 3.95
CA ALA A 57 3.56 -6.00 4.62
C ALA A 57 3.36 -4.77 3.73
N ILE A 58 2.19 -4.15 3.83
CA ILE A 58 1.89 -2.96 3.04
C ILE A 58 1.45 -1.81 3.93
N ASN A 59 2.37 -0.89 4.20
CA ASN A 59 2.08 0.27 5.04
C ASN A 59 1.86 1.52 4.18
N PHE A 60 0.94 2.37 4.62
CA PHE A 60 0.64 3.60 3.90
C PHE A 60 0.97 4.82 4.75
N LYS A 61 2.12 5.44 4.49
CA LYS A 61 2.55 6.62 5.24
C LYS A 61 2.17 7.89 4.49
N VAL A 62 2.28 9.03 5.17
CA VAL A 62 1.96 10.31 4.57
C VAL A 62 3.22 11.05 4.10
N GLY A 63 3.26 11.37 2.82
CA GLY A 63 4.42 12.07 2.27
C GLY A 63 4.69 13.39 2.98
N SER A 64 3.63 14.06 3.40
CA SER A 64 3.75 15.34 4.09
C SER A 64 4.35 15.16 5.48
N SER A 65 3.53 14.66 6.40
CA SER A 65 3.98 14.44 7.77
C SER A 65 4.82 13.17 7.87
N GLY A 66 4.17 12.02 7.75
CA GLY A 66 4.87 10.75 7.82
C GLY A 66 4.23 9.79 8.81
N ASP A 67 2.91 9.71 8.77
CA ASP A 67 2.17 8.82 9.66
C ASP A 67 1.49 7.70 8.88
N ILE A 68 1.48 6.51 9.46
CA ILE A 68 0.86 5.36 8.81
C ILE A 68 -0.63 5.28 9.14
N ALA A 69 -1.46 5.36 8.11
CA ALA A 69 -2.91 5.30 8.28
C ALA A 69 -3.41 3.86 8.16
N LEU A 70 -2.72 3.07 7.35
CA LEU A 70 -3.10 1.67 7.14
C LEU A 70 -1.86 0.78 7.03
N HIS A 71 -1.85 -0.30 7.80
CA HIS A 71 -0.73 -1.23 7.79
C HIS A 71 -1.23 -2.68 7.73
N ILE A 72 -1.34 -3.21 6.53
CA ILE A 72 -1.81 -4.58 6.34
C ILE A 72 -0.64 -5.54 6.23
N ASN A 73 -0.70 -6.63 6.99
CA ASN A 73 0.36 -7.63 6.98
C ASN A 73 -0.22 -9.05 6.96
N PRO A 74 -0.16 -9.69 5.78
CA PRO A 74 -0.68 -11.04 5.59
C PRO A 74 0.16 -12.09 6.32
N ARG A 75 -0.46 -13.22 6.63
CA ARG A 75 0.23 -14.31 7.34
C ARG A 75 0.00 -15.64 6.63
N MET A 76 1.00 -16.09 5.88
CA MET A 76 0.90 -17.35 5.15
C MET A 76 0.68 -18.50 6.11
N GLY A 77 -0.02 -19.54 5.64
CA GLY A 77 -0.29 -20.70 6.47
C GLY A 77 -1.55 -20.54 7.29
N ASN A 78 -1.43 -19.95 8.47
CA ASN A 78 -2.57 -19.74 9.35
C ASN A 78 -3.75 -19.15 8.58
N GLY A 79 -3.50 -18.03 7.91
CA GLY A 79 -4.55 -17.38 7.14
C GLY A 79 -5.19 -16.23 7.89
N THR A 80 -4.37 -15.31 8.37
CA THR A 80 -4.87 -14.16 9.12
C THR A 80 -4.06 -12.91 8.81
N VAL A 81 -4.72 -11.90 8.25
CA VAL A 81 -4.05 -10.65 7.90
C VAL A 81 -4.35 -9.57 8.94
N VAL A 82 -3.31 -9.13 9.64
CA VAL A 82 -3.45 -8.11 10.66
C VAL A 82 -3.42 -6.71 10.04
N ARG A 83 -4.21 -5.80 10.60
CA ARG A 83 -4.27 -4.43 10.09
C ARG A 83 -4.01 -3.44 11.22
N ASN A 84 -3.02 -2.56 11.02
CA ASN A 84 -2.68 -1.56 12.01
C ASN A 84 -2.47 -0.20 11.36
N SER A 85 -2.22 0.82 12.18
CA SER A 85 -2.00 2.18 11.68
C SER A 85 -1.23 3.01 12.69
N LEU A 86 0.05 3.23 12.41
CA LEU A 86 0.90 4.02 13.29
C LEU A 86 0.62 5.51 13.15
N LEU A 87 0.18 6.13 14.23
CA LEU A 87 -0.13 7.56 14.22
C LEU A 87 1.05 8.38 14.73
N ASN A 88 1.03 9.67 14.44
CA ASN A 88 2.11 10.56 14.88
C ASN A 88 2.54 10.23 16.31
N GLY A 89 3.67 9.55 16.44
CA GLY A 89 4.17 9.18 17.76
C GLY A 89 3.24 8.24 18.49
N SER A 90 2.12 7.90 17.86
CA SER A 90 1.13 7.02 18.47
C SER A 90 0.83 5.84 17.54
N TRP A 91 0.08 4.87 18.06
CA TRP A 91 -0.30 3.70 17.28
C TRP A 91 -1.80 3.45 17.34
N GLY A 92 -2.30 2.68 16.38
CA GLY A 92 -3.72 2.39 16.35
C GLY A 92 -4.07 1.10 17.08
N SER A 93 -4.55 0.11 16.34
CA SER A 93 -4.92 -1.17 16.92
C SER A 93 -4.77 -2.29 15.91
N GLU A 94 -4.96 -3.53 16.37
CA GLU A 94 -4.83 -4.70 15.50
C GLU A 94 -6.21 -5.22 15.10
N GLU A 95 -6.46 -5.32 13.80
CA GLU A 95 -7.73 -5.81 13.29
C GLU A 95 -7.53 -7.01 12.37
N LYS A 96 -8.21 -8.11 12.69
CA LYS A 96 -8.10 -9.33 11.89
C LYS A 96 -9.49 -9.84 11.50
N LYS A 97 -9.75 -9.92 10.21
CA LYS A 97 -11.03 -10.41 9.71
C LYS A 97 -11.00 -10.60 8.20
N ILE A 98 -10.95 -11.86 7.78
CA ILE A 98 -10.92 -12.18 6.35
C ILE A 98 -11.70 -13.46 6.06
N THR A 99 -12.26 -13.52 4.84
CA THR A 99 -13.04 -14.68 4.44
C THR A 99 -12.15 -15.77 3.85
N HIS A 100 -11.23 -15.37 2.96
CA HIS A 100 -10.32 -16.31 2.32
C HIS A 100 -8.98 -15.64 2.05
N ASN A 101 -7.90 -16.27 2.53
CA ASN A 101 -6.56 -15.73 2.33
C ASN A 101 -5.85 -16.46 1.18
N PRO A 102 -5.82 -15.81 0.00
CA PRO A 102 -5.19 -16.37 -1.18
C PRO A 102 -3.67 -16.41 -1.07
N PHE A 103 -3.11 -15.40 -0.42
CA PHE A 103 -1.66 -15.32 -0.24
C PHE A 103 -1.08 -16.69 0.12
N GLY A 104 -0.34 -17.28 -0.82
CA GLY A 104 0.26 -18.58 -0.58
C GLY A 104 1.68 -18.66 -1.09
N PRO A 105 2.56 -19.31 -0.30
CA PRO A 105 3.97 -19.46 -0.66
C PRO A 105 4.17 -20.43 -1.82
N GLY A 106 4.43 -19.88 -3.01
CA GLY A 106 4.63 -20.71 -4.17
C GLY A 106 3.64 -20.40 -5.28
N GLN A 107 2.73 -19.47 -5.02
CA GLN A 107 1.72 -19.08 -6.00
C GLN A 107 1.54 -17.57 -6.03
N PHE A 108 1.25 -17.04 -7.21
CA PHE A 108 1.06 -15.60 -7.38
C PHE A 108 -0.25 -15.15 -6.73
N PHE A 109 -0.46 -13.84 -6.70
CA PHE A 109 -1.67 -13.28 -6.11
C PHE A 109 -1.91 -11.86 -6.60
N ASP A 110 -3.16 -11.55 -6.91
CA ASP A 110 -3.52 -10.21 -7.40
C ASP A 110 -4.27 -9.44 -6.32
N LEU A 111 -3.60 -8.44 -5.75
CA LEU A 111 -4.20 -7.62 -4.71
C LEU A 111 -4.49 -6.21 -5.23
N SER A 112 -5.67 -5.68 -4.89
CA SER A 112 -6.06 -4.35 -5.31
C SER A 112 -6.89 -3.66 -4.23
N ILE A 113 -6.33 -2.60 -3.67
CA ILE A 113 -7.02 -1.84 -2.63
C ILE A 113 -7.78 -0.65 -3.22
N ARG A 114 -9.00 -0.44 -2.72
CA ARG A 114 -9.83 0.65 -3.21
C ARG A 114 -9.97 1.73 -2.13
N CYS A 115 -9.80 2.99 -2.54
CA CYS A 115 -9.91 4.11 -1.63
C CYS A 115 -11.26 4.80 -1.76
N GLY A 116 -12.06 4.75 -0.70
CA GLY A 116 -13.37 5.37 -0.72
C GLY A 116 -13.45 6.58 0.18
N LEU A 117 -14.59 6.75 0.84
CA LEU A 117 -14.80 7.87 1.75
C LEU A 117 -15.05 7.38 3.18
N ASP A 118 -15.74 6.25 3.29
CA ASP A 118 -16.03 5.68 4.61
C ASP A 118 -14.99 4.64 4.99
N ARG A 119 -14.66 3.76 4.05
CA ARG A 119 -13.67 2.71 4.30
C ARG A 119 -13.02 2.27 3.00
N PHE A 120 -12.10 1.30 3.11
CA PHE A 120 -11.41 0.78 1.94
C PHE A 120 -11.96 -0.58 1.53
N LYS A 121 -11.75 -0.94 0.27
CA LYS A 121 -12.24 -2.22 -0.25
C LYS A 121 -11.12 -2.97 -0.97
N VAL A 122 -10.53 -3.94 -0.28
CA VAL A 122 -9.44 -4.73 -0.85
C VAL A 122 -9.99 -5.96 -1.57
N TYR A 123 -9.55 -6.14 -2.81
CA TYR A 123 -10.00 -7.28 -3.62
C TYR A 123 -8.84 -8.21 -3.93
N ALA A 124 -9.15 -9.50 -4.10
CA ALA A 124 -8.13 -10.49 -4.41
C ALA A 124 -8.61 -11.43 -5.51
N ASN A 125 -8.04 -11.28 -6.70
CA ASN A 125 -8.40 -12.11 -7.84
C ASN A 125 -9.90 -12.05 -8.11
N GLY A 126 -10.50 -10.88 -7.87
CA GLY A 126 -11.92 -10.71 -8.09
C GLY A 126 -12.75 -11.25 -6.93
N GLN A 127 -12.19 -11.18 -5.73
CA GLN A 127 -12.89 -11.66 -4.54
C GLN A 127 -12.70 -10.71 -3.37
N HIS A 128 -13.82 -10.23 -2.82
CA HIS A 128 -13.78 -9.31 -1.69
C HIS A 128 -12.96 -9.90 -0.53
N LEU A 129 -11.73 -9.43 -0.40
CA LEU A 129 -10.84 -9.91 0.66
C LEU A 129 -11.32 -9.42 2.02
N PHE A 130 -11.19 -8.12 2.26
CA PHE A 130 -11.60 -7.52 3.52
C PHE A 130 -11.69 -6.00 3.40
N ASP A 131 -12.26 -5.36 4.41
CA ASP A 131 -12.40 -3.92 4.43
C ASP A 131 -11.49 -3.28 5.49
N PHE A 132 -11.22 -1.99 5.32
CA PHE A 132 -10.37 -1.28 6.27
C PHE A 132 -11.03 0.02 6.71
N ALA A 133 -11.54 0.02 7.94
CA ALA A 133 -12.20 1.20 8.49
C ALA A 133 -11.23 2.37 8.60
N HIS A 134 -11.67 3.55 8.18
CA HIS A 134 -10.84 4.75 8.23
C HIS A 134 -10.39 5.04 9.67
N ARG A 135 -9.13 4.75 9.95
CA ARG A 135 -8.58 4.97 11.29
C ARG A 135 -8.12 6.41 11.45
N LEU A 136 -7.27 6.86 10.53
CA LEU A 136 -6.75 8.23 10.56
C LEU A 136 -7.63 9.17 9.75
N SER A 137 -8.37 10.02 10.44
CA SER A 137 -9.26 10.97 9.76
C SER A 137 -8.54 11.65 8.61
N ALA A 138 -7.25 11.92 8.79
CA ALA A 138 -6.45 12.57 7.76
C ALA A 138 -5.95 11.56 6.73
N PHE A 139 -6.74 10.51 6.52
CA PHE A 139 -6.39 9.47 5.56
C PHE A 139 -5.97 10.08 4.22
N GLN A 140 -6.76 11.05 3.76
CA GLN A 140 -6.47 11.71 2.48
C GLN A 140 -5.01 12.13 2.41
N ARG A 141 -4.48 12.65 3.52
CA ARG A 141 -3.10 13.09 3.58
C ARG A 141 -2.15 11.98 3.14
N VAL A 142 -2.44 10.76 3.59
CA VAL A 142 -1.61 9.61 3.24
C VAL A 142 -1.35 9.55 1.74
N ASP A 143 -0.15 9.94 1.34
CA ASP A 143 0.22 9.94 -0.08
C ASP A 143 1.50 9.12 -0.29
N THR A 144 1.72 8.15 0.57
CA THR A 144 2.91 7.30 0.48
C THR A 144 2.55 5.83 0.67
N LEU A 145 2.94 5.00 -0.30
CA LEU A 145 2.66 3.57 -0.23
C LEU A 145 3.95 2.76 -0.35
N GLU A 146 4.38 2.19 0.77
CA GLU A 146 5.60 1.38 0.79
C GLU A 146 5.27 -0.10 0.99
N ILE A 147 6.15 -0.96 0.51
CA ILE A 147 5.96 -2.40 0.64
C ILE A 147 7.27 -3.10 0.99
N GLN A 148 7.31 -3.69 2.18
CA GLN A 148 8.50 -4.40 2.63
C GLN A 148 8.17 -5.82 3.04
N GLY A 149 9.20 -6.60 3.38
CA GLY A 149 8.99 -7.98 3.78
C GLY A 149 9.44 -8.97 2.71
N ASP A 150 8.70 -10.07 2.58
CA ASP A 150 9.02 -11.09 1.60
C ASP A 150 7.93 -11.19 0.54
N VAL A 151 8.10 -10.46 -0.54
CA VAL A 151 7.12 -10.46 -1.64
C VAL A 151 7.79 -10.16 -2.97
N THR A 152 7.29 -10.77 -4.03
CA THR A 152 7.84 -10.58 -5.36
C THR A 152 6.92 -9.69 -6.21
N LEU A 153 7.19 -8.40 -6.21
CA LEU A 153 6.40 -7.45 -6.97
C LEU A 153 6.73 -7.53 -8.46
N SER A 154 5.68 -7.61 -9.29
CA SER A 154 5.86 -7.70 -10.73
C SER A 154 5.32 -6.45 -11.43
N TYR A 155 4.17 -5.98 -10.96
CA TYR A 155 3.55 -4.80 -11.54
C TYR A 155 2.84 -3.98 -10.46
N VAL A 156 3.07 -2.68 -10.48
CA VAL A 156 2.45 -1.79 -9.51
C VAL A 156 2.02 -0.47 -10.16
N GLN A 157 0.72 -0.20 -10.16
CA GLN A 157 0.19 1.02 -10.74
C GLN A 157 -0.83 1.67 -9.82
N ILE A 158 -0.60 2.94 -9.49
CA ILE A 158 -1.50 3.68 -8.62
C ILE A 158 -2.49 4.52 -9.42
N SER A 159 -3.63 3.92 -9.76
CA SER A 159 -4.65 4.61 -10.54
C SER A 159 -5.32 5.69 -9.71
N GLY A 160 -5.53 6.85 -10.32
CA GLY A 160 -6.16 7.96 -9.61
C GLY A 160 -7.15 8.71 -10.48
N PRO A 161 -7.68 9.83 -9.96
CA PRO A 161 -8.65 10.65 -10.68
C PRO A 161 -8.03 11.38 -11.86
N SER A 162 -8.64 11.22 -13.03
CA SER A 162 -8.14 11.87 -14.24
C SER A 162 -9.27 12.07 -15.25
N SER A 163 -9.51 13.32 -15.63
CA SER A 163 -10.56 13.64 -16.59
C SER A 163 -9.96 14.11 -17.91
N GLY A 164 -10.48 13.59 -19.01
CA GLY A 164 -9.99 13.97 -20.32
C GLY A 164 -9.89 15.46 -20.48
N GLY A 1 8.34 27.54 -22.49
CA GLY A 1 8.25 28.66 -21.58
C GLY A 1 9.14 28.50 -20.37
N SER A 2 10.29 29.18 -20.40
CA SER A 2 11.24 29.10 -19.29
C SER A 2 11.71 27.67 -19.08
N SER A 3 11.97 26.96 -20.17
CA SER A 3 12.42 25.57 -20.09
C SER A 3 13.94 25.50 -20.00
N GLY A 4 14.43 24.91 -18.91
CA GLY A 4 15.86 24.79 -18.71
C GLY A 4 16.35 25.56 -17.50
N SER A 5 16.13 25.01 -16.32
CA SER A 5 16.55 25.66 -15.07
C SER A 5 17.83 25.04 -14.55
N SER A 6 18.46 25.72 -13.60
CA SER A 6 19.71 25.24 -13.01
C SER A 6 19.95 25.90 -11.65
N GLY A 7 20.78 25.25 -10.83
CA GLY A 7 21.10 25.79 -9.52
C GLY A 7 20.06 25.39 -8.48
N HIS A 8 20.14 26.03 -7.31
CA HIS A 8 19.21 25.74 -6.22
C HIS A 8 19.05 24.23 -6.02
N GLN A 9 20.17 23.52 -6.06
CA GLN A 9 20.17 22.07 -5.89
C GLN A 9 20.28 21.71 -4.41
N GLN A 10 19.53 20.69 -4.00
CA GLN A 10 19.54 20.24 -2.62
C GLN A 10 19.33 18.74 -2.53
N LEU A 11 19.90 18.12 -1.50
CA LEU A 11 19.78 16.68 -1.30
C LEU A 11 18.36 16.31 -0.90
N ASN A 12 17.61 15.73 -1.83
CA ASN A 12 16.23 15.33 -1.57
C ASN A 12 15.99 13.89 -2.03
N SER A 13 14.86 13.33 -1.63
CA SER A 13 14.51 11.96 -2.00
C SER A 13 14.17 11.86 -3.48
N LEU A 14 14.28 10.67 -4.03
CA LEU A 14 13.98 10.44 -5.44
C LEU A 14 12.78 11.26 -5.89
N PRO A 15 12.71 11.54 -7.20
CA PRO A 15 11.62 12.32 -7.78
C PRO A 15 10.29 11.57 -7.77
N THR A 16 9.30 12.12 -8.45
CA THR A 16 7.98 11.49 -8.52
C THR A 16 7.90 10.48 -9.66
N MET A 17 7.07 9.46 -9.48
CA MET A 17 6.91 8.42 -10.50
C MET A 17 5.65 8.67 -11.32
N GLU A 18 5.75 9.58 -12.28
CA GLU A 18 4.61 9.91 -13.14
C GLU A 18 4.78 9.29 -14.53
N GLY A 19 3.67 8.93 -15.15
CA GLY A 19 3.71 8.33 -16.47
C GLY A 19 3.19 6.90 -16.47
N PRO A 20 3.89 6.02 -17.19
CA PRO A 20 3.52 4.61 -17.29
C PRO A 20 3.72 3.85 -15.98
N PRO A 21 3.21 2.61 -15.92
CA PRO A 21 3.33 1.77 -14.73
C PRO A 21 4.76 1.29 -14.48
N THR A 22 4.96 0.58 -13.39
CA THR A 22 6.28 0.07 -13.04
C THR A 22 6.48 -1.34 -13.56
N PHE A 23 7.74 -1.74 -13.72
CA PHE A 23 8.06 -3.08 -14.22
C PHE A 23 9.26 -3.67 -13.46
N ASN A 24 9.01 -4.74 -12.73
CA ASN A 24 10.07 -5.40 -11.97
C ASN A 24 10.54 -4.50 -10.83
N PRO A 25 9.59 -4.01 -10.02
CA PRO A 25 9.89 -3.14 -8.88
C PRO A 25 10.60 -3.88 -7.76
N PRO A 26 11.69 -3.28 -7.24
CA PRO A 26 12.47 -3.87 -6.15
C PRO A 26 11.71 -3.86 -4.82
N VAL A 27 12.37 -4.35 -3.78
CA VAL A 27 11.76 -4.40 -2.45
C VAL A 27 12.77 -4.03 -1.37
N PRO A 28 12.32 -3.23 -0.39
CA PRO A 28 10.93 -2.72 -0.36
C PRO A 28 10.66 -1.71 -1.45
N TYR A 29 9.44 -1.73 -1.98
CA TYR A 29 9.05 -0.82 -3.05
C TYR A 29 8.34 0.42 -2.47
N PHE A 30 8.94 1.59 -2.69
CA PHE A 30 8.37 2.83 -2.19
C PHE A 30 7.68 3.60 -3.31
N GLY A 31 6.35 3.50 -3.36
CA GLY A 31 5.59 4.18 -4.39
C GLY A 31 4.82 5.38 -3.83
N ARG A 32 5.26 6.57 -4.20
CA ARG A 32 4.60 7.79 -3.74
C ARG A 32 3.29 8.02 -4.48
N LEU A 33 2.19 8.02 -3.73
CA LEU A 33 0.87 8.23 -4.32
C LEU A 33 0.64 9.71 -4.62
N GLN A 34 0.94 10.12 -5.84
CA GLN A 34 0.76 11.51 -6.25
C GLN A 34 -0.72 11.89 -6.25
N GLY A 35 -1.15 12.56 -5.18
CA GLY A 35 -2.54 12.97 -5.07
C GLY A 35 -3.12 12.68 -3.70
N GLY A 36 -2.80 11.51 -3.16
CA GLY A 36 -3.30 11.14 -1.85
C GLY A 36 -4.56 10.28 -1.94
N LEU A 37 -4.91 9.64 -0.83
CA LEU A 37 -6.10 8.79 -0.79
C LEU A 37 -7.35 9.59 -1.14
N THR A 38 -7.93 9.29 -2.30
CA THR A 38 -9.12 9.98 -2.76
C THR A 38 -10.25 8.99 -3.05
N ALA A 39 -11.48 9.39 -2.80
CA ALA A 39 -12.64 8.54 -3.05
C ALA A 39 -12.56 7.90 -4.44
N ARG A 40 -11.80 8.53 -5.33
CA ARG A 40 -11.65 8.02 -6.69
C ARG A 40 -10.24 7.46 -6.90
N ARG A 41 -9.69 6.85 -5.85
CA ARG A 41 -8.35 6.27 -5.93
C ARG A 41 -8.41 4.75 -5.78
N THR A 42 -7.61 4.05 -6.58
CA THR A 42 -7.57 2.59 -6.55
C THR A 42 -6.14 2.08 -6.60
N ILE A 43 -5.69 1.46 -5.51
CA ILE A 43 -4.34 0.91 -5.44
C ILE A 43 -4.30 -0.53 -5.93
N ILE A 44 -3.31 -0.84 -6.76
CA ILE A 44 -3.16 -2.19 -7.29
C ILE A 44 -1.73 -2.70 -7.10
N ILE A 45 -1.60 -3.92 -6.60
CA ILE A 45 -0.29 -4.52 -6.38
C ILE A 45 -0.24 -5.95 -6.91
N LYS A 46 0.46 -6.14 -8.02
CA LYS A 46 0.59 -7.45 -8.63
C LYS A 46 1.96 -8.07 -8.32
N GLY A 47 1.96 -9.09 -7.47
CA GLY A 47 3.20 -9.74 -7.10
C GLY A 47 3.05 -11.24 -7.00
N TYR A 48 3.93 -11.87 -6.22
CA TYR A 48 3.89 -13.32 -6.05
C TYR A 48 4.68 -13.74 -4.81
N VAL A 49 4.04 -14.51 -3.94
CA VAL A 49 4.69 -14.99 -2.72
C VAL A 49 5.67 -16.11 -3.01
N PRO A 50 6.97 -15.85 -2.78
CA PRO A 50 8.03 -16.82 -3.02
C PRO A 50 7.98 -17.97 -2.01
N PRO A 51 8.59 -19.11 -2.40
CA PRO A 51 8.64 -20.31 -1.54
C PRO A 51 9.53 -20.11 -0.33
N THR A 52 10.34 -19.07 -0.35
CA THR A 52 11.24 -18.76 0.76
C THR A 52 10.86 -17.47 1.45
N GLY A 53 9.62 -17.04 1.25
CA GLY A 53 9.14 -15.82 1.88
C GLY A 53 8.05 -16.07 2.89
N LYS A 54 8.32 -15.75 4.15
CA LYS A 54 7.35 -15.94 5.21
C LYS A 54 6.09 -15.11 4.97
N SER A 55 6.28 -13.80 4.85
CA SER A 55 5.16 -12.89 4.62
C SER A 55 5.66 -11.47 4.39
N PHE A 56 4.81 -10.64 3.78
CA PHE A 56 5.16 -9.25 3.50
C PHE A 56 4.27 -8.30 4.28
N ALA A 57 4.43 -7.00 4.02
CA ALA A 57 3.63 -5.98 4.70
C ALA A 57 3.54 -4.71 3.87
N ILE A 58 2.33 -4.21 3.69
CA ILE A 58 2.12 -2.98 2.91
C ILE A 58 1.60 -1.85 3.80
N ASN A 59 2.47 -0.92 4.14
CA ASN A 59 2.10 0.21 4.98
C ASN A 59 1.89 1.47 4.14
N PHE A 60 0.94 2.30 4.56
CA PHE A 60 0.64 3.53 3.85
C PHE A 60 0.90 4.75 4.73
N LYS A 61 2.06 5.39 4.52
CA LYS A 61 2.43 6.57 5.30
C LYS A 61 2.09 7.84 4.54
N VAL A 62 2.18 8.98 5.22
CA VAL A 62 1.90 10.27 4.61
C VAL A 62 3.18 11.00 4.25
N GLY A 63 3.35 11.31 2.96
CA GLY A 63 4.53 12.00 2.50
C GLY A 63 4.74 13.33 3.22
N SER A 64 3.65 14.04 3.46
CA SER A 64 3.71 15.33 4.13
C SER A 64 4.26 15.18 5.55
N SER A 65 3.43 14.62 6.43
CA SER A 65 3.83 14.42 7.82
C SER A 65 4.71 13.18 7.95
N GLY A 66 4.11 12.01 7.78
CA GLY A 66 4.85 10.76 7.89
C GLY A 66 4.20 9.79 8.86
N ASP A 67 2.89 9.65 8.77
CA ASP A 67 2.16 8.74 9.64
C ASP A 67 1.48 7.64 8.83
N ILE A 68 1.46 6.43 9.38
CA ILE A 68 0.85 5.29 8.71
C ILE A 68 -0.65 5.23 9.00
N ALA A 69 -1.46 5.48 7.98
CA ALA A 69 -2.91 5.44 8.12
C ALA A 69 -3.44 4.01 8.02
N LEU A 70 -2.76 3.19 7.24
CA LEU A 70 -3.15 1.80 7.06
C LEU A 70 -1.94 0.89 6.96
N HIS A 71 -1.97 -0.20 7.72
CA HIS A 71 -0.86 -1.16 7.72
C HIS A 71 -1.37 -2.59 7.63
N ILE A 72 -1.35 -3.15 6.43
CA ILE A 72 -1.82 -4.51 6.19
C ILE A 72 -0.65 -5.48 6.09
N ASN A 73 -0.75 -6.61 6.78
CA ASN A 73 0.30 -7.62 6.75
C ASN A 73 -0.30 -9.02 6.75
N PRO A 74 -0.23 -9.69 5.58
CA PRO A 74 -0.76 -11.04 5.41
C PRO A 74 0.06 -12.08 6.17
N ARG A 75 -0.58 -13.20 6.50
CA ARG A 75 0.09 -14.28 7.24
C ARG A 75 -0.18 -15.63 6.58
N MET A 76 0.75 -16.07 5.75
CA MET A 76 0.62 -17.36 5.06
C MET A 76 0.39 -18.48 6.06
N GLY A 77 0.01 -19.65 5.54
CA GLY A 77 -0.23 -20.80 6.41
C GLY A 77 -1.49 -20.64 7.25
N ASN A 78 -1.42 -19.78 8.26
CA ASN A 78 -2.56 -19.55 9.13
C ASN A 78 -3.76 -19.04 8.34
N GLY A 79 -3.62 -17.88 7.73
CA GLY A 79 -4.70 -17.31 6.95
C GLY A 79 -5.37 -16.13 7.64
N THR A 80 -4.57 -15.29 8.28
CA THR A 80 -5.09 -14.13 8.99
C THR A 80 -4.26 -12.89 8.68
N VAL A 81 -4.90 -11.89 8.09
CA VAL A 81 -4.22 -10.64 7.75
C VAL A 81 -4.54 -9.55 8.75
N VAL A 82 -3.52 -9.13 9.51
CA VAL A 82 -3.69 -8.10 10.52
C VAL A 82 -3.62 -6.71 9.89
N ARG A 83 -4.41 -5.79 10.42
CA ARG A 83 -4.43 -4.42 9.91
C ARG A 83 -4.26 -3.41 11.05
N ASN A 84 -3.29 -2.51 10.90
CA ASN A 84 -3.02 -1.50 11.91
C ASN A 84 -2.76 -0.14 11.26
N SER A 85 -2.45 0.85 12.09
CA SER A 85 -2.19 2.20 11.60
C SER A 85 -1.36 2.99 12.62
N LEU A 86 -0.08 3.17 12.30
CA LEU A 86 0.82 3.91 13.19
C LEU A 86 0.58 5.42 13.06
N LEU A 87 0.14 6.03 14.15
CA LEU A 87 -0.13 7.46 14.17
C LEU A 87 1.09 8.24 14.68
N ASN A 88 1.11 9.54 14.41
CA ASN A 88 2.22 10.38 14.84
C ASN A 88 2.65 10.04 16.26
N GLY A 89 3.76 9.30 16.37
CA GLY A 89 4.27 8.91 17.66
C GLY A 89 3.31 7.99 18.41
N SER A 90 2.18 7.69 17.78
CA SER A 90 1.18 6.81 18.38
C SER A 90 0.83 5.66 17.45
N TRP A 91 0.07 4.70 17.97
CA TRP A 91 -0.34 3.55 17.17
C TRP A 91 -1.85 3.34 17.25
N GLY A 92 -2.39 2.60 16.29
CA GLY A 92 -3.82 2.35 16.26
C GLY A 92 -4.20 1.06 16.97
N SER A 93 -4.61 0.06 16.20
CA SER A 93 -5.00 -1.22 16.77
C SER A 93 -4.86 -2.34 15.74
N GLU A 94 -5.08 -3.57 16.18
CA GLU A 94 -4.98 -4.73 15.29
C GLU A 94 -6.34 -5.18 14.82
N GLU A 95 -6.51 -5.26 13.51
CA GLU A 95 -7.79 -5.68 12.92
C GLU A 95 -7.61 -6.94 12.08
N LYS A 96 -8.32 -8.00 12.44
CA LYS A 96 -8.24 -9.26 11.71
C LYS A 96 -9.64 -9.74 11.31
N LYS A 97 -9.86 -9.87 10.00
CA LYS A 97 -11.14 -10.32 9.48
C LYS A 97 -11.06 -10.58 7.98
N ILE A 98 -11.07 -11.86 7.61
CA ILE A 98 -11.00 -12.25 6.21
C ILE A 98 -11.84 -13.50 5.94
N THR A 99 -12.30 -13.64 4.70
CA THR A 99 -13.11 -14.79 4.31
C THR A 99 -12.25 -15.86 3.64
N HIS A 100 -11.27 -15.41 2.86
CA HIS A 100 -10.38 -16.33 2.16
C HIS A 100 -8.99 -15.73 1.99
N ASN A 101 -7.97 -16.48 2.39
CA ASN A 101 -6.59 -16.00 2.30
C ASN A 101 -5.88 -16.66 1.12
N PRO A 102 -5.84 -15.95 -0.02
CA PRO A 102 -5.19 -16.44 -1.24
C PRO A 102 -3.67 -16.50 -1.10
N PHE A 103 -3.09 -15.46 -0.52
CA PHE A 103 -1.65 -15.39 -0.33
C PHE A 103 -1.09 -16.76 0.02
N GLY A 104 -0.43 -17.39 -0.95
CA GLY A 104 0.15 -18.69 -0.73
C GLY A 104 1.58 -18.79 -1.23
N PRO A 105 2.45 -19.45 -0.45
CA PRO A 105 3.86 -19.62 -0.80
C PRO A 105 4.06 -20.57 -1.98
N GLY A 106 4.35 -19.99 -3.15
CA GLY A 106 4.55 -20.80 -4.34
C GLY A 106 3.64 -20.40 -5.48
N GLN A 107 2.70 -19.50 -5.19
CA GLN A 107 1.77 -19.02 -6.20
C GLN A 107 1.69 -17.49 -6.19
N PHE A 108 1.04 -16.94 -7.22
CA PHE A 108 0.90 -15.49 -7.33
C PHE A 108 -0.40 -15.02 -6.66
N PHE A 109 -0.56 -13.70 -6.56
CA PHE A 109 -1.75 -13.13 -5.95
C PHE A 109 -1.96 -11.69 -6.42
N ASP A 110 -3.17 -11.40 -6.87
CA ASP A 110 -3.51 -10.06 -7.35
C ASP A 110 -4.24 -9.27 -6.28
N LEU A 111 -3.51 -8.37 -5.62
CA LEU A 111 -4.09 -7.54 -4.56
C LEU A 111 -4.44 -6.15 -5.09
N SER A 112 -5.60 -5.65 -4.69
CA SER A 112 -6.05 -4.33 -5.12
C SER A 112 -6.84 -3.63 -4.02
N ILE A 113 -6.26 -2.58 -3.47
CA ILE A 113 -6.91 -1.81 -2.41
C ILE A 113 -7.68 -0.62 -2.96
N ARG A 114 -8.98 -0.59 -2.70
CA ARG A 114 -9.84 0.49 -3.17
C ARG A 114 -10.08 1.51 -2.07
N CYS A 115 -9.75 2.77 -2.34
CA CYS A 115 -9.93 3.84 -1.38
C CYS A 115 -11.31 4.48 -1.52
N GLY A 116 -12.05 4.54 -0.42
CA GLY A 116 -13.37 5.12 -0.44
C GLY A 116 -13.53 6.26 0.54
N LEU A 117 -14.74 6.46 1.03
CA LEU A 117 -15.02 7.53 1.99
C LEU A 117 -15.36 6.95 3.37
N ASP A 118 -16.11 5.85 3.38
CA ASP A 118 -16.50 5.21 4.62
C ASP A 118 -15.46 4.18 5.05
N ARG A 119 -14.86 3.52 4.06
CA ARG A 119 -13.85 2.51 4.34
C ARG A 119 -13.19 2.03 3.04
N PHE A 120 -12.09 1.30 3.17
CA PHE A 120 -11.36 0.79 2.02
C PHE A 120 -11.82 -0.62 1.66
N LYS A 121 -11.59 -1.02 0.41
CA LYS A 121 -11.99 -2.34 -0.05
C LYS A 121 -10.82 -3.03 -0.76
N VAL A 122 -10.22 -4.00 -0.08
CA VAL A 122 -9.09 -4.75 -0.63
C VAL A 122 -9.57 -6.03 -1.32
N TYR A 123 -9.51 -6.04 -2.64
CA TYR A 123 -9.94 -7.20 -3.42
C TYR A 123 -8.75 -8.08 -3.77
N ALA A 124 -8.99 -9.39 -3.86
CA ALA A 124 -7.94 -10.34 -4.19
C ALA A 124 -8.36 -11.23 -5.36
N ASN A 125 -7.84 -10.92 -6.55
CA ASN A 125 -8.16 -11.70 -7.73
C ASN A 125 -9.67 -11.73 -7.98
N GLY A 126 -10.33 -10.60 -7.71
CA GLY A 126 -11.77 -10.52 -7.89
C GLY A 126 -12.54 -11.12 -6.74
N GLN A 127 -11.99 -10.99 -5.53
CA GLN A 127 -12.64 -11.52 -4.35
C GLN A 127 -12.45 -10.60 -3.15
N HIS A 128 -13.55 -10.11 -2.59
CA HIS A 128 -13.49 -9.22 -1.44
C HIS A 128 -12.64 -9.82 -0.32
N LEU A 129 -11.40 -9.37 -0.22
CA LEU A 129 -10.49 -9.87 0.80
C LEU A 129 -10.91 -9.39 2.19
N PHE A 130 -10.80 -8.08 2.40
CA PHE A 130 -11.17 -7.48 3.69
C PHE A 130 -11.36 -5.98 3.55
N ASP A 131 -11.79 -5.34 4.63
CA ASP A 131 -12.01 -3.89 4.64
C ASP A 131 -11.14 -3.21 5.68
N PHE A 132 -10.76 -1.96 5.41
CA PHE A 132 -9.93 -1.20 6.32
C PHE A 132 -10.68 0.00 6.87
N ALA A 133 -11.05 -0.06 8.14
CA ALA A 133 -11.78 1.03 8.79
C ALA A 133 -10.93 2.30 8.83
N HIS A 134 -11.52 3.42 8.44
CA HIS A 134 -10.83 4.70 8.43
C HIS A 134 -10.41 5.10 9.85
N ARG A 135 -9.14 4.91 10.15
CA ARG A 135 -8.61 5.25 11.47
C ARG A 135 -8.13 6.69 11.51
N LEU A 136 -7.39 7.09 10.49
CA LEU A 136 -6.86 8.45 10.41
C LEU A 136 -7.72 9.31 9.48
N SER A 137 -8.47 10.24 10.06
CA SER A 137 -9.33 11.12 9.29
C SER A 137 -8.56 11.78 8.16
N ALA A 138 -7.28 12.05 8.40
CA ALA A 138 -6.43 12.67 7.39
C ALA A 138 -5.90 11.65 6.40
N PHE A 139 -6.69 10.60 6.15
CA PHE A 139 -6.29 9.55 5.22
C PHE A 139 -5.87 10.14 3.88
N GLN A 140 -6.64 11.12 3.41
CA GLN A 140 -6.35 11.76 2.13
C GLN A 140 -4.88 12.16 2.04
N ARG A 141 -4.35 12.69 3.14
CA ARG A 141 -2.96 13.12 3.18
C ARG A 141 -2.02 11.98 2.78
N VAL A 142 -2.33 10.78 3.26
CA VAL A 142 -1.53 9.61 2.94
C VAL A 142 -1.18 9.55 1.46
N ASP A 143 0.08 9.86 1.15
CA ASP A 143 0.54 9.85 -0.24
C ASP A 143 1.83 9.06 -0.37
N THR A 144 1.96 8.00 0.43
CA THR A 144 3.15 7.16 0.41
C THR A 144 2.78 5.70 0.62
N LEU A 145 3.05 4.87 -0.40
CA LEU A 145 2.75 3.45 -0.33
C LEU A 145 4.03 2.62 -0.39
N GLU A 146 4.42 2.03 0.73
CA GLU A 146 5.62 1.21 0.80
C GLU A 146 5.27 -0.25 1.02
N ILE A 147 6.14 -1.14 0.56
CA ILE A 147 5.93 -2.58 0.71
C ILE A 147 7.23 -3.30 1.06
N GLN A 148 7.31 -3.78 2.29
CA GLN A 148 8.50 -4.49 2.75
C GLN A 148 8.16 -5.93 3.14
N GLY A 149 9.19 -6.71 3.45
CA GLY A 149 8.98 -8.09 3.83
C GLY A 149 9.41 -9.07 2.76
N ASP A 150 8.68 -10.17 2.65
CA ASP A 150 8.99 -11.19 1.66
C ASP A 150 7.90 -11.27 0.59
N VAL A 151 8.09 -10.53 -0.50
CA VAL A 151 7.12 -10.51 -1.59
C VAL A 151 7.80 -10.22 -2.91
N THR A 152 7.24 -10.77 -3.99
CA THR A 152 7.79 -10.58 -5.32
C THR A 152 6.88 -9.70 -6.17
N LEU A 153 7.17 -8.40 -6.21
CA LEU A 153 6.38 -7.46 -6.98
C LEU A 153 6.71 -7.56 -8.47
N SER A 154 5.67 -7.55 -9.30
CA SER A 154 5.84 -7.65 -10.74
C SER A 154 5.28 -6.41 -11.44
N TYR A 155 4.16 -5.91 -10.92
CA TYR A 155 3.52 -4.73 -11.49
C TYR A 155 2.78 -3.94 -10.42
N VAL A 156 3.01 -2.63 -10.39
CA VAL A 156 2.37 -1.76 -9.42
C VAL A 156 1.95 -0.44 -10.06
N GLN A 157 0.66 -0.29 -10.29
CA GLN A 157 0.12 0.92 -10.91
C GLN A 157 -0.89 1.59 -9.98
N ILE A 158 -0.78 2.91 -9.85
CA ILE A 158 -1.69 3.67 -9.00
C ILE A 158 -2.72 4.43 -9.83
N SER A 159 -3.88 3.82 -10.02
CA SER A 159 -4.95 4.44 -10.79
C SER A 159 -5.32 5.80 -10.22
N GLY A 160 -5.82 6.69 -11.08
CA GLY A 160 -6.20 8.02 -10.64
C GLY A 160 -6.54 8.95 -11.79
N PRO A 161 -6.79 10.22 -11.47
CA PRO A 161 -7.13 11.23 -12.49
C PRO A 161 -5.94 11.59 -13.37
N SER A 162 -6.23 12.01 -14.59
CA SER A 162 -5.18 12.38 -15.54
C SER A 162 -4.36 13.54 -15.01
N SER A 163 -5.04 14.58 -14.55
CA SER A 163 -4.37 15.77 -14.02
C SER A 163 -4.87 16.09 -12.62
N GLY A 164 -4.30 17.13 -12.01
CA GLY A 164 -4.69 17.52 -10.67
C GLY A 164 -3.54 17.51 -9.70
N GLY A 1 2.72 18.98 -26.94
CA GLY A 1 3.18 18.67 -25.61
C GLY A 1 4.54 19.29 -25.30
N SER A 2 5.55 18.45 -25.18
CA SER A 2 6.90 18.93 -24.88
C SER A 2 6.88 19.91 -23.72
N SER A 3 6.11 19.59 -22.69
CA SER A 3 6.00 20.44 -21.51
C SER A 3 6.50 19.72 -20.26
N GLY A 4 7.30 20.42 -19.46
CA GLY A 4 7.83 19.83 -18.24
C GLY A 4 8.00 20.85 -17.13
N SER A 5 8.28 20.37 -15.93
CA SER A 5 8.45 21.23 -14.77
C SER A 5 9.92 21.33 -14.38
N SER A 6 10.44 22.56 -14.36
CA SER A 6 11.84 22.80 -14.02
C SER A 6 12.00 22.99 -12.51
N GLY A 7 12.39 21.93 -11.81
CA GLY A 7 12.57 22.01 -10.38
C GLY A 7 12.62 20.64 -9.72
N HIS A 8 13.54 20.47 -8.78
CA HIS A 8 13.67 19.20 -8.07
C HIS A 8 14.42 19.39 -6.76
N GLN A 9 14.32 18.40 -5.88
CA GLN A 9 14.98 18.45 -4.59
C GLN A 9 16.11 17.44 -4.51
N GLN A 10 17.29 17.88 -4.10
CA GLN A 10 18.45 17.01 -3.98
C GLN A 10 18.47 16.29 -2.64
N LEU A 11 17.34 16.32 -1.95
CA LEU A 11 17.21 15.67 -0.64
C LEU A 11 16.81 14.21 -0.80
N ASN A 12 17.01 13.43 0.26
CA ASN A 12 16.66 12.02 0.24
C ASN A 12 15.32 11.80 -0.46
N SER A 13 14.33 12.61 -0.09
CA SER A 13 13.00 12.49 -0.67
C SER A 13 13.09 12.09 -2.14
N LEU A 14 12.09 11.34 -2.60
CA LEU A 14 12.05 10.89 -3.98
C LEU A 14 11.12 11.76 -4.82
N PRO A 15 11.38 11.82 -6.13
CA PRO A 15 10.58 12.61 -7.06
C PRO A 15 9.18 12.02 -7.27
N THR A 16 8.50 12.49 -8.31
CA THR A 16 7.15 12.01 -8.62
C THR A 16 7.20 10.71 -9.42
N MET A 17 6.16 9.89 -9.29
CA MET A 17 6.09 8.62 -10.00
C MET A 17 5.08 8.70 -11.14
N GLU A 18 5.46 9.38 -12.21
CA GLU A 18 4.58 9.52 -13.37
C GLU A 18 5.10 8.71 -14.55
N GLY A 19 4.41 8.81 -15.68
CA GLY A 19 4.82 8.07 -16.87
C GLY A 19 4.21 6.69 -16.93
N PRO A 20 4.98 5.72 -17.44
CA PRO A 20 4.53 4.33 -17.56
C PRO A 20 4.42 3.64 -16.21
N PRO A 21 3.74 2.48 -16.19
CA PRO A 21 3.54 1.70 -14.96
C PRO A 21 4.84 1.07 -14.48
N THR A 22 4.77 0.42 -13.31
CA THR A 22 5.93 -0.23 -12.73
C THR A 22 6.12 -1.64 -13.29
N PHE A 23 7.37 -2.07 -13.41
CA PHE A 23 7.67 -3.40 -13.93
C PHE A 23 8.93 -3.96 -13.28
N ASN A 24 8.80 -5.15 -12.69
CA ASN A 24 9.93 -5.79 -12.02
C ASN A 24 10.49 -4.92 -10.92
N PRO A 25 9.58 -4.37 -10.09
CA PRO A 25 9.97 -3.50 -8.97
C PRO A 25 10.66 -4.26 -7.85
N PRO A 26 11.77 -3.70 -7.34
CA PRO A 26 12.55 -4.31 -6.27
C PRO A 26 11.81 -4.29 -4.93
N VAL A 27 12.48 -4.79 -3.89
CA VAL A 27 11.89 -4.82 -2.56
C VAL A 27 12.93 -4.53 -1.49
N PRO A 28 12.53 -3.73 -0.49
CA PRO A 28 11.17 -3.17 -0.41
C PRO A 28 10.93 -2.12 -1.47
N TYR A 29 9.70 -2.07 -1.98
CA TYR A 29 9.33 -1.11 -3.02
C TYR A 29 8.61 0.10 -2.41
N PHE A 30 9.24 1.27 -2.52
CA PHE A 30 8.67 2.49 -1.98
C PHE A 30 8.07 3.34 -3.09
N GLY A 31 6.75 3.32 -3.21
CA GLY A 31 6.07 4.10 -4.23
C GLY A 31 5.17 5.16 -3.65
N ARG A 32 5.63 6.42 -3.70
CA ARG A 32 4.87 7.54 -3.18
C ARG A 32 3.67 7.85 -4.07
N LEU A 33 2.50 8.00 -3.46
CA LEU A 33 1.29 8.29 -4.20
C LEU A 33 1.25 9.77 -4.61
N GLN A 34 0.73 10.02 -5.81
CA GLN A 34 0.63 11.38 -6.33
C GLN A 34 -0.78 11.94 -6.16
N GLY A 35 -1.02 12.59 -5.03
CA GLY A 35 -2.33 13.16 -4.77
C GLY A 35 -2.83 12.85 -3.37
N GLY A 36 -2.76 11.58 -2.99
CA GLY A 36 -3.22 11.17 -1.67
C GLY A 36 -4.51 10.39 -1.72
N LEU A 37 -4.80 9.66 -0.64
CA LEU A 37 -6.01 8.86 -0.56
C LEU A 37 -7.24 9.69 -0.93
N THR A 38 -7.77 9.46 -2.13
CA THR A 38 -8.94 10.17 -2.61
C THR A 38 -10.07 9.22 -2.97
N ALA A 39 -11.30 9.66 -2.75
CA ALA A 39 -12.46 8.83 -3.06
C ALA A 39 -12.33 8.17 -4.43
N ARG A 40 -11.65 8.85 -5.34
CA ARG A 40 -11.44 8.35 -6.69
C ARG A 40 -10.02 7.82 -6.86
N ARG A 41 -9.53 7.13 -5.84
CA ARG A 41 -8.18 6.57 -5.87
C ARG A 41 -8.20 5.07 -5.62
N THR A 42 -7.44 4.32 -6.41
CA THR A 42 -7.37 2.87 -6.27
C THR A 42 -5.94 2.37 -6.35
N ILE A 43 -5.52 1.61 -5.34
CA ILE A 43 -4.16 1.07 -5.30
C ILE A 43 -4.13 -0.37 -5.78
N ILE A 44 -3.20 -0.68 -6.66
CA ILE A 44 -3.06 -2.03 -7.20
C ILE A 44 -1.66 -2.58 -6.96
N ILE A 45 -1.59 -3.82 -6.50
CA ILE A 45 -0.30 -4.46 -6.23
C ILE A 45 -0.28 -5.89 -6.76
N LYS A 46 0.46 -6.11 -7.84
CA LYS A 46 0.57 -7.43 -8.44
C LYS A 46 1.96 -8.01 -8.24
N GLY A 47 2.05 -9.05 -7.41
CA GLY A 47 3.33 -9.69 -7.14
C GLY A 47 3.23 -11.19 -7.06
N TYR A 48 4.00 -11.79 -6.16
CA TYR A 48 3.99 -13.24 -5.98
C TYR A 48 4.79 -13.64 -4.74
N VAL A 49 4.15 -14.41 -3.87
CA VAL A 49 4.79 -14.87 -2.63
C VAL A 49 5.75 -16.01 -2.91
N PRO A 50 7.04 -15.77 -2.66
CA PRO A 50 8.10 -16.77 -2.87
C PRO A 50 8.02 -17.92 -1.88
N PRO A 51 8.61 -19.07 -2.24
CA PRO A 51 8.62 -20.26 -1.38
C PRO A 51 9.50 -20.08 -0.15
N THR A 52 10.40 -19.11 -0.19
CA THR A 52 11.29 -18.84 0.92
C THR A 52 10.94 -17.52 1.60
N GLY A 53 9.70 -17.07 1.40
CA GLY A 53 9.26 -15.83 2.01
C GLY A 53 8.16 -16.03 3.03
N LYS A 54 8.42 -15.64 4.26
CA LYS A 54 7.44 -15.79 5.34
C LYS A 54 6.17 -15.00 5.04
N SER A 55 6.32 -13.68 4.88
CA SER A 55 5.19 -12.81 4.59
C SER A 55 5.65 -11.39 4.35
N PHE A 56 4.83 -10.62 3.65
CA PHE A 56 5.15 -9.23 3.35
C PHE A 56 4.26 -8.28 4.15
N ALA A 57 4.36 -6.98 3.84
CA ALA A 57 3.57 -5.97 4.53
C ALA A 57 3.37 -4.74 3.66
N ILE A 58 2.18 -4.16 3.72
CA ILE A 58 1.87 -2.97 2.93
C ILE A 58 1.42 -1.82 3.84
N ASN A 59 2.34 -0.91 4.13
CA ASN A 59 2.04 0.23 4.98
C ASN A 59 1.83 1.49 4.14
N PHE A 60 0.91 2.34 4.59
CA PHE A 60 0.61 3.58 3.87
C PHE A 60 0.93 4.79 4.73
N LYS A 61 2.08 5.41 4.45
CA LYS A 61 2.52 6.59 5.20
C LYS A 61 2.11 7.87 4.47
N VAL A 62 2.24 9.01 5.16
CA VAL A 62 1.89 10.29 4.59
C VAL A 62 3.14 11.04 4.12
N GLY A 63 3.17 11.38 2.83
CA GLY A 63 4.30 12.10 2.28
C GLY A 63 4.58 13.40 3.00
N SER A 64 3.52 14.13 3.33
CA SER A 64 3.65 15.40 4.03
C SER A 64 4.23 15.20 5.43
N SER A 65 3.42 14.66 6.32
CA SER A 65 3.86 14.42 7.70
C SER A 65 4.73 13.17 7.78
N GLY A 66 4.09 12.01 7.71
CA GLY A 66 4.82 10.76 7.78
C GLY A 66 4.20 9.78 8.75
N ASP A 67 2.88 9.71 8.76
CA ASP A 67 2.16 8.80 9.65
C ASP A 67 1.47 7.69 8.87
N ILE A 68 1.47 6.48 9.42
CA ILE A 68 0.85 5.35 8.78
C ILE A 68 -0.63 5.26 9.11
N ALA A 69 -1.47 5.33 8.08
CA ALA A 69 -2.92 5.25 8.26
C ALA A 69 -3.42 3.82 8.15
N LEU A 70 -2.77 3.04 7.30
CA LEU A 70 -3.14 1.65 7.09
C LEU A 70 -1.91 0.75 6.97
N HIS A 71 -1.90 -0.33 7.73
CA HIS A 71 -0.77 -1.26 7.71
C HIS A 71 -1.28 -2.71 7.65
N ILE A 72 -1.39 -3.24 6.43
CA ILE A 72 -1.85 -4.61 6.23
C ILE A 72 -0.67 -5.56 6.10
N ASN A 73 -0.71 -6.63 6.90
CA ASN A 73 0.36 -7.63 6.87
C ASN A 73 -0.22 -9.04 6.86
N PRO A 74 -0.17 -9.69 5.69
CA PRO A 74 -0.67 -11.06 5.51
C PRO A 74 0.17 -12.09 6.24
N ARG A 75 -0.45 -13.22 6.59
CA ARG A 75 0.25 -14.29 7.30
C ARG A 75 0.01 -15.63 6.62
N MET A 76 0.95 -16.04 5.78
CA MET A 76 0.84 -17.31 5.07
C MET A 76 0.79 -18.48 6.05
N GLY A 77 1.64 -18.42 7.06
CA GLY A 77 1.67 -19.49 8.05
C GLY A 77 0.32 -19.74 8.69
N ASN A 78 0.02 -18.99 9.74
CA ASN A 78 -1.26 -19.13 10.44
C ASN A 78 -2.42 -18.98 9.47
N GLY A 79 -2.51 -17.81 8.83
CA GLY A 79 -3.59 -17.56 7.88
C GLY A 79 -4.50 -16.43 8.33
N THR A 80 -3.90 -15.31 8.68
CA THR A 80 -4.66 -14.14 9.12
C THR A 80 -3.94 -12.85 8.80
N VAL A 81 -4.60 -11.97 8.05
CA VAL A 81 -4.02 -10.69 7.67
C VAL A 81 -4.33 -9.62 8.71
N VAL A 82 -3.29 -9.22 9.46
CA VAL A 82 -3.45 -8.20 10.49
C VAL A 82 -3.43 -6.80 9.88
N ARG A 83 -4.20 -5.89 10.47
CA ARG A 83 -4.27 -4.52 9.99
C ARG A 83 -4.02 -3.53 11.12
N ASN A 84 -3.04 -2.65 10.91
CA ASN A 84 -2.68 -1.65 11.91
C ASN A 84 -2.49 -0.29 11.27
N SER A 85 -2.17 0.71 12.10
CA SER A 85 -1.96 2.06 11.61
C SER A 85 -1.17 2.90 12.63
N LEU A 86 0.10 3.14 12.33
CA LEU A 86 0.96 3.91 13.21
C LEU A 86 0.68 5.40 13.07
N LEU A 87 0.27 6.02 14.17
CA LEU A 87 -0.03 7.45 14.18
C LEU A 87 1.16 8.25 14.69
N ASN A 88 1.16 9.55 14.39
CA ASN A 88 2.24 10.43 14.83
C ASN A 88 2.71 10.06 16.24
N GLY A 89 3.84 9.37 16.31
CA GLY A 89 4.38 8.97 17.60
C GLY A 89 3.47 8.00 18.33
N SER A 90 2.27 7.78 17.78
CA SER A 90 1.30 6.88 18.40
C SER A 90 0.98 5.71 17.47
N TRP A 91 0.24 4.74 17.99
CA TRP A 91 -0.13 3.56 17.20
C TRP A 91 -1.63 3.32 17.28
N GLY A 92 -2.15 2.54 16.33
CA GLY A 92 -3.58 2.24 16.31
C GLY A 92 -3.91 0.97 17.06
N SER A 93 -4.22 -0.09 16.31
CA SER A 93 -4.56 -1.38 16.91
C SER A 93 -4.52 -2.50 15.86
N GLU A 94 -4.71 -3.72 16.32
CA GLU A 94 -4.71 -4.88 15.42
C GLU A 94 -6.12 -5.38 15.17
N GLU A 95 -6.55 -5.33 13.91
CA GLU A 95 -7.89 -5.77 13.54
C GLU A 95 -7.81 -6.87 12.46
N LYS A 96 -8.13 -8.09 12.85
CA LYS A 96 -8.10 -9.22 11.93
C LYS A 96 -9.51 -9.64 11.55
N LYS A 97 -9.75 -9.80 10.25
CA LYS A 97 -11.05 -10.20 9.74
C LYS A 97 -11.01 -10.45 8.24
N ILE A 98 -11.03 -11.72 7.86
CA ILE A 98 -10.99 -12.09 6.44
C ILE A 98 -11.76 -13.38 6.18
N THR A 99 -12.25 -13.53 4.97
CA THR A 99 -13.01 -14.72 4.59
C THR A 99 -12.12 -15.76 3.94
N HIS A 100 -11.26 -15.32 3.02
CA HIS A 100 -10.35 -16.21 2.33
C HIS A 100 -8.97 -15.58 2.17
N ASN A 101 -7.93 -16.35 2.49
CA ASN A 101 -6.56 -15.86 2.40
C ASN A 101 -5.81 -16.55 1.26
N PRO A 102 -5.77 -15.89 0.09
CA PRO A 102 -5.09 -16.43 -1.10
C PRO A 102 -3.58 -16.44 -0.94
N PHE A 103 -3.03 -15.35 -0.39
CA PHE A 103 -1.61 -15.23 -0.18
C PHE A 103 -0.99 -16.58 0.19
N GLY A 104 -0.31 -17.20 -0.77
CA GLY A 104 0.32 -18.49 -0.53
C GLY A 104 1.73 -18.56 -1.07
N PRO A 105 2.64 -19.17 -0.29
CA PRO A 105 4.04 -19.32 -0.68
C PRO A 105 4.23 -20.31 -1.82
N GLY A 106 4.38 -19.78 -3.04
CA GLY A 106 4.55 -20.64 -4.20
C GLY A 106 3.62 -20.27 -5.34
N GLN A 107 2.66 -19.39 -5.06
CA GLN A 107 1.70 -18.96 -6.06
C GLN A 107 1.59 -17.43 -6.09
N PHE A 108 1.09 -16.90 -7.21
CA PHE A 108 0.93 -15.46 -7.36
C PHE A 108 -0.29 -14.97 -6.59
N PHE A 109 -0.47 -13.66 -6.55
CA PHE A 109 -1.59 -13.05 -5.85
C PHE A 109 -1.83 -11.63 -6.32
N ASP A 110 -3.01 -11.39 -6.89
CA ASP A 110 -3.36 -10.06 -7.40
C ASP A 110 -4.15 -9.28 -6.34
N LEU A 111 -3.48 -8.36 -5.67
CA LEU A 111 -4.11 -7.54 -4.63
C LEU A 111 -4.44 -6.16 -5.17
N SER A 112 -5.63 -5.67 -4.84
CA SER A 112 -6.07 -4.35 -5.28
C SER A 112 -6.90 -3.66 -4.20
N ILE A 113 -6.37 -2.57 -3.67
CA ILE A 113 -7.06 -1.81 -2.63
C ILE A 113 -7.83 -0.63 -3.22
N ARG A 114 -9.02 -0.39 -2.70
CA ARG A 114 -9.86 0.71 -3.17
C ARG A 114 -10.05 1.76 -2.08
N CYS A 115 -9.72 3.00 -2.39
CA CYS A 115 -9.85 4.09 -1.43
C CYS A 115 -11.21 4.79 -1.60
N GLY A 116 -12.01 4.75 -0.54
CA GLY A 116 -13.32 5.38 -0.58
C GLY A 116 -13.44 6.54 0.38
N LEU A 117 -14.62 6.72 0.95
CA LEU A 117 -14.87 7.79 1.90
C LEU A 117 -15.22 7.24 3.29
N ASP A 118 -15.95 6.14 3.31
CA ASP A 118 -16.35 5.51 4.56
C ASP A 118 -15.33 4.45 4.98
N ARG A 119 -14.77 3.76 3.99
CA ARG A 119 -13.79 2.71 4.25
C ARG A 119 -13.16 2.23 2.96
N PHE A 120 -12.14 1.38 3.08
CA PHE A 120 -11.45 0.84 1.91
C PHE A 120 -12.00 -0.53 1.53
N LYS A 121 -11.79 -0.92 0.29
CA LYS A 121 -12.26 -2.20 -0.21
C LYS A 121 -11.14 -2.96 -0.92
N VAL A 122 -10.55 -3.92 -0.21
CA VAL A 122 -9.47 -4.72 -0.76
C VAL A 122 -10.01 -5.92 -1.53
N TYR A 123 -9.43 -6.18 -2.69
CA TYR A 123 -9.85 -7.30 -3.53
C TYR A 123 -8.67 -8.20 -3.89
N ALA A 124 -8.97 -9.48 -4.13
CA ALA A 124 -7.93 -10.44 -4.47
C ALA A 124 -8.42 -11.40 -5.56
N ASN A 125 -7.84 -11.29 -6.75
CA ASN A 125 -8.22 -12.15 -7.86
C ASN A 125 -9.72 -12.05 -8.15
N GLY A 126 -10.29 -10.89 -7.86
CA GLY A 126 -11.71 -10.67 -8.08
C GLY A 126 -12.57 -11.20 -6.95
N GLN A 127 -12.03 -11.15 -5.73
CA GLN A 127 -12.74 -11.62 -4.55
C GLN A 127 -12.55 -10.67 -3.38
N HIS A 128 -13.66 -10.21 -2.80
CA HIS A 128 -13.60 -9.30 -1.66
C HIS A 128 -12.80 -9.90 -0.52
N LEU A 129 -11.62 -9.35 -0.28
CA LEU A 129 -10.74 -9.84 0.79
C LEU A 129 -11.23 -9.34 2.14
N PHE A 130 -11.10 -8.03 2.37
CA PHE A 130 -11.52 -7.43 3.64
C PHE A 130 -11.63 -5.91 3.50
N ASP A 131 -12.17 -5.27 4.53
CA ASP A 131 -12.31 -3.82 4.53
C ASP A 131 -11.43 -3.18 5.60
N PHE A 132 -11.02 -1.94 5.36
CA PHE A 132 -10.16 -1.22 6.30
C PHE A 132 -10.87 0.01 6.84
N ALA A 133 -11.27 -0.04 8.11
CA ALA A 133 -11.96 1.07 8.74
C ALA A 133 -11.06 2.31 8.80
N HIS A 134 -11.63 3.46 8.45
CA HIS A 134 -10.88 4.71 8.46
C HIS A 134 -10.43 5.06 9.89
N ARG A 135 -9.15 4.82 10.17
CA ARG A 135 -8.60 5.11 11.49
C ARG A 135 -8.13 6.56 11.58
N LEU A 136 -7.29 6.96 10.63
CA LEU A 136 -6.76 8.31 10.60
C LEU A 136 -7.65 9.24 9.75
N SER A 137 -8.37 10.13 10.42
CA SER A 137 -9.26 11.06 9.74
C SER A 137 -8.52 11.77 8.60
N ALA A 138 -7.23 11.99 8.78
CA ALA A 138 -6.42 12.66 7.78
C ALA A 138 -5.95 11.68 6.71
N PHE A 139 -6.70 10.61 6.53
CA PHE A 139 -6.36 9.58 5.55
C PHE A 139 -5.96 10.22 4.22
N GLN A 140 -6.71 11.23 3.81
CA GLN A 140 -6.44 11.93 2.56
C GLN A 140 -4.97 12.31 2.46
N ARG A 141 -4.40 12.75 3.58
CA ARG A 141 -3.00 13.15 3.61
C ARG A 141 -2.10 12.02 3.13
N VAL A 142 -2.43 10.80 3.52
CA VAL A 142 -1.65 9.62 3.12
C VAL A 142 -1.45 9.59 1.61
N ASP A 143 -0.25 9.95 1.18
CA ASP A 143 0.08 9.96 -0.24
C ASP A 143 1.32 9.13 -0.52
N THR A 144 1.59 8.16 0.35
CA THR A 144 2.75 7.29 0.20
C THR A 144 2.37 5.82 0.38
N LEU A 145 2.96 4.96 -0.44
CA LEU A 145 2.68 3.54 -0.37
C LEU A 145 3.98 2.72 -0.43
N GLU A 146 4.35 2.13 0.69
CA GLU A 146 5.57 1.33 0.76
C GLU A 146 5.24 -0.15 0.96
N ILE A 147 6.09 -1.01 0.43
CA ILE A 147 5.88 -2.45 0.55
C ILE A 147 7.19 -3.16 0.88
N GLN A 148 7.27 -3.70 2.10
CA GLN A 148 8.46 -4.41 2.54
C GLN A 148 8.12 -5.83 3.00
N GLY A 149 9.15 -6.59 3.36
CA GLY A 149 8.93 -7.95 3.82
C GLY A 149 9.43 -8.98 2.81
N ASP A 150 8.67 -10.05 2.63
CA ASP A 150 9.04 -11.11 1.70
C ASP A 150 7.97 -11.28 0.62
N VAL A 151 8.14 -10.56 -0.49
CA VAL A 151 7.19 -10.64 -1.59
C VAL A 151 7.88 -10.35 -2.92
N THR A 152 7.31 -10.86 -4.01
CA THR A 152 7.87 -10.65 -5.33
C THR A 152 6.95 -9.79 -6.19
N LEU A 153 7.20 -8.49 -6.19
CA LEU A 153 6.39 -7.56 -6.97
C LEU A 153 6.77 -7.62 -8.46
N SER A 154 5.75 -7.61 -9.31
CA SER A 154 5.97 -7.66 -10.75
C SER A 154 5.37 -6.44 -11.44
N TYR A 155 4.20 -6.03 -10.98
CA TYR A 155 3.51 -4.88 -11.56
C TYR A 155 2.79 -4.07 -10.47
N VAL A 156 3.03 -2.77 -10.45
CA VAL A 156 2.40 -1.89 -9.47
C VAL A 156 2.01 -0.56 -10.09
N GLN A 157 0.71 -0.39 -10.33
CA GLN A 157 0.20 0.85 -10.92
C GLN A 157 -0.76 1.56 -9.97
N ILE A 158 -0.59 2.87 -9.84
CA ILE A 158 -1.44 3.65 -8.96
C ILE A 158 -2.44 4.49 -9.75
N SER A 159 -3.61 3.91 -10.00
CA SER A 159 -4.64 4.60 -10.77
C SER A 159 -5.07 5.89 -10.06
N GLY A 160 -5.95 6.64 -10.71
CA GLY A 160 -6.43 7.89 -10.14
C GLY A 160 -6.84 8.89 -11.19
N PRO A 161 -6.82 10.18 -10.82
CA PRO A 161 -7.19 11.27 -11.73
C PRO A 161 -6.16 11.47 -12.84
N SER A 162 -6.43 12.43 -13.73
CA SER A 162 -5.54 12.73 -14.84
C SER A 162 -4.87 14.08 -14.65
N SER A 163 -3.56 14.07 -14.43
CA SER A 163 -2.81 15.30 -14.25
C SER A 163 -2.06 15.69 -15.51
N GLY A 164 -2.73 15.53 -16.66
CA GLY A 164 -2.11 15.87 -17.93
C GLY A 164 -2.89 15.33 -19.11
N GLY A 1 6.46 15.46 28.41
CA GLY A 1 5.84 14.33 27.75
C GLY A 1 5.28 14.69 26.39
N SER A 2 6.14 15.20 25.52
CA SER A 2 5.73 15.58 24.17
C SER A 2 6.65 14.97 23.11
N SER A 3 6.41 13.70 22.79
CA SER A 3 7.21 13.00 21.80
C SER A 3 7.48 13.88 20.59
N GLY A 4 8.69 14.44 20.52
CA GLY A 4 9.05 15.30 19.41
C GLY A 4 10.49 15.10 18.97
N SER A 5 10.70 14.19 18.03
CA SER A 5 12.04 13.90 17.53
C SER A 5 12.20 14.43 16.10
N SER A 6 12.57 15.70 15.99
CA SER A 6 12.76 16.31 14.68
C SER A 6 14.23 16.23 14.23
N GLY A 7 14.44 15.74 13.01
CA GLY A 7 15.79 15.62 12.50
C GLY A 7 15.97 16.31 11.17
N HIS A 8 17.22 16.66 10.85
CA HIS A 8 17.51 17.33 9.58
C HIS A 8 16.67 16.78 8.45
N GLN A 9 16.40 17.61 7.45
CA GLN A 9 15.61 17.20 6.31
C GLN A 9 16.46 16.49 5.26
N GLN A 10 15.81 15.79 4.34
CA GLN A 10 16.51 15.07 3.29
C GLN A 10 17.09 16.03 2.26
N LEU A 11 18.39 16.23 2.31
CA LEU A 11 19.06 17.13 1.37
C LEU A 11 18.98 16.60 -0.06
N ASN A 12 18.90 15.28 -0.18
CA ASN A 12 18.81 14.64 -1.49
C ASN A 12 17.46 13.97 -1.68
N SER A 13 16.71 14.40 -2.68
CA SER A 13 15.39 13.84 -2.97
C SER A 13 15.31 13.37 -4.41
N LEU A 14 14.22 12.68 -4.73
CA LEU A 14 14.01 12.16 -6.08
C LEU A 14 12.75 12.75 -6.70
N PRO A 15 12.70 12.79 -8.05
CA PRO A 15 11.57 13.32 -8.79
C PRO A 15 10.33 12.44 -8.68
N THR A 16 9.23 12.89 -9.26
CA THR A 16 7.98 12.14 -9.23
C THR A 16 8.07 10.89 -10.10
N MET A 17 7.35 9.84 -9.69
CA MET A 17 7.35 8.59 -10.44
C MET A 17 6.11 8.49 -11.32
N GLU A 18 5.73 9.60 -11.94
CA GLU A 18 4.56 9.64 -12.81
C GLU A 18 4.87 9.02 -14.17
N GLY A 19 3.89 9.07 -15.07
CA GLY A 19 4.09 8.50 -16.39
C GLY A 19 3.56 7.08 -16.50
N PRO A 20 4.39 6.18 -17.05
CA PRO A 20 4.03 4.77 -17.22
C PRO A 20 3.95 4.02 -15.89
N PRO A 21 3.36 2.83 -15.92
CA PRO A 21 3.20 1.98 -14.73
C PRO A 21 4.53 1.42 -14.24
N THR A 22 4.47 0.58 -13.22
CA THR A 22 5.67 -0.02 -12.64
C THR A 22 5.93 -1.40 -13.23
N PHE A 23 7.19 -1.80 -13.26
CA PHE A 23 7.57 -3.11 -13.80
C PHE A 23 8.83 -3.62 -13.13
N ASN A 24 8.76 -4.85 -12.62
CA ASN A 24 9.90 -5.47 -11.95
C ASN A 24 10.42 -4.57 -10.83
N PRO A 25 9.50 -4.04 -10.02
CA PRO A 25 9.84 -3.15 -8.90
C PRO A 25 10.53 -3.90 -7.77
N PRO A 26 11.64 -3.33 -7.28
CA PRO A 26 12.42 -3.92 -6.19
C PRO A 26 11.69 -3.87 -4.85
N VAL A 27 12.36 -4.30 -3.79
CA VAL A 27 11.77 -4.30 -2.46
C VAL A 27 12.81 -3.94 -1.40
N PRO A 28 12.40 -3.10 -0.43
CA PRO A 28 11.05 -2.55 -0.39
C PRO A 28 10.79 -1.55 -1.50
N TYR A 29 9.57 -1.54 -2.02
CA TYR A 29 9.19 -0.62 -3.09
C TYR A 29 8.47 0.60 -2.54
N PHE A 30 9.03 1.77 -2.83
CA PHE A 30 8.43 3.03 -2.37
C PHE A 30 7.68 3.72 -3.49
N GLY A 31 6.35 3.61 -3.47
CA GLY A 31 5.54 4.23 -4.49
C GLY A 31 4.90 5.52 -4.03
N ARG A 32 5.39 6.64 -4.55
CA ARG A 32 4.87 7.94 -4.18
C ARG A 32 3.49 8.17 -4.79
N LEU A 33 2.51 8.46 -3.94
CA LEU A 33 1.15 8.71 -4.40
C LEU A 33 0.95 10.17 -4.76
N GLN A 34 0.72 10.43 -6.04
CA GLN A 34 0.51 11.79 -6.52
C GLN A 34 -0.95 12.21 -6.36
N GLY A 35 -1.31 12.61 -5.14
CA GLY A 35 -2.67 13.03 -4.87
C GLY A 35 -3.14 12.62 -3.50
N GLY A 36 -2.72 11.43 -3.05
CA GLY A 36 -3.12 10.94 -1.75
C GLY A 36 -4.36 10.06 -1.81
N LEU A 37 -4.81 9.60 -0.66
CA LEU A 37 -5.99 8.74 -0.58
C LEU A 37 -7.25 9.51 -0.95
N THR A 38 -7.68 9.37 -2.21
CA THR A 38 -8.87 10.05 -2.69
C THR A 38 -10.02 9.08 -2.88
N ALA A 39 -11.24 9.61 -2.95
CA ALA A 39 -12.42 8.78 -3.14
C ALA A 39 -12.37 8.03 -4.47
N ARG A 40 -11.67 8.61 -5.43
CA ARG A 40 -11.54 8.00 -6.76
C ARG A 40 -10.15 7.41 -6.94
N ARG A 41 -9.58 6.90 -5.86
CA ARG A 41 -8.24 6.30 -5.89
C ARG A 41 -8.33 4.79 -5.71
N THR A 42 -7.54 4.05 -6.49
CA THR A 42 -7.53 2.60 -6.41
C THR A 42 -6.11 2.06 -6.52
N ILE A 43 -5.67 1.34 -5.50
CA ILE A 43 -4.33 0.76 -5.48
C ILE A 43 -4.34 -0.67 -6.00
N ILE A 44 -3.36 -1.00 -6.82
CA ILE A 44 -3.25 -2.34 -7.39
C ILE A 44 -1.86 -2.93 -7.17
N ILE A 45 -1.80 -4.04 -6.44
CA ILE A 45 -0.53 -4.70 -6.16
C ILE A 45 -0.50 -6.10 -6.74
N LYS A 46 0.27 -6.28 -7.82
CA LYS A 46 0.39 -7.58 -8.47
C LYS A 46 1.81 -8.13 -8.33
N GLY A 47 1.95 -9.18 -7.52
CA GLY A 47 3.25 -9.78 -7.32
C GLY A 47 3.17 -11.29 -7.18
N TYR A 48 4.01 -11.85 -6.31
CA TYR A 48 4.04 -13.30 -6.10
C TYR A 48 4.86 -13.64 -4.87
N VAL A 49 4.28 -14.43 -3.98
CA VAL A 49 4.96 -14.85 -2.76
C VAL A 49 5.95 -15.98 -3.02
N PRO A 50 7.23 -15.73 -2.75
CA PRO A 50 8.29 -16.73 -2.96
C PRO A 50 8.20 -17.89 -1.97
N PRO A 51 8.81 -19.03 -2.33
CA PRO A 51 8.82 -20.23 -1.51
C PRO A 51 9.66 -20.06 -0.25
N THR A 52 10.54 -19.06 -0.26
CA THR A 52 11.41 -18.79 0.88
C THR A 52 11.00 -17.50 1.59
N GLY A 53 9.77 -17.07 1.35
CA GLY A 53 9.29 -15.85 1.98
C GLY A 53 8.12 -16.10 2.92
N LYS A 54 8.30 -15.73 4.18
CA LYS A 54 7.26 -15.93 5.18
C LYS A 54 6.02 -15.10 4.85
N SER A 55 6.21 -13.79 4.76
CA SER A 55 5.10 -12.88 4.45
C SER A 55 5.61 -11.46 4.24
N PHE A 56 4.75 -10.60 3.70
CA PHE A 56 5.11 -9.21 3.45
C PHE A 56 4.21 -8.27 4.24
N ALA A 57 4.34 -6.97 3.96
CA ALA A 57 3.54 -5.96 4.65
C ALA A 57 3.39 -4.71 3.80
N ILE A 58 2.17 -4.20 3.71
CA ILE A 58 1.89 -3.00 2.94
C ILE A 58 1.42 -1.85 3.82
N ASN A 59 2.35 -0.96 4.17
CA ASN A 59 2.03 0.18 5.01
C ASN A 59 1.84 1.44 4.17
N PHE A 60 0.90 2.28 4.59
CA PHE A 60 0.62 3.52 3.87
C PHE A 60 0.94 4.74 4.75
N LYS A 61 2.12 5.31 4.54
CA LYS A 61 2.55 6.48 5.31
C LYS A 61 2.24 7.76 4.55
N VAL A 62 2.36 8.89 5.25
CA VAL A 62 2.10 10.19 4.64
C VAL A 62 3.40 10.89 4.24
N GLY A 63 3.49 11.27 2.97
CA GLY A 63 4.69 11.94 2.49
C GLY A 63 4.96 13.25 3.22
N SER A 64 3.89 13.97 3.55
CA SER A 64 4.01 15.24 4.24
C SER A 64 4.58 15.04 5.65
N SER A 65 3.75 14.51 6.54
CA SER A 65 4.16 14.27 7.92
C SER A 65 4.95 12.97 8.03
N GLY A 66 4.25 11.84 7.92
CA GLY A 66 4.91 10.56 8.02
C GLY A 66 4.18 9.60 8.93
N ASP A 67 2.85 9.61 8.86
CA ASP A 67 2.03 8.73 9.69
C ASP A 67 1.37 7.64 8.85
N ILE A 68 1.28 6.44 9.42
CA ILE A 68 0.68 5.31 8.72
C ILE A 68 -0.80 5.21 9.03
N ALA A 69 -1.64 5.41 8.00
CA ALA A 69 -3.08 5.35 8.17
C ALA A 69 -3.57 3.90 8.06
N LEU A 70 -2.88 3.11 7.26
CA LEU A 70 -3.24 1.70 7.07
C LEU A 70 -1.99 0.82 6.99
N HIS A 71 -1.99 -0.26 7.76
CA HIS A 71 -0.86 -1.18 7.77
C HIS A 71 -1.34 -2.63 7.70
N ILE A 72 -1.43 -3.16 6.49
CA ILE A 72 -1.87 -4.53 6.29
C ILE A 72 -0.69 -5.49 6.14
N ASN A 73 -0.74 -6.60 6.85
CA ASN A 73 0.33 -7.59 6.79
C ASN A 73 -0.24 -9.00 6.80
N PRO A 74 -0.18 -9.67 5.64
CA PRO A 74 -0.70 -11.04 5.49
C PRO A 74 0.17 -12.06 6.22
N ARG A 75 -0.43 -13.19 6.58
CA ARG A 75 0.28 -14.25 7.29
C ARG A 75 0.03 -15.60 6.64
N MET A 76 0.99 -16.06 5.84
CA MET A 76 0.87 -17.34 5.16
C MET A 76 0.81 -18.49 6.17
N GLY A 77 0.33 -19.64 5.72
CA GLY A 77 0.23 -20.80 6.60
C GLY A 77 -1.05 -20.80 7.40
N ASN A 78 -1.18 -19.86 8.32
CA ASN A 78 -2.37 -19.76 9.16
C ASN A 78 -3.54 -19.18 8.38
N GLY A 79 -3.35 -17.98 7.84
CA GLY A 79 -4.40 -17.34 7.07
C GLY A 79 -5.07 -16.20 7.83
N THR A 80 -4.25 -15.31 8.40
CA THR A 80 -4.76 -14.18 9.16
C THR A 80 -3.99 -12.91 8.82
N VAL A 81 -4.71 -11.92 8.28
CA VAL A 81 -4.10 -10.64 7.92
C VAL A 81 -4.41 -9.57 8.95
N VAL A 82 -3.38 -9.11 9.64
CA VAL A 82 -3.55 -8.07 10.66
C VAL A 82 -3.53 -6.68 10.03
N ARG A 83 -4.36 -5.78 10.57
CA ARG A 83 -4.44 -4.42 10.06
C ARG A 83 -4.21 -3.41 11.18
N ASN A 84 -3.24 -2.52 10.98
CA ASN A 84 -2.92 -1.50 11.97
C ASN A 84 -2.71 -0.15 11.31
N SER A 85 -2.48 0.88 12.13
CA SER A 85 -2.27 2.23 11.62
C SER A 85 -1.47 3.07 12.62
N LEU A 86 -0.21 3.29 12.32
CA LEU A 86 0.66 4.08 13.19
C LEU A 86 0.38 5.57 13.03
N LEU A 87 -0.12 6.18 14.11
CA LEU A 87 -0.43 7.60 14.10
C LEU A 87 0.75 8.42 14.59
N ASN A 88 0.74 9.72 14.29
CA ASN A 88 1.81 10.62 14.71
C ASN A 88 2.24 10.31 16.14
N GLY A 89 3.36 9.61 16.29
CA GLY A 89 3.86 9.27 17.61
C GLY A 89 2.93 8.33 18.34
N SER A 90 1.81 7.98 17.73
CA SER A 90 0.84 7.09 18.34
C SER A 90 0.54 5.90 17.42
N TRP A 91 -0.18 4.93 17.94
CA TRP A 91 -0.53 3.73 17.18
C TRP A 91 -2.03 3.47 17.24
N GLY A 92 -2.53 2.69 16.28
CA GLY A 92 -3.95 2.37 16.26
C GLY A 92 -4.27 1.10 17.01
N SER A 93 -4.49 0.02 16.27
CA SER A 93 -4.82 -1.27 16.87
C SER A 93 -4.71 -2.40 15.85
N GLU A 94 -4.87 -3.64 16.32
CA GLU A 94 -4.79 -4.79 15.44
C GLU A 94 -6.19 -5.24 15.00
N GLU A 95 -6.38 -5.30 13.68
CA GLU A 95 -7.67 -5.71 13.12
C GLU A 95 -7.51 -6.93 12.23
N LYS A 96 -8.13 -8.03 12.63
CA LYS A 96 -8.06 -9.28 11.88
C LYS A 96 -9.45 -9.73 11.46
N LYS A 97 -9.65 -9.89 10.14
CA LYS A 97 -10.94 -10.33 9.61
C LYS A 97 -10.86 -10.54 8.10
N ILE A 98 -10.84 -11.80 7.69
CA ILE A 98 -10.76 -12.13 6.27
C ILE A 98 -11.50 -13.43 5.97
N THR A 99 -12.10 -13.49 4.78
CA THR A 99 -12.85 -14.69 4.38
C THR A 99 -11.90 -15.77 3.85
N HIS A 100 -10.95 -15.37 3.01
CA HIS A 100 -9.99 -16.30 2.44
C HIS A 100 -8.65 -15.62 2.20
N ASN A 101 -7.56 -16.35 2.46
CA ASN A 101 -6.22 -15.81 2.27
C ASN A 101 -5.61 -16.33 0.97
N PRO A 102 -5.61 -15.47 -0.06
CA PRO A 102 -5.05 -15.82 -1.37
C PRO A 102 -3.53 -15.94 -1.34
N PHE A 103 -2.90 -15.18 -0.46
CA PHE A 103 -1.45 -15.20 -0.33
C PHE A 103 -0.96 -16.61 0.00
N GLY A 104 -0.20 -17.18 -0.93
CA GLY A 104 0.33 -18.53 -0.72
C GLY A 104 1.76 -18.67 -1.22
N PRO A 105 2.58 -19.40 -0.45
CA PRO A 105 3.99 -19.62 -0.80
C PRO A 105 4.14 -20.55 -2.01
N GLY A 106 4.61 -19.98 -3.12
CA GLY A 106 4.79 -20.76 -4.33
C GLY A 106 3.75 -20.46 -5.39
N GLN A 107 2.85 -19.53 -5.08
CA GLN A 107 1.79 -19.15 -6.01
C GLN A 107 1.60 -17.64 -6.02
N PHE A 108 1.34 -17.09 -7.21
CA PHE A 108 1.13 -15.66 -7.35
C PHE A 108 -0.17 -15.21 -6.68
N PHE A 109 -0.40 -13.91 -6.66
CA PHE A 109 -1.61 -13.36 -6.05
C PHE A 109 -1.87 -11.95 -6.54
N ASP A 110 -3.11 -11.68 -6.93
CA ASP A 110 -3.49 -10.35 -7.43
C ASP A 110 -4.28 -9.59 -6.36
N LEU A 111 -3.62 -8.60 -5.77
CA LEU A 111 -4.26 -7.79 -4.73
C LEU A 111 -4.53 -6.38 -5.25
N SER A 112 -5.71 -5.85 -4.90
CA SER A 112 -6.09 -4.52 -5.33
C SER A 112 -6.92 -3.82 -4.25
N ILE A 113 -6.38 -2.76 -3.67
CA ILE A 113 -7.07 -2.02 -2.63
C ILE A 113 -7.83 -0.83 -3.22
N ARG A 114 -9.06 -0.64 -2.75
CA ARG A 114 -9.90 0.46 -3.23
C ARG A 114 -10.07 1.52 -2.15
N CYS A 115 -9.66 2.75 -2.46
CA CYS A 115 -9.77 3.85 -1.52
C CYS A 115 -11.08 4.60 -1.71
N GLY A 116 -11.88 4.68 -0.65
CA GLY A 116 -13.15 5.37 -0.73
C GLY A 116 -13.28 6.46 0.30
N LEU A 117 -14.51 6.72 0.75
CA LEU A 117 -14.76 7.76 1.74
C LEU A 117 -15.14 7.14 3.08
N ASP A 118 -15.97 6.10 3.03
CA ASP A 118 -16.41 5.41 4.25
C ASP A 118 -15.34 4.44 4.74
N ARG A 119 -14.70 3.76 3.81
CA ARG A 119 -13.66 2.79 4.15
C ARG A 119 -12.97 2.25 2.90
N PHE A 120 -12.01 1.37 3.09
CA PHE A 120 -11.28 0.78 1.97
C PHE A 120 -11.85 -0.60 1.62
N LYS A 121 -11.65 -1.00 0.37
CA LYS A 121 -12.14 -2.29 -0.10
C LYS A 121 -11.04 -3.07 -0.82
N VAL A 122 -10.43 -4.03 -0.11
CA VAL A 122 -9.37 -4.83 -0.68
C VAL A 122 -9.93 -6.06 -1.39
N TYR A 123 -9.52 -6.26 -2.64
CA TYR A 123 -9.97 -7.40 -3.42
C TYR A 123 -8.81 -8.28 -3.85
N ALA A 124 -9.07 -9.57 -4.00
CA ALA A 124 -8.04 -10.52 -4.41
C ALA A 124 -8.55 -11.46 -5.50
N ASN A 125 -8.04 -11.28 -6.71
CA ASN A 125 -8.45 -12.11 -7.84
C ASN A 125 -9.95 -12.01 -8.08
N GLY A 126 -10.51 -10.84 -7.77
CA GLY A 126 -11.93 -10.63 -7.96
C GLY A 126 -12.76 -11.19 -6.82
N GLN A 127 -12.24 -11.06 -5.60
CA GLN A 127 -12.94 -11.57 -4.41
C GLN A 127 -12.74 -10.63 -3.23
N HIS A 128 -13.84 -10.24 -2.59
CA HIS A 128 -13.79 -9.35 -1.44
C HIS A 128 -12.95 -9.96 -0.32
N LEU A 129 -11.74 -9.42 -0.12
CA LEU A 129 -10.84 -9.90 0.92
C LEU A 129 -11.26 -9.39 2.29
N PHE A 130 -11.16 -8.08 2.49
CA PHE A 130 -11.53 -7.47 3.76
C PHE A 130 -11.64 -5.96 3.61
N ASP A 131 -12.17 -5.31 4.64
CA ASP A 131 -12.34 -3.86 4.63
C ASP A 131 -11.47 -3.20 5.70
N PHE A 132 -11.04 -1.98 5.44
CA PHE A 132 -10.20 -1.25 6.39
C PHE A 132 -10.90 0.03 6.86
N ALA A 133 -11.35 0.02 8.11
CA ALA A 133 -12.03 1.17 8.68
C ALA A 133 -11.10 2.38 8.74
N HIS A 134 -11.62 3.55 8.34
CA HIS A 134 -10.84 4.77 8.35
C HIS A 134 -10.44 5.15 9.77
N ARG A 135 -9.16 4.98 10.09
CA ARG A 135 -8.65 5.30 11.41
C ARG A 135 -8.18 6.74 11.48
N LEU A 136 -7.38 7.15 10.50
CA LEU A 136 -6.86 8.51 10.45
C LEU A 136 -7.75 9.41 9.59
N SER A 137 -8.46 10.32 10.24
CA SER A 137 -9.36 11.23 9.54
C SER A 137 -8.64 11.91 8.38
N ALA A 138 -7.35 12.15 8.55
CA ALA A 138 -6.54 12.79 7.52
C ALA A 138 -5.98 11.77 6.55
N PHE A 139 -6.74 10.71 6.31
CA PHE A 139 -6.31 9.65 5.40
C PHE A 139 -5.86 10.23 4.06
N GLN A 140 -6.47 11.35 3.67
CA GLN A 140 -6.13 12.01 2.41
C GLN A 140 -4.65 12.33 2.36
N ARG A 141 -4.12 12.91 3.44
CA ARG A 141 -2.71 13.27 3.51
C ARG A 141 -1.83 12.12 3.04
N VAL A 142 -2.15 10.91 3.49
CA VAL A 142 -1.38 9.73 3.10
C VAL A 142 -1.06 9.74 1.62
N ASP A 143 0.19 10.07 1.29
CA ASP A 143 0.63 10.12 -0.09
C ASP A 143 1.91 9.31 -0.29
N THR A 144 2.05 8.25 0.50
CA THR A 144 3.21 7.38 0.42
C THR A 144 2.83 5.91 0.61
N LEU A 145 3.17 5.08 -0.36
CA LEU A 145 2.86 3.66 -0.30
C LEU A 145 4.14 2.82 -0.36
N GLU A 146 4.51 2.23 0.77
CA GLU A 146 5.71 1.41 0.83
C GLU A 146 5.35 -0.06 1.03
N ILE A 147 6.21 -0.96 0.56
CA ILE A 147 5.98 -2.38 0.68
C ILE A 147 7.28 -3.12 1.04
N GLN A 148 7.33 -3.67 2.24
CA GLN A 148 8.51 -4.41 2.69
C GLN A 148 8.13 -5.83 3.11
N GLY A 149 9.15 -6.65 3.37
CA GLY A 149 8.91 -8.03 3.77
C GLY A 149 9.38 -9.02 2.74
N ASP A 150 8.69 -10.15 2.64
CA ASP A 150 9.04 -11.19 1.68
C ASP A 150 7.98 -11.31 0.59
N VAL A 151 8.15 -10.54 -0.48
CA VAL A 151 7.20 -10.55 -1.58
C VAL A 151 7.90 -10.25 -2.90
N THR A 152 7.30 -10.72 -4.00
CA THR A 152 7.87 -10.50 -5.33
C THR A 152 6.95 -9.65 -6.19
N LEU A 153 7.18 -8.35 -6.20
CA LEU A 153 6.36 -7.42 -6.98
C LEU A 153 6.71 -7.51 -8.46
N SER A 154 5.69 -7.46 -9.31
CA SER A 154 5.89 -7.53 -10.75
C SER A 154 5.20 -6.37 -11.46
N TYR A 155 4.05 -5.97 -10.93
CA TYR A 155 3.29 -4.86 -11.52
C TYR A 155 2.55 -4.09 -10.44
N VAL A 156 2.78 -2.78 -10.39
CA VAL A 156 2.14 -1.92 -9.40
C VAL A 156 1.70 -0.59 -10.04
N GLN A 157 0.40 -0.45 -10.24
CA GLN A 157 -0.16 0.76 -10.83
C GLN A 157 -1.13 1.43 -9.87
N ILE A 158 -1.09 2.77 -9.85
CA ILE A 158 -1.97 3.54 -8.97
C ILE A 158 -3.02 4.29 -9.78
N SER A 159 -4.22 3.71 -9.88
CA SER A 159 -5.31 4.33 -10.62
C SER A 159 -5.43 5.80 -10.29
N GLY A 160 -5.73 6.62 -11.29
CA GLY A 160 -5.88 8.05 -11.08
C GLY A 160 -7.30 8.44 -10.73
N PRO A 161 -7.51 9.75 -10.47
CA PRO A 161 -8.83 10.27 -10.13
C PRO A 161 -9.79 10.26 -11.32
N SER A 162 -9.24 10.12 -12.53
CA SER A 162 -10.04 10.10 -13.74
C SER A 162 -9.62 8.94 -14.64
N SER A 163 -10.61 8.20 -15.14
CA SER A 163 -10.34 7.06 -16.01
C SER A 163 -11.25 7.09 -17.24
N GLY A 164 -10.65 6.89 -18.41
CA GLY A 164 -11.42 6.91 -19.64
C GLY A 164 -10.54 6.75 -20.87
N GLY A 1 14.44 41.55 0.87
CA GLY A 1 13.98 40.63 -0.15
C GLY A 1 12.64 40.01 0.20
N SER A 2 11.97 39.44 -0.80
CA SER A 2 10.67 38.82 -0.59
C SER A 2 10.75 37.31 -0.86
N SER A 3 11.23 36.95 -2.05
CA SER A 3 11.35 35.55 -2.43
C SER A 3 12.74 35.26 -2.99
N GLY A 4 13.17 34.01 -2.86
CA GLY A 4 14.47 33.62 -3.36
C GLY A 4 15.05 32.44 -2.61
N SER A 5 14.85 31.24 -3.15
CA SER A 5 15.36 30.02 -2.51
C SER A 5 16.24 29.24 -3.48
N SER A 6 17.11 28.40 -2.92
CA SER A 6 18.02 27.60 -3.73
C SER A 6 17.46 26.18 -3.93
N GLY A 7 17.04 25.57 -2.84
CA GLY A 7 16.49 24.22 -2.91
C GLY A 7 17.38 23.19 -2.25
N HIS A 8 16.86 22.55 -1.21
CA HIS A 8 17.62 21.54 -0.48
C HIS A 8 17.54 20.19 -1.19
N GLN A 9 18.69 19.56 -1.40
CA GLN A 9 18.75 18.27 -2.06
C GLN A 9 18.37 17.14 -1.10
N GLN A 10 17.07 16.85 -1.03
CA GLN A 10 16.59 15.79 -0.15
C GLN A 10 15.91 14.69 -0.95
N LEU A 11 16.71 13.77 -1.48
CA LEU A 11 16.18 12.65 -2.27
C LEU A 11 16.49 11.32 -1.59
N ASN A 12 16.29 11.26 -0.28
CA ASN A 12 16.55 10.04 0.47
C ASN A 12 15.72 8.88 -0.06
N SER A 13 14.47 9.17 -0.42
CA SER A 13 13.58 8.15 -0.95
C SER A 13 13.39 8.31 -2.45
N LEU A 14 13.00 7.22 -3.11
CA LEU A 14 12.78 7.24 -4.56
C LEU A 14 11.88 8.40 -4.95
N PRO A 15 12.06 8.90 -6.19
CA PRO A 15 11.26 10.01 -6.72
C PRO A 15 9.82 9.61 -7.00
N THR A 16 9.12 10.42 -7.78
CA THR A 16 7.73 10.16 -8.12
C THR A 16 7.63 9.30 -9.37
N MET A 17 6.58 8.48 -9.45
CA MET A 17 6.36 7.61 -10.60
C MET A 17 5.41 8.27 -11.60
N GLU A 18 5.97 8.80 -12.68
CA GLU A 18 5.17 9.45 -13.70
C GLU A 18 5.21 8.66 -15.01
N GLY A 19 4.27 8.95 -15.90
CA GLY A 19 4.22 8.26 -17.17
C GLY A 19 3.61 6.87 -17.06
N PRO A 20 4.29 5.88 -17.65
CA PRO A 20 3.83 4.48 -17.62
C PRO A 20 3.96 3.86 -16.23
N PRO A 21 3.34 2.68 -16.05
CA PRO A 21 3.36 1.96 -14.78
C PRO A 21 4.75 1.41 -14.45
N THR A 22 4.85 0.72 -13.31
CA THR A 22 6.12 0.14 -12.88
C THR A 22 6.21 -1.33 -13.25
N PHE A 23 7.42 -1.80 -13.52
CA PHE A 23 7.64 -3.19 -13.88
C PHE A 23 8.89 -3.75 -13.21
N ASN A 24 8.73 -4.88 -12.52
CA ASN A 24 9.84 -5.51 -11.83
C ASN A 24 10.40 -4.60 -10.74
N PRO A 25 9.49 -4.02 -9.93
CA PRO A 25 9.86 -3.12 -8.85
C PRO A 25 10.56 -3.86 -7.70
N PRO A 26 11.65 -3.24 -7.19
CA PRO A 26 12.43 -3.82 -6.08
C PRO A 26 11.67 -3.80 -4.77
N VAL A 27 12.32 -4.26 -3.71
CA VAL A 27 11.71 -4.28 -2.38
C VAL A 27 12.72 -3.92 -1.30
N PRO A 28 12.29 -3.11 -0.33
CA PRO A 28 10.93 -2.58 -0.29
C PRO A 28 10.67 -1.57 -1.40
N TYR A 29 9.45 -1.57 -1.94
CA TYR A 29 9.08 -0.65 -3.00
C TYR A 29 8.35 0.57 -2.44
N PHE A 30 8.94 1.74 -2.61
CA PHE A 30 8.34 2.98 -2.12
C PHE A 30 7.65 3.74 -3.25
N GLY A 31 6.33 3.64 -3.31
CA GLY A 31 5.57 4.33 -4.35
C GLY A 31 5.00 5.64 -3.87
N ARG A 32 5.55 6.74 -4.39
CA ARG A 32 5.09 8.08 -4.01
C ARG A 32 3.73 8.38 -4.64
N LEU A 33 2.68 8.29 -3.83
CA LEU A 33 1.32 8.55 -4.31
C LEU A 33 1.12 10.03 -4.58
N GLN A 34 0.91 10.37 -5.85
CA GLN A 34 0.70 11.76 -6.24
C GLN A 34 -0.77 12.15 -6.10
N GLY A 35 -1.11 12.74 -4.96
CA GLY A 35 -2.48 13.15 -4.72
C GLY A 35 -3.00 12.69 -3.38
N GLY A 36 -2.53 11.53 -2.93
CA GLY A 36 -2.97 10.99 -1.65
C GLY A 36 -4.21 10.14 -1.77
N LEU A 37 -4.59 9.50 -0.67
CA LEU A 37 -5.79 8.64 -0.66
C LEU A 37 -7.03 9.41 -1.11
N THR A 38 -7.46 9.17 -2.33
CA THR A 38 -8.64 9.83 -2.87
C THR A 38 -9.75 8.83 -3.18
N ALA A 39 -11.00 9.29 -3.07
CA ALA A 39 -12.15 8.43 -3.34
C ALA A 39 -12.11 7.90 -4.77
N ARG A 40 -11.38 8.59 -5.64
CA ARG A 40 -11.26 8.18 -7.03
C ARG A 40 -9.92 7.53 -7.30
N ARG A 41 -9.33 6.95 -6.26
CA ARG A 41 -8.04 6.29 -6.39
C ARG A 41 -8.15 4.80 -6.09
N THR A 42 -7.40 3.99 -6.83
CA THR A 42 -7.42 2.54 -6.64
C THR A 42 -6.01 1.96 -6.69
N ILE A 43 -5.61 1.29 -5.61
CA ILE A 43 -4.29 0.70 -5.53
C ILE A 43 -4.31 -0.75 -6.03
N ILE A 44 -3.35 -1.08 -6.88
CA ILE A 44 -3.26 -2.43 -7.43
C ILE A 44 -1.85 -3.01 -7.25
N ILE A 45 -1.75 -4.08 -6.49
CA ILE A 45 -0.47 -4.73 -6.24
C ILE A 45 -0.44 -6.14 -6.81
N LYS A 46 0.29 -6.32 -7.91
CA LYS A 46 0.42 -7.62 -8.55
C LYS A 46 1.82 -8.18 -8.40
N GLY A 47 1.94 -9.25 -7.61
CA GLY A 47 3.24 -9.87 -7.39
C GLY A 47 3.15 -11.38 -7.28
N TYR A 48 3.97 -11.96 -6.42
CA TYR A 48 3.99 -13.41 -6.22
C TYR A 48 4.78 -13.77 -4.98
N VAL A 49 4.11 -14.39 -4.02
CA VAL A 49 4.75 -14.81 -2.77
C VAL A 49 5.72 -15.96 -3.01
N PRO A 50 7.02 -15.71 -2.79
CA PRO A 50 8.07 -16.71 -2.97
C PRO A 50 8.00 -17.82 -1.92
N PRO A 51 8.61 -18.98 -2.25
CA PRO A 51 8.63 -20.13 -1.34
C PRO A 51 9.51 -19.90 -0.12
N THR A 52 10.48 -19.01 -0.26
CA THR A 52 11.39 -18.70 0.83
C THR A 52 10.99 -17.39 1.52
N GLY A 53 9.77 -16.94 1.26
CA GLY A 53 9.30 -15.70 1.86
C GLY A 53 8.22 -15.94 2.90
N LYS A 54 8.50 -15.54 4.14
CA LYS A 54 7.54 -15.71 5.23
C LYS A 54 6.26 -14.93 4.96
N SER A 55 6.39 -13.63 4.80
CA SER A 55 5.24 -12.76 4.53
C SER A 55 5.69 -11.32 4.29
N PHE A 56 4.80 -10.53 3.68
CA PHE A 56 5.10 -9.13 3.39
C PHE A 56 4.18 -8.20 4.17
N ALA A 57 4.29 -6.91 3.90
CA ALA A 57 3.47 -5.91 4.57
C ALA A 57 3.36 -4.64 3.74
N ILE A 58 2.15 -4.08 3.67
CA ILE A 58 1.92 -2.87 2.92
C ILE A 58 1.44 -1.73 3.82
N ASN A 59 2.36 -0.84 4.17
CA ASN A 59 2.03 0.29 5.04
C ASN A 59 1.81 1.56 4.21
N PHE A 60 0.87 2.39 4.64
CA PHE A 60 0.57 3.64 3.95
C PHE A 60 0.90 4.84 4.82
N LYS A 61 2.07 5.42 4.59
CA LYS A 61 2.52 6.58 5.36
C LYS A 61 2.21 7.87 4.61
N VAL A 62 2.33 9.00 5.31
CA VAL A 62 2.07 10.30 4.71
C VAL A 62 3.36 11.01 4.32
N GLY A 63 3.49 11.35 3.04
CA GLY A 63 4.68 12.02 2.56
C GLY A 63 4.93 13.33 3.28
N SER A 64 3.86 14.08 3.53
CA SER A 64 3.98 15.36 4.22
C SER A 64 4.49 15.17 5.65
N SER A 65 3.64 14.62 6.50
CA SER A 65 4.01 14.39 7.89
C SER A 65 4.87 13.12 8.04
N GLY A 66 4.23 11.97 7.92
CA GLY A 66 4.96 10.71 8.04
C GLY A 66 4.28 9.74 8.98
N ASP A 67 2.95 9.66 8.92
CA ASP A 67 2.19 8.77 9.77
C ASP A 67 1.50 7.69 8.95
N ILE A 68 1.46 6.47 9.49
CA ILE A 68 0.84 5.35 8.81
C ILE A 68 -0.65 5.26 9.14
N ALA A 69 -1.48 5.38 8.12
CA ALA A 69 -2.93 5.30 8.29
C ALA A 69 -3.43 3.87 8.17
N LEU A 70 -2.78 3.09 7.31
CA LEU A 70 -3.17 1.70 7.11
C LEU A 70 -1.93 0.81 7.01
N HIS A 71 -1.93 -0.29 7.76
CA HIS A 71 -0.82 -1.22 7.75
C HIS A 71 -1.32 -2.67 7.66
N ILE A 72 -1.40 -3.19 6.44
CA ILE A 72 -1.86 -4.56 6.23
C ILE A 72 -0.68 -5.52 6.06
N ASN A 73 -0.74 -6.64 6.76
CA ASN A 73 0.30 -7.64 6.69
C ASN A 73 -0.27 -9.05 6.70
N PRO A 74 -0.24 -9.71 5.53
CA PRO A 74 -0.75 -11.08 5.37
C PRO A 74 0.10 -12.11 6.10
N ARG A 75 -0.51 -13.23 6.47
CA ARG A 75 0.18 -14.30 7.17
C ARG A 75 -0.12 -15.65 6.54
N MET A 76 0.76 -16.08 5.64
CA MET A 76 0.58 -17.37 4.96
C MET A 76 0.26 -18.47 5.97
N GLY A 77 0.70 -18.29 7.21
CA GLY A 77 0.46 -19.27 8.24
C GLY A 77 -1.01 -19.65 8.35
N ASN A 78 -1.73 -18.98 9.25
CA ASN A 78 -3.14 -19.25 9.46
C ASN A 78 -3.99 -18.36 8.55
N GLY A 79 -3.38 -17.84 7.49
CA GLY A 79 -4.10 -17.00 6.55
C GLY A 79 -4.78 -15.83 7.25
N THR A 80 -4.12 -15.25 8.23
CA THR A 80 -4.67 -14.12 8.98
C THR A 80 -3.96 -12.83 8.63
N VAL A 81 -4.70 -11.88 8.07
CA VAL A 81 -4.13 -10.59 7.69
C VAL A 81 -4.43 -9.52 8.75
N VAL A 82 -3.40 -9.09 9.46
CA VAL A 82 -3.55 -8.08 10.50
C VAL A 82 -3.55 -6.67 9.90
N ARG A 83 -4.33 -5.79 10.49
CA ARG A 83 -4.42 -4.40 10.02
C ARG A 83 -4.14 -3.42 11.14
N ASN A 84 -3.15 -2.55 10.93
CA ASN A 84 -2.77 -1.56 11.93
C ASN A 84 -2.58 -0.19 11.28
N SER A 85 -2.29 0.81 12.10
CA SER A 85 -2.08 2.17 11.62
C SER A 85 -1.32 3.01 12.64
N LEU A 86 -0.04 3.25 12.36
CA LEU A 86 0.81 4.03 13.26
C LEU A 86 0.53 5.52 13.11
N LEU A 87 0.09 6.15 14.20
CA LEU A 87 -0.21 7.57 14.19
C LEU A 87 0.97 8.39 14.71
N ASN A 88 0.97 9.68 14.40
CA ASN A 88 2.05 10.57 14.84
C ASN A 88 2.50 10.20 16.25
N GLY A 89 3.64 9.51 16.34
CA GLY A 89 4.16 9.13 17.64
C GLY A 89 3.24 8.16 18.37
N SER A 90 2.06 7.92 17.81
CA SER A 90 1.09 7.02 18.42
C SER A 90 0.80 5.84 17.49
N TRP A 91 0.09 4.85 18.03
CA TRP A 91 -0.25 3.66 17.25
C TRP A 91 -1.75 3.37 17.33
N GLY A 92 -2.24 2.58 16.39
CA GLY A 92 -3.65 2.25 16.37
C GLY A 92 -3.95 0.95 17.11
N SER A 93 -4.32 -0.09 16.35
CA SER A 93 -4.64 -1.38 16.94
C SER A 93 -4.54 -2.49 15.89
N GLU A 94 -4.78 -3.72 16.33
CA GLU A 94 -4.71 -4.87 15.43
C GLU A 94 -6.11 -5.34 15.05
N GLU A 95 -6.38 -5.39 13.75
CA GLU A 95 -7.69 -5.82 13.26
C GLU A 95 -7.54 -7.00 12.31
N LYS A 96 -8.12 -8.14 12.70
CA LYS A 96 -8.05 -9.35 11.88
C LYS A 96 -9.46 -9.80 11.48
N LYS A 97 -9.70 -9.87 10.17
CA LYS A 97 -10.98 -10.29 9.65
C LYS A 97 -10.94 -10.46 8.14
N ILE A 98 -10.97 -11.72 7.70
CA ILE A 98 -10.93 -12.02 6.27
C ILE A 98 -11.73 -13.29 5.96
N THR A 99 -12.25 -13.36 4.73
CA THR A 99 -13.03 -14.51 4.30
C THR A 99 -12.14 -15.63 3.78
N HIS A 100 -11.19 -15.27 2.93
CA HIS A 100 -10.26 -16.25 2.36
C HIS A 100 -8.90 -15.62 2.13
N ASN A 101 -7.84 -16.33 2.54
CA ASN A 101 -6.48 -15.84 2.37
C ASN A 101 -5.79 -16.56 1.22
N PRO A 102 -5.77 -15.92 0.04
CA PRO A 102 -5.14 -16.47 -1.16
C PRO A 102 -3.62 -16.52 -1.05
N PHE A 103 -3.04 -15.45 -0.52
CA PHE A 103 -1.59 -15.37 -0.35
C PHE A 103 -1.00 -16.74 -0.04
N GLY A 104 -0.25 -17.30 -1.00
CA GLY A 104 0.36 -18.60 -0.80
C GLY A 104 1.81 -18.63 -1.21
N PRO A 105 2.65 -19.26 -0.37
CA PRO A 105 4.09 -19.36 -0.64
C PRO A 105 4.40 -20.28 -1.82
N GLY A 106 4.62 -19.68 -2.98
CA GLY A 106 4.92 -20.47 -4.16
C GLY A 106 3.91 -20.27 -5.27
N GLN A 107 2.93 -19.39 -5.02
CA GLN A 107 1.89 -19.11 -6.00
C GLN A 107 1.64 -17.62 -6.13
N PHE A 108 1.25 -17.18 -7.32
CA PHE A 108 0.98 -15.76 -7.56
C PHE A 108 -0.23 -15.30 -6.77
N PHE A 109 -0.43 -13.98 -6.74
CA PHE A 109 -1.55 -13.40 -6.01
C PHE A 109 -1.83 -11.98 -6.49
N ASP A 110 -3.07 -11.73 -6.89
CA ASP A 110 -3.47 -10.41 -7.37
C ASP A 110 -4.24 -9.65 -6.30
N LEU A 111 -3.61 -8.64 -5.72
CA LEU A 111 -4.23 -7.83 -4.68
C LEU A 111 -4.51 -6.42 -5.18
N SER A 112 -5.66 -5.88 -4.82
CA SER A 112 -6.05 -4.54 -5.23
C SER A 112 -6.86 -3.84 -4.14
N ILE A 113 -6.29 -2.77 -3.59
CA ILE A 113 -6.96 -2.01 -2.53
C ILE A 113 -7.69 -0.81 -3.11
N ARG A 114 -8.94 -0.62 -2.69
CA ARG A 114 -9.74 0.49 -3.16
C ARG A 114 -9.86 1.56 -2.08
N CYS A 115 -9.67 2.82 -2.46
CA CYS A 115 -9.75 3.93 -1.52
C CYS A 115 -11.11 4.61 -1.61
N GLY A 116 -11.82 4.65 -0.49
CA GLY A 116 -13.13 5.27 -0.46
C GLY A 116 -13.23 6.38 0.57
N LEU A 117 -14.45 6.76 0.91
CA LEU A 117 -14.67 7.83 1.89
C LEU A 117 -15.12 7.25 3.23
N ASP A 118 -15.79 6.11 3.18
CA ASP A 118 -16.28 5.45 4.38
C ASP A 118 -15.31 4.35 4.83
N ARG A 119 -14.77 3.62 3.86
CA ARG A 119 -13.84 2.54 4.15
C ARG A 119 -13.19 2.01 2.88
N PHE A 120 -12.10 1.27 3.04
CA PHE A 120 -11.39 0.72 1.89
C PHE A 120 -11.96 -0.65 1.51
N LYS A 121 -11.79 -1.03 0.25
CA LYS A 121 -12.29 -2.31 -0.24
C LYS A 121 -11.17 -3.10 -0.93
N VAL A 122 -10.60 -4.05 -0.21
CA VAL A 122 -9.52 -4.88 -0.75
C VAL A 122 -10.08 -6.09 -1.48
N TYR A 123 -9.56 -6.33 -2.69
CA TYR A 123 -10.01 -7.46 -3.50
C TYR A 123 -8.84 -8.35 -3.88
N ALA A 124 -9.11 -9.65 -3.98
CA ALA A 124 -8.07 -10.62 -4.34
C ALA A 124 -8.58 -11.60 -5.39
N ASN A 125 -8.03 -11.51 -6.59
CA ASN A 125 -8.42 -12.39 -7.68
C ASN A 125 -9.93 -12.31 -7.93
N GLY A 126 -10.49 -11.11 -7.75
CA GLY A 126 -11.92 -10.93 -7.94
C GLY A 126 -12.73 -11.44 -6.78
N GLN A 127 -12.25 -11.20 -5.57
CA GLN A 127 -12.94 -11.63 -4.36
C GLN A 127 -12.74 -10.64 -3.22
N HIS A 128 -13.83 -10.22 -2.60
CA HIS A 128 -13.77 -9.27 -1.49
C HIS A 128 -12.96 -9.84 -0.34
N LEU A 129 -11.69 -9.43 -0.24
CA LEU A 129 -10.81 -9.89 0.82
C LEU A 129 -11.28 -9.39 2.18
N PHE A 130 -11.14 -8.08 2.40
CA PHE A 130 -11.55 -7.47 3.65
C PHE A 130 -11.68 -5.96 3.50
N ASP A 131 -12.21 -5.31 4.53
CA ASP A 131 -12.39 -3.86 4.52
C ASP A 131 -11.55 -3.20 5.60
N PHE A 132 -11.09 -1.99 5.33
CA PHE A 132 -10.28 -1.24 6.29
C PHE A 132 -10.98 0.04 6.73
N ALA A 133 -11.46 0.04 7.98
CA ALA A 133 -12.16 1.20 8.52
C ALA A 133 -11.21 2.40 8.63
N HIS A 134 -11.69 3.55 8.18
CA HIS A 134 -10.89 4.77 8.23
C HIS A 134 -10.53 5.13 9.66
N ARG A 135 -9.25 4.97 10.01
CA ARG A 135 -8.78 5.27 11.36
C ARG A 135 -8.29 6.71 11.45
N LEU A 136 -7.42 7.09 10.53
CA LEU A 136 -6.87 8.44 10.51
C LEU A 136 -7.69 9.35 9.60
N SER A 137 -8.43 10.28 10.20
CA SER A 137 -9.26 11.20 9.43
C SER A 137 -8.46 11.85 8.31
N ALA A 138 -7.18 12.10 8.57
CA ALA A 138 -6.31 12.72 7.57
C ALA A 138 -5.78 11.68 6.59
N PHE A 139 -6.64 10.75 6.21
CA PHE A 139 -6.25 9.70 5.27
C PHE A 139 -5.82 10.29 3.93
N GLN A 140 -6.50 11.34 3.51
CA GLN A 140 -6.19 12.00 2.25
C GLN A 140 -4.72 12.43 2.21
N ARG A 141 -4.19 12.79 3.37
CA ARG A 141 -2.79 13.21 3.46
C ARG A 141 -1.85 12.10 3.04
N VAL A 142 -2.20 10.86 3.40
CA VAL A 142 -1.38 9.71 3.05
C VAL A 142 -1.02 9.71 1.58
N ASP A 143 0.23 10.07 1.28
CA ASP A 143 0.71 10.11 -0.09
C ASP A 143 2.00 9.31 -0.25
N THR A 144 2.10 8.22 0.50
CA THR A 144 3.28 7.37 0.46
C THR A 144 2.91 5.90 0.69
N LEU A 145 3.07 5.09 -0.34
CA LEU A 145 2.76 3.66 -0.25
C LEU A 145 4.02 2.82 -0.34
N GLU A 146 4.43 2.25 0.79
CA GLU A 146 5.63 1.42 0.83
C GLU A 146 5.26 -0.05 1.03
N ILE A 147 6.13 -0.94 0.58
CA ILE A 147 5.90 -2.38 0.70
C ILE A 147 7.19 -3.11 1.06
N GLN A 148 7.28 -3.57 2.30
CA GLN A 148 8.46 -4.29 2.77
C GLN A 148 8.11 -5.72 3.14
N GLY A 149 9.13 -6.52 3.41
CA GLY A 149 8.91 -7.91 3.77
C GLY A 149 9.38 -8.87 2.69
N ASP A 150 8.67 -10.00 2.56
CA ASP A 150 9.02 -10.99 1.56
C ASP A 150 7.93 -11.12 0.51
N VAL A 151 8.07 -10.38 -0.59
CA VAL A 151 7.10 -10.41 -1.66
C VAL A 151 7.75 -10.10 -3.01
N THR A 152 7.30 -10.79 -4.05
CA THR A 152 7.84 -10.59 -5.39
C THR A 152 6.91 -9.74 -6.24
N LEU A 153 7.18 -8.44 -6.27
CA LEU A 153 6.37 -7.51 -7.05
C LEU A 153 6.70 -7.59 -8.53
N SER A 154 5.68 -7.56 -9.38
CA SER A 154 5.86 -7.64 -10.81
C SER A 154 5.26 -6.43 -11.51
N TYR A 155 4.09 -6.00 -11.03
CA TYR A 155 3.40 -4.86 -11.60
C TYR A 155 2.66 -4.07 -10.53
N VAL A 156 2.89 -2.76 -10.49
CA VAL A 156 2.24 -1.90 -9.51
C VAL A 156 1.82 -0.57 -10.14
N GLN A 157 0.53 -0.41 -10.36
CA GLN A 157 0.00 0.82 -10.96
C GLN A 157 -1.00 1.49 -10.02
N ILE A 158 -0.85 2.79 -9.84
CA ILE A 158 -1.74 3.56 -8.98
C ILE A 158 -2.81 4.28 -9.78
N SER A 159 -3.93 3.60 -10.03
CA SER A 159 -5.02 4.18 -10.80
C SER A 159 -5.49 5.49 -10.16
N GLY A 160 -5.39 6.57 -10.92
CA GLY A 160 -5.81 7.87 -10.43
C GLY A 160 -6.64 8.64 -11.43
N PRO A 161 -7.34 9.68 -10.96
CA PRO A 161 -8.19 10.52 -11.82
C PRO A 161 -7.38 11.37 -12.79
N SER A 162 -6.06 11.30 -12.67
CA SER A 162 -5.17 12.07 -13.53
C SER A 162 -4.37 11.14 -14.44
N SER A 163 -3.65 11.74 -15.39
CA SER A 163 -2.84 10.97 -16.33
C SER A 163 -1.82 11.87 -17.03
N GLY A 164 -0.54 11.67 -16.70
CA GLY A 164 0.51 12.48 -17.30
C GLY A 164 1.60 11.62 -17.93
N GLY A 1 14.03 9.95 -28.68
CA GLY A 1 14.84 9.20 -27.73
C GLY A 1 16.28 9.09 -28.15
N SER A 2 16.95 10.24 -28.32
CA SER A 2 18.34 10.28 -28.72
C SER A 2 19.16 9.27 -27.91
N SER A 3 19.18 9.46 -26.60
CA SER A 3 19.93 8.59 -25.71
C SER A 3 19.19 8.38 -24.39
N GLY A 4 19.33 7.19 -23.82
CA GLY A 4 18.67 6.87 -22.56
C GLY A 4 19.41 7.43 -21.36
N SER A 5 19.88 8.67 -21.48
CA SER A 5 20.60 9.32 -20.39
C SER A 5 19.91 9.11 -19.06
N SER A 6 20.54 8.34 -18.18
CA SER A 6 19.97 8.06 -16.86
C SER A 6 19.55 9.35 -16.17
N GLY A 7 20.42 10.36 -16.24
CA GLY A 7 20.12 11.64 -15.60
C GLY A 7 19.68 11.48 -14.16
N HIS A 8 20.50 10.78 -13.38
CA HIS A 8 20.19 10.56 -11.97
C HIS A 8 20.71 11.70 -11.11
N GLN A 9 19.91 12.14 -10.15
CA GLN A 9 20.29 13.23 -9.26
C GLN A 9 20.56 12.72 -7.85
N GLN A 10 21.83 12.65 -7.48
CA GLN A 10 22.22 12.17 -6.16
C GLN A 10 21.35 12.80 -5.08
N LEU A 11 20.35 12.04 -4.62
CA LEU A 11 19.44 12.52 -3.59
C LEU A 11 19.03 11.39 -2.66
N ASN A 12 18.64 11.75 -1.44
CA ASN A 12 18.22 10.76 -0.45
C ASN A 12 16.74 10.43 -0.60
N SER A 13 15.92 11.47 -0.76
CA SER A 13 14.48 11.29 -0.92
C SER A 13 14.17 10.33 -2.06
N LEU A 14 12.89 10.18 -2.36
CA LEU A 14 12.46 9.28 -3.44
C LEU A 14 11.76 10.06 -4.55
N PRO A 15 11.75 9.49 -5.75
CA PRO A 15 11.12 10.11 -6.93
C PRO A 15 9.59 10.14 -6.81
N THR A 16 8.94 10.79 -7.77
CA THR A 16 7.49 10.90 -7.77
C THR A 16 6.86 9.78 -8.58
N MET A 17 7.70 8.99 -9.26
CA MET A 17 7.23 7.88 -10.07
C MET A 17 6.36 8.38 -11.22
N GLU A 18 6.82 9.44 -11.87
CA GLU A 18 6.09 10.02 -13.00
C GLU A 18 6.37 9.23 -14.28
N GLY A 19 5.50 9.41 -15.27
CA GLY A 19 5.67 8.71 -16.54
C GLY A 19 4.92 7.39 -16.57
N PRO A 20 5.58 6.35 -17.09
CA PRO A 20 5.00 5.01 -17.19
C PRO A 20 4.84 4.34 -15.83
N PRO A 21 4.12 3.21 -15.81
CA PRO A 21 3.89 2.45 -14.57
C PRO A 21 5.16 1.78 -14.05
N THR A 22 5.01 0.97 -13.01
CA THR A 22 6.14 0.27 -12.41
C THR A 22 6.23 -1.17 -12.93
N PHE A 23 7.45 -1.62 -13.17
CA PHE A 23 7.69 -2.97 -13.67
C PHE A 23 8.86 -3.62 -12.95
N ASN A 24 8.62 -4.80 -12.39
CA ASN A 24 9.66 -5.52 -11.66
C ASN A 24 10.33 -4.63 -10.62
N PRO A 25 9.50 -3.98 -9.78
CA PRO A 25 9.98 -3.10 -8.73
C PRO A 25 10.69 -3.86 -7.60
N PRO A 26 11.78 -3.28 -7.09
CA PRO A 26 12.56 -3.89 -6.00
C PRO A 26 11.81 -3.87 -4.67
N VAL A 27 12.46 -4.37 -3.63
CA VAL A 27 11.86 -4.41 -2.30
C VAL A 27 12.88 -4.07 -1.23
N PRO A 28 12.46 -3.26 -0.25
CA PRO A 28 11.10 -2.71 -0.20
C PRO A 28 10.85 -1.69 -1.29
N TYR A 29 9.63 -1.67 -1.82
CA TYR A 29 9.26 -0.74 -2.88
C TYR A 29 8.54 0.48 -2.31
N PHE A 30 9.10 1.66 -2.53
CA PHE A 30 8.52 2.90 -2.04
C PHE A 30 7.80 3.65 -3.17
N GLY A 31 6.48 3.53 -3.20
CA GLY A 31 5.71 4.20 -4.24
C GLY A 31 4.94 5.40 -3.70
N ARG A 32 5.38 6.60 -4.08
CA ARG A 32 4.74 7.82 -3.63
C ARG A 32 3.39 8.02 -4.34
N LEU A 33 2.30 7.86 -3.59
CA LEU A 33 0.97 8.02 -4.16
C LEU A 33 0.72 9.48 -4.53
N GLN A 34 0.82 9.78 -5.83
CA GLN A 34 0.59 11.13 -6.32
C GLN A 34 -0.89 11.48 -6.30
N GLY A 35 -1.31 12.23 -5.28
CA GLY A 35 -2.70 12.61 -5.17
C GLY A 35 -3.25 12.38 -3.78
N GLY A 36 -2.87 11.26 -3.17
CA GLY A 36 -3.35 10.95 -1.83
C GLY A 36 -4.64 10.15 -1.85
N LEU A 37 -4.95 9.50 -0.74
CA LEU A 37 -6.16 8.70 -0.62
C LEU A 37 -7.40 9.54 -0.96
N THR A 38 -7.88 9.40 -2.19
CA THR A 38 -9.06 10.14 -2.63
C THR A 38 -10.20 9.20 -3.01
N ALA A 39 -11.42 9.63 -2.75
CA ALA A 39 -12.60 8.82 -3.07
C ALA A 39 -12.45 8.14 -4.42
N ARG A 40 -11.78 8.82 -5.35
CA ARG A 40 -11.58 8.29 -6.69
C ARG A 40 -10.16 7.75 -6.85
N ARG A 41 -9.69 7.05 -5.81
CA ARG A 41 -8.35 6.48 -5.83
C ARG A 41 -8.40 4.97 -5.61
N THR A 42 -7.58 4.23 -6.36
CA THR A 42 -7.54 2.78 -6.25
C THR A 42 -6.11 2.27 -6.34
N ILE A 43 -5.66 1.59 -5.29
CA ILE A 43 -4.31 1.04 -5.25
C ILE A 43 -4.29 -0.40 -5.74
N ILE A 44 -3.30 -0.73 -6.57
CA ILE A 44 -3.16 -2.07 -7.10
C ILE A 44 -1.75 -2.61 -6.88
N ILE A 45 -1.67 -3.88 -6.47
CA ILE A 45 -0.38 -4.52 -6.23
C ILE A 45 -0.35 -5.93 -6.80
N LYS A 46 0.39 -6.11 -7.88
CA LYS A 46 0.51 -7.42 -8.52
C LYS A 46 1.91 -7.98 -8.35
N GLY A 47 2.03 -9.02 -7.52
CA GLY A 47 3.32 -9.63 -7.27
C GLY A 47 3.23 -11.15 -7.19
N TYR A 48 3.98 -11.72 -6.25
CA TYR A 48 3.99 -13.17 -6.07
C TYR A 48 4.75 -13.55 -4.80
N VAL A 49 4.19 -14.49 -4.05
CA VAL A 49 4.82 -14.96 -2.82
C VAL A 49 5.81 -16.08 -3.09
N PRO A 50 7.09 -15.82 -2.81
CA PRO A 50 8.16 -16.80 -3.02
C PRO A 50 8.08 -17.97 -2.04
N PRO A 51 8.70 -19.10 -2.41
CA PRO A 51 8.71 -20.30 -1.57
C PRO A 51 9.56 -20.13 -0.32
N THR A 52 10.38 -19.08 -0.29
CA THR A 52 11.24 -18.81 0.84
C THR A 52 10.84 -17.51 1.54
N GLY A 53 9.60 -17.08 1.29
CA GLY A 53 9.12 -15.85 1.90
C GLY A 53 8.01 -16.10 2.91
N LYS A 54 8.29 -15.82 4.18
CA LYS A 54 7.31 -16.02 5.24
C LYS A 54 6.05 -15.19 4.98
N SER A 55 6.23 -13.88 4.88
CA SER A 55 5.12 -12.97 4.65
C SER A 55 5.61 -11.54 4.44
N PHE A 56 4.76 -10.70 3.87
CA PHE A 56 5.11 -9.31 3.60
C PHE A 56 4.17 -8.37 4.36
N ALA A 57 4.31 -7.07 4.09
CA ALA A 57 3.47 -6.07 4.73
C ALA A 57 3.40 -4.80 3.90
N ILE A 58 2.19 -4.23 3.78
CA ILE A 58 2.00 -3.02 3.01
C ILE A 58 1.59 -1.85 3.91
N ASN A 59 2.53 -0.96 4.17
CA ASN A 59 2.27 0.21 5.02
C ASN A 59 1.98 1.44 4.17
N PHE A 60 1.03 2.26 4.63
CA PHE A 60 0.66 3.47 3.92
C PHE A 60 0.98 4.71 4.75
N LYS A 61 2.13 5.32 4.48
CA LYS A 61 2.55 6.52 5.19
C LYS A 61 2.17 7.77 4.43
N VAL A 62 2.29 8.93 5.09
CA VAL A 62 1.96 10.19 4.46
C VAL A 62 3.22 10.92 3.99
N GLY A 63 3.24 11.26 2.71
CA GLY A 63 4.40 11.94 2.15
C GLY A 63 4.63 13.30 2.78
N SER A 64 3.55 13.93 3.23
CA SER A 64 3.64 15.26 3.84
C SER A 64 4.27 15.15 5.23
N SER A 65 3.53 14.59 6.18
CA SER A 65 4.01 14.44 7.55
C SER A 65 4.86 13.17 7.68
N GLY A 66 4.20 12.03 7.62
CA GLY A 66 4.90 10.76 7.74
C GLY A 66 4.23 9.82 8.73
N ASP A 67 2.91 9.74 8.66
CA ASP A 67 2.15 8.87 9.56
C ASP A 67 1.47 7.74 8.77
N ILE A 68 1.44 6.55 9.36
CA ILE A 68 0.82 5.40 8.71
C ILE A 68 -0.67 5.35 9.02
N ALA A 69 -1.48 5.39 7.96
CA ALA A 69 -2.93 5.34 8.12
C ALA A 69 -3.43 3.90 8.07
N LEU A 70 -2.82 3.08 7.22
CA LEU A 70 -3.20 1.68 7.09
C LEU A 70 -1.98 0.79 6.95
N HIS A 71 -1.96 -0.30 7.70
CA HIS A 71 -0.84 -1.24 7.66
C HIS A 71 -1.35 -2.68 7.58
N ILE A 72 -1.48 -3.19 6.37
CA ILE A 72 -1.96 -4.55 6.16
C ILE A 72 -0.78 -5.53 6.05
N ASN A 73 -0.90 -6.67 6.72
CA ASN A 73 0.15 -7.69 6.70
C ASN A 73 -0.46 -9.08 6.65
N PRO A 74 -0.36 -9.73 5.47
CA PRO A 74 -0.89 -11.08 5.26
C PRO A 74 -0.10 -12.14 6.02
N ARG A 75 -0.75 -13.26 6.34
CA ARG A 75 -0.11 -14.34 7.06
C ARG A 75 -0.36 -15.68 6.38
N MET A 76 0.61 -16.13 5.59
CA MET A 76 0.48 -17.40 4.88
C MET A 76 0.27 -18.55 5.86
N GLY A 77 1.04 -18.56 6.93
CA GLY A 77 0.92 -19.62 7.93
C GLY A 77 -0.43 -19.61 8.61
N ASN A 78 -0.52 -18.92 9.74
CA ASN A 78 -1.78 -18.83 10.49
C ASN A 78 -2.96 -18.62 9.56
N GLY A 79 -2.82 -17.66 8.64
CA GLY A 79 -3.88 -17.36 7.70
C GLY A 79 -4.74 -16.21 8.15
N THR A 80 -4.11 -15.19 8.73
CA THR A 80 -4.82 -14.01 9.21
C THR A 80 -4.06 -12.74 8.88
N VAL A 81 -4.68 -11.88 8.08
CA VAL A 81 -4.05 -10.62 7.68
C VAL A 81 -4.29 -9.54 8.74
N VAL A 82 -3.23 -9.17 9.45
CA VAL A 82 -3.32 -8.16 10.49
C VAL A 82 -3.35 -6.76 9.88
N ARG A 83 -4.07 -5.86 10.52
CA ARG A 83 -4.18 -4.48 10.05
C ARG A 83 -3.90 -3.49 11.18
N ASN A 84 -3.01 -2.54 10.91
CA ASN A 84 -2.65 -1.54 11.90
C ASN A 84 -2.47 -0.17 11.25
N SER A 85 -2.16 0.84 12.07
CA SER A 85 -1.96 2.20 11.57
C SER A 85 -1.19 3.03 12.58
N LEU A 86 0.09 3.27 12.30
CA LEU A 86 0.94 4.07 13.18
C LEU A 86 0.65 5.56 13.01
N LEU A 87 0.21 6.18 14.10
CA LEU A 87 -0.09 7.62 14.08
C LEU A 87 1.09 8.43 14.59
N ASN A 88 1.09 9.73 14.28
CA ASN A 88 2.16 10.62 14.70
C ASN A 88 2.60 10.31 16.13
N GLY A 89 3.72 9.60 16.25
CA GLY A 89 4.24 9.25 17.57
C GLY A 89 3.32 8.29 18.31
N SER A 90 2.18 7.98 17.70
CA SER A 90 1.22 7.07 18.30
C SER A 90 0.92 5.89 17.38
N TRP A 91 0.17 4.92 17.88
CA TRP A 91 -0.19 3.75 17.10
C TRP A 91 -1.69 3.49 17.15
N GLY A 92 -2.19 2.73 16.20
CA GLY A 92 -3.61 2.43 16.15
C GLY A 92 -3.96 1.15 16.90
N SER A 93 -4.26 0.10 16.16
CA SER A 93 -4.62 -1.19 16.76
C SER A 93 -4.52 -2.31 15.75
N GLU A 94 -4.72 -3.54 16.21
CA GLU A 94 -4.65 -4.71 15.34
C GLU A 94 -6.05 -5.16 14.92
N GLU A 95 -6.29 -5.20 13.62
CA GLU A 95 -7.58 -5.62 13.09
C GLU A 95 -7.43 -6.82 12.17
N LYS A 96 -7.90 -7.97 12.62
CA LYS A 96 -7.82 -9.20 11.85
C LYS A 96 -9.21 -9.70 11.48
N LYS A 97 -9.51 -9.76 10.18
CA LYS A 97 -10.80 -10.22 9.70
C LYS A 97 -10.76 -10.45 8.20
N ILE A 98 -10.77 -11.73 7.80
CA ILE A 98 -10.74 -12.07 6.39
C ILE A 98 -11.57 -13.33 6.12
N THR A 99 -12.21 -13.37 4.94
CA THR A 99 -13.03 -14.52 4.57
C THR A 99 -12.18 -15.63 3.98
N HIS A 100 -11.18 -15.26 3.20
CA HIS A 100 -10.28 -16.23 2.57
C HIS A 100 -8.92 -15.62 2.30
N ASN A 101 -7.87 -16.35 2.63
CA ASN A 101 -6.50 -15.88 2.42
C ASN A 101 -5.84 -16.65 1.28
N PRO A 102 -5.86 -16.05 0.07
CA PRO A 102 -5.26 -16.64 -1.12
C PRO A 102 -3.74 -16.67 -1.05
N PHE A 103 -3.15 -15.64 -0.47
CA PHE A 103 -1.71 -15.54 -0.34
C PHE A 103 -1.10 -16.90 0.01
N GLY A 104 -0.38 -17.49 -0.93
CA GLY A 104 0.24 -18.78 -0.70
C GLY A 104 1.66 -18.84 -1.23
N PRO A 105 2.54 -19.48 -0.46
CA PRO A 105 3.96 -19.63 -0.84
C PRO A 105 4.15 -20.57 -2.03
N GLY A 106 4.46 -20.00 -3.18
CA GLY A 106 4.67 -20.80 -4.37
C GLY A 106 3.79 -20.36 -5.53
N GLN A 107 2.81 -19.51 -5.23
CA GLN A 107 1.89 -19.02 -6.24
C GLN A 107 1.77 -17.50 -6.20
N PHE A 108 1.22 -16.91 -7.25
CA PHE A 108 1.05 -15.47 -7.32
C PHE A 108 -0.26 -15.04 -6.68
N PHE A 109 -0.42 -13.73 -6.49
CA PHE A 109 -1.62 -13.19 -5.88
C PHE A 109 -1.86 -11.75 -6.34
N ASP A 110 -3.05 -11.50 -6.90
CA ASP A 110 -3.41 -10.17 -7.38
C ASP A 110 -4.16 -9.40 -6.31
N LEU A 111 -3.47 -8.46 -5.66
CA LEU A 111 -4.07 -7.64 -4.61
C LEU A 111 -4.43 -6.26 -5.13
N SER A 112 -5.62 -5.77 -4.77
CA SER A 112 -6.08 -4.47 -5.21
C SER A 112 -6.88 -3.78 -4.11
N ILE A 113 -6.32 -2.71 -3.56
CA ILE A 113 -6.98 -1.96 -2.50
C ILE A 113 -7.79 -0.80 -3.07
N ARG A 114 -8.95 -0.55 -2.48
CA ARG A 114 -9.82 0.54 -2.93
C ARG A 114 -9.91 1.64 -1.87
N CYS A 115 -9.94 2.89 -2.32
CA CYS A 115 -10.02 4.02 -1.41
C CYS A 115 -11.35 4.76 -1.58
N GLY A 116 -12.21 4.63 -0.59
CA GLY A 116 -13.51 5.29 -0.65
C GLY A 116 -13.61 6.48 0.29
N LEU A 117 -14.74 6.62 0.96
CA LEU A 117 -14.96 7.71 1.90
C LEU A 117 -15.22 7.19 3.30
N ASP A 118 -15.99 6.11 3.40
CA ASP A 118 -16.30 5.51 4.69
C ASP A 118 -15.24 4.50 5.09
N ARG A 119 -14.69 3.81 4.10
CA ARG A 119 -13.67 2.80 4.34
C ARG A 119 -13.08 2.29 3.03
N PHE A 120 -12.06 1.43 3.14
CA PHE A 120 -11.42 0.87 1.96
C PHE A 120 -11.95 -0.53 1.65
N LYS A 121 -11.65 -1.01 0.45
CA LYS A 121 -12.10 -2.33 0.03
C LYS A 121 -10.99 -3.09 -0.70
N VAL A 122 -10.41 -4.07 -0.02
CA VAL A 122 -9.34 -4.86 -0.60
C VAL A 122 -9.88 -6.09 -1.31
N TYR A 123 -9.41 -6.33 -2.53
CA TYR A 123 -9.85 -7.47 -3.33
C TYR A 123 -8.67 -8.35 -3.72
N ALA A 124 -8.96 -9.62 -3.98
CA ALA A 124 -7.92 -10.57 -4.37
C ALA A 124 -8.42 -11.52 -5.46
N ASN A 125 -7.77 -11.48 -6.62
CA ASN A 125 -8.14 -12.33 -7.74
C ASN A 125 -9.64 -12.21 -8.03
N GLY A 126 -10.20 -11.04 -7.76
CA GLY A 126 -11.61 -10.82 -8.00
C GLY A 126 -12.48 -11.32 -6.87
N GLN A 127 -11.95 -11.28 -5.65
CA GLN A 127 -12.68 -11.74 -4.48
C GLN A 127 -12.52 -10.77 -3.32
N HIS A 128 -13.61 -10.54 -2.60
CA HIS A 128 -13.60 -9.62 -1.46
C HIS A 128 -12.75 -10.18 -0.32
N LEU A 129 -11.63 -9.53 -0.05
CA LEU A 129 -10.73 -9.96 1.01
C LEU A 129 -11.18 -9.41 2.37
N PHE A 130 -11.10 -8.10 2.53
CA PHE A 130 -11.50 -7.45 3.77
C PHE A 130 -11.58 -5.94 3.60
N ASP A 131 -12.11 -5.27 4.61
CA ASP A 131 -12.25 -3.81 4.57
C ASP A 131 -11.36 -3.16 5.63
N PHE A 132 -10.89 -1.96 5.34
CA PHE A 132 -10.03 -1.22 6.26
C PHE A 132 -10.75 0.00 6.81
N ALA A 133 -11.18 -0.09 8.06
CA ALA A 133 -11.87 1.02 8.71
C ALA A 133 -11.00 2.26 8.78
N HIS A 134 -11.59 3.41 8.49
CA HIS A 134 -10.87 4.68 8.50
C HIS A 134 -10.43 5.03 9.92
N ARG A 135 -9.13 4.97 10.17
CA ARG A 135 -8.59 5.28 11.49
C ARG A 135 -8.09 6.72 11.54
N LEU A 136 -7.34 7.12 10.52
CA LEU A 136 -6.80 8.48 10.45
C LEU A 136 -7.67 9.36 9.57
N SER A 137 -8.40 10.28 10.19
CA SER A 137 -9.27 11.19 9.46
C SER A 137 -8.52 11.86 8.31
N ALA A 138 -7.23 12.11 8.52
CA ALA A 138 -6.40 12.75 7.50
C ALA A 138 -5.90 11.72 6.50
N PHE A 139 -6.68 10.66 6.29
CA PHE A 139 -6.31 9.61 5.35
C PHE A 139 -5.89 10.20 4.00
N GLN A 140 -6.67 11.16 3.53
CA GLN A 140 -6.39 11.82 2.25
C GLN A 140 -4.93 12.22 2.16
N ARG A 141 -4.38 12.70 3.27
CA ARG A 141 -2.98 13.12 3.31
C ARG A 141 -2.05 11.99 2.89
N VAL A 142 -2.36 10.78 3.34
CA VAL A 142 -1.55 9.61 2.99
C VAL A 142 -1.22 9.59 1.51
N ASP A 143 0.00 9.99 1.18
CA ASP A 143 0.46 10.01 -0.21
C ASP A 143 1.76 9.23 -0.37
N THR A 144 1.92 8.17 0.41
CA THR A 144 3.12 7.35 0.35
C THR A 144 2.80 5.89 0.63
N LEU A 145 3.01 5.03 -0.36
CA LEU A 145 2.74 3.61 -0.22
C LEU A 145 4.05 2.80 -0.31
N GLU A 146 4.41 2.15 0.80
CA GLU A 146 5.62 1.35 0.84
C GLU A 146 5.29 -0.12 1.04
N ILE A 147 6.22 -0.99 0.65
CA ILE A 147 6.03 -2.43 0.78
C ILE A 147 7.34 -3.12 1.17
N GLN A 148 7.30 -3.84 2.28
CA GLN A 148 8.48 -4.56 2.76
C GLN A 148 8.13 -6.00 3.12
N GLY A 149 9.16 -6.78 3.49
CA GLY A 149 8.93 -8.17 3.86
C GLY A 149 9.31 -9.13 2.75
N ASP A 150 8.65 -10.29 2.73
CA ASP A 150 8.93 -11.29 1.72
C ASP A 150 7.84 -11.30 0.65
N VAL A 151 8.06 -10.55 -0.43
CA VAL A 151 7.10 -10.47 -1.52
C VAL A 151 7.79 -10.18 -2.84
N THR A 152 7.21 -10.67 -3.93
CA THR A 152 7.77 -10.47 -5.25
C THR A 152 6.87 -9.59 -6.11
N LEU A 153 7.15 -8.29 -6.11
CA LEU A 153 6.35 -7.33 -6.88
C LEU A 153 6.70 -7.42 -8.36
N SER A 154 5.67 -7.37 -9.20
CA SER A 154 5.86 -7.44 -10.65
C SER A 154 5.29 -6.20 -11.33
N TYR A 155 4.19 -5.69 -10.79
CA TYR A 155 3.53 -4.52 -11.36
C TYR A 155 2.81 -3.72 -10.27
N VAL A 156 3.05 -2.42 -10.25
CA VAL A 156 2.43 -1.54 -9.26
C VAL A 156 2.03 -0.21 -9.89
N GLN A 157 0.71 0.02 -9.99
CA GLN A 157 0.21 1.25 -10.57
C GLN A 157 -0.92 1.83 -9.71
N ILE A 158 -0.80 3.11 -9.38
CA ILE A 158 -1.80 3.79 -8.56
C ILE A 158 -2.89 4.41 -9.42
N SER A 159 -3.95 3.64 -9.68
CA SER A 159 -5.05 4.13 -10.50
C SER A 159 -5.45 5.53 -10.10
N GLY A 160 -5.74 6.37 -11.10
CA GLY A 160 -6.13 7.74 -10.83
C GLY A 160 -6.43 8.52 -12.09
N PRO A 161 -6.71 9.83 -11.94
CA PRO A 161 -7.02 10.70 -13.07
C PRO A 161 -5.80 10.96 -13.95
N SER A 162 -5.99 10.86 -15.26
CA SER A 162 -4.92 11.08 -16.22
C SER A 162 -4.89 12.54 -16.68
N SER A 163 -6.06 13.06 -17.01
CA SER A 163 -6.18 14.45 -17.47
C SER A 163 -7.23 15.20 -16.67
N GLY A 164 -6.77 16.14 -15.86
CA GLY A 164 -7.68 16.93 -15.03
C GLY A 164 -6.95 17.93 -14.17
N GLY A 1 -18.98 16.94 -4.91
CA GLY A 1 -18.42 17.41 -6.16
C GLY A 1 -17.26 18.37 -5.96
N SER A 2 -16.06 17.90 -6.31
CA SER A 2 -14.86 18.71 -6.16
C SER A 2 -13.72 18.17 -7.01
N SER A 3 -13.03 19.05 -7.72
CA SER A 3 -11.92 18.66 -8.57
C SER A 3 -11.12 19.87 -9.03
N GLY A 4 -9.80 19.75 -8.97
CA GLY A 4 -8.93 20.85 -9.38
C GLY A 4 -8.26 21.53 -8.20
N SER A 5 -6.94 21.44 -8.15
CA SER A 5 -6.17 22.05 -7.07
C SER A 5 -4.83 22.56 -7.57
N SER A 6 -4.46 23.75 -7.15
CA SER A 6 -3.20 24.37 -7.56
C SER A 6 -2.33 24.69 -6.35
N GLY A 7 -1.24 23.96 -6.18
CA GLY A 7 -0.36 24.19 -5.06
C GLY A 7 0.47 22.96 -4.72
N HIS A 8 1.77 23.16 -4.52
CA HIS A 8 2.67 22.06 -4.18
C HIS A 8 3.71 22.51 -3.16
N GLN A 9 4.32 21.53 -2.49
CA GLN A 9 5.34 21.83 -1.48
C GLN A 9 6.74 21.67 -2.06
N GLN A 10 7.68 22.42 -1.51
CA GLN A 10 9.07 22.37 -1.97
C GLN A 10 9.96 21.68 -0.94
N LEU A 11 10.30 20.42 -1.20
CA LEU A 11 11.14 19.65 -0.30
C LEU A 11 12.11 18.76 -1.07
N ASN A 12 13.20 18.38 -0.43
CA ASN A 12 14.21 17.54 -1.06
C ASN A 12 13.83 16.06 -0.93
N SER A 13 12.56 15.76 -1.21
CA SER A 13 12.07 14.38 -1.12
C SER A 13 12.28 13.65 -2.44
N LEU A 14 12.30 12.32 -2.38
CA LEU A 14 12.49 11.50 -3.58
C LEU A 14 11.65 12.03 -4.73
N PRO A 15 12.12 11.80 -5.96
CA PRO A 15 11.43 12.23 -7.18
C PRO A 15 10.14 11.46 -7.42
N THR A 16 9.24 12.05 -8.22
CA THR A 16 7.98 11.41 -8.52
C THR A 16 8.13 10.41 -9.67
N MET A 17 7.45 9.27 -9.53
CA MET A 17 7.50 8.23 -10.55
C MET A 17 6.38 8.40 -11.57
N GLU A 18 6.14 9.64 -11.97
CA GLU A 18 5.10 9.93 -12.95
C GLU A 18 5.40 9.28 -14.29
N GLY A 19 4.36 9.08 -15.09
CA GLY A 19 4.53 8.47 -16.39
C GLY A 19 3.92 7.07 -16.46
N PRO A 20 4.66 6.12 -17.05
CA PRO A 20 4.20 4.74 -17.19
C PRO A 20 4.15 4.01 -15.85
N PRO A 21 3.49 2.83 -15.85
CA PRO A 21 3.34 2.02 -14.64
C PRO A 21 4.66 1.39 -14.21
N THR A 22 4.62 0.65 -13.10
CA THR A 22 5.82 -0.01 -12.58
C THR A 22 5.95 -1.43 -13.11
N PHE A 23 7.17 -1.91 -13.20
CA PHE A 23 7.44 -3.26 -13.69
C PHE A 23 8.69 -3.84 -13.06
N ASN A 24 8.59 -5.08 -12.58
CA ASN A 24 9.72 -5.74 -11.95
C ASN A 24 10.34 -4.86 -10.87
N PRO A 25 9.49 -4.27 -10.01
CA PRO A 25 9.93 -3.40 -8.93
C PRO A 25 10.66 -4.17 -7.82
N PRO A 26 11.77 -3.59 -7.34
CA PRO A 26 12.57 -4.20 -6.28
C PRO A 26 11.86 -4.19 -4.93
N VAL A 27 12.51 -4.73 -3.91
CA VAL A 27 11.94 -4.78 -2.56
C VAL A 27 13.00 -4.48 -1.51
N PRO A 28 12.62 -3.69 -0.50
CA PRO A 28 11.27 -3.12 -0.40
C PRO A 28 11.01 -2.06 -1.47
N TYR A 29 9.78 -2.01 -1.96
CA TYR A 29 9.41 -1.04 -2.98
C TYR A 29 8.73 0.19 -2.36
N PHE A 30 9.31 1.35 -2.59
CA PHE A 30 8.78 2.60 -2.06
C PHE A 30 8.15 3.44 -3.16
N GLY A 31 6.82 3.41 -3.24
CA GLY A 31 6.12 4.17 -4.25
C GLY A 31 5.23 5.25 -3.65
N ARG A 32 5.67 6.50 -3.74
CA ARG A 32 4.90 7.61 -3.20
C ARG A 32 3.69 7.90 -4.07
N LEU A 33 2.53 8.02 -3.43
CA LEU A 33 1.28 8.29 -4.13
C LEU A 33 1.22 9.75 -4.59
N GLN A 34 0.59 9.99 -5.73
CA GLN A 34 0.46 11.33 -6.27
C GLN A 34 -0.97 11.85 -6.12
N GLY A 35 -1.25 12.50 -4.99
CA GLY A 35 -2.57 13.03 -4.75
C GLY A 35 -3.08 12.73 -3.35
N GLY A 36 -2.93 11.48 -2.94
CA GLY A 36 -3.38 11.09 -1.61
C GLY A 36 -4.66 10.28 -1.65
N LEU A 37 -4.92 9.53 -0.58
CA LEU A 37 -6.13 8.70 -0.49
C LEU A 37 -7.37 9.55 -0.75
N THR A 38 -8.02 9.31 -1.88
CA THR A 38 -9.22 10.04 -2.24
C THR A 38 -10.32 9.09 -2.73
N ALA A 39 -11.53 9.63 -2.90
CA ALA A 39 -12.65 8.83 -3.37
C ALA A 39 -12.37 8.23 -4.74
N ARG A 40 -11.76 9.03 -5.62
CA ARG A 40 -11.43 8.57 -6.97
C ARG A 40 -10.00 8.06 -7.03
N ARG A 41 -9.65 7.16 -6.11
CA ARG A 41 -8.32 6.59 -6.06
C ARG A 41 -8.38 5.09 -5.77
N THR A 42 -7.57 4.33 -6.49
CA THR A 42 -7.53 2.87 -6.31
C THR A 42 -6.10 2.36 -6.38
N ILE A 43 -5.68 1.64 -5.34
CA ILE A 43 -4.34 1.07 -5.29
C ILE A 43 -4.33 -0.37 -5.75
N ILE A 44 -3.31 -0.73 -6.53
CA ILE A 44 -3.18 -2.09 -7.03
C ILE A 44 -1.78 -2.64 -6.80
N ILE A 45 -1.69 -3.90 -6.40
CA ILE A 45 -0.40 -4.53 -6.15
C ILE A 45 -0.35 -5.94 -6.75
N LYS A 46 0.40 -6.08 -7.83
CA LYS A 46 0.53 -7.37 -8.49
C LYS A 46 1.92 -7.97 -8.26
N GLY A 47 1.96 -9.07 -7.50
CA GLY A 47 3.23 -9.72 -7.21
C GLY A 47 3.10 -11.22 -7.13
N TYR A 48 3.88 -11.83 -6.24
CA TYR A 48 3.85 -13.28 -6.07
C TYR A 48 4.66 -13.70 -4.85
N VAL A 49 4.00 -14.41 -3.94
CA VAL A 49 4.65 -14.88 -2.72
C VAL A 49 5.62 -16.03 -3.02
N PRO A 50 6.91 -15.78 -2.79
CA PRO A 50 7.96 -16.78 -3.03
C PRO A 50 7.90 -17.93 -2.03
N PRO A 51 8.44 -19.10 -2.43
CA PRO A 51 8.45 -20.29 -1.57
C PRO A 51 9.41 -20.15 -0.39
N THR A 52 10.27 -19.13 -0.45
CA THR A 52 11.24 -18.89 0.61
C THR A 52 10.91 -17.60 1.36
N GLY A 53 9.69 -17.10 1.16
CA GLY A 53 9.28 -15.87 1.83
C GLY A 53 8.22 -16.12 2.87
N LYS A 54 8.49 -15.74 4.11
CA LYS A 54 7.54 -15.92 5.20
C LYS A 54 6.28 -15.09 4.97
N SER A 55 6.45 -13.78 4.87
CA SER A 55 5.32 -12.88 4.64
C SER A 55 5.81 -11.45 4.38
N PHE A 56 4.97 -10.66 3.74
CA PHE A 56 5.31 -9.27 3.43
C PHE A 56 4.42 -8.30 4.21
N ALA A 57 4.54 -7.01 3.90
CA ALA A 57 3.75 -5.98 4.56
C ALA A 57 3.60 -4.75 3.68
N ILE A 58 2.41 -4.16 3.71
CA ILE A 58 2.14 -2.97 2.90
C ILE A 58 1.58 -1.85 3.77
N ASN A 59 2.43 -0.89 4.13
CA ASN A 59 2.02 0.24 4.95
C ASN A 59 1.84 1.49 4.10
N PHE A 60 1.00 2.40 4.57
CA PHE A 60 0.73 3.65 3.85
C PHE A 60 1.06 4.85 4.73
N LYS A 61 2.21 5.47 4.49
CA LYS A 61 2.63 6.63 5.25
C LYS A 61 2.26 7.93 4.53
N VAL A 62 2.37 9.05 5.23
CA VAL A 62 2.05 10.35 4.65
C VAL A 62 3.31 11.09 4.22
N GLY A 63 3.38 11.40 2.94
CA GLY A 63 4.54 12.12 2.41
C GLY A 63 4.78 13.43 3.11
N SER A 64 3.70 14.05 3.59
CA SER A 64 3.81 15.34 4.28
C SER A 64 4.41 15.15 5.67
N SER A 65 3.60 14.63 6.59
CA SER A 65 4.05 14.41 7.96
C SER A 65 4.88 13.14 8.07
N GLY A 66 4.22 11.99 7.92
CA GLY A 66 4.92 10.73 8.01
C GLY A 66 4.23 9.74 8.93
N ASP A 67 2.90 9.71 8.88
CA ASP A 67 2.13 8.81 9.72
C ASP A 67 1.50 7.69 8.90
N ILE A 68 1.36 6.52 9.50
CA ILE A 68 0.77 5.37 8.82
C ILE A 68 -0.73 5.27 9.10
N ALA A 69 -1.53 5.47 8.07
CA ALA A 69 -2.98 5.39 8.19
C ALA A 69 -3.47 3.95 8.05
N LEU A 70 -2.77 3.18 7.24
CA LEU A 70 -3.14 1.78 7.01
C LEU A 70 -1.90 0.89 6.97
N HIS A 71 -1.94 -0.21 7.72
CA HIS A 71 -0.82 -1.15 7.76
C HIS A 71 -1.32 -2.59 7.65
N ILE A 72 -1.29 -3.10 6.42
CA ILE A 72 -1.74 -4.47 6.17
C ILE A 72 -0.55 -5.42 6.06
N ASN A 73 -0.63 -6.54 6.77
CA ASN A 73 0.44 -7.53 6.76
C ASN A 73 -0.13 -8.95 6.77
N PRO A 74 -0.04 -9.63 5.61
CA PRO A 74 -0.54 -11.01 5.47
C PRO A 74 0.30 -12.01 6.25
N ARG A 75 -0.32 -13.14 6.61
CA ARG A 75 0.37 -14.18 7.36
C ARG A 75 0.13 -15.56 6.73
N MET A 76 1.10 -16.03 5.96
CA MET A 76 1.00 -17.32 5.30
C MET A 76 1.04 -18.45 6.33
N GLY A 77 1.90 -18.31 7.33
CA GLY A 77 2.01 -19.33 8.36
C GLY A 77 0.66 -19.81 8.85
N ASN A 78 -0.08 -18.91 9.50
CA ASN A 78 -1.40 -19.25 10.04
C ASN A 78 -2.48 -18.99 9.00
N GLY A 79 -2.51 -17.76 8.48
CA GLY A 79 -3.51 -17.40 7.49
C GLY A 79 -4.41 -16.28 7.96
N THR A 80 -3.81 -15.23 8.49
CA THR A 80 -4.57 -14.08 8.99
C THR A 80 -3.84 -12.77 8.68
N VAL A 81 -4.54 -11.87 7.99
CA VAL A 81 -3.97 -10.58 7.63
C VAL A 81 -4.33 -9.51 8.66
N VAL A 82 -3.33 -9.07 9.43
CA VAL A 82 -3.54 -8.05 10.45
C VAL A 82 -3.52 -6.66 9.84
N ARG A 83 -4.34 -5.77 10.39
CA ARG A 83 -4.43 -4.40 9.90
C ARG A 83 -4.22 -3.40 11.04
N ASN A 84 -3.24 -2.52 10.87
CA ASN A 84 -2.93 -1.52 11.88
C ASN A 84 -2.70 -0.15 11.24
N SER A 85 -2.44 0.85 12.08
CA SER A 85 -2.21 2.20 11.59
C SER A 85 -1.46 3.03 12.64
N LEU A 86 -0.18 3.28 12.39
CA LEU A 86 0.65 4.05 13.31
C LEU A 86 0.35 5.55 13.17
N LEU A 87 -0.17 6.14 14.24
CA LEU A 87 -0.49 7.56 14.24
C LEU A 87 0.67 8.39 14.76
N ASN A 88 0.67 9.69 14.44
CA ASN A 88 1.72 10.58 14.87
C ASN A 88 2.14 10.29 16.32
N GLY A 89 3.26 9.59 16.47
CA GLY A 89 3.75 9.26 17.80
C GLY A 89 2.84 8.28 18.52
N SER A 90 1.72 7.94 17.88
CA SER A 90 0.76 7.02 18.47
C SER A 90 0.50 5.83 17.55
N TRP A 91 -0.23 4.84 18.04
CA TRP A 91 -0.55 3.66 17.25
C TRP A 91 -2.05 3.37 17.29
N GLY A 92 -2.52 2.62 16.30
CA GLY A 92 -3.94 2.28 16.24
C GLY A 92 -4.26 1.00 16.99
N SER A 93 -4.53 -0.07 16.24
CA SER A 93 -4.86 -1.35 16.85
C SER A 93 -4.72 -2.48 15.82
N GLU A 94 -4.93 -3.71 16.28
CA GLU A 94 -4.83 -4.88 15.41
C GLU A 94 -6.21 -5.32 14.95
N GLU A 95 -6.43 -5.32 13.64
CA GLU A 95 -7.71 -5.73 13.07
C GLU A 95 -7.53 -6.92 12.15
N LYS A 96 -8.14 -8.05 12.51
CA LYS A 96 -8.06 -9.27 11.71
C LYS A 96 -9.44 -9.75 11.31
N LYS A 97 -9.68 -9.81 10.00
CA LYS A 97 -10.96 -10.25 9.47
C LYS A 97 -10.87 -10.53 7.97
N ILE A 98 -10.91 -11.81 7.61
CA ILE A 98 -10.83 -12.21 6.21
C ILE A 98 -11.61 -13.50 5.96
N THR A 99 -12.18 -13.61 4.77
CA THR A 99 -12.95 -14.80 4.41
C THR A 99 -12.06 -15.86 3.78
N HIS A 100 -11.23 -15.45 2.82
CA HIS A 100 -10.32 -16.35 2.14
C HIS A 100 -8.95 -15.72 1.95
N ASN A 101 -7.91 -16.40 2.43
CA ASN A 101 -6.55 -15.90 2.30
C ASN A 101 -5.79 -16.62 1.20
N PRO A 102 -5.78 -16.01 0.00
CA PRO A 102 -5.10 -16.58 -1.17
C PRO A 102 -3.57 -16.56 -1.02
N PHE A 103 -3.07 -15.53 -0.36
CA PHE A 103 -1.62 -15.38 -0.15
C PHE A 103 -0.99 -16.73 0.16
N GLY A 104 -0.38 -17.35 -0.85
CA GLY A 104 0.26 -18.64 -0.66
C GLY A 104 1.68 -18.66 -1.20
N PRO A 105 2.59 -19.25 -0.42
CA PRO A 105 4.00 -19.36 -0.81
C PRO A 105 4.23 -20.32 -1.96
N GLY A 106 4.37 -19.77 -3.17
CA GLY A 106 4.58 -20.60 -4.34
C GLY A 106 3.64 -20.24 -5.47
N GLN A 107 2.68 -19.38 -5.20
CA GLN A 107 1.72 -18.96 -6.21
C GLN A 107 1.58 -17.44 -6.22
N PHE A 108 1.03 -16.91 -7.32
CA PHE A 108 0.84 -15.47 -7.46
C PHE A 108 -0.40 -15.02 -6.71
N PHE A 109 -0.59 -13.70 -6.63
CA PHE A 109 -1.74 -13.13 -5.95
C PHE A 109 -1.98 -11.69 -6.38
N ASP A 110 -3.15 -11.42 -6.95
CA ASP A 110 -3.50 -10.09 -7.41
C ASP A 110 -4.26 -9.32 -6.33
N LEU A 111 -3.57 -8.43 -5.64
CA LEU A 111 -4.18 -7.63 -4.59
C LEU A 111 -4.50 -6.23 -5.08
N SER A 112 -5.69 -5.74 -4.72
CA SER A 112 -6.12 -4.40 -5.14
C SER A 112 -6.88 -3.71 -4.01
N ILE A 113 -6.29 -2.65 -3.46
CA ILE A 113 -6.92 -1.90 -2.38
C ILE A 113 -7.64 -0.67 -2.92
N ARG A 114 -8.96 -0.66 -2.76
CA ARG A 114 -9.78 0.46 -3.22
C ARG A 114 -9.92 1.52 -2.13
N CYS A 115 -9.88 2.78 -2.55
CA CYS A 115 -10.00 3.89 -1.61
C CYS A 115 -11.30 4.67 -1.84
N GLY A 116 -12.18 4.63 -0.85
CA GLY A 116 -13.45 5.33 -0.95
C GLY A 116 -13.55 6.51 -0.01
N LEU A 117 -14.73 6.72 0.55
CA LEU A 117 -14.95 7.83 1.48
C LEU A 117 -15.27 7.31 2.88
N ASP A 118 -15.95 6.17 2.95
CA ASP A 118 -16.32 5.57 4.22
C ASP A 118 -15.22 4.62 4.72
N ARG A 119 -14.67 3.84 3.80
CA ARG A 119 -13.62 2.89 4.13
C ARG A 119 -12.94 2.36 2.87
N PHE A 120 -12.02 1.42 3.05
CA PHE A 120 -11.28 0.84 1.93
C PHE A 120 -11.83 -0.55 1.59
N LYS A 121 -11.62 -0.98 0.35
CA LYS A 121 -12.09 -2.28 -0.10
C LYS A 121 -10.98 -3.06 -0.79
N VAL A 122 -10.44 -4.06 -0.10
CA VAL A 122 -9.36 -4.87 -0.64
C VAL A 122 -9.92 -6.09 -1.38
N TYR A 123 -9.42 -6.32 -2.58
CA TYR A 123 -9.86 -7.45 -3.39
C TYR A 123 -8.69 -8.35 -3.77
N ALA A 124 -8.96 -9.64 -3.92
CA ALA A 124 -7.94 -10.61 -4.28
C ALA A 124 -8.42 -11.54 -5.40
N ASN A 125 -7.88 -11.36 -6.59
CA ASN A 125 -8.24 -12.18 -7.74
C ASN A 125 -9.74 -12.10 -7.99
N GLY A 126 -10.32 -10.93 -7.75
CA GLY A 126 -11.75 -10.75 -7.97
C GLY A 126 -12.58 -11.27 -6.80
N GLN A 127 -12.09 -11.06 -5.59
CA GLN A 127 -12.79 -11.52 -4.40
C GLN A 127 -12.56 -10.55 -3.23
N HIS A 128 -13.66 -10.09 -2.63
CA HIS A 128 -13.57 -9.17 -1.51
C HIS A 128 -12.81 -9.79 -0.34
N LEU A 129 -11.55 -9.39 -0.19
CA LEU A 129 -10.72 -9.91 0.90
C LEU A 129 -11.18 -9.40 2.25
N PHE A 130 -11.05 -8.09 2.46
CA PHE A 130 -11.47 -7.47 3.72
C PHE A 130 -11.62 -5.96 3.55
N ASP A 131 -12.15 -5.31 4.58
CA ASP A 131 -12.35 -3.86 4.55
C ASP A 131 -11.53 -3.18 5.64
N PHE A 132 -11.05 -1.98 5.34
CA PHE A 132 -10.25 -1.22 6.30
C PHE A 132 -10.99 0.02 6.76
N ALA A 133 -11.48 0.00 8.00
CA ALA A 133 -12.20 1.13 8.56
C ALA A 133 -11.31 2.37 8.65
N HIS A 134 -11.85 3.51 8.22
CA HIS A 134 -11.11 4.76 8.26
C HIS A 134 -10.70 5.12 9.69
N ARG A 135 -9.45 4.86 10.02
CA ARG A 135 -8.93 5.16 11.36
C ARG A 135 -8.41 6.59 11.44
N LEU A 136 -7.63 6.99 10.44
CA LEU A 136 -7.07 8.33 10.40
C LEU A 136 -7.91 9.24 9.49
N SER A 137 -8.63 10.17 10.12
CA SER A 137 -9.47 11.11 9.37
C SER A 137 -8.67 11.79 8.27
N ALA A 138 -7.38 11.99 8.51
CA ALA A 138 -6.51 12.63 7.54
C ALA A 138 -6.02 11.64 6.50
N PHE A 139 -6.84 10.63 6.23
CA PHE A 139 -6.48 9.61 5.25
C PHE A 139 -6.03 10.24 3.94
N GLN A 140 -6.65 11.37 3.59
CA GLN A 140 -6.30 12.08 2.37
C GLN A 140 -4.84 12.51 2.37
N ARG A 141 -4.30 12.74 3.56
CA ARG A 141 -2.91 13.15 3.70
C ARG A 141 -1.96 12.04 3.23
N VAL A 142 -2.32 10.80 3.54
CA VAL A 142 -1.50 9.65 3.17
C VAL A 142 -1.25 9.63 1.67
N ASP A 143 -0.01 9.92 1.27
CA ASP A 143 0.36 9.93 -0.14
C ASP A 143 1.61 9.10 -0.38
N THR A 144 1.81 8.09 0.46
CA THR A 144 2.97 7.21 0.35
C THR A 144 2.57 5.75 0.52
N LEU A 145 3.10 4.89 -0.35
CA LEU A 145 2.80 3.46 -0.29
C LEU A 145 4.08 2.63 -0.35
N GLU A 146 4.50 2.11 0.80
CA GLU A 146 5.71 1.30 0.87
C GLU A 146 5.36 -0.18 1.05
N ILE A 147 6.24 -1.05 0.55
CA ILE A 147 6.03 -2.49 0.67
C ILE A 147 7.33 -3.21 0.97
N GLN A 148 7.43 -3.73 2.19
CA GLN A 148 8.63 -4.45 2.62
C GLN A 148 8.29 -5.88 3.02
N GLY A 149 9.33 -6.69 3.24
CA GLY A 149 9.12 -8.07 3.63
C GLY A 149 9.50 -9.05 2.54
N ASP A 150 8.83 -10.20 2.51
CA ASP A 150 9.11 -11.22 1.50
C ASP A 150 7.98 -11.29 0.48
N VAL A 151 8.12 -10.53 -0.60
CA VAL A 151 7.12 -10.51 -1.66
C VAL A 151 7.74 -10.19 -3.01
N THR A 152 7.31 -10.91 -4.05
CA THR A 152 7.84 -10.69 -5.39
C THR A 152 6.92 -9.79 -6.20
N LEU A 153 7.21 -8.50 -6.19
CA LEU A 153 6.42 -7.53 -6.93
C LEU A 153 6.75 -7.55 -8.41
N SER A 154 5.72 -7.59 -9.24
CA SER A 154 5.91 -7.63 -10.70
C SER A 154 5.27 -6.40 -11.35
N TYR A 155 4.09 -6.03 -10.87
CA TYR A 155 3.38 -4.88 -11.42
C TYR A 155 2.69 -4.09 -10.31
N VAL A 156 2.92 -2.77 -10.29
CA VAL A 156 2.31 -1.91 -9.29
C VAL A 156 1.88 -0.58 -9.89
N GLN A 157 0.57 -0.42 -10.07
CA GLN A 157 0.03 0.80 -10.64
C GLN A 157 -0.94 1.48 -9.67
N ILE A 158 -0.77 2.78 -9.48
CA ILE A 158 -1.62 3.54 -8.58
C ILE A 158 -2.65 4.35 -9.35
N SER A 159 -3.80 3.74 -9.63
CA SER A 159 -4.86 4.42 -10.36
C SER A 159 -5.21 5.76 -9.72
N GLY A 160 -5.59 6.72 -10.55
CA GLY A 160 -5.94 8.03 -10.05
C GLY A 160 -6.40 8.97 -11.15
N PRO A 161 -6.71 10.22 -10.78
CA PRO A 161 -7.16 11.24 -11.74
C PRO A 161 -6.05 11.69 -12.69
N SER A 162 -6.43 11.94 -13.94
CA SER A 162 -5.46 12.38 -14.94
C SER A 162 -4.95 13.78 -14.64
N SER A 163 -3.65 13.89 -14.40
CA SER A 163 -3.03 15.17 -14.10
C SER A 163 -2.55 15.86 -15.37
N GLY A 164 -2.89 17.14 -15.51
CA GLY A 164 -2.48 17.89 -16.68
C GLY A 164 -3.58 18.81 -17.19
N GLY A 1 32.62 17.30 -3.99
CA GLY A 1 31.93 17.46 -2.72
C GLY A 1 31.21 18.79 -2.62
N SER A 2 29.89 18.74 -2.45
CA SER A 2 29.09 19.94 -2.34
C SER A 2 28.16 19.87 -1.13
N SER A 3 28.68 20.23 0.03
CA SER A 3 27.90 20.20 1.26
C SER A 3 28.21 21.41 2.14
N GLY A 4 27.17 22.04 2.67
CA GLY A 4 27.35 23.21 3.51
C GLY A 4 26.35 24.30 3.21
N SER A 5 25.73 24.84 4.25
CA SER A 5 24.75 25.90 4.09
C SER A 5 24.46 26.59 5.42
N SER A 6 24.50 27.92 5.42
CA SER A 6 24.24 28.70 6.63
C SER A 6 23.05 28.14 7.39
N GLY A 7 21.96 27.88 6.66
CA GLY A 7 20.76 27.35 7.29
C GLY A 7 20.38 25.98 6.75
N HIS A 8 20.87 24.94 7.41
CA HIS A 8 20.58 23.57 6.99
C HIS A 8 19.12 23.21 7.27
N GLN A 9 18.44 22.67 6.26
CA GLN A 9 17.05 22.28 6.41
C GLN A 9 16.74 21.05 5.56
N GLN A 10 16.45 19.93 6.25
CA GLN A 10 16.15 18.68 5.57
C GLN A 10 14.79 18.77 4.86
N LEU A 11 14.80 19.34 3.65
CA LEU A 11 13.57 19.49 2.87
C LEU A 11 13.77 18.96 1.45
N ASN A 12 13.67 17.65 1.30
CA ASN A 12 13.84 17.01 -0.01
C ASN A 12 13.27 15.60 0.00
N SER A 13 12.31 15.34 -0.88
CA SER A 13 11.69 14.03 -0.97
C SER A 13 11.80 13.48 -2.40
N LEU A 14 11.75 12.16 -2.51
CA LEU A 14 11.84 11.50 -3.81
C LEU A 14 10.95 12.20 -4.84
N PRO A 15 11.37 12.16 -6.11
CA PRO A 15 10.63 12.78 -7.21
C PRO A 15 9.32 12.06 -7.51
N THR A 16 8.59 12.55 -8.52
CA THR A 16 7.32 11.95 -8.90
C THR A 16 7.53 10.76 -9.83
N MET A 17 6.67 9.77 -9.71
CA MET A 17 6.75 8.57 -10.55
C MET A 17 5.84 8.69 -11.77
N GLU A 18 5.65 9.92 -12.24
CA GLU A 18 4.80 10.17 -13.40
C GLU A 18 5.17 9.24 -14.55
N GLY A 19 4.48 9.40 -15.68
CA GLY A 19 4.75 8.57 -16.84
C GLY A 19 4.08 7.21 -16.75
N PRO A 20 4.75 6.19 -17.29
CA PRO A 20 4.23 4.82 -17.28
C PRO A 20 4.22 4.21 -15.89
N PRO A 21 3.54 3.05 -15.76
CA PRO A 21 3.43 2.34 -14.48
C PRO A 21 4.76 1.73 -14.04
N THR A 22 4.71 0.84 -13.05
CA THR A 22 5.90 0.19 -12.53
C THR A 22 6.05 -1.21 -13.10
N PHE A 23 7.26 -1.75 -13.04
CA PHE A 23 7.53 -3.10 -13.53
C PHE A 23 8.73 -3.71 -12.83
N ASN A 24 8.60 -4.98 -12.44
CA ASN A 24 9.66 -5.69 -11.75
C ASN A 24 10.33 -4.79 -10.71
N PRO A 25 9.50 -4.16 -9.87
CA PRO A 25 9.98 -3.26 -8.82
C PRO A 25 10.70 -4.01 -7.69
N PRO A 26 11.78 -3.41 -7.19
CA PRO A 26 12.59 -4.01 -6.11
C PRO A 26 11.84 -4.01 -4.77
N VAL A 27 12.48 -4.58 -3.76
CA VAL A 27 11.88 -4.64 -2.42
C VAL A 27 12.91 -4.36 -1.35
N PRO A 28 12.53 -3.57 -0.33
CA PRO A 28 11.17 -3.00 -0.26
C PRO A 28 10.94 -1.93 -1.32
N TYR A 29 9.72 -1.87 -1.84
CA TYR A 29 9.37 -0.90 -2.85
C TYR A 29 8.69 0.33 -2.24
N PHE A 30 9.32 1.49 -2.41
CA PHE A 30 8.78 2.73 -1.87
C PHE A 30 8.16 3.58 -2.96
N GLY A 31 6.83 3.54 -3.05
CA GLY A 31 6.13 4.32 -4.08
C GLY A 31 5.30 5.43 -3.48
N ARG A 32 5.81 6.66 -3.55
CA ARG A 32 5.11 7.81 -3.02
C ARG A 32 3.92 8.18 -3.89
N LEU A 33 2.72 8.18 -3.30
CA LEU A 33 1.51 8.51 -4.03
C LEU A 33 1.53 9.97 -4.47
N GLN A 34 0.87 10.24 -5.60
CA GLN A 34 0.80 11.59 -6.14
C GLN A 34 -0.61 12.16 -6.02
N GLY A 35 -0.95 12.67 -4.84
CA GLY A 35 -2.27 13.23 -4.62
C GLY A 35 -2.82 12.89 -3.25
N GLY A 36 -2.72 11.62 -2.87
CA GLY A 36 -3.22 11.19 -1.57
C GLY A 36 -4.46 10.33 -1.69
N LEU A 37 -4.83 9.66 -0.60
CA LEU A 37 -6.00 8.80 -0.58
C LEU A 37 -7.25 9.57 -0.98
N THR A 38 -7.72 9.34 -2.21
CA THR A 38 -8.91 10.01 -2.71
C THR A 38 -10.02 9.02 -3.01
N ALA A 39 -11.27 9.48 -2.90
CA ALA A 39 -12.41 8.63 -3.16
C ALA A 39 -12.38 8.05 -4.57
N ARG A 40 -11.57 8.66 -5.43
CA ARG A 40 -11.44 8.21 -6.81
C ARG A 40 -10.06 7.59 -7.05
N ARG A 41 -9.47 7.05 -5.99
CA ARG A 41 -8.15 6.43 -6.08
C ARG A 41 -8.24 4.93 -5.84
N THR A 42 -7.46 4.16 -6.59
CA THR A 42 -7.45 2.71 -6.45
C THR A 42 -6.04 2.15 -6.55
N ILE A 43 -5.60 1.46 -5.51
CA ILE A 43 -4.26 0.88 -5.48
C ILE A 43 -4.27 -0.55 -6.02
N ILE A 44 -3.21 -0.91 -6.74
CA ILE A 44 -3.09 -2.24 -7.31
C ILE A 44 -1.70 -2.81 -7.10
N ILE A 45 -1.63 -4.03 -6.57
CA ILE A 45 -0.36 -4.69 -6.32
C ILE A 45 -0.35 -6.10 -6.90
N LYS A 46 0.40 -6.29 -7.98
CA LYS A 46 0.50 -7.58 -8.63
C LYS A 46 1.88 -8.19 -8.44
N GLY A 47 1.96 -9.27 -7.67
CA GLY A 47 3.24 -9.92 -7.42
C GLY A 47 3.10 -11.42 -7.25
N TYR A 48 3.92 -11.99 -6.38
CA TYR A 48 3.89 -13.43 -6.14
C TYR A 48 4.69 -13.78 -4.89
N VAL A 49 4.06 -14.49 -3.96
CA VAL A 49 4.72 -14.90 -2.72
C VAL A 49 5.69 -16.04 -2.97
N PRO A 50 6.98 -15.79 -2.71
CA PRO A 50 8.04 -16.79 -2.90
C PRO A 50 7.96 -17.92 -1.88
N PRO A 51 8.52 -19.08 -2.23
CA PRO A 51 8.52 -20.25 -1.35
C PRO A 51 9.43 -20.07 -0.14
N THR A 52 10.30 -19.07 -0.22
CA THR A 52 11.23 -18.78 0.87
C THR A 52 10.88 -17.48 1.58
N GLY A 53 9.67 -16.99 1.33
CA GLY A 53 9.23 -15.76 1.94
C GLY A 53 8.15 -15.98 2.99
N LYS A 54 8.43 -15.57 4.22
CA LYS A 54 7.49 -15.74 5.32
C LYS A 54 6.20 -14.96 5.04
N SER A 55 6.33 -13.64 4.91
CA SER A 55 5.18 -12.79 4.64
C SER A 55 5.62 -11.35 4.40
N PHE A 56 4.79 -10.59 3.70
CA PHE A 56 5.09 -9.20 3.39
C PHE A 56 4.16 -8.26 4.15
N ALA A 57 4.27 -6.97 3.85
CA ALA A 57 3.44 -5.96 4.51
C ALA A 57 3.29 -4.72 3.64
N ILE A 58 2.10 -4.14 3.64
CA ILE A 58 1.83 -2.93 2.85
C ILE A 58 1.37 -1.79 3.74
N ASN A 59 2.29 -0.89 4.06
CA ASN A 59 1.96 0.26 4.90
C ASN A 59 1.81 1.53 4.06
N PHE A 60 0.94 2.42 4.50
CA PHE A 60 0.69 3.67 3.79
C PHE A 60 1.01 4.87 4.68
N LYS A 61 2.16 5.49 4.42
CA LYS A 61 2.60 6.64 5.18
C LYS A 61 2.21 7.95 4.47
N VAL A 62 2.31 9.06 5.19
CA VAL A 62 1.97 10.36 4.63
C VAL A 62 3.23 11.10 4.17
N GLY A 63 3.22 11.52 2.91
CA GLY A 63 4.36 12.23 2.37
C GLY A 63 4.63 13.53 3.10
N SER A 64 3.57 14.20 3.52
CA SER A 64 3.69 15.47 4.23
C SER A 64 4.33 15.27 5.60
N SER A 65 3.55 14.70 6.52
CA SER A 65 4.05 14.45 7.88
C SER A 65 4.90 13.19 7.92
N GLY A 66 4.25 12.04 7.79
CA GLY A 66 4.96 10.77 7.82
C GLY A 66 4.33 9.77 8.77
N ASP A 67 3.00 9.70 8.75
CA ASP A 67 2.27 8.79 9.61
C ASP A 67 1.58 7.70 8.80
N ILE A 68 1.49 6.50 9.36
CA ILE A 68 0.86 5.38 8.68
C ILE A 68 -0.62 5.30 9.04
N ALA A 69 -1.47 5.37 8.02
CA ALA A 69 -2.92 5.30 8.22
C ALA A 69 -3.41 3.86 8.12
N LEU A 70 -2.82 3.10 7.20
CA LEU A 70 -3.19 1.71 7.00
C LEU A 70 -1.97 0.82 6.90
N HIS A 71 -1.96 -0.28 7.66
CA HIS A 71 -0.84 -1.21 7.65
C HIS A 71 -1.34 -2.65 7.58
N ILE A 72 -1.46 -3.19 6.37
CA ILE A 72 -1.91 -4.55 6.18
C ILE A 72 -0.74 -5.51 6.02
N ASN A 73 -0.82 -6.64 6.72
CA ASN A 73 0.24 -7.65 6.65
C ASN A 73 -0.35 -9.06 6.67
N PRO A 74 -0.29 -9.72 5.50
CA PRO A 74 -0.82 -11.08 5.35
C PRO A 74 0.02 -12.11 6.10
N ARG A 75 -0.60 -13.23 6.46
CA ARG A 75 0.10 -14.29 7.18
C ARG A 75 -0.12 -15.65 6.49
N MET A 76 0.86 -16.07 5.71
CA MET A 76 0.77 -17.34 4.99
C MET A 76 0.52 -18.48 5.97
N GLY A 77 -0.26 -19.47 5.53
CA GLY A 77 -0.57 -20.61 6.38
C GLY A 77 -2.04 -20.68 6.75
N ASN A 78 -2.40 -20.01 7.84
CA ASN A 78 -3.77 -20.00 8.31
C ASN A 78 -4.64 -19.09 7.45
N GLY A 79 -4.15 -17.87 7.22
CA GLY A 79 -4.88 -16.92 6.41
C GLY A 79 -5.38 -15.74 7.22
N THR A 80 -4.51 -15.16 8.04
CA THR A 80 -4.87 -14.03 8.87
C THR A 80 -4.07 -12.79 8.48
N VAL A 81 -4.78 -11.74 8.07
CA VAL A 81 -4.15 -10.50 7.67
C VAL A 81 -4.34 -9.41 8.71
N VAL A 82 -3.29 -9.10 9.46
CA VAL A 82 -3.35 -8.08 10.50
C VAL A 82 -3.32 -6.69 9.90
N ARG A 83 -4.21 -5.83 10.39
CA ARG A 83 -4.29 -4.45 9.89
C ARG A 83 -4.05 -3.46 11.03
N ASN A 84 -3.07 -2.59 10.85
CA ASN A 84 -2.72 -1.59 11.85
C ASN A 84 -2.52 -0.21 11.21
N SER A 85 -2.20 0.78 12.03
CA SER A 85 -1.99 2.13 11.55
C SER A 85 -1.19 2.95 12.55
N LEU A 86 0.08 3.18 12.23
CA LEU A 86 0.96 3.94 13.10
C LEU A 86 0.68 5.44 12.99
N LEU A 87 0.25 6.05 14.08
CA LEU A 87 -0.06 7.48 14.10
C LEU A 87 1.15 8.28 14.58
N ASN A 88 1.15 9.58 14.28
CA ASN A 88 2.24 10.46 14.68
C ASN A 88 2.73 10.11 16.07
N GLY A 89 3.86 9.39 16.15
CA GLY A 89 4.41 9.01 17.42
C GLY A 89 3.52 8.04 18.17
N SER A 90 2.33 7.80 17.64
CA SER A 90 1.39 6.89 18.28
C SER A 90 1.05 5.72 17.35
N TRP A 91 0.32 4.74 17.87
CA TRP A 91 -0.06 3.57 17.10
C TRP A 91 -1.56 3.31 17.20
N GLY A 92 -2.08 2.55 16.25
CA GLY A 92 -3.50 2.24 16.26
C GLY A 92 -3.82 0.98 17.02
N SER A 93 -3.89 -0.14 16.31
CA SER A 93 -4.20 -1.43 16.94
C SER A 93 -4.08 -2.57 15.92
N GLU A 94 -4.12 -3.80 16.42
CA GLU A 94 -4.02 -4.97 15.56
C GLU A 94 -5.40 -5.58 15.31
N GLU A 95 -5.81 -5.61 14.05
CA GLU A 95 -7.09 -6.16 13.66
C GLU A 95 -6.93 -7.28 12.64
N LYS A 96 -7.64 -8.38 12.86
CA LYS A 96 -7.57 -9.52 11.95
C LYS A 96 -8.98 -10.02 11.59
N LYS A 97 -9.32 -9.93 10.32
CA LYS A 97 -10.63 -10.37 9.84
C LYS A 97 -10.64 -10.53 8.33
N ILE A 98 -10.72 -11.77 7.87
CA ILE A 98 -10.74 -12.06 6.44
C ILE A 98 -11.56 -13.31 6.14
N THR A 99 -12.12 -13.37 4.93
CA THR A 99 -12.92 -14.51 4.52
C THR A 99 -12.06 -15.58 3.87
N HIS A 100 -11.21 -15.17 2.93
CA HIS A 100 -10.33 -16.11 2.23
C HIS A 100 -8.97 -15.49 2.00
N ASN A 101 -7.93 -16.18 2.45
CA ASN A 101 -6.55 -15.69 2.30
C ASN A 101 -5.83 -16.45 1.18
N PRO A 102 -5.81 -15.87 -0.02
CA PRO A 102 -5.15 -16.48 -1.19
C PRO A 102 -3.63 -16.49 -1.05
N PHE A 103 -3.10 -15.49 -0.35
CA PHE A 103 -1.66 -15.38 -0.15
C PHE A 103 -1.06 -16.74 0.20
N GLY A 104 -0.38 -17.35 -0.77
CA GLY A 104 0.23 -18.65 -0.55
C GLY A 104 1.66 -18.70 -1.04
N PRO A 105 2.56 -19.29 -0.22
CA PRO A 105 3.97 -19.42 -0.56
C PRO A 105 4.21 -20.40 -1.70
N GLY A 106 4.36 -19.88 -2.91
CA GLY A 106 4.59 -20.74 -4.06
C GLY A 106 3.65 -20.43 -5.21
N GLN A 107 2.72 -19.51 -4.98
CA GLN A 107 1.76 -19.13 -6.01
C GLN A 107 1.60 -17.62 -6.07
N PHE A 108 1.17 -17.12 -7.22
CA PHE A 108 0.97 -15.69 -7.41
C PHE A 108 -0.33 -15.22 -6.76
N PHE A 109 -0.53 -13.90 -6.71
CA PHE A 109 -1.73 -13.34 -6.11
C PHE A 109 -1.94 -11.91 -6.59
N ASP A 110 -3.18 -11.61 -6.99
CA ASP A 110 -3.52 -10.28 -7.48
C ASP A 110 -4.28 -9.49 -6.41
N LEU A 111 -3.58 -8.55 -5.77
CA LEU A 111 -4.19 -7.73 -4.73
C LEU A 111 -4.47 -6.32 -5.25
N SER A 112 -5.64 -5.80 -4.89
CA SER A 112 -6.04 -4.47 -5.32
C SER A 112 -6.86 -3.77 -4.23
N ILE A 113 -6.28 -2.73 -3.65
CA ILE A 113 -6.95 -1.97 -2.60
C ILE A 113 -7.71 -0.77 -3.18
N ARG A 114 -8.90 -0.52 -2.64
CA ARG A 114 -9.72 0.59 -3.09
C ARG A 114 -9.85 1.65 -2.01
N CYS A 115 -9.75 2.92 -2.42
CA CYS A 115 -9.86 4.03 -1.48
C CYS A 115 -11.16 4.79 -1.68
N GLY A 116 -12.00 4.78 -0.64
CA GLY A 116 -13.29 5.46 -0.72
C GLY A 116 -13.42 6.56 0.32
N LEU A 117 -14.61 6.70 0.89
CA LEU A 117 -14.87 7.72 1.90
C LEU A 117 -15.27 7.07 3.22
N ASP A 118 -16.02 5.98 3.14
CA ASP A 118 -16.46 5.27 4.34
C ASP A 118 -15.42 4.26 4.79
N ARG A 119 -14.78 3.60 3.83
CA ARG A 119 -13.76 2.60 4.13
C ARG A 119 -13.11 2.09 2.85
N PHE A 120 -12.01 1.34 3.00
CA PHE A 120 -11.30 0.78 1.87
C PHE A 120 -11.81 -0.61 1.53
N LYS A 121 -11.77 -0.95 0.25
CA LYS A 121 -12.23 -2.26 -0.21
C LYS A 121 -11.11 -3.01 -0.91
N VAL A 122 -10.51 -3.96 -0.22
CA VAL A 122 -9.42 -4.76 -0.78
C VAL A 122 -9.95 -5.99 -1.49
N TYR A 123 -9.46 -6.22 -2.71
CA TYR A 123 -9.89 -7.37 -3.50
C TYR A 123 -8.71 -8.29 -3.80
N ALA A 124 -9.02 -9.56 -4.08
CA ALA A 124 -7.99 -10.54 -4.39
C ALA A 124 -8.46 -11.50 -5.48
N ASN A 125 -7.88 -11.37 -6.66
CA ASN A 125 -8.24 -12.23 -7.78
C ASN A 125 -9.74 -12.15 -8.07
N GLY A 126 -10.33 -11.00 -7.77
CA GLY A 126 -11.75 -10.81 -7.99
C GLY A 126 -12.60 -11.33 -6.85
N GLN A 127 -12.05 -11.27 -5.64
CA GLN A 127 -12.77 -11.74 -4.46
C GLN A 127 -12.57 -10.78 -3.29
N HIS A 128 -13.67 -10.26 -2.77
CA HIS A 128 -13.62 -9.32 -1.65
C HIS A 128 -12.77 -9.89 -0.51
N LEU A 129 -11.56 -9.35 -0.37
CA LEU A 129 -10.66 -9.80 0.68
C LEU A 129 -11.12 -9.32 2.05
N PHE A 130 -11.03 -8.01 2.28
CA PHE A 130 -11.44 -7.41 3.54
C PHE A 130 -11.58 -5.91 3.42
N ASP A 131 -12.12 -5.27 4.46
CA ASP A 131 -12.31 -3.83 4.47
C ASP A 131 -11.45 -3.18 5.55
N PHE A 132 -11.01 -1.95 5.30
CA PHE A 132 -10.18 -1.23 6.25
C PHE A 132 -10.91 0.01 6.77
N ALA A 133 -11.34 -0.05 8.03
CA ALA A 133 -12.05 1.06 8.65
C ALA A 133 -11.16 2.29 8.76
N HIS A 134 -11.67 3.43 8.33
CA HIS A 134 -10.92 4.69 8.37
C HIS A 134 -10.46 4.98 9.79
N ARG A 135 -9.20 4.70 10.08
CA ARG A 135 -8.63 4.94 11.40
C ARG A 135 -8.17 6.38 11.53
N LEU A 136 -7.36 6.84 10.57
CA LEU A 136 -6.85 8.20 10.59
C LEU A 136 -7.75 9.13 9.79
N SER A 137 -8.48 9.99 10.49
CA SER A 137 -9.39 10.94 9.84
C SER A 137 -8.66 11.71 8.74
N ALA A 138 -7.37 11.92 8.93
CA ALA A 138 -6.55 12.65 7.96
C ALA A 138 -6.01 11.71 6.88
N PHE A 139 -6.70 10.59 6.68
CA PHE A 139 -6.29 9.61 5.69
C PHE A 139 -5.88 10.29 4.39
N GLN A 140 -6.67 11.26 3.96
CA GLN A 140 -6.39 11.99 2.72
C GLN A 140 -4.92 12.39 2.66
N ARG A 141 -4.37 12.84 3.78
CA ARG A 141 -2.98 13.25 3.85
C ARG A 141 -2.07 12.15 3.30
N VAL A 142 -2.36 10.90 3.67
CA VAL A 142 -1.56 9.76 3.21
C VAL A 142 -1.31 9.85 1.71
N ASP A 143 -0.06 10.12 1.34
CA ASP A 143 0.31 10.22 -0.06
C ASP A 143 1.56 9.38 -0.35
N THR A 144 1.82 8.41 0.52
CA THR A 144 2.98 7.53 0.37
C THR A 144 2.60 6.08 0.56
N LEU A 145 3.12 5.20 -0.29
CA LEU A 145 2.84 3.77 -0.21
C LEU A 145 4.13 2.96 -0.28
N GLU A 146 4.44 2.25 0.79
CA GLU A 146 5.64 1.41 0.84
C GLU A 146 5.27 -0.05 1.04
N ILE A 147 6.14 -0.94 0.55
CA ILE A 147 5.90 -2.37 0.67
C ILE A 147 7.19 -3.10 1.01
N GLN A 148 7.28 -3.62 2.23
CA GLN A 148 8.46 -4.35 2.68
C GLN A 148 8.10 -5.78 3.06
N GLY A 149 9.12 -6.59 3.34
CA GLY A 149 8.90 -7.97 3.72
C GLY A 149 9.36 -8.95 2.65
N ASP A 150 8.66 -10.08 2.54
CA ASP A 150 9.01 -11.10 1.56
C ASP A 150 7.92 -11.21 0.50
N VAL A 151 8.07 -10.48 -0.59
CA VAL A 151 7.10 -10.50 -1.68
C VAL A 151 7.78 -10.21 -3.01
N THR A 152 7.33 -10.91 -4.06
CA THR A 152 7.88 -10.72 -5.40
C THR A 152 6.96 -9.85 -6.25
N LEU A 153 7.23 -8.54 -6.26
CA LEU A 153 6.43 -7.60 -7.03
C LEU A 153 6.79 -7.69 -8.51
N SER A 154 5.77 -7.61 -9.36
CA SER A 154 5.97 -7.68 -10.81
C SER A 154 5.36 -6.47 -11.51
N TYR A 155 4.26 -5.98 -10.95
CA TYR A 155 3.56 -4.82 -11.52
C TYR A 155 2.84 -4.04 -10.43
N VAL A 156 3.05 -2.72 -10.42
CA VAL A 156 2.42 -1.85 -9.45
C VAL A 156 1.94 -0.55 -10.09
N GLN A 157 0.62 -0.44 -10.27
CA GLN A 157 0.04 0.74 -10.88
C GLN A 157 -0.84 1.48 -9.88
N ILE A 158 -0.49 2.74 -9.62
CA ILE A 158 -1.24 3.56 -8.68
C ILE A 158 -2.28 4.42 -9.40
N SER A 159 -3.48 3.86 -9.58
CA SER A 159 -4.56 4.58 -10.25
C SER A 159 -5.10 5.70 -9.38
N GLY A 160 -5.38 6.84 -10.00
CA GLY A 160 -5.90 7.98 -9.27
C GLY A 160 -5.66 9.30 -9.98
N PRO A 161 -6.52 10.29 -9.71
CA PRO A 161 -6.41 11.61 -10.32
C PRO A 161 -5.19 12.39 -9.82
N SER A 162 -4.42 12.92 -10.75
CA SER A 162 -3.22 13.69 -10.41
C SER A 162 -3.17 15.00 -11.19
N SER A 163 -3.49 16.10 -10.51
CA SER A 163 -3.49 17.41 -11.13
C SER A 163 -3.40 18.52 -10.08
N GLY A 164 -3.30 19.76 -10.54
CA GLY A 164 -3.21 20.88 -9.63
C GLY A 164 -1.93 21.67 -9.79
N GLY A 1 16.28 41.93 -13.15
CA GLY A 1 14.91 41.63 -12.77
C GLY A 1 14.51 42.26 -11.45
N SER A 2 13.25 42.11 -11.08
CA SER A 2 12.75 42.68 -9.84
C SER A 2 11.92 41.66 -9.06
N SER A 3 12.61 40.84 -8.27
CA SER A 3 11.94 39.82 -7.47
C SER A 3 12.50 39.77 -6.06
N GLY A 4 11.81 39.05 -5.18
CA GLY A 4 12.26 38.94 -3.80
C GLY A 4 12.88 37.59 -3.50
N SER A 5 12.67 37.10 -2.28
CA SER A 5 13.21 35.82 -1.86
C SER A 5 12.10 34.86 -1.44
N SER A 6 12.47 33.63 -1.13
CA SER A 6 11.51 32.62 -0.71
C SER A 6 11.98 31.89 0.54
N GLY A 7 11.09 31.10 1.14
CA GLY A 7 11.43 30.37 2.34
C GLY A 7 10.62 29.09 2.48
N HIS A 8 10.91 28.10 1.65
CA HIS A 8 10.20 26.83 1.70
C HIS A 8 11.17 25.68 1.94
N GLN A 9 10.77 24.75 2.81
CA GLN A 9 11.61 23.59 3.13
C GLN A 9 11.36 22.45 2.15
N GLN A 10 12.37 21.60 1.98
CA GLN A 10 12.26 20.47 1.06
C GLN A 10 12.36 19.15 1.83
N LEU A 11 11.82 18.09 1.23
CA LEU A 11 11.83 16.77 1.85
C LEU A 11 12.97 15.93 1.28
N ASN A 12 13.54 15.07 2.13
CA ASN A 12 14.64 14.21 1.71
C ASN A 12 14.13 12.79 1.41
N SER A 13 13.73 12.57 0.16
CA SER A 13 13.22 11.27 -0.26
C SER A 13 13.14 11.19 -1.78
N LEU A 14 12.90 9.99 -2.29
CA LEU A 14 12.80 9.77 -3.73
C LEU A 14 11.85 10.76 -4.36
N PRO A 15 12.06 11.05 -5.67
CA PRO A 15 11.21 11.98 -6.42
C PRO A 15 9.81 11.44 -6.65
N THR A 16 9.08 12.08 -7.56
CA THR A 16 7.72 11.66 -7.88
C THR A 16 7.71 10.61 -8.99
N MET A 17 6.69 9.75 -8.98
CA MET A 17 6.57 8.70 -9.99
C MET A 17 5.66 9.15 -11.13
N GLU A 18 6.24 9.77 -12.15
CA GLU A 18 5.48 10.25 -13.29
C GLU A 18 5.80 9.42 -14.53
N GLY A 19 4.91 9.48 -15.51
CA GLY A 19 5.11 8.73 -16.75
C GLY A 19 4.40 7.40 -16.74
N PRO A 20 5.07 6.36 -17.28
CA PRO A 20 4.51 5.01 -17.34
C PRO A 20 4.42 4.35 -15.97
N PRO A 21 3.74 3.20 -15.90
CA PRO A 21 3.56 2.45 -14.66
C PRO A 21 4.86 1.82 -14.17
N THR A 22 4.76 0.95 -13.16
CA THR A 22 5.92 0.28 -12.61
C THR A 22 6.01 -1.16 -13.09
N PHE A 23 7.24 -1.69 -13.13
CA PHE A 23 7.46 -3.07 -13.57
C PHE A 23 8.67 -3.67 -12.87
N ASN A 24 8.53 -4.91 -12.42
CA ASN A 24 9.60 -5.60 -11.73
C ASN A 24 10.25 -4.70 -10.68
N PRO A 25 9.42 -4.04 -9.87
CA PRO A 25 9.88 -3.14 -8.81
C PRO A 25 10.57 -3.88 -7.67
N PRO A 26 11.67 -3.33 -7.18
CA PRO A 26 12.44 -3.92 -6.08
C PRO A 26 11.69 -3.85 -4.74
N VAL A 27 12.35 -4.27 -3.68
CA VAL A 27 11.75 -4.26 -2.35
C VAL A 27 12.78 -3.87 -1.28
N PRO A 28 12.36 -3.02 -0.34
CA PRO A 28 10.99 -2.50 -0.29
C PRO A 28 10.73 -1.51 -1.43
N TYR A 29 9.50 -1.52 -1.95
CA TYR A 29 9.12 -0.63 -3.03
C TYR A 29 8.39 0.61 -2.49
N PHE A 30 8.96 1.78 -2.77
CA PHE A 30 8.37 3.03 -2.32
C PHE A 30 7.63 3.74 -3.45
N GLY A 31 6.30 3.67 -3.42
CA GLY A 31 5.51 4.30 -4.46
C GLY A 31 4.87 5.60 -3.99
N ARG A 32 5.39 6.72 -4.48
CA ARG A 32 4.86 8.03 -4.10
C ARG A 32 3.51 8.29 -4.77
N LEU A 33 2.47 8.41 -3.96
CA LEU A 33 1.13 8.66 -4.49
C LEU A 33 0.93 10.14 -4.78
N GLN A 34 0.81 10.47 -6.07
CA GLN A 34 0.61 11.86 -6.47
C GLN A 34 -0.84 12.28 -6.28
N GLY A 35 -1.12 12.94 -5.17
CA GLY A 35 -2.47 13.40 -4.88
C GLY A 35 -2.92 13.03 -3.48
N GLY A 36 -2.77 11.75 -3.13
CA GLY A 36 -3.16 11.30 -1.81
C GLY A 36 -4.42 10.45 -1.84
N LEU A 37 -4.72 9.79 -0.73
CA LEU A 37 -5.90 8.94 -0.63
C LEU A 37 -7.16 9.70 -1.01
N THR A 38 -7.74 9.35 -2.15
CA THR A 38 -8.96 10.00 -2.63
C THR A 38 -10.03 8.98 -2.98
N ALA A 39 -11.29 9.34 -2.76
CA ALA A 39 -12.41 8.46 -3.05
C ALA A 39 -12.32 7.92 -4.48
N ARG A 40 -11.54 8.61 -5.31
CA ARG A 40 -11.38 8.20 -6.71
C ARG A 40 -10.00 7.60 -6.94
N ARG A 41 -9.45 6.96 -5.91
CA ARG A 41 -8.14 6.34 -6.00
C ARG A 41 -8.24 4.83 -5.83
N THR A 42 -7.43 4.09 -6.59
CA THR A 42 -7.43 2.64 -6.52
C THR A 42 -6.01 2.08 -6.58
N ILE A 43 -5.63 1.35 -5.54
CA ILE A 43 -4.29 0.77 -5.46
C ILE A 43 -4.30 -0.66 -5.99
N ILE A 44 -3.32 -0.99 -6.83
CA ILE A 44 -3.20 -2.32 -7.40
C ILE A 44 -1.79 -2.87 -7.22
N ILE A 45 -1.68 -4.00 -6.52
CA ILE A 45 -0.40 -4.63 -6.28
C ILE A 45 -0.36 -6.04 -6.86
N LYS A 46 0.37 -6.20 -7.96
CA LYS A 46 0.50 -7.50 -8.62
C LYS A 46 1.89 -8.08 -8.41
N GLY A 47 1.98 -9.14 -7.62
CA GLY A 47 3.26 -9.78 -7.36
C GLY A 47 3.14 -11.28 -7.22
N TYR A 48 3.99 -11.87 -6.38
CA TYR A 48 3.98 -13.31 -6.17
C TYR A 48 4.75 -13.68 -4.91
N VAL A 49 4.11 -14.44 -4.02
CA VAL A 49 4.74 -14.86 -2.78
C VAL A 49 5.73 -16.00 -3.01
N PRO A 50 7.00 -15.74 -2.72
CA PRO A 50 8.06 -16.74 -2.88
C PRO A 50 7.96 -17.88 -1.89
N PRO A 51 8.51 -19.05 -2.25
CA PRO A 51 8.50 -20.24 -1.39
C PRO A 51 9.39 -20.09 -0.18
N THR A 52 10.26 -19.08 -0.19
CA THR A 52 11.16 -18.83 0.92
C THR A 52 10.82 -17.53 1.62
N GLY A 53 9.61 -17.03 1.38
CA GLY A 53 9.18 -15.79 2.01
C GLY A 53 8.10 -16.01 3.05
N LYS A 54 8.37 -15.57 4.27
CA LYS A 54 7.41 -15.72 5.36
C LYS A 54 6.14 -14.92 5.09
N SER A 55 6.29 -13.60 4.99
CA SER A 55 5.16 -12.73 4.73
C SER A 55 5.61 -11.30 4.47
N PHE A 56 4.79 -10.52 3.78
CA PHE A 56 5.11 -9.14 3.47
C PHE A 56 4.21 -8.18 4.23
N ALA A 57 4.34 -6.89 3.95
CA ALA A 57 3.53 -5.87 4.60
C ALA A 57 3.43 -4.62 3.75
N ILE A 58 2.23 -4.07 3.64
CA ILE A 58 2.01 -2.86 2.85
C ILE A 58 1.50 -1.72 3.74
N ASN A 59 2.42 -0.84 4.14
CA ASN A 59 2.07 0.30 4.99
C ASN A 59 1.86 1.55 4.15
N PHE A 60 0.90 2.38 4.55
CA PHE A 60 0.60 3.61 3.84
C PHE A 60 0.90 4.83 4.70
N LYS A 61 2.08 5.42 4.50
CA LYS A 61 2.49 6.59 5.26
C LYS A 61 2.18 7.87 4.50
N VAL A 62 2.30 9.01 5.18
CA VAL A 62 2.04 10.30 4.56
C VAL A 62 3.34 11.00 4.16
N GLY A 63 3.44 11.34 2.88
CA GLY A 63 4.64 12.01 2.38
C GLY A 63 4.90 13.32 3.09
N SER A 64 3.82 13.97 3.54
CA SER A 64 3.94 15.26 4.23
C SER A 64 4.45 15.06 5.66
N SER A 65 3.59 14.55 6.52
CA SER A 65 3.96 14.32 7.92
C SER A 65 4.81 13.07 8.05
N GLY A 66 4.17 11.91 7.88
CA GLY A 66 4.88 10.65 7.99
C GLY A 66 4.20 9.68 8.93
N ASP A 67 2.87 9.64 8.87
CA ASP A 67 2.09 8.74 9.72
C ASP A 67 1.41 7.67 8.89
N ILE A 68 1.40 6.44 9.41
CA ILE A 68 0.78 5.32 8.71
C ILE A 68 -0.71 5.25 9.01
N ALA A 69 -1.52 5.35 7.96
CA ALA A 69 -2.97 5.28 8.10
C ALA A 69 -3.48 3.86 8.01
N LEU A 70 -2.78 3.03 7.23
CA LEU A 70 -3.16 1.64 7.06
C LEU A 70 -1.93 0.74 6.96
N HIS A 71 -1.94 -0.35 7.71
CA HIS A 71 -0.83 -1.29 7.72
C HIS A 71 -1.33 -2.73 7.63
N ILE A 72 -1.42 -3.25 6.41
CA ILE A 72 -1.89 -4.61 6.20
C ILE A 72 -0.71 -5.58 6.09
N ASN A 73 -0.81 -6.70 6.81
CA ASN A 73 0.24 -7.71 6.80
C ASN A 73 -0.36 -9.11 6.77
N PRO A 74 -0.28 -9.76 5.61
CA PRO A 74 -0.80 -11.11 5.41
C PRO A 74 0.02 -12.17 6.16
N ARG A 75 -0.62 -13.29 6.49
CA ARG A 75 0.04 -14.36 7.20
C ARG A 75 -0.17 -15.70 6.50
N MET A 76 0.78 -16.07 5.65
CA MET A 76 0.70 -17.33 4.90
C MET A 76 0.49 -18.50 5.85
N GLY A 77 -0.13 -19.56 5.35
CA GLY A 77 -0.38 -20.74 6.16
C GLY A 77 -1.71 -20.66 6.89
N ASN A 78 -1.68 -20.06 8.08
CA ASN A 78 -2.90 -19.92 8.88
C ASN A 78 -4.02 -19.29 8.07
N GLY A 79 -3.83 -18.03 7.70
CA GLY A 79 -4.84 -17.32 6.92
C GLY A 79 -5.44 -16.15 7.68
N THR A 80 -4.59 -15.30 8.23
CA THR A 80 -5.04 -14.15 8.99
C THR A 80 -4.23 -12.90 8.65
N VAL A 81 -4.90 -11.89 8.10
CA VAL A 81 -4.24 -10.65 7.74
C VAL A 81 -4.51 -9.56 8.76
N VAL A 82 -3.50 -9.22 9.55
CA VAL A 82 -3.62 -8.19 10.57
C VAL A 82 -3.60 -6.80 9.95
N ARG A 83 -4.38 -5.89 10.52
CA ARG A 83 -4.45 -4.51 10.02
C ARG A 83 -4.17 -3.51 11.14
N ASN A 84 -3.18 -2.65 10.91
CA ASN A 84 -2.81 -1.64 11.90
C ASN A 84 -2.59 -0.28 11.24
N SER A 85 -2.28 0.72 12.06
CA SER A 85 -2.05 2.06 11.55
C SER A 85 -1.26 2.90 12.56
N LEU A 86 0.02 3.10 12.27
CA LEU A 86 0.88 3.89 13.15
C LEU A 86 0.62 5.38 13.00
N LEU A 87 0.18 6.01 14.09
CA LEU A 87 -0.11 7.44 14.07
C LEU A 87 1.08 8.24 14.57
N ASN A 88 1.09 9.53 14.27
CA ASN A 88 2.18 10.42 14.69
C ASN A 88 2.64 10.06 16.11
N GLY A 89 3.76 9.35 16.19
CA GLY A 89 4.29 8.96 17.49
C GLY A 89 3.37 8.01 18.22
N SER A 90 2.19 7.79 17.68
CA SER A 90 1.21 6.90 18.30
C SER A 90 0.90 5.71 17.38
N TRP A 91 0.18 4.73 17.92
CA TRP A 91 -0.19 3.55 17.15
C TRP A 91 -1.69 3.28 17.24
N GLY A 92 -2.21 2.50 16.31
CA GLY A 92 -3.62 2.19 16.30
C GLY A 92 -3.94 0.91 17.05
N SER A 93 -4.25 -0.15 16.32
CA SER A 93 -4.58 -1.44 16.92
C SER A 93 -4.52 -2.56 15.90
N GLU A 94 -4.72 -3.79 16.36
CA GLU A 94 -4.67 -4.95 15.48
C GLU A 94 -6.09 -5.37 15.07
N GLU A 95 -6.33 -5.42 13.77
CA GLU A 95 -7.64 -5.81 13.25
C GLU A 95 -7.52 -7.01 12.32
N LYS A 96 -8.16 -8.11 12.70
CA LYS A 96 -8.13 -9.33 11.89
C LYS A 96 -9.53 -9.76 11.49
N LYS A 97 -9.76 -9.88 10.18
CA LYS A 97 -11.06 -10.27 9.67
C LYS A 97 -11.00 -10.51 8.16
N ILE A 98 -11.01 -11.79 7.76
CA ILE A 98 -10.95 -12.14 6.35
C ILE A 98 -11.74 -13.43 6.09
N THR A 99 -12.25 -13.55 4.87
CA THR A 99 -13.03 -14.73 4.48
C THR A 99 -12.11 -15.83 3.96
N HIS A 100 -11.23 -15.48 3.02
CA HIS A 100 -10.30 -16.44 2.44
C HIS A 100 -8.94 -15.80 2.20
N ASN A 101 -7.89 -16.51 2.56
CA ASN A 101 -6.52 -16.01 2.38
C ASN A 101 -5.85 -16.70 1.20
N PRO A 102 -5.89 -16.05 0.03
CA PRO A 102 -5.28 -16.57 -1.20
C PRO A 102 -3.75 -16.57 -1.14
N PHE A 103 -3.20 -15.59 -0.42
CA PHE A 103 -1.76 -15.47 -0.29
C PHE A 103 -1.12 -16.82 0.06
N GLY A 104 -0.33 -17.33 -0.87
CA GLY A 104 0.32 -18.61 -0.65
C GLY A 104 1.74 -18.63 -1.18
N PRO A 105 2.66 -19.24 -0.40
CA PRO A 105 4.07 -19.33 -0.76
C PRO A 105 4.30 -20.29 -1.93
N GLY A 106 4.51 -19.73 -3.11
CA GLY A 106 4.75 -20.55 -4.30
C GLY A 106 3.75 -20.26 -5.40
N GLN A 107 2.76 -19.42 -5.10
CA GLN A 107 1.73 -19.07 -6.08
C GLN A 107 1.54 -17.56 -6.13
N PHE A 108 1.22 -17.06 -7.33
CA PHE A 108 1.00 -15.63 -7.52
C PHE A 108 -0.23 -15.16 -6.75
N PHE A 109 -0.44 -13.84 -6.73
CA PHE A 109 -1.58 -13.26 -6.03
C PHE A 109 -1.85 -11.84 -6.52
N ASP A 110 -3.09 -11.58 -6.90
CA ASP A 110 -3.48 -10.27 -7.39
C ASP A 110 -4.25 -9.49 -6.32
N LEU A 111 -3.59 -8.51 -5.71
CA LEU A 111 -4.20 -7.70 -4.67
C LEU A 111 -4.52 -6.30 -5.19
N SER A 112 -5.69 -5.79 -4.83
CA SER A 112 -6.11 -4.45 -5.26
C SER A 112 -6.93 -3.77 -4.17
N ILE A 113 -6.37 -2.71 -3.60
CA ILE A 113 -7.05 -1.96 -2.55
C ILE A 113 -7.81 -0.77 -3.13
N ARG A 114 -9.05 -0.59 -2.67
CA ARG A 114 -9.89 0.51 -3.15
C ARG A 114 -10.08 1.55 -2.06
N CYS A 115 -9.71 2.79 -2.36
CA CYS A 115 -9.83 3.89 -1.40
C CYS A 115 -11.18 4.57 -1.54
N GLY A 116 -11.92 4.62 -0.45
CA GLY A 116 -13.23 5.25 -0.46
C GLY A 116 -13.37 6.34 0.59
N LEU A 117 -14.59 6.60 1.02
CA LEU A 117 -14.85 7.61 2.02
C LEU A 117 -15.28 6.98 3.36
N ASP A 118 -16.05 5.91 3.27
CA ASP A 118 -16.52 5.21 4.46
C ASP A 118 -15.49 4.17 4.92
N ARG A 119 -14.86 3.51 3.96
CA ARG A 119 -13.86 2.50 4.27
C ARG A 119 -13.19 1.99 3.00
N PHE A 120 -12.10 1.25 3.15
CA PHE A 120 -11.37 0.71 2.01
C PHE A 120 -11.88 -0.69 1.65
N LYS A 121 -11.72 -1.06 0.40
CA LYS A 121 -12.16 -2.37 -0.08
C LYS A 121 -11.04 -3.10 -0.80
N VAL A 122 -10.47 -4.11 -0.14
CA VAL A 122 -9.39 -4.89 -0.72
C VAL A 122 -9.93 -6.08 -1.50
N TYR A 123 -9.33 -6.33 -2.66
CA TYR A 123 -9.75 -7.45 -3.51
C TYR A 123 -8.59 -8.40 -3.76
N ALA A 124 -8.91 -9.68 -3.90
CA ALA A 124 -7.89 -10.70 -4.16
C ALA A 124 -8.36 -11.70 -5.20
N ASN A 125 -7.82 -11.58 -6.41
CA ASN A 125 -8.19 -12.48 -7.50
C ASN A 125 -9.66 -12.33 -7.85
N GLY A 126 -10.18 -11.12 -7.72
CA GLY A 126 -11.58 -10.87 -8.02
C GLY A 126 -12.50 -11.30 -6.90
N GLN A 127 -12.07 -11.07 -5.66
CA GLN A 127 -12.87 -11.43 -4.49
C GLN A 127 -12.63 -10.47 -3.34
N HIS A 128 -13.71 -9.99 -2.74
CA HIS A 128 -13.63 -9.06 -1.63
C HIS A 128 -12.88 -9.68 -0.45
N LEU A 129 -11.61 -9.31 -0.30
CA LEU A 129 -10.79 -9.84 0.78
C LEU A 129 -11.30 -9.35 2.14
N PHE A 130 -11.13 -8.06 2.39
CA PHE A 130 -11.57 -7.47 3.66
C PHE A 130 -11.68 -5.96 3.54
N ASP A 131 -12.17 -5.32 4.59
CA ASP A 131 -12.32 -3.87 4.61
C ASP A 131 -11.41 -3.24 5.66
N PHE A 132 -11.00 -2.01 5.41
CA PHE A 132 -10.12 -1.29 6.34
C PHE A 132 -10.80 -0.04 6.87
N ALA A 133 -11.26 -0.11 8.13
CA ALA A 133 -11.93 1.03 8.75
C ALA A 133 -11.02 2.25 8.81
N HIS A 134 -11.56 3.40 8.45
CA HIS A 134 -10.80 4.64 8.46
C HIS A 134 -10.32 4.97 9.86
N ARG A 135 -9.00 4.91 10.07
CA ARG A 135 -8.42 5.21 11.38
C ARG A 135 -7.94 6.66 11.44
N LEU A 136 -7.14 7.06 10.47
CA LEU A 136 -6.61 8.42 10.42
C LEU A 136 -7.49 9.31 9.56
N SER A 137 -8.23 10.22 10.20
CA SER A 137 -9.11 11.14 9.50
C SER A 137 -8.38 11.83 8.35
N ALA A 138 -7.09 12.06 8.55
CA ALA A 138 -6.27 12.72 7.53
C ALA A 138 -5.77 11.72 6.50
N PHE A 139 -6.49 10.61 6.36
CA PHE A 139 -6.12 9.57 5.40
C PHE A 139 -5.80 10.18 4.04
N GLN A 140 -6.57 11.19 3.65
CA GLN A 140 -6.38 11.85 2.37
C GLN A 140 -4.93 12.33 2.22
N ARG A 141 -4.33 12.73 3.33
CA ARG A 141 -2.95 13.20 3.33
C ARG A 141 -2.00 12.09 2.90
N VAL A 142 -2.28 10.87 3.33
CA VAL A 142 -1.45 9.73 2.99
C VAL A 142 -1.12 9.71 1.51
N ASP A 143 0.14 9.98 1.18
CA ASP A 143 0.58 9.99 -0.21
C ASP A 143 1.88 9.20 -0.37
N THR A 144 2.05 8.17 0.46
CA THR A 144 3.24 7.33 0.41
C THR A 144 2.89 5.87 0.63
N LEU A 145 3.04 5.06 -0.41
CA LEU A 145 2.75 3.63 -0.32
C LEU A 145 4.02 2.80 -0.40
N GLU A 146 4.40 2.20 0.73
CA GLU A 146 5.60 1.37 0.79
C GLU A 146 5.25 -0.10 1.00
N ILE A 147 6.13 -0.98 0.56
CA ILE A 147 5.90 -2.42 0.70
C ILE A 147 7.20 -3.14 1.06
N GLN A 148 7.29 -3.64 2.29
CA GLN A 148 8.47 -4.35 2.74
C GLN A 148 8.12 -5.79 3.14
N GLY A 149 9.14 -6.57 3.46
CA GLY A 149 8.93 -7.95 3.86
C GLY A 149 9.39 -8.93 2.79
N ASP A 150 8.65 -10.02 2.63
CA ASP A 150 8.99 -11.04 1.64
C ASP A 150 7.89 -11.15 0.58
N VAL A 151 8.08 -10.43 -0.52
CA VAL A 151 7.11 -10.44 -1.62
C VAL A 151 7.79 -10.17 -2.96
N THR A 152 7.22 -10.72 -4.03
CA THR A 152 7.77 -10.54 -5.36
C THR A 152 6.86 -9.66 -6.22
N LEU A 153 7.15 -8.37 -6.25
CA LEU A 153 6.37 -7.42 -7.03
C LEU A 153 6.72 -7.52 -8.51
N SER A 154 5.71 -7.47 -9.36
CA SER A 154 5.90 -7.56 -10.80
C SER A 154 5.32 -6.33 -11.51
N TYR A 155 4.19 -5.85 -11.00
CA TYR A 155 3.52 -4.68 -11.58
C TYR A 155 2.75 -3.91 -10.51
N VAL A 156 2.97 -2.60 -10.47
CA VAL A 156 2.30 -1.75 -9.50
C VAL A 156 1.89 -0.42 -10.13
N GLN A 157 0.60 -0.27 -10.40
CA GLN A 157 0.08 0.95 -11.00
C GLN A 157 -0.80 1.71 -10.01
N ILE A 158 -0.76 3.04 -10.09
CA ILE A 158 -1.56 3.88 -9.20
C ILE A 158 -2.68 4.57 -9.97
N SER A 159 -3.84 3.91 -10.02
CA SER A 159 -4.99 4.47 -10.72
C SER A 159 -5.26 5.90 -10.27
N GLY A 160 -5.61 6.75 -11.23
CA GLY A 160 -5.90 8.14 -10.92
C GLY A 160 -7.34 8.52 -11.21
N PRO A 161 -7.71 9.76 -10.85
CA PRO A 161 -9.07 10.27 -11.06
C PRO A 161 -9.38 10.49 -12.53
N SER A 162 -9.99 9.48 -13.17
CA SER A 162 -10.33 9.57 -14.57
C SER A 162 -11.33 8.47 -14.95
N SER A 163 -12.17 8.77 -15.94
CA SER A 163 -13.18 7.80 -16.40
C SER A 163 -12.68 7.04 -17.62
N GLY A 164 -13.15 5.80 -17.76
CA GLY A 164 -12.74 4.99 -18.89
C GLY A 164 -13.18 3.54 -18.75
N GLY A 1 30.03 -0.86 -22.29
CA GLY A 1 29.33 -0.30 -21.16
C GLY A 1 29.99 0.96 -20.62
N SER A 2 29.17 1.91 -20.20
CA SER A 2 29.68 3.17 -19.66
C SER A 2 28.64 3.83 -18.76
N SER A 3 29.08 4.87 -18.04
CA SER A 3 28.20 5.59 -17.14
C SER A 3 28.41 7.09 -17.24
N GLY A 4 27.32 7.85 -17.13
CA GLY A 4 27.42 9.29 -17.22
C GLY A 4 27.87 9.93 -15.91
N SER A 5 27.71 11.25 -15.81
CA SER A 5 28.10 11.98 -14.60
C SER A 5 27.12 11.71 -13.47
N SER A 6 27.53 10.89 -12.52
CA SER A 6 26.69 10.54 -11.37
C SER A 6 27.41 10.83 -10.06
N GLY A 7 27.23 12.04 -9.54
CA GLY A 7 27.87 12.42 -8.30
C GLY A 7 27.32 13.72 -7.73
N HIS A 8 26.23 13.63 -7.01
CA HIS A 8 25.61 14.81 -6.41
C HIS A 8 24.85 14.44 -5.13
N GLN A 9 24.76 15.39 -4.21
CA GLN A 9 24.06 15.16 -2.94
C GLN A 9 22.56 15.08 -3.16
N GLN A 10 21.83 14.75 -2.10
CA GLN A 10 20.38 14.64 -2.17
C GLN A 10 19.71 15.74 -1.36
N LEU A 11 19.06 16.66 -2.06
CA LEU A 11 18.38 17.78 -1.41
C LEU A 11 17.02 17.33 -0.86
N ASN A 12 16.24 16.66 -1.70
CA ASN A 12 14.92 16.19 -1.30
C ASN A 12 14.66 14.78 -1.84
N SER A 13 13.59 14.15 -1.35
CA SER A 13 13.24 12.81 -1.79
C SER A 13 12.91 12.78 -3.28
N LEU A 14 12.97 11.60 -3.88
CA LEU A 14 12.68 11.45 -5.30
C LEU A 14 11.45 12.26 -5.70
N PRO A 15 11.37 12.62 -6.99
CA PRO A 15 10.24 13.39 -7.53
C PRO A 15 8.95 12.60 -7.56
N THR A 16 7.94 13.15 -8.23
CA THR A 16 6.65 12.49 -8.33
C THR A 16 6.75 11.21 -9.16
N MET A 17 5.78 10.32 -8.98
CA MET A 17 5.76 9.05 -9.71
C MET A 17 4.80 9.12 -10.90
N GLU A 18 4.86 10.22 -11.65
CA GLU A 18 4.00 10.42 -12.80
C GLU A 18 4.51 9.63 -14.00
N GLY A 19 3.61 9.31 -14.93
CA GLY A 19 3.99 8.58 -16.12
C GLY A 19 3.42 7.17 -16.12
N PRO A 20 4.07 6.27 -16.88
CA PRO A 20 3.64 4.87 -16.98
C PRO A 20 3.84 4.09 -15.69
N PRO A 21 3.28 2.87 -15.64
CA PRO A 21 3.38 2.00 -14.46
C PRO A 21 4.80 1.47 -14.26
N THR A 22 5.01 0.75 -13.16
CA THR A 22 6.32 0.18 -12.86
C THR A 22 6.45 -1.22 -13.42
N PHE A 23 7.70 -1.67 -13.60
CA PHE A 23 7.96 -2.99 -14.14
C PHE A 23 9.17 -3.63 -13.44
N ASN A 24 8.92 -4.75 -12.75
CA ASN A 24 9.99 -5.45 -12.05
C ASN A 24 10.50 -4.62 -10.88
N PRO A 25 9.57 -4.12 -10.05
CA PRO A 25 9.91 -3.31 -8.88
C PRO A 25 10.60 -4.11 -7.79
N PRO A 26 11.72 -3.58 -7.27
CA PRO A 26 12.49 -4.25 -6.21
C PRO A 26 11.76 -4.24 -4.88
N VAL A 27 12.44 -4.70 -3.84
CA VAL A 27 11.87 -4.75 -2.50
C VAL A 27 12.91 -4.45 -1.43
N PRO A 28 12.52 -3.65 -0.42
CA PRO A 28 11.17 -3.10 -0.33
C PRO A 28 10.91 -2.04 -1.40
N TYR A 29 9.68 -1.99 -1.90
CA TYR A 29 9.31 -1.03 -2.93
C TYR A 29 8.62 0.19 -2.32
N PHE A 30 9.21 1.36 -2.49
CA PHE A 30 8.65 2.60 -1.96
C PHE A 30 8.02 3.43 -3.06
N GLY A 31 6.70 3.49 -3.07
CA GLY A 31 6.00 4.27 -4.08
C GLY A 31 5.15 5.37 -3.48
N ARG A 32 5.63 6.60 -3.58
CA ARG A 32 4.91 7.74 -3.03
C ARG A 32 3.71 8.10 -3.91
N LEU A 33 2.55 8.21 -3.28
CA LEU A 33 1.32 8.54 -4.01
C LEU A 33 1.31 10.00 -4.43
N GLN A 34 0.61 10.30 -5.52
CA GLN A 34 0.53 11.66 -6.03
C GLN A 34 -0.64 12.41 -5.39
N GLY A 35 -1.85 11.93 -5.64
CA GLY A 35 -3.03 12.56 -5.08
C GLY A 35 -3.51 11.89 -3.81
N GLY A 36 -2.57 11.55 -2.93
CA GLY A 36 -2.92 10.89 -1.69
C GLY A 36 -4.10 9.95 -1.84
N LEU A 37 -4.83 9.75 -0.76
CA LEU A 37 -6.00 8.87 -0.77
C LEU A 37 -7.25 9.62 -1.19
N THR A 38 -7.78 9.28 -2.36
CA THR A 38 -8.98 9.92 -2.87
C THR A 38 -10.10 8.91 -3.10
N ALA A 39 -11.34 9.38 -3.02
CA ALA A 39 -12.50 8.51 -3.23
C ALA A 39 -12.48 7.87 -4.61
N ARG A 40 -11.82 8.54 -5.55
CA ARG A 40 -11.72 8.04 -6.92
C ARG A 40 -10.33 7.48 -7.20
N ARG A 41 -9.73 6.86 -6.18
CA ARG A 41 -8.40 6.29 -6.32
C ARG A 41 -8.40 4.81 -5.94
N THR A 42 -7.65 4.01 -6.69
CA THR A 42 -7.57 2.57 -6.41
C THR A 42 -6.15 2.06 -6.60
N ILE A 43 -5.60 1.47 -5.54
CA ILE A 43 -4.25 0.94 -5.57
C ILE A 43 -4.24 -0.52 -5.99
N ILE A 44 -3.33 -0.87 -6.91
CA ILE A 44 -3.23 -2.23 -7.39
C ILE A 44 -1.82 -2.78 -7.19
N ILE A 45 -1.74 -3.99 -6.67
CA ILE A 45 -0.45 -4.64 -6.43
C ILE A 45 -0.43 -6.06 -6.98
N LYS A 46 0.31 -6.26 -8.06
CA LYS A 46 0.41 -7.56 -8.69
C LYS A 46 1.81 -8.16 -8.49
N GLY A 47 1.90 -9.17 -7.62
CA GLY A 47 3.18 -9.79 -7.36
C GLY A 47 3.07 -11.30 -7.22
N TYR A 48 3.89 -11.88 -6.36
CA TYR A 48 3.88 -13.32 -6.15
C TYR A 48 4.70 -13.69 -4.91
N VAL A 49 4.10 -14.49 -4.02
CA VAL A 49 4.78 -14.91 -2.80
C VAL A 49 5.77 -16.04 -3.09
N PRO A 50 7.05 -15.77 -2.85
CA PRO A 50 8.12 -16.74 -3.06
C PRO A 50 8.07 -17.89 -2.07
N PRO A 51 8.69 -19.03 -2.43
CA PRO A 51 8.73 -20.21 -1.58
C PRO A 51 9.61 -20.03 -0.35
N THR A 52 10.43 -18.98 -0.37
CA THR A 52 11.32 -18.67 0.73
C THR A 52 10.93 -17.38 1.43
N GLY A 53 9.68 -16.96 1.22
CA GLY A 53 9.19 -15.74 1.83
C GLY A 53 8.11 -15.99 2.86
N LYS A 54 8.37 -15.62 4.10
CA LYS A 54 7.42 -15.82 5.19
C LYS A 54 6.14 -15.01 4.94
N SER A 55 6.30 -13.69 4.81
CA SER A 55 5.18 -12.81 4.57
C SER A 55 5.64 -11.38 4.31
N PHE A 56 4.79 -10.59 3.69
CA PHE A 56 5.12 -9.20 3.37
C PHE A 56 4.22 -8.23 4.14
N ALA A 57 4.34 -6.95 3.82
CA ALA A 57 3.54 -5.93 4.49
C ALA A 57 3.41 -4.69 3.62
N ILE A 58 2.22 -4.07 3.63
CA ILE A 58 1.98 -2.87 2.85
C ILE A 58 1.41 -1.75 3.71
N ASN A 59 2.28 -0.85 4.13
CA ASN A 59 1.87 0.28 4.97
C ASN A 59 1.71 1.55 4.14
N PHE A 60 0.81 2.43 4.57
CA PHE A 60 0.57 3.69 3.87
C PHE A 60 0.90 4.88 4.76
N LYS A 61 2.07 5.47 4.54
CA LYS A 61 2.50 6.63 5.32
C LYS A 61 2.16 7.92 4.59
N VAL A 62 2.32 9.05 5.30
CA VAL A 62 2.03 10.35 4.73
C VAL A 62 3.30 11.06 4.30
N GLY A 63 3.37 11.45 3.03
CA GLY A 63 4.53 12.14 2.52
C GLY A 63 4.83 13.43 3.27
N SER A 64 3.78 14.16 3.61
CA SER A 64 3.92 15.42 4.32
C SER A 64 4.47 15.20 5.73
N SER A 65 3.62 14.67 6.60
CA SER A 65 4.00 14.41 7.98
C SER A 65 4.86 13.15 8.07
N GLY A 66 4.21 11.98 7.95
CA GLY A 66 4.93 10.72 8.02
C GLY A 66 4.24 9.72 8.92
N ASP A 67 2.91 9.75 8.94
CA ASP A 67 2.13 8.83 9.77
C ASP A 67 1.48 7.76 8.93
N ILE A 68 1.40 6.55 9.48
CA ILE A 68 0.78 5.42 8.77
C ILE A 68 -0.72 5.36 9.02
N ALA A 69 -1.50 5.41 7.95
CA ALA A 69 -2.95 5.36 8.07
C ALA A 69 -3.46 3.92 7.94
N LEU A 70 -2.77 3.13 7.13
CA LEU A 70 -3.15 1.74 6.92
C LEU A 70 -1.93 0.83 6.88
N HIS A 71 -1.97 -0.26 7.64
CA HIS A 71 -0.85 -1.20 7.68
C HIS A 71 -1.36 -2.64 7.57
N ILE A 72 -1.40 -3.16 6.35
CA ILE A 72 -1.86 -4.52 6.11
C ILE A 72 -0.69 -5.48 5.97
N ASN A 73 -0.75 -6.59 6.69
CA ASN A 73 0.31 -7.60 6.64
C ASN A 73 -0.27 -9.00 6.67
N PRO A 74 -0.22 -9.69 5.53
CA PRO A 74 -0.74 -11.06 5.40
C PRO A 74 0.11 -12.08 6.16
N ARG A 75 -0.51 -13.19 6.53
CA ARG A 75 0.19 -14.24 7.27
C ARG A 75 -0.05 -15.61 6.63
N MET A 76 0.89 -16.03 5.80
CA MET A 76 0.79 -17.32 5.12
C MET A 76 0.73 -18.46 6.14
N GLY A 77 0.41 -19.65 5.65
CA GLY A 77 0.33 -20.81 6.53
C GLY A 77 -0.93 -20.81 7.37
N ASN A 78 -1.15 -19.73 8.10
CA ASN A 78 -2.33 -19.61 8.96
C ASN A 78 -3.53 -19.08 8.17
N GLY A 79 -3.35 -17.90 7.59
CA GLY A 79 -4.41 -17.29 6.82
C GLY A 79 -5.11 -16.16 7.56
N THR A 80 -4.32 -15.21 8.04
CA THR A 80 -4.87 -14.07 8.78
C THR A 80 -4.08 -12.79 8.48
N VAL A 81 -4.77 -11.80 7.92
CA VAL A 81 -4.13 -10.53 7.60
C VAL A 81 -4.45 -9.47 8.66
N VAL A 82 -3.42 -9.06 9.38
CA VAL A 82 -3.58 -8.05 10.43
C VAL A 82 -3.61 -6.64 9.84
N ARG A 83 -4.45 -5.78 10.40
CA ARG A 83 -4.57 -4.41 9.92
C ARG A 83 -4.28 -3.42 11.04
N ASN A 84 -3.32 -2.53 10.81
CA ASN A 84 -2.95 -1.53 11.80
C ASN A 84 -2.72 -0.17 11.14
N SER A 85 -2.43 0.84 11.97
CA SER A 85 -2.19 2.18 11.47
C SER A 85 -1.44 3.02 12.50
N LEU A 86 -0.15 3.24 12.26
CA LEU A 86 0.68 4.02 13.16
C LEU A 86 0.41 5.51 12.99
N LEU A 87 -0.03 6.16 14.06
CA LEU A 87 -0.32 7.59 14.02
C LEU A 87 0.86 8.40 14.54
N ASN A 88 0.89 9.68 14.22
CA ASN A 88 1.97 10.55 14.66
C ASN A 88 2.37 10.23 16.10
N GLY A 89 3.48 9.52 16.24
CA GLY A 89 3.97 9.15 17.56
C GLY A 89 3.01 8.23 18.29
N SER A 90 1.85 7.97 17.70
CA SER A 90 0.85 7.11 18.28
C SER A 90 0.54 5.92 17.38
N TRP A 91 -0.21 4.96 17.90
CA TRP A 91 -0.58 3.78 17.14
C TRP A 91 -2.08 3.55 17.17
N GLY A 92 -2.58 2.77 16.21
CA GLY A 92 -4.01 2.48 16.16
C GLY A 92 -4.36 1.19 16.86
N SER A 93 -4.83 0.21 16.10
CA SER A 93 -5.22 -1.07 16.67
C SER A 93 -5.06 -2.19 15.64
N GLU A 94 -5.16 -3.44 16.10
CA GLU A 94 -5.03 -4.59 15.23
C GLU A 94 -6.40 -5.11 14.80
N GLU A 95 -6.62 -5.15 13.49
CA GLU A 95 -7.89 -5.62 12.95
C GLU A 95 -7.69 -6.87 12.09
N LYS A 96 -8.27 -7.98 12.54
CA LYS A 96 -8.15 -9.23 11.81
C LYS A 96 -9.53 -9.79 11.44
N LYS A 97 -9.79 -9.90 10.15
CA LYS A 97 -11.07 -10.41 9.66
C LYS A 97 -11.01 -10.67 8.16
N ILE A 98 -11.01 -11.96 7.79
CA ILE A 98 -10.96 -12.35 6.39
C ILE A 98 -11.78 -13.61 6.14
N THR A 99 -12.26 -13.77 4.91
CA THR A 99 -13.05 -14.93 4.55
C THR A 99 -12.19 -15.99 3.87
N HIS A 100 -11.25 -15.54 3.03
CA HIS A 100 -10.37 -16.45 2.31
C HIS A 100 -8.99 -15.82 2.11
N ASN A 101 -7.96 -16.52 2.56
CA ASN A 101 -6.59 -16.03 2.44
C ASN A 101 -5.86 -16.73 1.29
N PRO A 102 -5.84 -16.08 0.12
CA PRO A 102 -5.18 -16.62 -1.08
C PRO A 102 -3.66 -16.63 -0.94
N PHE A 103 -3.11 -15.57 -0.36
CA PHE A 103 -1.67 -15.46 -0.18
C PHE A 103 -1.06 -16.82 0.14
N GLY A 104 -0.35 -17.40 -0.84
CA GLY A 104 0.27 -18.68 -0.64
C GLY A 104 1.70 -18.72 -1.15
N PRO A 105 2.59 -19.34 -0.36
CA PRO A 105 4.02 -19.45 -0.70
C PRO A 105 4.25 -20.39 -1.87
N GLY A 106 4.43 -19.83 -3.06
CA GLY A 106 4.67 -20.65 -4.24
C GLY A 106 3.68 -20.35 -5.36
N GLN A 107 2.69 -19.52 -5.06
CA GLN A 107 1.68 -19.16 -6.04
C GLN A 107 1.48 -17.64 -6.09
N PHE A 108 1.16 -17.14 -7.27
CA PHE A 108 0.95 -15.70 -7.45
C PHE A 108 -0.26 -15.23 -6.66
N PHE A 109 -0.45 -13.92 -6.62
CA PHE A 109 -1.57 -13.33 -5.88
C PHE A 109 -1.86 -11.91 -6.36
N ASP A 110 -3.04 -11.69 -6.90
CA ASP A 110 -3.45 -10.38 -7.40
C ASP A 110 -4.19 -9.59 -6.32
N LEU A 111 -3.51 -8.59 -5.77
CA LEU A 111 -4.12 -7.76 -4.73
C LEU A 111 -4.43 -6.37 -5.26
N SER A 112 -5.59 -5.84 -4.88
CA SER A 112 -6.01 -4.52 -5.32
C SER A 112 -6.80 -3.80 -4.22
N ILE A 113 -6.23 -2.73 -3.69
CA ILE A 113 -6.88 -1.97 -2.64
C ILE A 113 -7.68 -0.80 -3.22
N ARG A 114 -8.87 -0.59 -2.68
CA ARG A 114 -9.73 0.50 -3.15
C ARG A 114 -9.84 1.59 -2.09
N CYS A 115 -9.72 2.84 -2.53
CA CYS A 115 -9.81 3.99 -1.63
C CYS A 115 -11.16 4.67 -1.75
N GLY A 116 -11.94 4.65 -0.67
CA GLY A 116 -13.25 5.29 -0.68
C GLY A 116 -13.33 6.46 0.28
N LEU A 117 -14.52 6.69 0.83
CA LEU A 117 -14.74 7.79 1.76
C LEU A 117 -15.02 7.26 3.15
N ASP A 118 -15.79 6.18 3.24
CA ASP A 118 -16.13 5.57 4.51
C ASP A 118 -15.10 4.53 4.92
N ARG A 119 -14.55 3.82 3.94
CA ARG A 119 -13.55 2.79 4.19
C ARG A 119 -12.96 2.29 2.88
N PHE A 120 -11.96 1.41 3.00
CA PHE A 120 -11.29 0.85 1.83
C PHE A 120 -11.83 -0.54 1.51
N LYS A 121 -11.59 -1.01 0.29
CA LYS A 121 -12.05 -2.32 -0.13
C LYS A 121 -10.93 -3.08 -0.84
N VAL A 122 -10.35 -4.05 -0.13
CA VAL A 122 -9.28 -4.86 -0.68
C VAL A 122 -9.82 -6.10 -1.37
N TYR A 123 -9.46 -6.28 -2.64
CA TYR A 123 -9.91 -7.44 -3.41
C TYR A 123 -8.74 -8.33 -3.80
N ALA A 124 -8.99 -9.64 -3.85
CA ALA A 124 -7.96 -10.60 -4.20
C ALA A 124 -8.46 -11.57 -5.27
N ASN A 125 -7.94 -11.42 -6.49
CA ASN A 125 -8.34 -12.29 -7.59
C ASN A 125 -9.84 -12.20 -7.84
N GLY A 126 -10.40 -11.02 -7.65
CA GLY A 126 -11.82 -10.82 -7.86
C GLY A 126 -12.66 -11.35 -6.71
N GLN A 127 -12.18 -11.13 -5.49
CA GLN A 127 -12.89 -11.59 -4.30
C GLN A 127 -12.70 -10.63 -3.14
N HIS A 128 -13.80 -10.24 -2.51
CA HIS A 128 -13.76 -9.32 -1.38
C HIS A 128 -12.92 -9.89 -0.24
N LEU A 129 -11.67 -9.44 -0.15
CA LEU A 129 -10.76 -9.90 0.89
C LEU A 129 -11.18 -9.38 2.26
N PHE A 130 -11.03 -8.08 2.45
CA PHE A 130 -11.39 -7.44 3.71
C PHE A 130 -11.50 -5.93 3.56
N ASP A 131 -12.04 -5.27 4.58
CA ASP A 131 -12.20 -3.82 4.56
C ASP A 131 -11.30 -3.15 5.60
N PHE A 132 -10.89 -1.92 5.31
CA PHE A 132 -10.03 -1.18 6.22
C PHE A 132 -10.75 0.06 6.76
N ALA A 133 -11.16 0.00 8.02
CA ALA A 133 -11.85 1.11 8.65
C ALA A 133 -10.97 2.35 8.70
N HIS A 134 -11.54 3.50 8.33
CA HIS A 134 -10.81 4.76 8.34
C HIS A 134 -10.35 5.12 9.74
N ARG A 135 -9.12 4.74 10.08
CA ARG A 135 -8.58 5.03 11.40
C ARG A 135 -8.11 6.48 11.50
N LEU A 136 -7.47 6.96 10.44
CA LEU A 136 -6.97 8.33 10.40
C LEU A 136 -7.91 9.22 9.60
N SER A 137 -8.62 10.10 10.30
CA SER A 137 -9.56 11.02 9.66
C SER A 137 -8.87 11.77 8.52
N ALA A 138 -7.58 12.01 8.66
CA ALA A 138 -6.81 12.72 7.66
C ALA A 138 -6.23 11.76 6.62
N PHE A 139 -6.94 10.65 6.39
CA PHE A 139 -6.49 9.65 5.43
C PHE A 139 -5.93 10.31 4.17
N GLN A 140 -6.58 11.38 3.73
CA GLN A 140 -6.15 12.11 2.54
C GLN A 140 -4.65 12.39 2.59
N ARG A 141 -4.20 12.99 3.69
CA ARG A 141 -2.79 13.31 3.86
C ARG A 141 -1.91 12.16 3.39
N VAL A 142 -2.33 10.94 3.67
CA VAL A 142 -1.57 9.75 3.27
C VAL A 142 -1.26 9.78 1.78
N ASP A 143 -0.02 10.07 1.45
CA ASP A 143 0.41 10.13 0.06
C ASP A 143 1.68 9.31 -0.15
N THR A 144 1.83 8.24 0.62
CA THR A 144 3.00 7.37 0.53
C THR A 144 2.61 5.91 0.68
N LEU A 145 3.08 5.08 -0.25
CA LEU A 145 2.77 3.65 -0.22
C LEU A 145 4.06 2.82 -0.26
N GLU A 146 4.39 2.20 0.86
CA GLU A 146 5.59 1.38 0.95
C GLU A 146 5.23 -0.10 1.08
N ILE A 147 6.09 -0.96 0.56
CA ILE A 147 5.86 -2.41 0.62
C ILE A 147 7.16 -3.16 0.93
N GLN A 148 7.28 -3.63 2.16
CA GLN A 148 8.47 -4.36 2.58
C GLN A 148 8.12 -5.79 2.98
N GLY A 149 9.14 -6.57 3.32
CA GLY A 149 8.90 -7.95 3.73
C GLY A 149 9.39 -8.94 2.68
N ASP A 150 8.67 -10.06 2.56
CA ASP A 150 9.04 -11.09 1.60
C ASP A 150 7.95 -11.23 0.53
N VAL A 151 8.11 -10.49 -0.57
CA VAL A 151 7.15 -10.54 -1.66
C VAL A 151 7.83 -10.23 -2.99
N THR A 152 7.28 -10.79 -4.07
CA THR A 152 7.83 -10.57 -5.41
C THR A 152 6.91 -9.70 -6.25
N LEU A 153 7.16 -8.40 -6.24
CA LEU A 153 6.36 -7.46 -7.00
C LEU A 153 6.72 -7.51 -8.48
N SER A 154 5.70 -7.46 -9.34
CA SER A 154 5.90 -7.50 -10.78
C SER A 154 5.30 -6.28 -11.46
N TYR A 155 4.15 -5.85 -10.95
CA TYR A 155 3.47 -4.69 -11.51
C TYR A 155 2.74 -3.91 -10.42
N VAL A 156 2.99 -2.59 -10.38
CA VAL A 156 2.36 -1.73 -9.39
C VAL A 156 1.95 -0.39 -10.00
N GLN A 157 0.65 -0.23 -10.23
CA GLN A 157 0.13 1.01 -10.80
C GLN A 157 -0.89 1.66 -9.87
N ILE A 158 -0.60 2.89 -9.46
CA ILE A 158 -1.49 3.62 -8.56
C ILE A 158 -2.51 4.44 -9.36
N SER A 159 -3.65 3.82 -9.66
CA SER A 159 -4.70 4.48 -10.41
C SER A 159 -4.75 5.97 -10.07
N GLY A 160 -4.94 6.79 -11.09
CA GLY A 160 -5.01 8.23 -10.89
C GLY A 160 -5.10 9.00 -12.19
N PRO A 161 -5.39 10.30 -12.10
CA PRO A 161 -5.52 11.18 -13.26
C PRO A 161 -4.18 11.43 -13.95
N SER A 162 -3.93 10.68 -15.02
CA SER A 162 -2.68 10.81 -15.77
C SER A 162 -2.80 11.89 -16.83
N SER A 163 -1.74 12.68 -16.99
CA SER A 163 -1.73 13.77 -17.97
C SER A 163 -1.49 13.22 -19.37
N GLY A 164 -1.94 13.97 -20.37
CA GLY A 164 -1.76 13.53 -21.76
C GLY A 164 -0.53 14.13 -22.39
N GLY A 1 11.09 9.72 -17.12
CA GLY A 1 11.14 10.75 -16.11
C GLY A 1 10.69 12.11 -16.61
N SER A 2 10.62 13.08 -15.71
CA SER A 2 10.18 14.42 -16.07
C SER A 2 10.72 15.45 -15.08
N SER A 3 11.24 16.55 -15.61
CA SER A 3 11.80 17.62 -14.78
C SER A 3 10.73 18.21 -13.87
N GLY A 4 9.60 18.59 -14.46
CA GLY A 4 8.51 19.17 -13.68
C GLY A 4 9.02 20.02 -12.53
N SER A 5 8.95 19.47 -11.32
CA SER A 5 9.38 20.18 -10.13
C SER A 5 10.84 20.64 -10.27
N SER A 6 11.27 21.48 -9.35
CA SER A 6 12.64 21.99 -9.37
C SER A 6 13.65 20.87 -9.55
N GLY A 7 14.39 20.91 -10.64
CA GLY A 7 15.39 19.88 -10.91
C GLY A 7 16.06 19.39 -9.64
N HIS A 8 16.67 20.32 -8.91
CA HIS A 8 17.37 19.97 -7.67
C HIS A 8 16.40 19.95 -6.50
N GLN A 9 16.48 18.91 -5.67
CA GLN A 9 15.61 18.77 -4.51
C GLN A 9 16.39 18.96 -3.22
N GLN A 10 15.78 19.66 -2.26
CA GLN A 10 16.43 19.91 -0.98
C GLN A 10 16.17 18.77 0.00
N LEU A 11 15.90 17.59 -0.55
CA LEU A 11 15.64 16.41 0.27
C LEU A 11 16.33 15.17 -0.30
N ASN A 12 16.55 14.18 0.55
CA ASN A 12 17.21 12.95 0.12
C ASN A 12 16.21 11.79 0.09
N SER A 13 15.06 12.02 -0.52
CA SER A 13 14.02 11.01 -0.62
C SER A 13 13.78 10.62 -2.08
N LEU A 14 12.87 9.67 -2.29
CA LEU A 14 12.54 9.21 -3.63
C LEU A 14 11.71 10.25 -4.37
N PRO A 15 11.80 10.25 -5.72
CA PRO A 15 11.06 11.17 -6.57
C PRO A 15 9.55 10.88 -6.57
N THR A 16 8.85 11.47 -7.53
CA THR A 16 7.41 11.28 -7.64
C THR A 16 7.08 10.04 -8.48
N MET A 17 8.09 9.53 -9.18
CA MET A 17 7.92 8.35 -10.02
C MET A 17 6.60 8.42 -10.78
N GLU A 18 6.39 9.51 -11.51
CA GLU A 18 5.16 9.68 -12.27
C GLU A 18 5.31 9.09 -13.68
N GLY A 19 4.20 9.09 -14.42
CA GLY A 19 4.22 8.55 -15.77
C GLY A 19 3.64 7.16 -15.84
N PRO A 20 4.29 6.28 -16.62
CA PRO A 20 3.84 4.89 -16.80
C PRO A 20 4.01 4.06 -15.53
N PRO A 21 3.43 2.85 -15.54
CA PRO A 21 3.53 1.93 -14.39
C PRO A 21 4.93 1.38 -14.20
N THR A 22 5.13 0.69 -13.08
CA THR A 22 6.44 0.11 -12.76
C THR A 22 6.58 -1.28 -13.38
N PHE A 23 7.81 -1.76 -13.48
CA PHE A 23 8.08 -3.08 -14.04
C PHE A 23 9.23 -3.76 -13.30
N ASN A 24 8.92 -4.88 -12.66
CA ASN A 24 9.92 -5.63 -11.92
C ASN A 24 10.49 -4.80 -10.78
N PRO A 25 9.60 -4.24 -9.95
CA PRO A 25 9.99 -3.41 -8.81
C PRO A 25 10.65 -4.22 -7.70
N PRO A 26 11.78 -3.71 -7.18
CA PRO A 26 12.53 -4.37 -6.12
C PRO A 26 11.80 -4.33 -4.78
N VAL A 27 12.46 -4.81 -3.73
CA VAL A 27 11.87 -4.84 -2.40
C VAL A 27 12.92 -4.55 -1.32
N PRO A 28 12.53 -3.75 -0.33
CA PRO A 28 11.19 -3.16 -0.25
C PRO A 28 10.96 -2.10 -1.33
N TYR A 29 9.73 -2.03 -1.81
CA TYR A 29 9.38 -1.07 -2.84
C TYR A 29 8.65 0.13 -2.24
N PHE A 30 9.25 1.31 -2.36
CA PHE A 30 8.66 2.53 -1.83
C PHE A 30 8.07 3.39 -2.95
N GLY A 31 6.74 3.41 -3.05
CA GLY A 31 6.09 4.18 -4.08
C GLY A 31 5.23 5.29 -3.51
N ARG A 32 5.72 6.52 -3.57
CA ARG A 32 4.99 7.67 -3.06
C ARG A 32 3.81 8.02 -3.95
N LEU A 33 2.60 7.85 -3.43
CA LEU A 33 1.40 8.14 -4.19
C LEU A 33 1.38 9.60 -4.63
N GLN A 34 0.71 9.86 -5.75
CA GLN A 34 0.61 11.22 -6.29
C GLN A 34 -0.77 11.80 -6.02
N GLY A 35 -0.87 12.66 -5.01
CA GLY A 35 -2.13 13.28 -4.66
C GLY A 35 -2.60 12.92 -3.27
N GLY A 36 -2.76 11.63 -3.02
CA GLY A 36 -3.21 11.18 -1.71
C GLY A 36 -4.46 10.33 -1.78
N LEU A 37 -4.84 9.74 -0.66
CA LEU A 37 -6.04 8.91 -0.59
C LEU A 37 -7.27 9.69 -1.01
N THR A 38 -7.75 9.45 -2.22
CA THR A 38 -8.93 10.13 -2.74
C THR A 38 -10.04 9.13 -3.07
N ALA A 39 -11.28 9.59 -2.95
CA ALA A 39 -12.43 8.74 -3.23
C ALA A 39 -12.34 8.14 -4.64
N ARG A 40 -11.67 8.86 -5.53
CA ARG A 40 -11.51 8.40 -6.91
C ARG A 40 -10.12 7.84 -7.14
N ARG A 41 -9.59 7.15 -6.14
CA ARG A 41 -8.26 6.55 -6.23
C ARG A 41 -8.29 5.08 -5.84
N THR A 42 -7.54 4.26 -6.57
CA THR A 42 -7.48 2.84 -6.31
C THR A 42 -6.06 2.31 -6.42
N ILE A 43 -5.59 1.67 -5.35
CA ILE A 43 -4.24 1.12 -5.33
C ILE A 43 -4.23 -0.33 -5.78
N ILE A 44 -3.28 -0.67 -6.65
CA ILE A 44 -3.17 -2.03 -7.17
C ILE A 44 -1.78 -2.60 -6.88
N ILE A 45 -1.74 -3.86 -6.43
CA ILE A 45 -0.48 -4.52 -6.14
C ILE A 45 -0.45 -5.92 -6.72
N LYS A 46 0.34 -6.11 -7.76
CA LYS A 46 0.47 -7.41 -8.41
C LYS A 46 1.87 -7.98 -8.23
N GLY A 47 1.98 -9.08 -7.49
CA GLY A 47 3.26 -9.70 -7.25
C GLY A 47 3.17 -11.21 -7.14
N TYR A 48 3.94 -11.78 -6.22
CA TYR A 48 3.94 -13.23 -6.01
C TYR A 48 4.72 -13.60 -4.76
N VAL A 49 4.16 -14.53 -3.99
CA VAL A 49 4.81 -14.98 -2.76
C VAL A 49 5.80 -16.10 -3.03
N PRO A 50 7.10 -15.82 -2.79
CA PRO A 50 8.17 -16.79 -3.01
C PRO A 50 8.12 -17.94 -2.01
N PRO A 51 8.69 -19.09 -2.39
CA PRO A 51 8.74 -20.28 -1.53
C PRO A 51 9.67 -20.10 -0.34
N THR A 52 10.50 -19.07 -0.39
CA THR A 52 11.44 -18.79 0.68
C THR A 52 11.08 -17.50 1.41
N GLY A 53 9.85 -17.04 1.21
CA GLY A 53 9.40 -15.81 1.85
C GLY A 53 8.32 -16.07 2.88
N LYS A 54 8.59 -15.70 4.13
CA LYS A 54 7.63 -15.89 5.20
C LYS A 54 6.35 -15.09 4.94
N SER A 55 6.48 -13.78 4.83
CA SER A 55 5.34 -12.91 4.58
C SER A 55 5.80 -11.48 4.34
N PHE A 56 4.94 -10.70 3.67
CA PHE A 56 5.25 -9.30 3.37
C PHE A 56 4.34 -8.37 4.15
N ALA A 57 4.43 -7.07 3.85
CA ALA A 57 3.62 -6.07 4.53
C ALA A 57 3.45 -4.83 3.66
N ILE A 58 2.25 -4.25 3.70
CA ILE A 58 1.95 -3.06 2.92
C ILE A 58 1.48 -1.92 3.81
N ASN A 59 2.38 -0.97 4.07
CA ASN A 59 2.06 0.17 4.91
C ASN A 59 1.83 1.42 4.08
N PHE A 60 0.92 2.28 4.52
CA PHE A 60 0.60 3.51 3.80
C PHE A 60 0.93 4.74 4.66
N LYS A 61 2.06 5.36 4.36
CA LYS A 61 2.51 6.54 5.09
C LYS A 61 2.11 7.82 4.35
N VAL A 62 2.23 8.95 5.03
CA VAL A 62 1.89 10.23 4.44
C VAL A 62 3.13 10.97 3.94
N GLY A 63 3.14 11.30 2.65
CA GLY A 63 4.27 12.00 2.08
C GLY A 63 4.54 13.32 2.74
N SER A 64 3.48 13.95 3.27
CA SER A 64 3.61 15.23 3.94
C SER A 64 4.19 15.07 5.35
N SER A 65 3.40 14.51 6.24
CA SER A 65 3.83 14.29 7.62
C SER A 65 4.71 13.06 7.73
N GLY A 66 4.10 11.88 7.67
CA GLY A 66 4.85 10.64 7.75
C GLY A 66 4.24 9.66 8.74
N ASP A 67 2.91 9.57 8.72
CA ASP A 67 2.21 8.66 9.62
C ASP A 67 1.48 7.56 8.83
N ILE A 68 1.53 6.35 9.35
CA ILE A 68 0.88 5.22 8.70
C ILE A 68 -0.58 5.11 9.11
N ALA A 69 -1.48 5.30 8.15
CA ALA A 69 -2.91 5.22 8.41
C ALA A 69 -3.41 3.78 8.32
N LEU A 70 -2.82 3.01 7.42
CA LEU A 70 -3.20 1.62 7.23
C LEU A 70 -1.96 0.74 7.05
N HIS A 71 -1.92 -0.36 7.78
CA HIS A 71 -0.80 -1.30 7.70
C HIS A 71 -1.29 -2.74 7.63
N ILE A 72 -1.34 -3.28 6.41
CA ILE A 72 -1.81 -4.65 6.21
C ILE A 72 -0.62 -5.61 6.12
N ASN A 73 -0.68 -6.68 6.91
CA ASN A 73 0.38 -7.69 6.93
C ASN A 73 -0.19 -9.10 6.88
N PRO A 74 -0.12 -9.73 5.70
CA PRO A 74 -0.62 -11.09 5.49
C PRO A 74 0.21 -12.14 6.23
N ARG A 75 -0.41 -13.27 6.53
CA ARG A 75 0.28 -14.35 7.23
C ARG A 75 0.01 -15.70 6.56
N MET A 76 0.95 -16.13 5.72
CA MET A 76 0.82 -17.40 5.02
C MET A 76 0.56 -18.54 5.99
N GLY A 77 0.37 -19.74 5.45
CA GLY A 77 0.11 -20.90 6.28
C GLY A 77 -1.14 -20.74 7.12
N ASN A 78 -1.06 -19.95 8.18
CA ASN A 78 -2.20 -19.71 9.06
C ASN A 78 -3.39 -19.17 8.28
N GLY A 79 -3.25 -17.97 7.74
CA GLY A 79 -4.32 -17.35 6.98
C GLY A 79 -4.99 -16.22 7.73
N THR A 80 -4.19 -15.28 8.23
CA THR A 80 -4.72 -14.15 8.96
C THR A 80 -3.95 -12.87 8.64
N VAL A 81 -4.66 -11.89 8.07
CA VAL A 81 -4.04 -10.62 7.70
C VAL A 81 -4.32 -9.55 8.76
N VAL A 82 -3.29 -9.18 9.50
CA VAL A 82 -3.42 -8.16 10.54
C VAL A 82 -3.43 -6.75 9.94
N ARG A 83 -4.28 -5.89 10.49
CA ARG A 83 -4.39 -4.52 10.01
C ARG A 83 -4.10 -3.53 11.13
N ASN A 84 -3.01 -2.77 10.98
CA ASN A 84 -2.62 -1.78 11.98
C ASN A 84 -2.45 -0.41 11.35
N SER A 85 -2.09 0.58 12.17
CA SER A 85 -1.89 1.93 11.69
C SER A 85 -1.07 2.74 12.68
N LEU A 86 0.16 3.06 12.29
CA LEU A 86 1.06 3.83 13.15
C LEU A 86 0.78 5.33 13.03
N LEU A 87 0.41 5.95 14.14
CA LEU A 87 0.11 7.38 14.16
C LEU A 87 1.32 8.18 14.62
N ASN A 88 1.32 9.47 14.31
CA ASN A 88 2.41 10.35 14.70
C ASN A 88 2.93 9.99 16.08
N GLY A 89 4.07 9.29 16.12
CA GLY A 89 4.64 8.90 17.40
C GLY A 89 3.77 7.92 18.17
N SER A 90 2.56 7.69 17.65
CA SER A 90 1.62 6.78 18.30
C SER A 90 1.28 5.61 17.39
N TRP A 91 0.56 4.64 17.92
CA TRP A 91 0.16 3.46 17.15
C TRP A 91 -1.34 3.21 17.28
N GLY A 92 -1.88 2.43 16.34
CA GLY A 92 -3.30 2.13 16.37
C GLY A 92 -3.60 0.83 17.09
N SER A 93 -4.10 -0.15 16.36
CA SER A 93 -4.43 -1.44 16.95
C SER A 93 -4.34 -2.56 15.92
N GLU A 94 -4.37 -3.80 16.39
CA GLU A 94 -4.28 -4.95 15.49
C GLU A 94 -5.67 -5.51 15.19
N GLU A 95 -6.02 -5.53 13.91
CA GLU A 95 -7.33 -6.04 13.49
C GLU A 95 -7.16 -7.22 12.55
N LYS A 96 -7.85 -8.32 12.86
CA LYS A 96 -7.78 -9.52 12.04
C LYS A 96 -9.18 -10.04 11.72
N LYS A 97 -9.52 -10.06 10.44
CA LYS A 97 -10.83 -10.54 9.99
C LYS A 97 -10.88 -10.65 8.47
N ILE A 98 -10.84 -11.88 7.97
CA ILE A 98 -10.89 -12.11 6.53
C ILE A 98 -11.64 -13.40 6.22
N THR A 99 -12.26 -13.44 5.04
CA THR A 99 -13.02 -14.61 4.62
C THR A 99 -12.12 -15.65 3.95
N HIS A 100 -11.32 -15.20 2.99
CA HIS A 100 -10.41 -16.08 2.28
C HIS A 100 -9.04 -15.42 2.09
N ASN A 101 -7.99 -16.16 2.40
CA ASN A 101 -6.63 -15.65 2.26
C ASN A 101 -5.88 -16.38 1.16
N PRO A 102 -5.80 -15.75 -0.02
CA PRO A 102 -5.11 -16.32 -1.19
C PRO A 102 -3.59 -16.36 -0.99
N PHE A 103 -3.05 -15.29 -0.43
CA PHE A 103 -1.61 -15.21 -0.19
C PHE A 103 -1.03 -16.56 0.17
N GLY A 104 -0.38 -17.20 -0.79
CA GLY A 104 0.20 -18.51 -0.55
C GLY A 104 1.64 -18.60 -1.05
N PRO A 105 2.51 -19.21 -0.23
CA PRO A 105 3.92 -19.36 -0.56
C PRO A 105 4.14 -20.36 -1.69
N GLY A 106 4.30 -19.85 -2.91
CA GLY A 106 4.52 -20.71 -4.05
C GLY A 106 3.66 -20.33 -5.24
N GLN A 107 2.69 -19.44 -5.00
CA GLN A 107 1.79 -18.99 -6.06
C GLN A 107 1.66 -17.47 -6.05
N PHE A 108 1.18 -16.92 -7.16
CA PHE A 108 1.00 -15.48 -7.29
C PHE A 108 -0.31 -15.04 -6.65
N PHE A 109 -0.53 -13.73 -6.61
CA PHE A 109 -1.75 -13.18 -6.03
C PHE A 109 -1.97 -11.74 -6.49
N ASP A 110 -3.16 -11.47 -7.03
CA ASP A 110 -3.49 -10.14 -7.51
C ASP A 110 -4.30 -9.37 -6.47
N LEU A 111 -3.65 -8.42 -5.80
CA LEU A 111 -4.30 -7.62 -4.77
C LEU A 111 -4.59 -6.21 -5.29
N SER A 112 -5.77 -5.69 -4.95
CA SER A 112 -6.17 -4.36 -5.37
C SER A 112 -6.99 -3.66 -4.29
N ILE A 113 -6.42 -2.60 -3.72
CA ILE A 113 -7.10 -1.85 -2.67
C ILE A 113 -7.88 -0.67 -3.26
N ARG A 114 -9.10 -0.48 -2.78
CA ARG A 114 -9.95 0.61 -3.25
C ARG A 114 -10.16 1.66 -2.16
N CYS A 115 -9.74 2.89 -2.44
CA CYS A 115 -9.88 3.97 -1.49
C CYS A 115 -11.21 4.70 -1.67
N GLY A 116 -12.05 4.64 -0.65
CA GLY A 116 -13.35 5.30 -0.72
C GLY A 116 -13.47 6.46 0.24
N LEU A 117 -14.68 6.70 0.74
CA LEU A 117 -14.92 7.79 1.67
C LEU A 117 -15.31 7.26 3.05
N ASP A 118 -16.03 6.15 3.06
CA ASP A 118 -16.46 5.53 4.32
C ASP A 118 -15.44 4.50 4.79
N ARG A 119 -14.79 3.83 3.84
CA ARG A 119 -13.80 2.81 4.15
C ARG A 119 -13.12 2.30 2.88
N PHE A 120 -12.14 1.43 3.06
CA PHE A 120 -11.41 0.86 1.92
C PHE A 120 -11.94 -0.53 1.58
N LYS A 121 -11.69 -0.96 0.35
CA LYS A 121 -12.15 -2.27 -0.11
C LYS A 121 -11.01 -3.03 -0.78
N VAL A 122 -10.41 -3.95 -0.05
CA VAL A 122 -9.31 -4.76 -0.58
C VAL A 122 -9.83 -6.01 -1.29
N TYR A 123 -9.39 -6.18 -2.53
CA TYR A 123 -9.81 -7.34 -3.32
C TYR A 123 -8.62 -8.20 -3.70
N ALA A 124 -8.86 -9.50 -3.85
CA ALA A 124 -7.81 -10.44 -4.22
C ALA A 124 -8.27 -11.38 -5.32
N ASN A 125 -7.72 -11.22 -6.52
CA ASN A 125 -8.08 -12.06 -7.66
C ASN A 125 -9.56 -11.93 -7.98
N GLY A 126 -10.07 -10.71 -7.88
CA GLY A 126 -11.48 -10.46 -8.18
C GLY A 126 -12.39 -11.00 -7.09
N GLN A 127 -12.00 -10.81 -5.84
CA GLN A 127 -12.80 -11.27 -4.71
C GLN A 127 -12.63 -10.35 -3.51
N HIS A 128 -13.74 -10.04 -2.84
CA HIS A 128 -13.72 -9.17 -1.68
C HIS A 128 -12.90 -9.79 -0.55
N LEU A 129 -11.73 -9.23 -0.31
CA LEU A 129 -10.84 -9.73 0.74
C LEU A 129 -11.30 -9.24 2.11
N PHE A 130 -11.26 -7.93 2.32
CA PHE A 130 -11.67 -7.33 3.58
C PHE A 130 -11.84 -5.83 3.45
N ASP A 131 -12.18 -5.18 4.55
CA ASP A 131 -12.37 -3.73 4.56
C ASP A 131 -11.51 -3.08 5.64
N PHE A 132 -11.01 -1.88 5.34
CA PHE A 132 -10.17 -1.15 6.29
C PHE A 132 -10.88 0.12 6.77
N ALA A 133 -11.33 0.07 8.02
CA ALA A 133 -12.02 1.21 8.62
C ALA A 133 -11.11 2.44 8.69
N HIS A 134 -11.67 3.60 8.36
CA HIS A 134 -10.91 4.84 8.38
C HIS A 134 -10.50 5.20 9.81
N ARG A 135 -9.25 4.92 10.14
CA ARG A 135 -8.73 5.21 11.48
C ARG A 135 -8.26 6.66 11.57
N LEU A 136 -7.36 7.04 10.67
CA LEU A 136 -6.83 8.39 10.65
C LEU A 136 -7.69 9.31 9.79
N SER A 137 -8.43 10.21 10.44
CA SER A 137 -9.31 11.14 9.74
C SER A 137 -8.57 11.82 8.59
N ALA A 138 -7.28 12.07 8.81
CA ALA A 138 -6.46 12.72 7.78
C ALA A 138 -5.97 11.71 6.76
N PHE A 139 -6.74 10.66 6.55
CA PHE A 139 -6.37 9.62 5.59
C PHE A 139 -6.02 10.23 4.24
N GLN A 140 -6.81 11.21 3.81
CA GLN A 140 -6.57 11.87 2.53
C GLN A 140 -5.11 12.29 2.39
N ARG A 141 -4.52 12.73 3.50
CA ARG A 141 -3.13 13.15 3.50
C ARG A 141 -2.21 12.04 3.03
N VAL A 142 -2.50 10.81 3.48
CA VAL A 142 -1.69 9.65 3.09
C VAL A 142 -1.47 9.62 1.58
N ASP A 143 -0.28 10.01 1.16
CA ASP A 143 0.08 10.02 -0.25
C ASP A 143 1.34 9.21 -0.51
N THR A 144 1.60 8.24 0.37
CA THR A 144 2.77 7.39 0.25
C THR A 144 2.41 5.92 0.43
N LEU A 145 3.02 5.06 -0.37
CA LEU A 145 2.76 3.63 -0.29
C LEU A 145 4.06 2.84 -0.36
N GLU A 146 4.40 2.16 0.74
CA GLU A 146 5.61 1.37 0.80
C GLU A 146 5.28 -0.12 1.04
N ILE A 147 6.16 -0.99 0.55
CA ILE A 147 5.97 -2.43 0.70
C ILE A 147 7.28 -3.13 1.05
N GLN A 148 7.32 -3.76 2.21
CA GLN A 148 8.52 -4.46 2.66
C GLN A 148 8.18 -5.89 3.07
N GLY A 149 9.20 -6.65 3.46
CA GLY A 149 9.00 -8.03 3.88
C GLY A 149 9.47 -9.02 2.84
N ASP A 150 8.67 -10.06 2.61
CA ASP A 150 9.02 -11.10 1.64
C ASP A 150 7.92 -11.23 0.60
N VAL A 151 8.07 -10.51 -0.51
CA VAL A 151 7.10 -10.55 -1.59
C VAL A 151 7.75 -10.26 -2.94
N THR A 152 7.19 -10.83 -4.00
CA THR A 152 7.72 -10.64 -5.34
C THR A 152 6.81 -9.72 -6.17
N LEU A 153 7.12 -8.44 -6.16
CA LEU A 153 6.33 -7.46 -6.91
C LEU A 153 6.67 -7.51 -8.39
N SER A 154 5.64 -7.62 -9.23
CA SER A 154 5.82 -7.69 -10.67
C SER A 154 5.28 -6.44 -11.35
N TYR A 155 4.12 -5.97 -10.88
CA TYR A 155 3.49 -4.79 -11.44
C TYR A 155 2.79 -3.98 -10.35
N VAL A 156 3.06 -2.67 -10.33
CA VAL A 156 2.46 -1.79 -9.33
C VAL A 156 2.09 -0.45 -9.96
N GLN A 157 0.80 -0.24 -10.19
CA GLN A 157 0.31 1.00 -10.77
C GLN A 157 -0.67 1.70 -9.83
N ILE A 158 -0.44 2.99 -9.60
CA ILE A 158 -1.31 3.76 -8.71
C ILE A 158 -2.36 4.52 -9.51
N SER A 159 -3.53 3.92 -9.65
CA SER A 159 -4.63 4.53 -10.40
C SER A 159 -4.90 5.94 -9.89
N GLY A 160 -5.33 6.81 -10.79
CA GLY A 160 -5.63 8.18 -10.41
C GLY A 160 -6.78 8.77 -11.20
N PRO A 161 -7.45 9.76 -10.62
CA PRO A 161 -8.60 10.44 -11.26
C PRO A 161 -8.17 11.28 -12.45
N SER A 162 -6.87 11.32 -12.72
CA SER A 162 -6.34 12.11 -13.83
C SER A 162 -7.02 11.71 -15.14
N SER A 163 -8.11 12.41 -15.46
CA SER A 163 -8.85 12.14 -16.69
C SER A 163 -7.89 11.82 -17.84
N GLY A 164 -8.21 10.78 -18.59
CA GLY A 164 -7.38 10.40 -19.71
C GLY A 164 -5.91 10.28 -19.33
N GLY A 1 -10.88 35.80 11.09
CA GLY A 1 -10.04 34.94 10.28
C GLY A 1 -9.22 33.97 11.10
N SER A 2 -8.35 33.20 10.44
CA SER A 2 -7.52 32.22 11.12
C SER A 2 -6.11 32.22 10.54
N SER A 3 -5.11 32.39 11.39
CA SER A 3 -3.72 32.40 10.96
C SER A 3 -3.04 31.08 11.30
N GLY A 4 -2.16 30.63 10.41
CA GLY A 4 -1.46 29.38 10.62
C GLY A 4 0.05 29.54 10.51
N SER A 5 0.77 28.42 10.58
CA SER A 5 2.23 28.45 10.50
C SER A 5 2.73 27.31 9.61
N SER A 6 3.69 27.64 8.74
CA SER A 6 4.26 26.65 7.83
C SER A 6 5.44 25.94 8.48
N GLY A 7 5.54 24.63 8.23
CA GLY A 7 6.63 23.85 8.79
C GLY A 7 7.62 23.41 7.74
N HIS A 8 8.91 23.49 8.08
CA HIS A 8 9.97 23.08 7.16
C HIS A 8 10.50 21.70 7.50
N GLN A 9 10.08 20.71 6.72
CA GLN A 9 10.52 19.33 6.94
C GLN A 9 11.84 19.06 6.24
N GLN A 10 12.94 19.36 6.90
CA GLN A 10 14.26 19.15 6.34
C GLN A 10 14.65 17.67 6.39
N LEU A 11 14.20 16.92 5.38
CA LEU A 11 14.50 15.49 5.31
C LEU A 11 14.65 15.04 3.87
N ASN A 12 15.51 14.05 3.65
CA ASN A 12 15.75 13.52 2.32
C ASN A 12 14.58 12.64 1.85
N SER A 13 14.19 12.79 0.59
CA SER A 13 13.10 12.01 0.03
C SER A 13 13.13 12.04 -1.49
N LEU A 14 13.03 10.86 -2.10
CA LEU A 14 13.05 10.75 -3.54
C LEU A 14 11.92 11.56 -4.18
N PRO A 15 12.14 12.00 -5.42
CA PRO A 15 11.15 12.79 -6.16
C PRO A 15 9.93 11.97 -6.56
N THR A 16 9.06 12.56 -7.37
CA THR A 16 7.84 11.89 -7.81
C THR A 16 8.14 10.93 -8.96
N MET A 17 7.35 9.87 -9.05
CA MET A 17 7.54 8.86 -10.09
C MET A 17 6.39 8.92 -11.10
N GLU A 18 6.34 9.99 -11.89
CA GLU A 18 5.30 10.16 -12.89
C GLU A 18 5.65 9.42 -14.17
N GLY A 19 4.63 9.15 -14.99
CA GLY A 19 4.86 8.45 -16.24
C GLY A 19 4.13 7.12 -16.29
N PRO A 20 4.79 6.11 -16.91
CA PRO A 20 4.23 4.77 -17.03
C PRO A 20 4.16 4.03 -15.69
N PRO A 21 3.47 2.88 -15.69
CA PRO A 21 3.32 2.07 -14.48
C PRO A 21 4.63 1.41 -14.06
N THR A 22 4.59 0.70 -12.92
CA THR A 22 5.78 0.03 -12.41
C THR A 22 5.85 -1.41 -12.92
N PHE A 23 7.07 -1.91 -13.09
CA PHE A 23 7.27 -3.28 -13.57
C PHE A 23 8.47 -3.92 -12.88
N ASN A 24 8.29 -5.16 -12.44
CA ASN A 24 9.35 -5.89 -11.75
C ASN A 24 10.09 -4.99 -10.77
N PRO A 25 9.32 -4.30 -9.92
CA PRO A 25 9.87 -3.39 -8.91
C PRO A 25 10.59 -4.13 -7.80
N PRO A 26 11.68 -3.53 -7.30
CA PRO A 26 12.49 -4.12 -6.22
C PRO A 26 11.76 -4.12 -4.89
N VAL A 27 12.44 -4.62 -3.85
CA VAL A 27 11.85 -4.68 -2.51
C VAL A 27 12.91 -4.41 -1.44
N PRO A 28 12.53 -3.61 -0.44
CA PRO A 28 11.19 -3.03 -0.35
C PRO A 28 10.95 -1.95 -1.41
N TYR A 29 9.72 -1.88 -1.90
CA TYR A 29 9.37 -0.90 -2.92
C TYR A 29 8.68 0.30 -2.30
N PHE A 30 9.30 1.48 -2.45
CA PHE A 30 8.74 2.70 -1.90
C PHE A 30 8.14 3.57 -3.00
N GLY A 31 6.81 3.55 -3.09
CA GLY A 31 6.12 4.33 -4.11
C GLY A 31 5.29 5.45 -3.52
N ARG A 32 5.79 6.68 -3.62
CA ARG A 32 5.08 7.84 -3.09
C ARG A 32 3.88 8.19 -3.96
N LEU A 33 2.70 8.19 -3.35
CA LEU A 33 1.47 8.50 -4.07
C LEU A 33 1.44 9.99 -4.47
N GLN A 34 0.82 10.26 -5.61
CA GLN A 34 0.72 11.63 -6.11
C GLN A 34 -0.70 12.17 -5.94
N GLY A 35 -0.98 12.68 -4.74
CA GLY A 35 -2.30 13.22 -4.46
C GLY A 35 -2.81 12.82 -3.09
N GLY A 36 -2.73 11.53 -2.78
CA GLY A 36 -3.20 11.05 -1.49
C GLY A 36 -4.47 10.22 -1.60
N LEU A 37 -4.81 9.53 -0.53
CA LEU A 37 -6.01 8.69 -0.51
C LEU A 37 -7.25 9.50 -0.89
N THR A 38 -7.80 9.23 -2.07
CA THR A 38 -8.98 9.93 -2.55
C THR A 38 -10.05 8.95 -3.02
N ALA A 39 -11.30 9.31 -2.81
CA ALA A 39 -12.42 8.46 -3.22
C ALA A 39 -12.24 7.97 -4.65
N ARG A 40 -11.59 8.79 -5.48
CA ARG A 40 -11.36 8.45 -6.87
C ARG A 40 -9.95 7.86 -7.06
N ARG A 41 -9.46 7.17 -6.03
CA ARG A 41 -8.14 6.56 -6.08
C ARG A 41 -8.22 5.07 -5.80
N THR A 42 -7.41 4.29 -6.51
CA THR A 42 -7.39 2.85 -6.33
C THR A 42 -5.96 2.31 -6.36
N ILE A 43 -5.58 1.59 -5.30
CA ILE A 43 -4.25 1.02 -5.21
C ILE A 43 -4.24 -0.43 -5.66
N ILE A 44 -3.30 -0.76 -6.54
CA ILE A 44 -3.18 -2.12 -7.06
C ILE A 44 -1.78 -2.69 -6.81
N ILE A 45 -1.72 -3.92 -6.32
CA ILE A 45 -0.45 -4.56 -6.04
C ILE A 45 -0.42 -5.98 -6.59
N LYS A 46 0.33 -6.19 -7.67
CA LYS A 46 0.45 -7.49 -8.29
C LYS A 46 1.85 -8.07 -8.10
N GLY A 47 1.96 -9.10 -7.28
CA GLY A 47 3.25 -9.73 -7.04
C GLY A 47 3.18 -11.24 -7.01
N TYR A 48 3.91 -11.85 -6.08
CA TYR A 48 3.91 -13.30 -5.96
C TYR A 48 4.71 -13.73 -4.73
N VAL A 49 4.05 -14.41 -3.81
CA VAL A 49 4.68 -14.88 -2.58
C VAL A 49 5.66 -16.03 -2.88
N PRO A 50 6.95 -15.76 -2.67
CA PRO A 50 8.01 -16.75 -2.90
C PRO A 50 7.98 -17.89 -1.89
N PRO A 51 8.55 -19.04 -2.27
CA PRO A 51 8.58 -20.23 -1.41
C PRO A 51 9.53 -20.04 -0.22
N THR A 52 10.37 -19.01 -0.30
CA THR A 52 11.32 -18.73 0.77
C THR A 52 10.97 -17.44 1.50
N GLY A 53 9.72 -16.99 1.34
CA GLY A 53 9.28 -15.78 1.98
C GLY A 53 8.18 -16.03 2.99
N LYS A 54 8.41 -15.60 4.23
CA LYS A 54 7.44 -15.78 5.30
C LYS A 54 6.18 -14.96 5.02
N SER A 55 6.35 -13.65 4.91
CA SER A 55 5.22 -12.76 4.65
C SER A 55 5.71 -11.32 4.42
N PHE A 56 4.86 -10.52 3.79
CA PHE A 56 5.20 -9.12 3.50
C PHE A 56 4.30 -8.17 4.29
N ALA A 57 4.45 -6.88 4.02
CA ALA A 57 3.65 -5.87 4.70
C ALA A 57 3.54 -4.59 3.87
N ILE A 58 2.32 -4.12 3.66
CA ILE A 58 2.10 -2.91 2.89
C ILE A 58 1.58 -1.79 3.76
N ASN A 59 2.46 -0.85 4.11
CA ASN A 59 2.08 0.29 4.95
C ASN A 59 1.86 1.54 4.11
N PHE A 60 0.97 2.41 4.56
CA PHE A 60 0.68 3.64 3.85
C PHE A 60 1.03 4.86 4.71
N LYS A 61 2.16 5.47 4.43
CA LYS A 61 2.61 6.64 5.16
C LYS A 61 2.21 7.93 4.44
N VAL A 62 2.36 9.06 5.12
CA VAL A 62 2.03 10.35 4.54
C VAL A 62 3.28 11.08 4.06
N GLY A 63 3.27 11.47 2.79
CA GLY A 63 4.42 12.17 2.22
C GLY A 63 4.70 13.48 2.93
N SER A 64 3.64 14.14 3.38
CA SER A 64 3.77 15.42 4.08
C SER A 64 4.39 15.23 5.45
N SER A 65 3.62 14.64 6.36
CA SER A 65 4.10 14.40 7.73
C SER A 65 4.93 13.13 7.80
N GLY A 66 4.27 11.98 7.74
CA GLY A 66 4.97 10.71 7.80
C GLY A 66 4.32 9.74 8.76
N ASP A 67 3.00 9.65 8.72
CA ASP A 67 2.27 8.75 9.60
C ASP A 67 1.60 7.63 8.81
N ILE A 68 1.54 6.44 9.39
CA ILE A 68 0.93 5.30 8.74
C ILE A 68 -0.55 5.21 9.07
N ALA A 69 -1.39 5.39 8.05
CA ALA A 69 -2.83 5.33 8.24
C ALA A 69 -3.34 3.90 8.09
N LEU A 70 -2.69 3.12 7.24
CA LEU A 70 -3.07 1.73 7.01
C LEU A 70 -1.84 0.82 6.97
N HIS A 71 -1.88 -0.26 7.74
CA HIS A 71 -0.77 -1.21 7.78
C HIS A 71 -1.28 -2.64 7.69
N ILE A 72 -1.31 -3.18 6.48
CA ILE A 72 -1.78 -4.55 6.26
C ILE A 72 -0.61 -5.51 6.13
N ASN A 73 -0.70 -6.65 6.81
CA ASN A 73 0.36 -7.65 6.76
C ASN A 73 -0.23 -9.06 6.74
N PRO A 74 -0.16 -9.72 5.57
CA PRO A 74 -0.69 -11.07 5.39
C PRO A 74 0.13 -12.12 6.13
N ARG A 75 -0.50 -13.24 6.46
CA ARG A 75 0.17 -14.31 7.17
C ARG A 75 -0.02 -15.65 6.46
N MET A 76 0.96 -16.05 5.66
CA MET A 76 0.88 -17.30 4.92
C MET A 76 0.63 -18.48 5.87
N GLY A 77 1.17 -18.37 7.09
CA GLY A 77 0.99 -19.43 8.07
C GLY A 77 -0.43 -19.97 8.09
N ASN A 78 -1.29 -19.35 8.88
CA ASN A 78 -2.68 -19.78 8.99
C ASN A 78 -3.54 -19.09 7.93
N GLY A 79 -3.31 -17.79 7.73
CA GLY A 79 -4.07 -17.04 6.75
C GLY A 79 -4.79 -15.87 7.36
N THR A 80 -4.20 -15.27 8.39
CA THR A 80 -4.80 -14.13 9.07
C THR A 80 -4.03 -12.85 8.78
N VAL A 81 -4.70 -11.90 8.15
CA VAL A 81 -4.08 -10.61 7.81
C VAL A 81 -4.42 -9.55 8.84
N VAL A 82 -3.41 -9.10 9.58
CA VAL A 82 -3.60 -8.08 10.60
C VAL A 82 -3.58 -6.68 9.99
N ARG A 83 -4.40 -5.79 10.55
CA ARG A 83 -4.49 -4.42 10.05
C ARG A 83 -4.20 -3.42 11.17
N ASN A 84 -3.24 -2.53 10.94
CA ASN A 84 -2.87 -1.53 11.93
C ASN A 84 -2.61 -0.18 11.26
N SER A 85 -2.30 0.83 12.08
CA SER A 85 -2.03 2.17 11.58
C SER A 85 -1.26 2.99 12.60
N LEU A 86 0.01 3.22 12.32
CA LEU A 86 0.86 4.00 13.22
C LEU A 86 0.57 5.49 13.09
N LEU A 87 0.10 6.10 14.17
CA LEU A 87 -0.21 7.52 14.18
C LEU A 87 0.98 8.34 14.67
N ASN A 88 0.97 9.63 14.36
CA ASN A 88 2.04 10.53 14.78
C ASN A 88 2.49 10.23 16.21
N GLY A 89 3.60 9.52 16.34
CA GLY A 89 4.11 9.18 17.66
C GLY A 89 3.21 8.21 18.39
N SER A 90 2.08 7.88 17.78
CA SER A 90 1.12 6.96 18.39
C SER A 90 0.82 5.79 17.47
N TRP A 91 0.07 4.82 17.97
CA TRP A 91 -0.29 3.65 17.18
C TRP A 91 -1.80 3.38 17.24
N GLY A 92 -2.30 2.63 16.28
CA GLY A 92 -3.72 2.31 16.24
C GLY A 92 -4.05 1.04 16.98
N SER A 93 -4.41 0.00 16.23
CA SER A 93 -4.75 -1.29 16.82
C SER A 93 -4.64 -2.41 15.80
N GLU A 94 -4.86 -3.64 16.25
CA GLU A 94 -4.78 -4.80 15.37
C GLU A 94 -6.18 -5.31 15.01
N GLU A 95 -6.47 -5.37 13.71
CA GLU A 95 -7.76 -5.84 13.24
C GLU A 95 -7.60 -7.05 12.32
N LYS A 96 -8.08 -8.20 12.77
CA LYS A 96 -7.99 -9.42 11.99
C LYS A 96 -9.38 -9.91 11.58
N LYS A 97 -9.63 -9.97 10.28
CA LYS A 97 -10.91 -10.43 9.77
C LYS A 97 -10.87 -10.58 8.25
N ILE A 98 -10.82 -11.83 7.78
CA ILE A 98 -10.77 -12.12 6.36
C ILE A 98 -11.54 -13.38 6.02
N THR A 99 -12.22 -13.37 4.87
CA THR A 99 -13.00 -14.52 4.44
C THR A 99 -12.10 -15.63 3.89
N HIS A 100 -11.22 -15.26 2.96
CA HIS A 100 -10.31 -16.23 2.36
C HIS A 100 -8.93 -15.60 2.14
N ASN A 101 -7.89 -16.34 2.52
CA ASN A 101 -6.52 -15.86 2.37
C ASN A 101 -5.86 -16.49 1.16
N PRO A 102 -5.82 -15.73 0.04
CA PRO A 102 -5.21 -16.19 -1.21
C PRO A 102 -3.69 -16.29 -1.11
N PHE A 103 -3.08 -15.31 -0.46
CA PHE A 103 -1.63 -15.29 -0.30
C PHE A 103 -1.09 -16.68 0.02
N GLY A 104 -0.35 -17.24 -0.93
CA GLY A 104 0.21 -18.57 -0.74
C GLY A 104 1.67 -18.65 -1.14
N PRO A 105 2.48 -19.27 -0.28
CA PRO A 105 3.92 -19.43 -0.53
C PRO A 105 4.22 -20.39 -1.67
N GLY A 106 4.43 -19.86 -2.87
CA GLY A 106 4.71 -20.69 -4.02
C GLY A 106 3.78 -20.41 -5.18
N GLN A 107 2.87 -19.46 -5.00
CA GLN A 107 1.92 -19.09 -6.05
C GLN A 107 1.74 -17.58 -6.11
N PHE A 108 1.35 -17.08 -7.28
CA PHE A 108 1.14 -15.65 -7.47
C PHE A 108 -0.12 -15.19 -6.75
N PHE A 109 -0.33 -13.88 -6.72
CA PHE A 109 -1.50 -13.30 -6.07
C PHE A 109 -1.75 -11.88 -6.57
N ASP A 110 -3.02 -11.58 -6.83
CA ASP A 110 -3.40 -10.26 -7.31
C ASP A 110 -4.19 -9.50 -6.25
N LEU A 111 -3.54 -8.52 -5.62
CA LEU A 111 -4.19 -7.72 -4.59
C LEU A 111 -4.50 -6.32 -5.10
N SER A 112 -5.67 -5.81 -4.73
CA SER A 112 -6.09 -4.47 -5.15
C SER A 112 -6.89 -3.78 -4.05
N ILE A 113 -6.34 -2.70 -3.51
CA ILE A 113 -7.00 -1.95 -2.46
C ILE A 113 -7.72 -0.73 -3.02
N ARG A 114 -9.00 -0.61 -2.68
CA ARG A 114 -9.82 0.51 -3.16
C ARG A 114 -9.95 1.58 -2.07
N CYS A 115 -9.76 2.83 -2.46
CA CYS A 115 -9.85 3.95 -1.53
C CYS A 115 -11.22 4.63 -1.63
N GLY A 116 -12.10 4.30 -0.69
CA GLY A 116 -13.43 4.88 -0.70
C GLY A 116 -13.51 6.15 0.13
N LEU A 117 -14.61 6.32 0.85
CA LEU A 117 -14.81 7.50 1.68
C LEU A 117 -15.05 7.11 3.13
N ASP A 118 -15.80 6.02 3.34
CA ASP A 118 -16.10 5.55 4.68
C ASP A 118 -15.11 4.47 5.11
N ARG A 119 -14.46 3.85 4.12
CA ARG A 119 -13.48 2.80 4.40
C ARG A 119 -12.80 2.34 3.12
N PHE A 120 -11.97 1.31 3.24
CA PHE A 120 -11.25 0.78 2.09
C PHE A 120 -11.81 -0.60 1.69
N LYS A 121 -11.75 -0.90 0.39
CA LYS A 121 -12.24 -2.18 -0.11
C LYS A 121 -11.13 -2.96 -0.80
N VAL A 122 -10.59 -3.95 -0.09
CA VAL A 122 -9.52 -4.78 -0.63
C VAL A 122 -10.08 -5.98 -1.38
N TYR A 123 -9.60 -6.18 -2.60
CA TYR A 123 -10.04 -7.30 -3.43
C TYR A 123 -8.90 -8.26 -3.71
N ALA A 124 -9.26 -9.49 -4.09
CA ALA A 124 -8.26 -10.51 -4.39
C ALA A 124 -8.66 -11.33 -5.61
N ASN A 125 -7.89 -11.22 -6.69
CA ASN A 125 -8.17 -11.94 -7.92
C ASN A 125 -9.65 -11.94 -8.23
N GLY A 126 -10.31 -10.81 -7.96
CA GLY A 126 -11.73 -10.69 -8.22
C GLY A 126 -12.56 -11.24 -7.09
N GLN A 127 -12.02 -11.20 -5.88
CA GLN A 127 -12.73 -11.70 -4.71
C GLN A 127 -12.52 -10.78 -3.51
N HIS A 128 -13.61 -10.17 -3.04
CA HIS A 128 -13.55 -9.26 -1.91
C HIS A 128 -12.76 -9.88 -0.75
N LEU A 129 -11.52 -9.44 -0.59
CA LEU A 129 -10.66 -9.94 0.47
C LEU A 129 -11.15 -9.49 1.84
N PHE A 130 -11.04 -8.20 2.10
CA PHE A 130 -11.48 -7.64 3.38
C PHE A 130 -11.61 -6.12 3.29
N ASP A 131 -12.09 -5.51 4.36
CA ASP A 131 -12.27 -4.06 4.41
C ASP A 131 -11.38 -3.44 5.49
N PHE A 132 -11.08 -2.15 5.32
CA PHE A 132 -10.23 -1.44 6.27
C PHE A 132 -10.91 -0.15 6.73
N ALA A 133 -11.39 -0.16 7.97
CA ALA A 133 -12.06 1.01 8.53
C ALA A 133 -11.09 2.19 8.64
N HIS A 134 -11.57 3.38 8.27
CA HIS A 134 -10.75 4.58 8.33
C HIS A 134 -10.33 4.87 9.77
N ARG A 135 -9.02 4.81 10.01
CA ARG A 135 -8.48 5.07 11.34
C ARG A 135 -8.02 6.51 11.47
N LEU A 136 -7.26 6.98 10.48
CA LEU A 136 -6.75 8.35 10.48
C LEU A 136 -7.65 9.26 9.65
N SER A 137 -8.39 10.13 10.34
CA SER A 137 -9.29 11.06 9.66
C SER A 137 -8.59 11.76 8.51
N ALA A 138 -7.30 12.01 8.67
CA ALA A 138 -6.51 12.68 7.64
C ALA A 138 -6.02 11.67 6.60
N PHE A 139 -6.81 10.63 6.38
CA PHE A 139 -6.45 9.59 5.41
C PHE A 139 -6.07 10.22 4.07
N GLN A 140 -6.74 11.31 3.72
CA GLN A 140 -6.47 12.00 2.46
C GLN A 140 -5.02 12.46 2.39
N ARG A 141 -4.44 12.74 3.56
CA ARG A 141 -3.05 13.20 3.63
C ARG A 141 -2.09 12.11 3.16
N VAL A 142 -2.39 10.87 3.54
CA VAL A 142 -1.56 9.73 3.16
C VAL A 142 -1.29 9.72 1.66
N ASP A 143 -0.08 10.12 1.28
CA ASP A 143 0.30 10.17 -0.13
C ASP A 143 1.57 9.36 -0.37
N THR A 144 1.76 8.30 0.42
CA THR A 144 2.93 7.45 0.30
C THR A 144 2.57 5.97 0.48
N LEU A 145 3.10 5.14 -0.39
CA LEU A 145 2.84 3.69 -0.32
C LEU A 145 4.14 2.90 -0.38
N GLU A 146 4.43 2.18 0.71
CA GLU A 146 5.64 1.38 0.78
C GLU A 146 5.30 -0.09 0.99
N ILE A 147 6.16 -0.97 0.51
CA ILE A 147 5.96 -2.42 0.65
C ILE A 147 7.27 -3.12 0.98
N GLN A 148 7.35 -3.68 2.19
CA GLN A 148 8.54 -4.39 2.62
C GLN A 148 8.20 -5.81 3.03
N GLY A 149 9.23 -6.59 3.36
CA GLY A 149 9.03 -7.97 3.76
C GLY A 149 9.42 -8.95 2.67
N ASP A 150 8.69 -10.07 2.59
CA ASP A 150 8.97 -11.09 1.60
C ASP A 150 7.85 -11.18 0.57
N VAL A 151 8.00 -10.44 -0.52
CA VAL A 151 7.00 -10.42 -1.58
C VAL A 151 7.63 -10.13 -2.94
N THR A 152 7.15 -10.81 -3.97
CA THR A 152 7.67 -10.64 -5.32
C THR A 152 6.75 -9.74 -6.14
N LEU A 153 7.06 -8.45 -6.16
CA LEU A 153 6.26 -7.49 -6.92
C LEU A 153 6.59 -7.55 -8.41
N SER A 154 5.56 -7.59 -9.24
CA SER A 154 5.75 -7.65 -10.68
C SER A 154 5.14 -6.43 -11.37
N TYR A 155 4.04 -5.94 -10.81
CA TYR A 155 3.36 -4.77 -11.36
C TYR A 155 2.65 -3.98 -10.26
N VAL A 156 2.88 -2.68 -10.24
CA VAL A 156 2.27 -1.80 -9.24
C VAL A 156 1.85 -0.48 -9.86
N GLN A 157 0.54 -0.31 -10.05
CA GLN A 157 0.00 0.92 -10.63
C GLN A 157 -0.85 1.68 -9.62
N ILE A 158 -0.66 2.99 -9.55
CA ILE A 158 -1.41 3.82 -8.63
C ILE A 158 -2.50 4.61 -9.35
N SER A 159 -3.68 4.00 -9.48
CA SER A 159 -4.80 4.64 -10.16
C SER A 159 -5.22 5.92 -9.42
N GLY A 160 -5.47 6.97 -10.19
CA GLY A 160 -5.88 8.24 -9.60
C GLY A 160 -6.51 9.17 -10.61
N PRO A 161 -6.95 10.34 -10.14
CA PRO A 161 -7.60 11.35 -10.99
C PRO A 161 -6.61 11.99 -11.96
N SER A 162 -6.96 11.95 -13.25
CA SER A 162 -6.10 12.54 -14.28
C SER A 162 -6.47 13.99 -14.54
N SER A 163 -5.67 14.90 -14.01
CA SER A 163 -5.91 16.33 -14.18
C SER A 163 -7.37 16.66 -13.91
N GLY A 164 -7.92 16.07 -12.86
CA GLY A 164 -9.31 16.32 -12.50
C GLY A 164 -10.04 15.05 -12.11
N GLY A 1 1.34 32.18 1.20
CA GLY A 1 1.30 31.27 0.07
C GLY A 1 2.18 31.73 -1.07
N SER A 2 3.46 31.43 -0.98
CA SER A 2 4.43 31.82 -2.01
C SER A 2 4.66 30.67 -2.98
N SER A 3 3.86 30.64 -4.05
CA SER A 3 3.99 29.60 -5.07
C SER A 3 5.26 29.78 -5.88
N GLY A 4 5.84 28.67 -6.33
CA GLY A 4 7.06 28.72 -7.11
C GLY A 4 8.21 27.99 -6.45
N SER A 5 9.14 27.51 -7.25
CA SER A 5 10.31 26.79 -6.72
C SER A 5 11.17 27.71 -5.86
N SER A 6 11.11 27.51 -4.55
CA SER A 6 11.88 28.32 -3.62
C SER A 6 12.11 27.58 -2.31
N GLY A 7 13.24 27.87 -1.66
CA GLY A 7 13.55 27.23 -0.40
C GLY A 7 14.89 26.51 -0.43
N HIS A 8 14.90 25.26 0.00
CA HIS A 8 16.13 24.46 0.03
C HIS A 8 15.83 23.00 -0.29
N GLN A 9 16.83 22.31 -0.84
CA GLN A 9 16.67 20.90 -1.19
C GLN A 9 17.42 20.01 -0.21
N GLN A 10 17.32 20.35 1.08
CA GLN A 10 18.00 19.57 2.12
C GLN A 10 17.19 18.32 2.48
N LEU A 11 16.68 17.65 1.45
CA LEU A 11 15.89 16.43 1.66
C LEU A 11 16.03 15.49 0.46
N ASN A 12 15.68 14.23 0.67
CA ASN A 12 15.75 13.22 -0.38
C ASN A 12 14.38 12.60 -0.64
N SER A 13 13.99 12.55 -1.90
CA SER A 13 12.71 11.97 -2.29
C SER A 13 12.70 11.56 -3.75
N LEU A 14 11.84 10.62 -4.10
CA LEU A 14 11.73 10.14 -5.47
C LEU A 14 10.84 11.06 -6.30
N PRO A 15 11.08 11.07 -7.63
CA PRO A 15 10.31 11.90 -8.56
C PRO A 15 8.88 11.41 -8.72
N THR A 16 8.08 12.15 -9.49
CA THR A 16 6.70 11.79 -9.73
C THR A 16 6.57 10.34 -10.18
N MET A 17 5.34 9.90 -10.41
CA MET A 17 5.09 8.54 -10.87
C MET A 17 4.42 8.52 -12.24
N GLU A 18 4.32 9.70 -12.84
CA GLU A 18 3.70 9.83 -14.16
C GLU A 18 4.30 8.83 -15.14
N GLY A 19 3.86 8.92 -16.39
CA GLY A 19 4.36 8.01 -17.41
C GLY A 19 3.75 6.63 -17.31
N PRO A 20 4.47 5.62 -17.83
CA PRO A 20 4.00 4.23 -17.81
C PRO A 20 4.01 3.63 -16.41
N PRO A 21 3.35 2.48 -16.25
CA PRO A 21 3.27 1.79 -14.96
C PRO A 21 4.59 1.19 -14.53
N THR A 22 4.62 0.57 -13.36
CA THR A 22 5.84 -0.04 -12.83
C THR A 22 5.93 -1.51 -13.23
N PHE A 23 7.14 -2.04 -13.24
CA PHE A 23 7.36 -3.44 -13.59
C PHE A 23 8.55 -4.01 -12.81
N ASN A 24 8.42 -5.27 -12.41
CA ASN A 24 9.47 -5.95 -11.66
C ASN A 24 10.19 -4.97 -10.73
N PRO A 25 9.40 -4.25 -9.92
CA PRO A 25 9.93 -3.27 -8.97
C PRO A 25 10.68 -3.92 -7.81
N PRO A 26 11.74 -3.25 -7.33
CA PRO A 26 12.56 -3.76 -6.23
C PRO A 26 11.81 -3.73 -4.89
N VAL A 27 12.51 -4.15 -3.84
CA VAL A 27 11.91 -4.16 -2.50
C VAL A 27 12.93 -3.77 -1.44
N PRO A 28 12.48 -2.95 -0.47
CA PRO A 28 11.11 -2.46 -0.43
C PRO A 28 10.81 -1.46 -1.54
N TYR A 29 9.58 -1.50 -2.06
CA TYR A 29 9.18 -0.61 -3.13
C TYR A 29 8.44 0.61 -2.58
N PHE A 30 9.01 1.79 -2.80
CA PHE A 30 8.42 3.03 -2.33
C PHE A 30 7.68 3.75 -3.45
N GLY A 31 6.36 3.67 -3.42
CA GLY A 31 5.56 4.32 -4.44
C GLY A 31 4.81 5.52 -3.92
N ARG A 32 5.22 6.71 -4.33
CA ARG A 32 4.59 7.94 -3.89
C ARG A 32 3.22 8.12 -4.56
N LEU A 33 2.17 8.12 -3.75
CA LEU A 33 0.82 8.27 -4.27
C LEU A 33 0.55 9.73 -4.65
N GLN A 34 0.75 10.05 -5.92
CA GLN A 34 0.52 11.40 -6.41
C GLN A 34 -0.97 11.76 -6.36
N GLY A 35 -1.38 12.38 -5.26
CA GLY A 35 -2.78 12.76 -5.10
C GLY A 35 -3.29 12.48 -3.71
N GLY A 36 -2.87 11.36 -3.13
CA GLY A 36 -3.32 11.00 -1.80
C GLY A 36 -4.59 10.17 -1.82
N LEU A 37 -4.82 9.42 -0.75
CA LEU A 37 -6.01 8.58 -0.65
C LEU A 37 -7.27 9.37 -0.94
N THR A 38 -7.72 9.32 -2.20
CA THR A 38 -8.92 10.03 -2.62
C THR A 38 -10.02 9.07 -3.04
N ALA A 39 -11.27 9.46 -2.82
CA ALA A 39 -12.41 8.64 -3.19
C ALA A 39 -12.31 8.16 -4.63
N ARG A 40 -11.51 8.87 -5.42
CA ARG A 40 -11.33 8.52 -6.82
C ARG A 40 -9.95 7.91 -7.06
N ARG A 41 -9.46 7.17 -6.07
CA ARG A 41 -8.14 6.54 -6.16
C ARG A 41 -8.25 5.04 -5.89
N THR A 42 -7.50 4.26 -6.67
CA THR A 42 -7.50 2.81 -6.51
C THR A 42 -6.09 2.24 -6.64
N ILE A 43 -5.62 1.58 -5.58
CA ILE A 43 -4.29 0.99 -5.58
C ILE A 43 -4.33 -0.45 -6.09
N ILE A 44 -3.31 -0.84 -6.84
CA ILE A 44 -3.23 -2.19 -7.38
C ILE A 44 -1.84 -2.78 -7.17
N ILE A 45 -1.76 -3.84 -6.38
CA ILE A 45 -0.50 -4.50 -6.11
C ILE A 45 -0.48 -5.92 -6.67
N LYS A 46 0.28 -6.11 -7.74
CA LYS A 46 0.39 -7.43 -8.37
C LYS A 46 1.78 -8.03 -8.16
N GLY A 47 1.84 -9.06 -7.32
CA GLY A 47 3.11 -9.72 -7.05
C GLY A 47 2.99 -11.22 -6.95
N TYR A 48 3.82 -11.83 -6.11
CA TYR A 48 3.80 -13.27 -5.94
C TYR A 48 4.61 -13.69 -4.72
N VAL A 49 3.99 -14.46 -3.83
CA VAL A 49 4.68 -14.93 -2.63
C VAL A 49 5.64 -16.06 -2.95
N PRO A 50 6.95 -15.80 -2.73
CA PRO A 50 8.00 -16.77 -2.98
C PRO A 50 7.97 -17.94 -1.99
N PRO A 51 8.51 -19.09 -2.41
CA PRO A 51 8.55 -20.29 -1.57
C PRO A 51 9.52 -20.15 -0.39
N THR A 52 10.38 -19.13 -0.47
CA THR A 52 11.36 -18.88 0.59
C THR A 52 11.04 -17.60 1.34
N GLY A 53 9.81 -17.12 1.20
CA GLY A 53 9.40 -15.91 1.87
C GLY A 53 8.36 -16.16 2.94
N LYS A 54 8.64 -15.73 4.17
CA LYS A 54 7.73 -15.91 5.28
C LYS A 54 6.44 -15.11 5.06
N SER A 55 6.59 -13.79 4.99
CA SER A 55 5.44 -12.92 4.79
C SER A 55 5.88 -11.48 4.54
N PHE A 56 5.02 -10.70 3.90
CA PHE A 56 5.33 -9.31 3.60
C PHE A 56 4.43 -8.36 4.39
N ALA A 57 4.50 -7.07 4.08
CA ALA A 57 3.68 -6.07 4.76
C ALA A 57 3.49 -4.84 3.88
N ILE A 58 2.27 -4.31 3.89
CA ILE A 58 1.95 -3.12 3.09
C ILE A 58 1.51 -1.97 3.99
N ASN A 59 2.44 -1.05 4.26
CA ASN A 59 2.15 0.11 5.10
C ASN A 59 1.93 1.35 4.24
N PHE A 60 0.97 2.18 4.66
CA PHE A 60 0.65 3.40 3.92
C PHE A 60 0.96 4.64 4.77
N LYS A 61 2.13 5.22 4.55
CA LYS A 61 2.54 6.42 5.28
C LYS A 61 2.20 7.68 4.51
N VAL A 62 2.34 8.83 5.17
CA VAL A 62 2.05 10.12 4.55
C VAL A 62 3.33 10.80 4.07
N GLY A 63 3.38 11.11 2.78
CA GLY A 63 4.55 11.76 2.22
C GLY A 63 4.82 13.11 2.85
N SER A 64 3.79 13.71 3.44
CA SER A 64 3.92 15.01 4.08
C SER A 64 4.47 14.87 5.49
N SER A 65 3.66 14.37 6.40
CA SER A 65 4.06 14.18 7.79
C SER A 65 4.87 12.90 7.94
N GLY A 66 4.19 11.76 7.87
CA GLY A 66 4.88 10.48 8.00
C GLY A 66 4.14 9.53 8.94
N ASP A 67 2.82 9.52 8.84
CA ASP A 67 2.00 8.65 9.69
C ASP A 67 1.37 7.53 8.87
N ILE A 68 1.38 6.33 9.41
CA ILE A 68 0.81 5.17 8.74
C ILE A 68 -0.69 5.06 9.01
N ALA A 69 -1.49 5.27 7.96
CA ALA A 69 -2.95 5.19 8.09
C ALA A 69 -3.42 3.75 8.05
N LEU A 70 -2.74 2.93 7.27
CA LEU A 70 -3.09 1.51 7.14
C LEU A 70 -1.84 0.64 7.06
N HIS A 71 -1.83 -0.43 7.86
CA HIS A 71 -0.69 -1.34 7.89
C HIS A 71 -1.16 -2.79 7.85
N ILE A 72 -1.26 -3.36 6.66
CA ILE A 72 -1.70 -4.73 6.49
C ILE A 72 -0.51 -5.68 6.37
N ASN A 73 -0.57 -6.79 7.09
CA ASN A 73 0.50 -7.78 7.06
C ASN A 73 -0.06 -9.20 7.07
N PRO A 74 0.00 -9.86 5.90
CA PRO A 74 -0.49 -11.23 5.74
C PRO A 74 0.37 -12.25 6.48
N ARG A 75 -0.24 -13.38 6.83
CA ARG A 75 0.46 -14.44 7.55
C ARG A 75 0.22 -15.80 6.89
N MET A 76 1.13 -16.20 6.01
CA MET A 76 1.01 -17.47 5.32
C MET A 76 1.03 -18.64 6.32
N GLY A 77 0.34 -19.71 5.97
CA GLY A 77 0.28 -20.87 6.84
C GLY A 77 -0.99 -20.93 7.67
N ASN A 78 -1.14 -19.99 8.59
CA ASN A 78 -2.32 -19.94 9.45
C ASN A 78 -3.50 -19.31 8.71
N GLY A 79 -3.27 -18.15 8.11
CA GLY A 79 -4.33 -17.47 7.39
C GLY A 79 -4.93 -16.32 8.18
N THR A 80 -4.09 -15.38 8.59
CA THR A 80 -4.55 -14.23 9.35
C THR A 80 -3.78 -12.97 8.98
N VAL A 81 -4.49 -11.98 8.46
CA VAL A 81 -3.87 -10.72 8.05
C VAL A 81 -4.18 -9.62 9.06
N VAL A 82 -3.16 -9.20 9.80
CA VAL A 82 -3.31 -8.15 10.80
C VAL A 82 -3.28 -6.77 10.15
N ARG A 83 -4.21 -5.91 10.57
CA ARG A 83 -4.30 -4.56 10.03
C ARG A 83 -4.14 -3.52 11.14
N ASN A 84 -3.06 -2.75 11.07
CA ASN A 84 -2.80 -1.72 12.06
C ASN A 84 -2.61 -0.36 11.40
N SER A 85 -2.29 0.65 12.21
CA SER A 85 -2.10 2.01 11.70
C SER A 85 -1.31 2.86 12.70
N LEU A 86 -0.05 3.12 12.38
CA LEU A 86 0.81 3.91 13.25
C LEU A 86 0.51 5.40 13.08
N LEU A 87 0.03 6.01 14.15
CA LEU A 87 -0.29 7.45 14.13
C LEU A 87 0.89 8.28 14.62
N ASN A 88 0.86 9.57 14.31
CA ASN A 88 1.94 10.47 14.72
C ASN A 88 2.38 10.17 16.14
N GLY A 89 3.51 9.48 16.27
CA GLY A 89 4.03 9.14 17.58
C GLY A 89 3.13 8.18 18.33
N SER A 90 1.99 7.86 17.73
CA SER A 90 1.02 6.94 18.36
C SER A 90 0.74 5.76 17.44
N TRP A 91 0.03 4.76 17.97
CA TRP A 91 -0.31 3.57 17.21
C TRP A 91 -1.82 3.29 17.28
N GLY A 92 -2.31 2.50 16.34
CA GLY A 92 -3.72 2.17 16.31
C GLY A 92 -4.03 0.91 17.08
N SER A 93 -4.36 -0.17 16.36
CA SER A 93 -4.68 -1.44 16.98
C SER A 93 -4.61 -2.57 15.97
N GLU A 94 -4.67 -3.81 16.46
CA GLU A 94 -4.60 -4.98 15.60
C GLU A 94 -6.01 -5.45 15.21
N GLU A 95 -6.29 -5.44 13.92
CA GLU A 95 -7.60 -5.87 13.41
C GLU A 95 -7.46 -7.01 12.41
N LYS A 96 -8.15 -8.12 12.69
CA LYS A 96 -8.10 -9.28 11.81
C LYS A 96 -9.50 -9.71 11.39
N LYS A 97 -9.75 -9.75 10.08
CA LYS A 97 -11.05 -10.15 9.57
C LYS A 97 -10.99 -10.36 8.06
N ILE A 98 -11.01 -11.63 7.64
CA ILE A 98 -10.96 -11.97 6.23
C ILE A 98 -11.75 -13.24 5.93
N THR A 99 -12.29 -13.33 4.73
CA THR A 99 -13.06 -14.49 4.33
C THR A 99 -12.16 -15.59 3.76
N HIS A 100 -11.21 -15.19 2.92
CA HIS A 100 -10.28 -16.13 2.32
C HIS A 100 -8.93 -15.47 2.06
N ASN A 101 -7.86 -16.10 2.54
CA ASN A 101 -6.51 -15.58 2.36
C ASN A 101 -5.80 -16.28 1.21
N PRO A 102 -5.76 -15.63 0.04
CA PRO A 102 -5.11 -16.18 -1.15
C PRO A 102 -3.59 -16.24 -1.01
N PHE A 103 -3.03 -15.28 -0.27
CA PHE A 103 -1.59 -15.22 -0.06
C PHE A 103 -1.03 -16.60 0.25
N GLY A 104 -0.41 -17.22 -0.75
CA GLY A 104 0.17 -18.54 -0.57
C GLY A 104 1.59 -18.63 -1.08
N PRO A 105 2.47 -19.25 -0.29
CA PRO A 105 3.89 -19.42 -0.66
C PRO A 105 4.07 -20.40 -1.81
N GLY A 106 4.22 -19.87 -3.02
CA GLY A 106 4.41 -20.72 -4.18
C GLY A 106 3.48 -20.35 -5.33
N GLN A 107 2.57 -19.42 -5.06
CA GLN A 107 1.61 -18.98 -6.07
C GLN A 107 1.49 -17.46 -6.09
N PHE A 108 1.01 -16.91 -7.20
CA PHE A 108 0.84 -15.48 -7.33
C PHE A 108 -0.40 -15.00 -6.57
N PHE A 109 -0.59 -13.69 -6.54
CA PHE A 109 -1.74 -13.09 -5.85
C PHE A 109 -1.98 -11.66 -6.32
N ASP A 110 -3.15 -11.43 -6.91
CA ASP A 110 -3.51 -10.11 -7.40
C ASP A 110 -4.27 -9.32 -6.34
N LEU A 111 -3.60 -8.33 -5.75
CA LEU A 111 -4.21 -7.50 -4.72
C LEU A 111 -4.53 -6.12 -5.25
N SER A 112 -5.70 -5.59 -4.89
CA SER A 112 -6.12 -4.28 -5.35
C SER A 112 -6.93 -3.57 -4.26
N ILE A 113 -6.36 -2.50 -3.71
CA ILE A 113 -7.03 -1.74 -2.65
C ILE A 113 -7.79 -0.55 -3.24
N ARG A 114 -9.02 -0.36 -2.80
CA ARG A 114 -9.85 0.74 -3.27
C ARG A 114 -10.08 1.76 -2.17
N CYS A 115 -9.72 3.01 -2.43
CA CYS A 115 -9.89 4.08 -1.45
C CYS A 115 -11.20 4.82 -1.68
N GLY A 116 -12.21 4.49 -0.87
CA GLY A 116 -13.51 5.12 -0.99
C GLY A 116 -13.65 6.33 -0.10
N LEU A 117 -14.71 6.36 0.70
CA LEU A 117 -14.96 7.46 1.62
C LEU A 117 -15.31 6.95 3.01
N ASP A 118 -16.15 5.92 3.07
CA ASP A 118 -16.56 5.34 4.33
C ASP A 118 -15.55 4.29 4.80
N ARG A 119 -14.89 3.64 3.84
CA ARG A 119 -13.91 2.61 4.15
C ARG A 119 -13.22 2.12 2.88
N PHE A 120 -12.08 1.46 3.05
CA PHE A 120 -11.32 0.94 1.92
C PHE A 120 -11.83 -0.44 1.51
N LYS A 121 -11.86 -0.68 0.21
CA LYS A 121 -12.34 -1.95 -0.32
C LYS A 121 -11.20 -2.72 -0.99
N VAL A 122 -10.69 -3.75 -0.32
CA VAL A 122 -9.60 -4.56 -0.86
C VAL A 122 -10.14 -5.79 -1.56
N TYR A 123 -9.62 -6.05 -2.76
CA TYR A 123 -10.05 -7.21 -3.54
C TYR A 123 -8.87 -8.14 -3.82
N ALA A 124 -9.18 -9.39 -4.14
CA ALA A 124 -8.15 -10.38 -4.43
C ALA A 124 -8.58 -11.30 -5.57
N ASN A 125 -7.85 -11.25 -6.68
CA ASN A 125 -8.16 -12.07 -7.84
C ASN A 125 -9.65 -12.06 -8.14
N GLY A 126 -10.28 -10.90 -7.92
CA GLY A 126 -11.70 -10.77 -8.18
C GLY A 126 -12.54 -11.25 -7.01
N GLN A 127 -12.00 -11.13 -5.79
CA GLN A 127 -12.70 -11.55 -4.60
C GLN A 127 -12.46 -10.57 -3.44
N HIS A 128 -13.53 -9.92 -3.00
CA HIS A 128 -13.43 -8.96 -1.91
C HIS A 128 -12.70 -9.56 -0.71
N LEU A 129 -11.46 -9.16 -0.51
CA LEU A 129 -10.65 -9.66 0.59
C LEU A 129 -11.13 -9.09 1.93
N PHE A 130 -10.95 -7.78 2.10
CA PHE A 130 -11.37 -7.12 3.32
C PHE A 130 -11.36 -5.60 3.14
N ASP A 131 -11.73 -4.88 4.21
CA ASP A 131 -11.78 -3.43 4.16
C ASP A 131 -10.96 -2.84 5.31
N PHE A 132 -10.55 -1.58 5.15
CA PHE A 132 -9.76 -0.90 6.17
C PHE A 132 -10.53 0.29 6.75
N ALA A 133 -10.94 0.15 8.02
CA ALA A 133 -11.69 1.20 8.69
C ALA A 133 -10.93 2.53 8.64
N HIS A 134 -11.67 3.60 8.40
CA HIS A 134 -11.07 4.94 8.33
C HIS A 134 -10.79 5.48 9.72
N ARG A 135 -9.81 4.87 10.40
CA ARG A 135 -9.44 5.31 11.74
C ARG A 135 -8.83 6.70 11.72
N LEU A 136 -8.05 6.99 10.69
CA LEU A 136 -7.41 8.29 10.55
C LEU A 136 -8.20 9.19 9.60
N SER A 137 -8.86 10.20 10.17
CA SER A 137 -9.66 11.13 9.38
C SER A 137 -8.80 11.81 8.33
N ALA A 138 -7.50 11.90 8.59
CA ALA A 138 -6.57 12.53 7.66
C ALA A 138 -5.98 11.51 6.69
N PHE A 139 -6.83 10.59 6.22
CA PHE A 139 -6.39 9.56 5.29
C PHE A 139 -5.99 10.17 3.95
N GLN A 140 -6.63 11.28 3.61
CA GLN A 140 -6.34 11.96 2.34
C GLN A 140 -4.88 12.39 2.28
N ARG A 141 -4.30 12.69 3.45
CA ARG A 141 -2.91 13.11 3.52
C ARG A 141 -1.98 11.99 3.08
N VAL A 142 -2.30 10.77 3.48
CA VAL A 142 -1.49 9.60 3.11
C VAL A 142 -1.19 9.59 1.62
N ASP A 143 0.05 9.92 1.27
CA ASP A 143 0.48 9.94 -0.13
C ASP A 143 1.77 9.16 -0.31
N THR A 144 1.95 8.10 0.47
CA THR A 144 3.15 7.28 0.39
C THR A 144 2.83 5.81 0.63
N LEU A 145 3.00 5.01 -0.41
CA LEU A 145 2.73 3.57 -0.32
C LEU A 145 4.03 2.77 -0.40
N GLU A 146 4.44 2.22 0.73
CA GLU A 146 5.66 1.42 0.79
C GLU A 146 5.33 -0.06 0.98
N ILE A 147 6.24 -0.92 0.52
CA ILE A 147 6.05 -2.36 0.64
C ILE A 147 7.36 -3.05 0.99
N GLN A 148 7.40 -3.68 2.16
CA GLN A 148 8.60 -4.40 2.61
C GLN A 148 8.26 -5.83 2.99
N GLY A 149 9.30 -6.63 3.25
CA GLY A 149 9.09 -8.01 3.62
C GLY A 149 9.42 -8.97 2.49
N ASP A 150 8.85 -10.16 2.54
CA ASP A 150 9.09 -11.18 1.52
C ASP A 150 7.95 -11.19 0.50
N VAL A 151 8.13 -10.46 -0.59
CA VAL A 151 7.12 -10.38 -1.64
C VAL A 151 7.77 -10.13 -3.00
N THR A 152 7.22 -10.77 -4.03
CA THR A 152 7.74 -10.62 -5.39
C THR A 152 6.81 -9.75 -6.24
N LEU A 153 7.09 -8.46 -6.26
CA LEU A 153 6.27 -7.52 -7.04
C LEU A 153 6.50 -7.70 -8.54
N SER A 154 5.42 -7.75 -9.30
CA SER A 154 5.51 -7.92 -10.74
C SER A 154 5.00 -6.69 -11.47
N TYR A 155 3.98 -6.06 -10.91
CA TYR A 155 3.40 -4.86 -11.50
C TYR A 155 2.66 -4.02 -10.45
N VAL A 156 2.92 -2.73 -10.44
CA VAL A 156 2.29 -1.83 -9.49
C VAL A 156 1.92 -0.50 -10.16
N GLN A 157 0.70 -0.04 -9.90
CA GLN A 157 0.23 1.22 -10.48
C GLN A 157 -0.90 1.81 -9.63
N ILE A 158 -0.87 3.12 -9.44
CA ILE A 158 -1.88 3.81 -8.65
C ILE A 158 -2.96 4.42 -9.55
N SER A 159 -4.06 3.70 -9.72
CA SER A 159 -5.16 4.17 -10.55
C SER A 159 -5.29 5.68 -10.49
N GLY A 160 -5.22 6.22 -9.27
CA GLY A 160 -5.33 7.66 -9.09
C GLY A 160 -4.71 8.43 -10.23
N PRO A 161 -5.33 9.56 -10.60
CA PRO A 161 -4.86 10.41 -11.69
C PRO A 161 -3.57 11.14 -11.32
N SER A 162 -2.78 11.51 -12.33
CA SER A 162 -1.54 12.22 -12.11
C SER A 162 -1.79 13.64 -11.61
N SER A 163 -1.46 13.87 -10.33
CA SER A 163 -1.66 15.19 -9.73
C SER A 163 -0.37 16.00 -9.77
N GLY A 164 -0.31 16.97 -10.68
CA GLY A 164 0.87 17.80 -10.81
C GLY A 164 1.26 18.04 -12.25
N GLY A 1 5.74 22.63 -14.70
CA GLY A 1 6.28 23.60 -15.64
C GLY A 1 6.02 25.04 -15.19
N SER A 2 6.25 25.31 -13.91
CA SER A 2 6.03 26.65 -13.36
C SER A 2 7.18 27.58 -13.73
N SER A 3 6.89 28.57 -14.56
CA SER A 3 7.90 29.53 -14.99
C SER A 3 8.79 29.93 -13.82
N GLY A 4 10.01 29.40 -13.81
CA GLY A 4 10.94 29.72 -12.75
C GLY A 4 11.15 28.56 -11.80
N SER A 5 12.01 28.76 -10.80
CA SER A 5 12.31 27.72 -9.83
C SER A 5 12.32 28.29 -8.41
N SER A 6 13.04 29.39 -8.23
CA SER A 6 13.14 30.03 -6.92
C SER A 6 13.39 29.01 -5.83
N GLY A 7 14.27 28.05 -6.11
CA GLY A 7 14.58 27.02 -5.14
C GLY A 7 13.67 25.81 -5.25
N HIS A 8 13.16 25.34 -4.12
CA HIS A 8 12.27 24.19 -4.10
C HIS A 8 12.73 23.13 -5.11
N GLN A 9 14.04 22.90 -5.16
CA GLN A 9 14.60 21.92 -6.08
C GLN A 9 14.69 20.54 -5.42
N GLN A 10 15.44 20.46 -4.34
CA GLN A 10 15.61 19.20 -3.62
C GLN A 10 15.22 19.36 -2.16
N LEU A 11 14.03 18.88 -1.80
CA LEU A 11 13.55 18.96 -0.43
C LEU A 11 13.12 17.58 0.08
N ASN A 12 13.93 16.57 -0.22
CA ASN A 12 13.64 15.21 0.20
C ASN A 12 12.36 14.69 -0.43
N SER A 13 12.18 14.98 -1.72
CA SER A 13 10.99 14.54 -2.45
C SER A 13 11.34 13.46 -3.47
N LEU A 14 10.34 13.04 -4.23
CA LEU A 14 10.54 12.01 -5.24
C LEU A 14 9.70 12.30 -6.49
N PRO A 15 10.18 11.82 -7.64
CA PRO A 15 9.48 12.01 -8.93
C PRO A 15 8.20 11.21 -9.01
N THR A 16 7.30 11.61 -9.92
CA THR A 16 6.03 10.93 -10.09
C THR A 16 6.17 9.75 -11.05
N MET A 17 5.54 8.63 -10.70
CA MET A 17 5.60 7.43 -11.52
C MET A 17 4.35 7.30 -12.39
N GLU A 18 3.87 8.44 -12.89
CA GLU A 18 2.68 8.46 -13.73
C GLU A 18 2.97 7.85 -15.10
N GLY A 19 1.98 7.89 -15.98
CA GLY A 19 2.15 7.34 -17.31
C GLY A 19 2.16 5.82 -17.32
N PRO A 20 3.25 5.23 -17.84
CA PRO A 20 3.40 3.78 -17.92
C PRO A 20 3.59 3.15 -16.54
N PRO A 21 3.07 1.91 -16.38
CA PRO A 21 3.18 1.17 -15.11
C PRO A 21 4.59 0.71 -14.84
N THR A 22 4.86 0.38 -13.57
CA THR A 22 6.19 -0.08 -13.18
C THR A 22 6.40 -1.55 -13.55
N PHE A 23 7.61 -1.87 -13.98
CA PHE A 23 7.94 -3.24 -14.38
C PHE A 23 9.22 -3.71 -13.68
N ASN A 24 9.11 -4.82 -12.94
CA ASN A 24 10.25 -5.37 -12.23
C ASN A 24 10.58 -4.53 -11.00
N PRO A 25 9.55 -4.19 -10.21
CA PRO A 25 9.71 -3.39 -9.00
C PRO A 25 10.44 -4.14 -7.89
N PRO A 26 11.55 -3.56 -7.41
CA PRO A 26 12.36 -4.17 -6.35
C PRO A 26 11.66 -4.15 -5.00
N VAL A 27 12.33 -4.66 -3.98
CA VAL A 27 11.77 -4.71 -2.63
C VAL A 27 12.83 -4.40 -1.58
N PRO A 28 12.44 -3.60 -0.57
CA PRO A 28 11.09 -3.06 -0.47
C PRO A 28 10.81 -1.99 -1.53
N TYR A 29 9.58 -1.96 -2.02
CA TYR A 29 9.18 -1.01 -3.05
C TYR A 29 8.49 0.20 -2.43
N PHE A 30 9.13 1.36 -2.53
CA PHE A 30 8.58 2.59 -1.98
C PHE A 30 7.90 3.42 -3.07
N GLY A 31 6.58 3.45 -3.05
CA GLY A 31 5.83 4.20 -4.03
C GLY A 31 5.05 5.36 -3.42
N ARG A 32 5.60 6.57 -3.54
CA ARG A 32 4.96 7.75 -2.99
C ARG A 32 3.74 8.14 -3.81
N LEU A 33 2.57 8.10 -3.19
CA LEU A 33 1.33 8.45 -3.87
C LEU A 33 1.34 9.91 -4.30
N GLN A 34 0.64 10.21 -5.39
CA GLN A 34 0.56 11.57 -5.91
C GLN A 34 -0.72 12.25 -5.45
N GLY A 35 -1.85 11.55 -5.58
CA GLY A 35 -3.12 12.10 -5.17
C GLY A 35 -3.60 11.55 -3.85
N GLY A 36 -2.67 11.24 -2.96
CA GLY A 36 -3.03 10.70 -1.66
C GLY A 36 -4.20 9.75 -1.73
N LEU A 37 -4.88 9.56 -0.61
CA LEU A 37 -6.03 8.68 -0.55
C LEU A 37 -7.32 9.41 -0.92
N THR A 38 -7.84 9.14 -2.11
CA THR A 38 -9.06 9.77 -2.58
C THR A 38 -10.13 8.74 -2.91
N ALA A 39 -11.35 9.21 -3.15
CA ALA A 39 -12.46 8.32 -3.48
C ALA A 39 -12.39 7.89 -4.95
N ARG A 40 -11.53 8.54 -5.72
CA ARG A 40 -11.37 8.23 -7.13
C ARG A 40 -10.01 7.58 -7.40
N ARG A 41 -9.43 7.00 -6.36
CA ARG A 41 -8.13 6.36 -6.48
C ARG A 41 -8.23 4.87 -6.15
N THR A 42 -7.47 4.05 -6.88
CA THR A 42 -7.48 2.61 -6.67
C THR A 42 -6.06 2.05 -6.73
N ILE A 43 -5.71 1.26 -5.71
CA ILE A 43 -4.38 0.66 -5.65
C ILE A 43 -4.40 -0.76 -6.22
N ILE A 44 -3.30 -1.14 -6.86
CA ILE A 44 -3.19 -2.47 -7.46
C ILE A 44 -1.78 -3.03 -7.30
N ILE A 45 -1.65 -4.10 -6.52
CA ILE A 45 -0.36 -4.73 -6.28
C ILE A 45 -0.32 -6.15 -6.84
N LYS A 46 0.40 -6.33 -7.94
CA LYS A 46 0.52 -7.64 -8.58
C LYS A 46 1.92 -8.20 -8.39
N GLY A 47 2.03 -9.28 -7.63
CA GLY A 47 3.31 -9.91 -7.39
C GLY A 47 3.21 -11.41 -7.23
N TYR A 48 4.02 -11.97 -6.35
CA TYR A 48 4.02 -13.41 -6.10
C TYR A 48 4.80 -13.74 -4.84
N VAL A 49 4.19 -14.55 -3.98
CA VAL A 49 4.83 -14.96 -2.72
C VAL A 49 5.84 -16.07 -2.96
N PRO A 50 7.11 -15.78 -2.69
CA PRO A 50 8.21 -16.74 -2.87
C PRO A 50 8.16 -17.87 -1.85
N PRO A 51 8.74 -19.01 -2.20
CA PRO A 51 8.77 -20.19 -1.32
C PRO A 51 9.69 -19.98 -0.12
N THR A 52 10.59 -19.01 -0.22
CA THR A 52 11.52 -18.71 0.85
C THR A 52 11.14 -17.42 1.58
N GLY A 53 9.90 -16.98 1.37
CA GLY A 53 9.43 -15.77 2.00
C GLY A 53 8.32 -16.02 3.00
N LYS A 54 8.50 -15.55 4.23
CA LYS A 54 7.51 -15.73 5.28
C LYS A 54 6.23 -14.96 4.95
N SER A 55 6.35 -13.64 4.86
CA SER A 55 5.20 -12.79 4.56
C SER A 55 5.65 -11.35 4.33
N PHE A 56 4.81 -10.58 3.63
CA PHE A 56 5.12 -9.19 3.34
C PHE A 56 4.22 -8.26 4.14
N ALA A 57 4.32 -6.96 3.85
CA ALA A 57 3.51 -5.96 4.55
C ALA A 57 3.36 -4.71 3.72
N ILE A 58 2.17 -4.12 3.75
CA ILE A 58 1.90 -2.90 2.99
C ILE A 58 1.43 -1.77 3.90
N ASN A 59 2.28 -0.79 4.11
CA ASN A 59 1.96 0.34 4.96
C ASN A 59 1.83 1.62 4.14
N PHE A 60 0.89 2.47 4.53
CA PHE A 60 0.66 3.73 3.83
C PHE A 60 1.01 4.92 4.72
N LYS A 61 2.18 5.51 4.47
CA LYS A 61 2.64 6.65 5.24
C LYS A 61 2.28 7.97 4.55
N VAL A 62 2.42 9.08 5.26
CA VAL A 62 2.11 10.39 4.71
C VAL A 62 3.38 11.10 4.24
N GLY A 63 3.41 11.46 2.96
CA GLY A 63 4.57 12.14 2.41
C GLY A 63 4.85 13.46 3.11
N SER A 64 3.81 14.07 3.68
CA SER A 64 3.95 15.35 4.37
C SER A 64 4.60 15.14 5.73
N SER A 65 3.85 14.55 6.66
CA SER A 65 4.35 14.30 8.01
C SER A 65 5.14 13.00 8.06
N GLY A 66 4.43 11.88 8.01
CA GLY A 66 5.08 10.59 8.06
C GLY A 66 4.36 9.60 8.94
N ASP A 67 3.03 9.68 8.94
CA ASP A 67 2.22 8.79 9.76
C ASP A 67 1.57 7.71 8.91
N ILE A 68 1.40 6.52 9.49
CA ILE A 68 0.79 5.40 8.77
C ILE A 68 -0.71 5.32 9.06
N ALA A 69 -1.51 5.51 8.02
CA ALA A 69 -2.96 5.45 8.15
C ALA A 69 -3.46 4.01 8.09
N LEU A 70 -2.85 3.22 7.22
CA LEU A 70 -3.24 1.81 7.07
C LEU A 70 -2.01 0.92 6.99
N HIS A 71 -2.03 -0.17 7.75
CA HIS A 71 -0.91 -1.11 7.78
C HIS A 71 -1.42 -2.55 7.69
N ILE A 72 -1.48 -3.07 6.46
CA ILE A 72 -1.94 -4.43 6.24
C ILE A 72 -0.77 -5.40 6.11
N ASN A 73 -0.83 -6.50 6.84
CA ASN A 73 0.23 -7.51 6.82
C ASN A 73 -0.36 -8.92 6.75
N PRO A 74 -0.26 -9.54 5.56
CA PRO A 74 -0.77 -10.90 5.34
C PRO A 74 0.04 -11.95 6.08
N ARG A 75 -0.60 -13.08 6.37
CA ARG A 75 0.07 -14.17 7.08
C ARG A 75 -0.19 -15.50 6.38
N MET A 76 0.81 -15.97 5.63
CA MET A 76 0.70 -17.24 4.91
C MET A 76 0.42 -18.39 5.87
N GLY A 77 1.26 -18.50 6.90
CA GLY A 77 1.10 -19.56 7.88
C GLY A 77 -0.21 -19.45 8.64
N ASN A 78 -0.19 -18.76 9.77
CA ASN A 78 -1.37 -18.58 10.59
C ASN A 78 -2.62 -18.43 9.73
N GLY A 79 -2.54 -17.56 8.73
CA GLY A 79 -3.67 -17.34 7.84
C GLY A 79 -4.56 -16.21 8.31
N THR A 80 -3.94 -15.13 8.79
CA THR A 80 -4.69 -13.97 9.26
C THR A 80 -3.96 -12.67 8.95
N VAL A 81 -4.58 -11.82 8.15
CA VAL A 81 -4.00 -10.54 7.78
C VAL A 81 -4.32 -9.46 8.80
N VAL A 82 -3.36 -9.11 9.63
CA VAL A 82 -3.54 -8.08 10.65
C VAL A 82 -3.52 -6.70 10.03
N ARG A 83 -4.33 -5.79 10.59
CA ARG A 83 -4.41 -4.42 10.10
C ARG A 83 -4.15 -3.43 11.23
N ASN A 84 -3.27 -2.47 10.98
CA ASN A 84 -2.94 -1.45 11.97
C ASN A 84 -2.70 -0.09 11.31
N SER A 85 -2.39 0.91 12.12
CA SER A 85 -2.14 2.25 11.61
C SER A 85 -1.38 3.08 12.63
N LEU A 86 -0.10 3.32 12.35
CA LEU A 86 0.75 4.11 13.24
C LEU A 86 0.45 5.61 13.10
N LEU A 87 -0.02 6.21 14.18
CA LEU A 87 -0.35 7.64 14.18
C LEU A 87 0.84 8.46 14.68
N ASN A 88 0.82 9.75 14.37
CA ASN A 88 1.90 10.65 14.79
C ASN A 88 2.33 10.35 16.22
N GLY A 89 3.46 9.66 16.35
CA GLY A 89 3.97 9.32 17.68
C GLY A 89 3.06 8.35 18.41
N SER A 90 1.93 8.01 17.80
CA SER A 90 0.97 7.09 18.41
C SER A 90 0.68 5.92 17.48
N TRP A 91 -0.04 4.93 17.99
CA TRP A 91 -0.39 3.75 17.21
C TRP A 91 -1.89 3.49 17.27
N GLY A 92 -2.39 2.73 16.29
CA GLY A 92 -3.80 2.41 16.25
C GLY A 92 -4.14 1.15 17.02
N SER A 93 -4.42 0.07 16.30
CA SER A 93 -4.77 -1.20 16.92
C SER A 93 -4.69 -2.34 15.91
N GLU A 94 -4.71 -3.57 16.41
CA GLU A 94 -4.65 -4.75 15.55
C GLU A 94 -6.04 -5.18 15.12
N GLU A 95 -6.27 -5.18 13.81
CA GLU A 95 -7.57 -5.58 13.26
C GLU A 95 -7.43 -6.78 12.35
N LYS A 96 -8.05 -7.89 12.73
CA LYS A 96 -7.99 -9.11 11.93
C LYS A 96 -9.40 -9.58 11.55
N LYS A 97 -9.62 -9.75 10.25
CA LYS A 97 -10.92 -10.20 9.76
C LYS A 97 -10.87 -10.50 8.27
N ILE A 98 -10.91 -11.77 7.92
CA ILE A 98 -10.87 -12.19 6.53
C ILE A 98 -11.69 -13.45 6.30
N THR A 99 -12.08 -13.69 5.05
CA THR A 99 -12.86 -14.87 4.69
C THR A 99 -12.00 -15.93 4.04
N HIS A 100 -11.00 -15.50 3.28
CA HIS A 100 -10.10 -16.42 2.60
C HIS A 100 -8.76 -15.76 2.31
N ASN A 101 -7.67 -16.44 2.68
CA ASN A 101 -6.33 -15.92 2.46
C ASN A 101 -5.68 -16.56 1.25
N PRO A 102 -5.74 -15.88 0.10
CA PRO A 102 -5.16 -16.38 -1.15
C PRO A 102 -3.64 -16.39 -1.12
N PHE A 103 -3.06 -15.45 -0.38
CA PHE A 103 -1.61 -15.34 -0.28
C PHE A 103 -1.00 -16.67 0.15
N GLY A 104 -0.33 -17.33 -0.79
CA GLY A 104 0.29 -18.62 -0.51
C GLY A 104 1.71 -18.70 -1.02
N PRO A 105 2.60 -19.31 -0.22
CA PRO A 105 4.01 -19.46 -0.57
C PRO A 105 4.22 -20.46 -1.71
N GLY A 106 4.51 -19.94 -2.90
CA GLY A 106 4.72 -20.79 -4.06
C GLY A 106 3.79 -20.45 -5.20
N GLN A 107 2.82 -19.57 -4.94
CA GLN A 107 1.86 -19.18 -5.97
C GLN A 107 1.70 -17.66 -6.00
N PHE A 108 1.32 -17.14 -7.15
CA PHE A 108 1.12 -15.70 -7.33
C PHE A 108 -0.20 -15.25 -6.70
N PHE A 109 -0.41 -13.94 -6.66
CA PHE A 109 -1.62 -13.38 -6.08
C PHE A 109 -1.85 -11.95 -6.58
N ASP A 110 -3.11 -11.63 -6.87
CA ASP A 110 -3.46 -10.30 -7.35
C ASP A 110 -4.24 -9.53 -6.29
N LEU A 111 -3.56 -8.57 -5.65
CA LEU A 111 -4.19 -7.76 -4.62
C LEU A 111 -4.49 -6.35 -5.13
N SER A 112 -5.66 -5.83 -4.78
CA SER A 112 -6.06 -4.50 -5.21
C SER A 112 -6.88 -3.81 -4.12
N ILE A 113 -6.31 -2.73 -3.57
CA ILE A 113 -6.99 -1.98 -2.52
C ILE A 113 -7.75 -0.78 -3.10
N ARG A 114 -9.00 -0.64 -2.69
CA ARG A 114 -9.84 0.45 -3.16
C ARG A 114 -10.02 1.51 -2.08
N CYS A 115 -9.75 2.77 -2.42
CA CYS A 115 -9.87 3.87 -1.48
C CYS A 115 -11.19 4.60 -1.68
N GLY A 116 -12.02 4.65 -0.64
CA GLY A 116 -13.30 5.33 -0.73
C GLY A 116 -13.38 6.52 0.20
N LEU A 117 -14.54 6.68 0.85
CA LEU A 117 -14.75 7.78 1.77
C LEU A 117 -15.12 7.27 3.15
N ASP A 118 -15.81 6.13 3.20
CA ASP A 118 -16.23 5.54 4.46
C ASP A 118 -15.24 4.46 4.91
N ARG A 119 -14.67 3.76 3.94
CA ARG A 119 -13.70 2.70 4.24
C ARG A 119 -13.06 2.17 2.96
N PHE A 120 -12.05 1.33 3.12
CA PHE A 120 -11.35 0.76 1.97
C PHE A 120 -11.92 -0.62 1.62
N LYS A 121 -11.72 -1.04 0.37
CA LYS A 121 -12.22 -2.32 -0.09
C LYS A 121 -11.11 -3.10 -0.80
N VAL A 122 -10.52 -4.05 -0.07
CA VAL A 122 -9.44 -4.87 -0.63
C VAL A 122 -10.01 -6.06 -1.39
N TYR A 123 -9.47 -6.30 -2.58
CA TYR A 123 -9.91 -7.41 -3.42
C TYR A 123 -8.76 -8.34 -3.76
N ALA A 124 -9.08 -9.61 -4.03
CA ALA A 124 -8.08 -10.60 -4.35
C ALA A 124 -8.56 -11.51 -5.48
N ASN A 125 -7.81 -11.55 -6.57
CA ASN A 125 -8.17 -12.39 -7.71
C ASN A 125 -9.63 -12.20 -8.09
N GLY A 126 -10.14 -10.98 -7.90
CA GLY A 126 -11.53 -10.70 -8.22
C GLY A 126 -12.48 -11.13 -7.12
N GLN A 127 -11.97 -11.16 -5.89
CA GLN A 127 -12.79 -11.56 -4.76
C GLN A 127 -12.68 -10.54 -3.63
N HIS A 128 -13.56 -10.67 -2.63
CA HIS A 128 -13.55 -9.76 -1.49
C HIS A 128 -12.67 -10.30 -0.36
N LEU A 129 -11.60 -9.57 -0.05
CA LEU A 129 -10.68 -9.98 1.00
C LEU A 129 -11.14 -9.45 2.36
N PHE A 130 -11.07 -8.14 2.53
CA PHE A 130 -11.47 -7.50 3.78
C PHE A 130 -11.56 -5.99 3.61
N ASP A 131 -12.07 -5.32 4.64
CA ASP A 131 -12.21 -3.87 4.61
C ASP A 131 -11.33 -3.22 5.67
N PHE A 132 -10.98 -1.95 5.46
CA PHE A 132 -10.14 -1.22 6.40
C PHE A 132 -10.85 0.04 6.90
N ALA A 133 -11.34 -0.01 8.13
CA ALA A 133 -12.04 1.13 8.71
C ALA A 133 -11.13 2.35 8.79
N HIS A 134 -11.66 3.50 8.38
CA HIS A 134 -10.90 4.74 8.41
C HIS A 134 -10.48 5.10 9.83
N ARG A 135 -9.23 4.79 10.17
CA ARG A 135 -8.70 5.08 11.49
C ARG A 135 -8.25 6.53 11.59
N LEU A 136 -7.50 6.99 10.60
CA LEU A 136 -7.00 8.35 10.57
C LEU A 136 -7.90 9.24 9.72
N SER A 137 -8.56 10.20 10.36
CA SER A 137 -9.45 11.12 9.67
C SER A 137 -8.72 11.84 8.55
N ALA A 138 -7.43 12.09 8.76
CA ALA A 138 -6.62 12.78 7.77
C ALA A 138 -6.05 11.80 6.75
N PHE A 139 -6.86 10.80 6.38
CA PHE A 139 -6.44 9.80 5.42
C PHE A 139 -5.99 10.45 4.10
N GLN A 140 -6.55 11.62 3.81
CA GLN A 140 -6.22 12.35 2.60
C GLN A 140 -4.75 12.76 2.59
N ARG A 141 -4.21 13.00 3.78
CA ARG A 141 -2.81 13.40 3.91
C ARG A 141 -1.88 12.28 3.46
N VAL A 142 -2.27 11.04 3.74
CA VAL A 142 -1.47 9.89 3.35
C VAL A 142 -1.20 9.87 1.86
N ASP A 143 0.03 10.22 1.48
CA ASP A 143 0.42 10.25 0.07
C ASP A 143 1.67 9.41 -0.16
N THR A 144 1.77 8.30 0.57
CA THR A 144 2.92 7.41 0.44
C THR A 144 2.50 5.95 0.61
N LEU A 145 3.05 5.08 -0.22
CA LEU A 145 2.73 3.65 -0.16
C LEU A 145 4.00 2.81 -0.27
N GLU A 146 4.41 2.24 0.86
CA GLU A 146 5.61 1.40 0.90
C GLU A 146 5.24 -0.07 1.08
N ILE A 147 6.06 -0.95 0.53
CA ILE A 147 5.83 -2.38 0.64
C ILE A 147 7.13 -3.13 0.93
N GLN A 148 7.27 -3.61 2.16
CA GLN A 148 8.46 -4.34 2.57
C GLN A 148 8.11 -5.76 2.99
N GLY A 149 9.13 -6.57 3.27
CA GLY A 149 8.90 -7.94 3.69
C GLY A 149 9.33 -8.94 2.64
N ASP A 150 8.54 -10.00 2.48
CA ASP A 150 8.84 -11.04 1.50
C ASP A 150 7.74 -11.13 0.45
N VAL A 151 7.91 -10.39 -0.65
CA VAL A 151 6.93 -10.39 -1.72
C VAL A 151 7.58 -10.10 -3.06
N THR A 152 7.21 -10.87 -4.09
CA THR A 152 7.76 -10.68 -5.42
C THR A 152 6.85 -9.81 -6.28
N LEU A 153 7.13 -8.52 -6.28
CA LEU A 153 6.33 -7.57 -7.06
C LEU A 153 6.69 -7.66 -8.54
N SER A 154 5.67 -7.65 -9.40
CA SER A 154 5.88 -7.72 -10.84
C SER A 154 5.24 -6.53 -11.54
N TYR A 155 4.07 -6.14 -11.07
CA TYR A 155 3.35 -5.01 -11.66
C TYR A 155 2.66 -4.18 -10.58
N VAL A 156 2.93 -2.87 -10.58
CA VAL A 156 2.34 -1.96 -9.61
C VAL A 156 1.94 -0.64 -10.26
N GLN A 157 0.64 -0.45 -10.46
CA GLN A 157 0.13 0.76 -11.08
C GLN A 157 -0.85 1.46 -10.15
N ILE A 158 -0.53 2.70 -9.78
CA ILE A 158 -1.39 3.48 -8.88
C ILE A 158 -2.37 4.33 -9.68
N SER A 159 -3.53 3.75 -9.99
CA SER A 159 -4.55 4.46 -10.75
C SER A 159 -5.22 5.54 -9.90
N GLY A 160 -5.34 6.74 -10.45
CA GLY A 160 -5.96 7.83 -9.74
C GLY A 160 -6.10 9.09 -10.58
N PRO A 161 -6.21 10.24 -9.92
CA PRO A 161 -6.34 11.54 -10.59
C PRO A 161 -5.05 11.96 -11.30
N SER A 162 -5.07 11.88 -12.63
CA SER A 162 -3.90 12.25 -13.42
C SER A 162 -3.71 13.77 -13.43
N SER A 163 -3.00 14.27 -12.43
CA SER A 163 -2.76 15.70 -12.32
C SER A 163 -1.79 16.17 -13.41
N GLY A 164 -1.68 17.49 -13.57
CA GLY A 164 -0.80 18.05 -14.58
C GLY A 164 -1.17 19.46 -14.94
N GLY A 1 2.40 34.01 2.56
CA GLY A 1 2.76 33.09 1.50
C GLY A 1 3.49 33.76 0.36
N SER A 2 2.90 33.74 -0.83
CA SER A 2 3.51 34.36 -2.00
C SER A 2 4.98 33.95 -2.13
N SER A 3 5.25 32.67 -1.88
CA SER A 3 6.62 32.16 -1.96
C SER A 3 6.90 31.57 -3.33
N GLY A 4 8.17 31.54 -3.72
CA GLY A 4 8.55 31.01 -5.01
C GLY A 4 9.43 29.79 -4.90
N SER A 5 10.75 30.00 -4.95
CA SER A 5 11.71 28.92 -4.86
C SER A 5 12.47 28.97 -3.54
N SER A 6 13.25 27.93 -3.27
CA SER A 6 14.03 27.86 -2.05
C SER A 6 15.53 27.76 -2.35
N GLY A 7 16.35 28.09 -1.36
CA GLY A 7 17.79 28.02 -1.54
C GLY A 7 18.29 26.61 -1.73
N HIS A 8 19.11 26.14 -0.80
CA HIS A 8 19.66 24.79 -0.86
C HIS A 8 18.68 23.78 -0.29
N GLN A 9 18.68 22.57 -0.85
CA GLN A 9 17.79 21.52 -0.39
C GLN A 9 18.36 20.14 -0.72
N GLN A 10 18.48 19.29 0.30
CA GLN A 10 19.01 17.95 0.12
C GLN A 10 17.90 16.91 0.18
N LEU A 11 17.84 16.06 -0.84
CA LEU A 11 16.83 15.01 -0.90
C LEU A 11 17.45 13.66 -1.25
N ASN A 12 17.68 12.84 -0.23
CA ASN A 12 18.27 11.52 -0.43
C ASN A 12 17.29 10.60 -1.15
N SER A 13 16.03 10.67 -0.77
CA SER A 13 15.00 9.83 -1.38
C SER A 13 14.96 10.03 -2.89
N LEU A 14 14.03 9.34 -3.55
CA LEU A 14 13.89 9.43 -5.00
C LEU A 14 12.61 10.20 -5.37
N PRO A 15 12.60 10.76 -6.58
CA PRO A 15 11.45 11.52 -7.09
C PRO A 15 10.24 10.63 -7.37
N THR A 16 9.23 11.20 -8.02
CA THR A 16 8.03 10.46 -8.36
C THR A 16 8.23 9.59 -9.59
N MET A 17 7.48 8.50 -9.68
CA MET A 17 7.57 7.59 -10.82
C MET A 17 6.73 8.08 -11.99
N GLU A 18 7.16 9.19 -12.59
CA GLU A 18 6.44 9.76 -13.72
C GLU A 18 6.65 8.93 -14.98
N GLY A 19 5.73 9.06 -15.93
CA GLY A 19 5.84 8.31 -17.17
C GLY A 19 5.07 7.01 -17.13
N PRO A 20 5.70 5.93 -17.61
CA PRO A 20 5.08 4.59 -17.64
C PRO A 20 4.91 4.00 -16.25
N PRO A 21 4.17 2.89 -16.16
CA PRO A 21 3.92 2.20 -14.90
C PRO A 21 5.17 1.52 -14.35
N THR A 22 5.01 0.77 -13.27
CA THR A 22 6.13 0.07 -12.64
C THR A 22 6.20 -1.38 -13.13
N PHE A 23 7.42 -1.83 -13.40
CA PHE A 23 7.65 -3.19 -13.87
C PHE A 23 8.86 -3.82 -13.19
N ASN A 24 8.63 -4.92 -12.48
CA ASN A 24 9.70 -5.61 -11.77
C ASN A 24 10.34 -4.70 -10.73
N PRO A 25 9.51 -4.05 -9.91
CA PRO A 25 9.97 -3.14 -8.86
C PRO A 25 10.67 -3.88 -7.72
N PRO A 26 11.75 -3.27 -7.19
CA PRO A 26 12.52 -3.85 -6.09
C PRO A 26 11.75 -3.86 -4.78
N VAL A 27 12.40 -4.33 -3.72
CA VAL A 27 11.78 -4.39 -2.41
C VAL A 27 12.78 -4.06 -1.31
N PRO A 28 12.34 -3.26 -0.32
CA PRO A 28 10.97 -2.74 -0.29
C PRO A 28 10.72 -1.69 -1.37
N TYR A 29 9.51 -1.67 -1.91
CA TYR A 29 9.14 -0.73 -2.96
C TYR A 29 8.42 0.49 -2.37
N PHE A 30 8.96 1.67 -2.62
CA PHE A 30 8.38 2.91 -2.13
C PHE A 30 7.73 3.70 -3.25
N GLY A 31 6.41 3.64 -3.33
CA GLY A 31 5.68 4.35 -4.37
C GLY A 31 4.91 5.53 -3.83
N ARG A 32 5.37 6.74 -4.17
CA ARG A 32 4.72 7.96 -3.72
C ARG A 32 3.39 8.18 -4.45
N LEU A 33 2.29 8.09 -3.70
CA LEU A 33 0.97 8.27 -4.28
C LEU A 33 0.70 9.74 -4.60
N GLN A 34 0.90 10.11 -5.86
CA GLN A 34 0.69 11.49 -6.30
C GLN A 34 -0.78 11.86 -6.20
N GLY A 35 -1.17 12.48 -5.09
CA GLY A 35 -2.56 12.88 -4.91
C GLY A 35 -3.07 12.55 -3.52
N GLY A 36 -2.75 11.35 -3.04
CA GLY A 36 -3.19 10.93 -1.72
C GLY A 36 -4.45 10.08 -1.78
N LEU A 37 -4.82 9.49 -0.66
CA LEU A 37 -6.02 8.66 -0.58
C LEU A 37 -7.26 9.45 -0.94
N THR A 38 -7.78 9.23 -2.14
CA THR A 38 -8.98 9.93 -2.61
C THR A 38 -10.12 8.95 -2.85
N ALA A 39 -11.34 9.47 -2.85
CA ALA A 39 -12.53 8.63 -3.08
C ALA A 39 -12.52 8.05 -4.49
N ARG A 40 -11.69 8.62 -5.35
CA ARG A 40 -11.59 8.14 -6.74
C ARG A 40 -10.21 7.56 -7.00
N ARG A 41 -9.53 7.12 -5.95
CA ARG A 41 -8.21 6.53 -6.08
C ARG A 41 -8.23 5.04 -5.75
N THR A 42 -7.57 4.24 -6.58
CA THR A 42 -7.51 2.80 -6.38
C THR A 42 -6.08 2.28 -6.51
N ILE A 43 -5.62 1.57 -5.49
CA ILE A 43 -4.27 1.00 -5.51
C ILE A 43 -4.28 -0.44 -6.00
N ILE A 44 -3.29 -0.79 -6.81
CA ILE A 44 -3.19 -2.14 -7.35
C ILE A 44 -1.79 -2.70 -7.13
N ILE A 45 -1.72 -3.88 -6.52
CA ILE A 45 -0.44 -4.53 -6.25
C ILE A 45 -0.42 -5.95 -6.82
N LYS A 46 0.33 -6.14 -7.90
CA LYS A 46 0.44 -7.46 -8.53
C LYS A 46 1.84 -8.02 -8.36
N GLY A 47 1.96 -9.09 -7.58
CA GLY A 47 3.25 -9.72 -7.35
C GLY A 47 3.16 -11.23 -7.26
N TYR A 48 3.94 -11.81 -6.37
CA TYR A 48 3.95 -13.26 -6.18
C TYR A 48 4.73 -13.64 -4.93
N VAL A 49 4.07 -14.38 -4.03
CA VAL A 49 4.70 -14.81 -2.80
C VAL A 49 5.67 -15.97 -3.04
N PRO A 50 6.96 -15.73 -2.78
CA PRO A 50 8.01 -16.73 -2.97
C PRO A 50 7.92 -17.86 -1.96
N PRO A 51 8.52 -19.01 -2.30
CA PRO A 51 8.52 -20.19 -1.44
C PRO A 51 9.37 -20.00 -0.18
N THR A 52 10.31 -19.06 -0.26
CA THR A 52 11.19 -18.77 0.87
C THR A 52 10.82 -17.47 1.55
N GLY A 53 9.58 -17.01 1.31
CA GLY A 53 9.12 -15.78 1.90
C GLY A 53 8.05 -16.01 2.96
N LYS A 54 8.36 -15.63 4.20
CA LYS A 54 7.43 -15.80 5.30
C LYS A 54 6.15 -15.00 5.07
N SER A 55 6.29 -13.69 4.93
CA SER A 55 5.15 -12.81 4.70
C SER A 55 5.60 -11.38 4.44
N PHE A 56 4.78 -10.62 3.73
CA PHE A 56 5.09 -9.23 3.42
C PHE A 56 4.18 -8.28 4.20
N ALA A 57 4.29 -6.99 3.90
CA ALA A 57 3.48 -5.98 4.56
C ALA A 57 3.32 -4.73 3.69
N ILE A 58 2.14 -4.13 3.76
CA ILE A 58 1.85 -2.93 2.97
C ILE A 58 1.42 -1.77 3.86
N ASN A 59 2.36 -0.88 4.17
CA ASN A 59 2.07 0.27 5.01
C ASN A 59 1.82 1.52 4.17
N PHE A 60 0.90 2.36 4.62
CA PHE A 60 0.58 3.58 3.90
C PHE A 60 0.87 4.81 4.76
N LYS A 61 2.03 5.41 4.55
CA LYS A 61 2.45 6.59 5.31
C LYS A 61 2.13 7.86 4.53
N VAL A 62 2.26 9.01 5.20
CA VAL A 62 2.00 10.30 4.57
C VAL A 62 3.30 10.99 4.18
N GLY A 63 3.40 11.35 2.90
CA GLY A 63 4.60 12.02 2.41
C GLY A 63 4.85 13.33 3.13
N SER A 64 3.78 14.05 3.46
CA SER A 64 3.90 15.33 4.14
C SER A 64 4.43 15.15 5.56
N SER A 65 3.59 14.63 6.44
CA SER A 65 3.98 14.40 7.83
C SER A 65 4.83 13.15 7.96
N GLY A 66 4.18 11.99 7.82
CA GLY A 66 4.89 10.73 7.92
C GLY A 66 4.23 9.76 8.88
N ASP A 67 2.91 9.68 8.81
CA ASP A 67 2.14 8.79 9.68
C ASP A 67 1.45 7.70 8.85
N ILE A 68 1.43 6.49 9.40
CA ILE A 68 0.80 5.36 8.72
C ILE A 68 -0.70 5.30 9.03
N ALA A 69 -1.51 5.34 7.99
CA ALA A 69 -2.96 5.29 8.15
C ALA A 69 -3.47 3.86 8.05
N LEU A 70 -2.80 3.06 7.23
CA LEU A 70 -3.18 1.66 7.04
C LEU A 70 -1.95 0.77 6.96
N HIS A 71 -1.97 -0.33 7.72
CA HIS A 71 -0.85 -1.26 7.74
C HIS A 71 -1.36 -2.71 7.65
N ILE A 72 -1.45 -3.22 6.43
CA ILE A 72 -1.92 -4.58 6.21
C ILE A 72 -0.75 -5.55 6.08
N ASN A 73 -0.82 -6.65 6.83
CA ASN A 73 0.24 -7.66 6.81
C ASN A 73 -0.35 -9.07 6.80
N PRO A 74 -0.30 -9.72 5.63
CA PRO A 74 -0.82 -11.08 5.45
C PRO A 74 0.01 -12.12 6.20
N ARG A 75 -0.62 -13.25 6.54
CA ARG A 75 0.07 -14.31 7.25
C ARG A 75 -0.16 -15.66 6.57
N MET A 76 0.78 -16.07 5.73
CA MET A 76 0.68 -17.33 5.00
C MET A 76 0.48 -18.49 5.98
N GLY A 77 -0.09 -19.58 5.48
CA GLY A 77 -0.33 -20.74 6.32
C GLY A 77 -1.61 -20.63 7.12
N ASN A 78 -1.55 -19.88 8.23
CA ASN A 78 -2.71 -19.70 9.08
C ASN A 78 -3.89 -19.15 8.29
N GLY A 79 -3.76 -17.92 7.81
CA GLY A 79 -4.82 -17.31 7.04
C GLY A 79 -5.45 -16.13 7.75
N THR A 80 -4.61 -15.28 8.34
CA THR A 80 -5.09 -14.11 9.07
C THR A 80 -4.25 -12.88 8.73
N VAL A 81 -4.91 -11.88 8.14
CA VAL A 81 -4.23 -10.64 7.77
C VAL A 81 -4.48 -9.54 8.80
N VAL A 82 -3.44 -9.22 9.57
CA VAL A 82 -3.55 -8.19 10.60
C VAL A 82 -3.51 -6.79 9.98
N ARG A 83 -4.29 -5.88 10.54
CA ARG A 83 -4.33 -4.51 10.04
C ARG A 83 -4.08 -3.51 11.17
N ASN A 84 -3.17 -2.58 10.93
CA ASN A 84 -2.82 -1.57 11.93
C ASN A 84 -2.60 -0.21 11.27
N SER A 85 -2.29 0.79 12.08
CA SER A 85 -2.05 2.14 11.58
C SER A 85 -1.26 2.96 12.58
N LEU A 86 0.02 3.17 12.28
CA LEU A 86 0.89 3.94 13.17
C LEU A 86 0.62 5.44 13.01
N LEU A 87 0.20 6.08 14.10
CA LEU A 87 -0.09 7.50 14.09
C LEU A 87 1.12 8.30 14.60
N ASN A 88 1.12 9.60 14.29
CA ASN A 88 2.21 10.47 14.71
C ASN A 88 2.68 10.12 16.12
N GLY A 89 3.80 9.41 16.21
CA GLY A 89 4.33 9.02 17.50
C GLY A 89 3.41 8.08 18.25
N SER A 90 2.22 7.85 17.69
CA SER A 90 1.25 6.97 18.31
C SER A 90 0.93 5.77 17.42
N TRP A 91 0.23 4.79 17.96
CA TRP A 91 -0.14 3.60 17.21
C TRP A 91 -1.63 3.33 17.31
N GLY A 92 -2.16 2.52 16.38
CA GLY A 92 -3.57 2.21 16.39
C GLY A 92 -3.86 0.92 17.13
N SER A 93 -4.28 -0.11 16.38
CA SER A 93 -4.61 -1.40 16.98
C SER A 93 -4.53 -2.51 15.93
N GLU A 94 -4.61 -3.76 16.38
CA GLU A 94 -4.56 -4.90 15.49
C GLU A 94 -5.96 -5.36 15.10
N GLU A 95 -6.23 -5.40 13.79
CA GLU A 95 -7.52 -5.82 13.29
C GLU A 95 -7.39 -7.03 12.37
N LYS A 96 -8.05 -8.11 12.74
CA LYS A 96 -8.00 -9.34 11.95
C LYS A 96 -9.41 -9.79 11.56
N LYS A 97 -9.65 -9.87 10.25
CA LYS A 97 -10.95 -10.29 9.74
C LYS A 97 -10.89 -10.52 8.23
N ILE A 98 -10.99 -11.78 7.83
CA ILE A 98 -10.96 -12.13 6.41
C ILE A 98 -11.78 -13.37 6.13
N THR A 99 -12.27 -13.49 4.90
CA THR A 99 -13.08 -14.63 4.51
C THR A 99 -12.23 -15.73 3.88
N HIS A 100 -11.27 -15.32 3.05
CA HIS A 100 -10.39 -16.27 2.38
C HIS A 100 -9.00 -15.66 2.19
N ASN A 101 -7.98 -16.39 2.62
CA ASN A 101 -6.60 -15.93 2.49
C ASN A 101 -5.89 -16.64 1.34
N PRO A 102 -5.87 -15.99 0.17
CA PRO A 102 -5.23 -16.54 -1.03
C PRO A 102 -3.71 -16.57 -0.92
N PHE A 103 -3.14 -15.51 -0.34
CA PHE A 103 -1.71 -15.41 -0.17
C PHE A 103 -1.10 -16.78 0.10
N GLY A 104 -0.31 -17.28 -0.86
CA GLY A 104 0.32 -18.58 -0.70
C GLY A 104 1.76 -18.58 -1.19
N PRO A 105 2.65 -19.18 -0.38
CA PRO A 105 4.07 -19.26 -0.71
C PRO A 105 4.34 -20.21 -1.88
N GLY A 106 4.48 -19.65 -3.08
CA GLY A 106 4.74 -20.45 -4.25
C GLY A 106 3.74 -20.20 -5.37
N GLN A 107 2.76 -19.35 -5.09
CA GLN A 107 1.74 -19.01 -6.07
C GLN A 107 1.52 -17.50 -6.16
N PHE A 108 1.16 -17.03 -7.34
CA PHE A 108 0.93 -15.60 -7.55
C PHE A 108 -0.29 -15.12 -6.76
N PHE A 109 -0.48 -13.81 -6.71
CA PHE A 109 -1.60 -13.22 -5.98
C PHE A 109 -1.86 -11.79 -6.44
N ASP A 110 -3.06 -11.56 -6.96
CA ASP A 110 -3.44 -10.23 -7.44
C ASP A 110 -4.21 -9.46 -6.37
N LEU A 111 -3.56 -8.48 -5.76
CA LEU A 111 -4.19 -7.67 -4.73
C LEU A 111 -4.49 -6.26 -5.23
N SER A 112 -5.66 -5.74 -4.88
CA SER A 112 -6.06 -4.40 -5.30
C SER A 112 -6.88 -3.71 -4.22
N ILE A 113 -6.34 -2.63 -3.67
CA ILE A 113 -7.02 -1.89 -2.61
C ILE A 113 -7.80 -0.71 -3.20
N ARG A 114 -9.01 -0.50 -2.68
CA ARG A 114 -9.86 0.59 -3.15
C ARG A 114 -10.04 1.65 -2.06
N CYS A 115 -9.69 2.89 -2.37
CA CYS A 115 -9.81 3.99 -1.43
C CYS A 115 -11.16 4.69 -1.58
N GLY A 116 -11.96 4.65 -0.53
CA GLY A 116 -13.27 5.28 -0.57
C GLY A 116 -13.38 6.44 0.40
N LEU A 117 -14.55 6.59 1.01
CA LEU A 117 -14.79 7.66 1.97
C LEU A 117 -15.19 7.10 3.34
N ASP A 118 -15.95 6.01 3.32
CA ASP A 118 -16.39 5.37 4.55
C ASP A 118 -15.43 4.28 4.98
N ARG A 119 -14.82 3.61 4.00
CA ARG A 119 -13.87 2.54 4.28
C ARG A 119 -13.21 2.05 3.00
N PHE A 120 -12.12 1.32 3.15
CA PHE A 120 -11.39 0.79 2.00
C PHE A 120 -11.91 -0.60 1.62
N LYS A 121 -11.69 -0.98 0.36
CA LYS A 121 -12.14 -2.28 -0.13
C LYS A 121 -11.00 -3.03 -0.82
N VAL A 122 -10.43 -4.01 -0.12
CA VAL A 122 -9.32 -4.79 -0.67
C VAL A 122 -9.84 -6.05 -1.36
N TYR A 123 -9.42 -6.25 -2.60
CA TYR A 123 -9.84 -7.41 -3.37
C TYR A 123 -8.64 -8.29 -3.73
N ALA A 124 -8.90 -9.58 -3.92
CA ALA A 124 -7.84 -10.52 -4.27
C ALA A 124 -8.30 -11.47 -5.38
N ASN A 125 -7.72 -11.30 -6.56
CA ASN A 125 -8.07 -12.13 -7.71
C ASN A 125 -9.56 -12.05 -8.01
N GLY A 126 -10.14 -10.88 -7.77
CA GLY A 126 -11.56 -10.68 -8.02
C GLY A 126 -12.42 -11.19 -6.89
N GLN A 127 -11.88 -11.15 -5.67
CA GLN A 127 -12.62 -11.62 -4.50
C GLN A 127 -12.41 -10.67 -3.32
N HIS A 128 -13.50 -10.13 -2.81
CA HIS A 128 -13.44 -9.20 -1.67
C HIS A 128 -12.69 -9.84 -0.51
N LEU A 129 -11.50 -9.31 -0.22
CA LEU A 129 -10.69 -9.82 0.87
C LEU A 129 -11.21 -9.34 2.22
N PHE A 130 -11.12 -8.03 2.45
CA PHE A 130 -11.59 -7.44 3.70
C PHE A 130 -11.69 -5.92 3.58
N ASP A 131 -12.27 -5.29 4.59
CA ASP A 131 -12.42 -3.84 4.60
C ASP A 131 -11.54 -3.21 5.67
N PHE A 132 -11.06 -2.00 5.39
CA PHE A 132 -10.20 -1.29 6.33
C PHE A 132 -10.90 -0.04 6.87
N ALA A 133 -11.31 -0.10 8.12
CA ALA A 133 -11.99 1.02 8.76
C ALA A 133 -11.07 2.24 8.86
N HIS A 134 -11.58 3.40 8.43
CA HIS A 134 -10.80 4.62 8.48
C HIS A 134 -10.36 4.94 9.90
N ARG A 135 -9.04 4.85 10.14
CA ARG A 135 -8.49 5.13 11.46
C ARG A 135 -7.99 6.56 11.55
N LEU A 136 -7.29 7.00 10.51
CA LEU A 136 -6.75 8.36 10.47
C LEU A 136 -7.61 9.26 9.61
N SER A 137 -8.32 10.18 10.25
CA SER A 137 -9.19 11.12 9.55
C SER A 137 -8.46 11.76 8.38
N ALA A 138 -7.16 12.01 8.56
CA ALA A 138 -6.34 12.61 7.52
C ALA A 138 -5.86 11.57 6.52
N PHE A 139 -6.67 10.55 6.30
CA PHE A 139 -6.33 9.48 5.37
C PHE A 139 -5.91 10.07 4.02
N GLN A 140 -6.61 11.11 3.58
CA GLN A 140 -6.30 11.75 2.31
C GLN A 140 -4.83 12.13 2.23
N ARG A 141 -4.31 12.69 3.32
CA ARG A 141 -2.91 13.11 3.37
C ARG A 141 -1.99 11.98 2.92
N VAL A 142 -2.29 10.76 3.38
CA VAL A 142 -1.48 9.60 3.01
C VAL A 142 -1.16 9.60 1.52
N ASP A 143 0.10 9.91 1.20
CA ASP A 143 0.54 9.95 -0.19
C ASP A 143 1.83 9.15 -0.37
N THR A 144 2.01 8.13 0.46
CA THR A 144 3.20 7.30 0.39
C THR A 144 2.86 5.83 0.61
N LEU A 145 3.02 5.02 -0.44
CA LEU A 145 2.71 3.60 -0.37
C LEU A 145 4.00 2.77 -0.44
N GLU A 146 4.38 2.18 0.69
CA GLU A 146 5.59 1.37 0.76
C GLU A 146 5.23 -0.10 0.97
N ILE A 147 6.12 -0.98 0.52
CA ILE A 147 5.90 -2.42 0.66
C ILE A 147 7.19 -3.14 1.05
N GLN A 148 7.25 -3.66 2.27
CA GLN A 148 8.42 -4.36 2.75
C GLN A 148 8.07 -5.80 3.15
N GLY A 149 9.10 -6.60 3.45
CA GLY A 149 8.88 -7.97 3.84
C GLY A 149 9.36 -8.95 2.79
N ASP A 150 8.62 -10.04 2.61
CA ASP A 150 8.98 -11.06 1.63
C ASP A 150 7.91 -11.18 0.55
N VAL A 151 8.11 -10.46 -0.55
CA VAL A 151 7.17 -10.49 -1.66
C VAL A 151 7.85 -10.21 -2.99
N THR A 152 7.29 -10.74 -4.07
CA THR A 152 7.86 -10.55 -5.40
C THR A 152 6.94 -9.72 -6.27
N LEU A 153 7.17 -8.40 -6.29
CA LEU A 153 6.36 -7.49 -7.09
C LEU A 153 6.67 -7.65 -8.57
N SER A 154 5.65 -7.57 -9.41
CA SER A 154 5.81 -7.69 -10.85
C SER A 154 5.21 -6.50 -11.57
N TYR A 155 4.18 -5.90 -10.97
CA TYR A 155 3.51 -4.75 -11.56
C TYR A 155 2.80 -3.93 -10.49
N VAL A 156 3.03 -2.62 -10.49
CA VAL A 156 2.41 -1.73 -9.53
C VAL A 156 2.00 -0.42 -10.17
N GLN A 157 0.71 -0.25 -10.41
CA GLN A 157 0.18 0.96 -11.02
C GLN A 157 -0.82 1.66 -10.10
N ILE A 158 -0.77 2.98 -10.06
CA ILE A 158 -1.68 3.75 -9.22
C ILE A 158 -2.66 4.55 -10.07
N SER A 159 -3.84 3.97 -10.29
CA SER A 159 -4.88 4.62 -11.09
C SER A 159 -5.27 5.97 -10.48
N GLY A 160 -5.20 7.02 -11.29
CA GLY A 160 -5.54 8.34 -10.82
C GLY A 160 -4.78 9.44 -11.53
N PRO A 161 -4.85 10.66 -11.00
CA PRO A 161 -4.17 11.82 -11.57
C PRO A 161 -2.66 11.73 -11.44
N SER A 162 -1.95 12.41 -12.34
CA SER A 162 -0.48 12.41 -12.31
C SER A 162 0.06 13.81 -12.12
N SER A 163 -0.32 14.72 -13.02
CA SER A 163 0.13 16.11 -12.94
C SER A 163 -0.80 16.94 -12.07
N GLY A 164 -0.45 17.10 -10.80
CA GLY A 164 -1.27 17.88 -9.89
C GLY A 164 -1.97 17.01 -8.87
N GLY A 1 24.77 36.70 12.91
CA GLY A 1 23.66 36.57 11.98
C GLY A 1 23.92 35.50 10.94
N SER A 2 24.69 35.85 9.92
CA SER A 2 25.01 34.91 8.84
C SER A 2 23.76 34.15 8.40
N SER A 3 22.64 34.87 8.30
CA SER A 3 21.38 34.27 7.89
C SER A 3 21.47 33.73 6.47
N GLY A 4 21.37 32.42 6.33
CA GLY A 4 21.44 31.79 5.02
C GLY A 4 20.97 30.35 5.03
N SER A 5 20.85 29.76 3.84
CA SER A 5 20.40 28.38 3.72
C SER A 5 20.98 27.73 2.47
N SER A 6 21.30 26.44 2.57
CA SER A 6 21.88 25.71 1.45
C SER A 6 21.04 25.91 0.19
N GLY A 7 19.80 25.41 0.21
CA GLY A 7 18.93 25.55 -0.93
C GLY A 7 19.22 24.53 -2.02
N HIS A 8 18.28 23.64 -2.27
CA HIS A 8 18.44 22.61 -3.28
C HIS A 8 19.87 22.09 -3.31
N GLN A 9 20.41 21.79 -2.13
CA GLN A 9 21.77 21.29 -2.02
C GLN A 9 21.78 19.80 -1.70
N GLN A 10 21.08 19.43 -0.63
CA GLN A 10 21.01 18.03 -0.21
C GLN A 10 19.60 17.48 -0.39
N LEU A 11 19.44 16.59 -1.37
CA LEU A 11 18.15 15.99 -1.66
C LEU A 11 17.41 15.66 -0.37
N ASN A 12 16.09 15.86 -0.38
CA ASN A 12 15.27 15.57 0.79
C ASN A 12 14.17 14.57 0.46
N SER A 13 13.51 14.79 -0.68
CA SER A 13 12.44 13.91 -1.12
C SER A 13 12.76 13.27 -2.46
N LEU A 14 11.81 12.53 -3.01
CA LEU A 14 12.00 11.86 -4.30
C LEU A 14 11.04 12.42 -5.35
N PRO A 15 11.41 12.26 -6.62
CA PRO A 15 10.60 12.74 -7.74
C PRO A 15 9.31 11.94 -7.91
N THR A 16 8.43 12.42 -8.79
CA THR A 16 7.16 11.75 -9.04
C THR A 16 7.35 10.52 -9.93
N MET A 17 6.49 9.54 -9.76
CA MET A 17 6.55 8.30 -10.55
C MET A 17 5.75 8.44 -11.84
N GLU A 18 5.76 9.64 -12.41
CA GLU A 18 5.03 9.90 -13.65
C GLU A 18 5.54 9.01 -14.77
N GLY A 19 4.80 8.99 -15.88
CA GLY A 19 5.19 8.17 -17.02
C GLY A 19 4.52 6.81 -17.01
N PRO A 20 5.23 5.79 -17.52
CA PRO A 20 4.71 4.42 -17.58
C PRO A 20 4.59 3.78 -16.20
N PRO A 21 3.90 2.63 -16.13
CA PRO A 21 3.70 1.90 -14.89
C PRO A 21 4.99 1.27 -14.37
N THR A 22 4.91 0.62 -13.21
CA THR A 22 6.07 -0.02 -12.60
C THR A 22 6.21 -1.47 -13.08
N PHE A 23 7.45 -1.92 -13.24
CA PHE A 23 7.72 -3.27 -13.68
C PHE A 23 8.94 -3.84 -12.97
N ASN A 24 8.84 -5.10 -12.56
CA ASN A 24 9.94 -5.76 -11.87
C ASN A 24 10.54 -4.86 -10.79
N PRO A 25 9.66 -4.26 -9.98
CA PRO A 25 10.08 -3.36 -8.89
C PRO A 25 10.79 -4.10 -7.76
N PRO A 26 11.86 -3.50 -7.23
CA PRO A 26 12.64 -4.08 -6.14
C PRO A 26 11.87 -4.09 -4.82
N VAL A 27 12.53 -4.57 -3.77
CA VAL A 27 11.92 -4.63 -2.44
C VAL A 27 12.93 -4.33 -1.35
N PRO A 28 12.51 -3.51 -0.36
CA PRO A 28 11.15 -2.94 -0.33
C PRO A 28 10.94 -1.90 -1.42
N TYR A 29 9.73 -1.85 -1.95
CA TYR A 29 9.38 -0.89 -3.00
C TYR A 29 8.68 0.33 -2.42
N PHE A 30 9.33 1.48 -2.52
CA PHE A 30 8.77 2.73 -2.02
C PHE A 30 8.13 3.54 -3.13
N GLY A 31 6.81 3.51 -3.20
CA GLY A 31 6.10 4.24 -4.22
C GLY A 31 5.17 5.30 -3.65
N ARG A 32 5.62 6.56 -3.70
CA ARG A 32 4.83 7.67 -3.18
C ARG A 32 3.65 7.98 -4.10
N LEU A 33 2.46 8.05 -3.52
CA LEU A 33 1.25 8.34 -4.29
C LEU A 33 1.20 9.81 -4.68
N GLN A 34 0.56 10.09 -5.82
CA GLN A 34 0.44 11.46 -6.30
C GLN A 34 -0.97 11.98 -6.08
N GLY A 35 -1.16 12.78 -5.02
CA GLY A 35 -2.46 13.32 -4.72
C GLY A 35 -2.93 12.98 -3.32
N GLY A 36 -2.97 11.69 -3.02
CA GLY A 36 -3.41 11.26 -1.70
C GLY A 36 -4.65 10.38 -1.77
N LEU A 37 -4.99 9.76 -0.65
CA LEU A 37 -6.15 8.88 -0.58
C LEU A 37 -7.43 9.64 -0.90
N THR A 38 -7.88 9.53 -2.16
CA THR A 38 -9.09 10.21 -2.60
C THR A 38 -10.21 9.21 -2.84
N ALA A 39 -11.44 9.71 -2.86
CA ALA A 39 -12.61 8.87 -3.09
C ALA A 39 -12.51 8.13 -4.42
N ARG A 40 -11.81 8.75 -5.37
CA ARG A 40 -11.64 8.16 -6.70
C ARG A 40 -10.22 7.62 -6.87
N ARG A 41 -9.69 7.02 -5.81
CA ARG A 41 -8.35 6.46 -5.84
C ARG A 41 -8.37 4.95 -5.62
N THR A 42 -7.58 4.23 -6.39
CA THR A 42 -7.51 2.77 -6.27
C THR A 42 -6.08 2.28 -6.37
N ILE A 43 -5.61 1.60 -5.32
CA ILE A 43 -4.26 1.06 -5.31
C ILE A 43 -4.22 -0.39 -5.78
N ILE A 44 -3.26 -0.70 -6.64
CA ILE A 44 -3.12 -2.05 -7.17
C ILE A 44 -1.71 -2.59 -6.92
N ILE A 45 -1.64 -3.86 -6.53
CA ILE A 45 -0.35 -4.50 -6.26
C ILE A 45 -0.33 -5.92 -6.81
N LYS A 46 0.42 -6.12 -7.88
CA LYS A 46 0.54 -7.44 -8.50
C LYS A 46 1.93 -8.02 -8.29
N GLY A 47 2.02 -9.07 -7.48
CA GLY A 47 3.29 -9.70 -7.21
C GLY A 47 3.19 -11.21 -7.12
N TYR A 48 3.96 -11.81 -6.22
CA TYR A 48 3.96 -13.25 -6.03
C TYR A 48 4.73 -13.64 -4.78
N VAL A 49 4.10 -14.44 -3.92
CA VAL A 49 4.74 -14.89 -2.69
C VAL A 49 5.68 -16.06 -2.96
N PRO A 50 6.98 -15.84 -2.71
CA PRO A 50 8.01 -16.85 -2.90
C PRO A 50 7.91 -17.99 -1.89
N PRO A 51 8.43 -19.17 -2.26
CA PRO A 51 8.42 -20.35 -1.40
C PRO A 51 9.35 -20.20 -0.20
N THR A 52 10.23 -19.22 -0.25
CA THR A 52 11.18 -18.96 0.82
C THR A 52 10.87 -17.66 1.54
N GLY A 53 9.67 -17.13 1.32
CA GLY A 53 9.27 -15.89 1.94
C GLY A 53 8.18 -16.08 2.97
N LYS A 54 8.47 -15.74 4.22
CA LYS A 54 7.50 -15.88 5.30
C LYS A 54 6.23 -15.07 5.00
N SER A 55 6.38 -13.76 4.90
CA SER A 55 5.25 -12.88 4.61
C SER A 55 5.71 -11.45 4.38
N PHE A 56 4.83 -10.63 3.81
CA PHE A 56 5.15 -9.24 3.55
C PHE A 56 4.21 -8.30 4.30
N ALA A 57 4.31 -7.00 4.02
CA ALA A 57 3.46 -6.02 4.66
C ALA A 57 3.33 -4.76 3.81
N ILE A 58 2.13 -4.22 3.74
CA ILE A 58 1.86 -3.02 2.96
C ILE A 58 1.41 -1.87 3.85
N ASN A 59 2.30 -0.92 4.09
CA ASN A 59 1.99 0.23 4.93
C ASN A 59 1.79 1.49 4.07
N PHE A 60 0.91 2.38 4.52
CA PHE A 60 0.64 3.61 3.81
C PHE A 60 0.94 4.83 4.68
N LYS A 61 2.09 5.44 4.43
CA LYS A 61 2.50 6.62 5.20
C LYS A 61 2.13 7.91 4.45
N VAL A 62 2.21 9.03 5.16
CA VAL A 62 1.88 10.33 4.56
C VAL A 62 3.14 11.07 4.16
N GLY A 63 3.25 11.40 2.88
CA GLY A 63 4.41 12.13 2.39
C GLY A 63 4.63 13.43 3.10
N SER A 64 3.54 14.15 3.37
CA SER A 64 3.62 15.44 4.05
C SER A 64 4.18 15.27 5.45
N SER A 65 3.38 14.69 6.35
CA SER A 65 3.81 14.48 7.73
C SER A 65 4.69 13.24 7.84
N GLY A 66 4.07 12.07 7.69
CA GLY A 66 4.81 10.82 7.77
C GLY A 66 4.17 9.84 8.74
N ASP A 67 2.85 9.74 8.69
CA ASP A 67 2.14 8.82 9.57
C ASP A 67 1.45 7.73 8.76
N ILE A 68 1.41 6.52 9.33
CA ILE A 68 0.78 5.38 8.67
C ILE A 68 -0.70 5.31 9.00
N ALA A 69 -1.54 5.32 7.97
CA ALA A 69 -2.98 5.24 8.15
C ALA A 69 -3.48 3.81 8.07
N LEU A 70 -2.83 3.02 7.21
CA LEU A 70 -3.20 1.62 7.04
C LEU A 70 -1.96 0.73 6.90
N HIS A 71 -1.92 -0.34 7.68
CA HIS A 71 -0.80 -1.26 7.65
C HIS A 71 -1.28 -2.71 7.62
N ILE A 72 -1.43 -3.26 6.41
CA ILE A 72 -1.88 -4.63 6.25
C ILE A 72 -0.70 -5.58 6.11
N ASN A 73 -0.80 -6.72 6.79
CA ASN A 73 0.26 -7.73 6.74
C ASN A 73 -0.33 -9.14 6.71
N PRO A 74 -0.25 -9.78 5.54
CA PRO A 74 -0.77 -11.14 5.35
C PRO A 74 0.07 -12.19 6.08
N ARG A 75 -0.56 -13.31 6.40
CA ARG A 75 0.13 -14.39 7.10
C ARG A 75 -0.09 -15.73 6.40
N MET A 76 0.89 -16.15 5.63
CA MET A 76 0.81 -17.41 4.90
C MET A 76 0.67 -18.59 5.86
N GLY A 77 1.46 -18.56 6.93
CA GLY A 77 1.42 -19.63 7.91
C GLY A 77 0.10 -19.69 8.65
N ASN A 78 -0.02 -18.87 9.70
CA ASN A 78 -1.24 -18.83 10.50
C ASN A 78 -2.47 -18.71 9.59
N GLY A 79 -2.51 -17.68 8.77
CA GLY A 79 -3.62 -17.47 7.87
C GLY A 79 -4.52 -16.33 8.31
N THR A 80 -3.90 -15.24 8.77
CA THR A 80 -4.64 -14.08 9.23
C THR A 80 -3.92 -12.78 8.87
N VAL A 81 -4.59 -11.93 8.11
CA VAL A 81 -4.00 -10.65 7.70
C VAL A 81 -4.23 -9.57 8.75
N VAL A 82 -3.16 -9.15 9.41
CA VAL A 82 -3.25 -8.13 10.45
C VAL A 82 -3.25 -6.73 9.83
N ARG A 83 -4.08 -5.85 10.38
CA ARG A 83 -4.17 -4.49 9.90
C ARG A 83 -3.97 -3.48 11.03
N ASN A 84 -3.01 -2.58 10.86
CA ASN A 84 -2.72 -1.58 11.87
C ASN A 84 -2.53 -0.21 11.23
N SER A 85 -2.23 0.79 12.06
CA SER A 85 -2.03 2.16 11.57
C SER A 85 -1.23 2.98 12.58
N LEU A 86 0.04 3.22 12.27
CA LEU A 86 0.91 3.99 13.15
C LEU A 86 0.62 5.48 13.03
N LEU A 87 0.16 6.09 14.12
CA LEU A 87 -0.15 7.51 14.13
C LEU A 87 1.04 8.32 14.65
N ASN A 88 1.01 9.62 14.37
CA ASN A 88 2.09 10.51 14.81
C ASN A 88 2.54 10.18 16.22
N GLY A 89 3.66 9.48 16.33
CA GLY A 89 4.18 9.11 17.64
C GLY A 89 3.26 8.15 18.38
N SER A 90 2.13 7.83 17.75
CA SER A 90 1.16 6.92 18.36
C SER A 90 0.85 5.76 17.42
N TRP A 91 0.11 4.78 17.93
CA TRP A 91 -0.27 3.61 17.15
C TRP A 91 -1.77 3.37 17.21
N GLY A 92 -2.29 2.63 16.23
CA GLY A 92 -3.71 2.34 16.20
C GLY A 92 -4.05 1.07 16.95
N SER A 93 -4.17 -0.03 16.23
CA SER A 93 -4.50 -1.32 16.83
C SER A 93 -4.43 -2.45 15.80
N GLU A 94 -4.40 -3.68 16.29
CA GLU A 94 -4.33 -4.84 15.41
C GLU A 94 -5.73 -5.30 15.01
N GLU A 95 -6.01 -5.27 13.71
CA GLU A 95 -7.31 -5.68 13.20
C GLU A 95 -7.18 -6.91 12.29
N LYS A 96 -7.86 -7.99 12.66
CA LYS A 96 -7.82 -9.22 11.90
C LYS A 96 -9.22 -9.68 11.53
N LYS A 97 -9.49 -9.75 10.23
CA LYS A 97 -10.80 -10.18 9.75
C LYS A 97 -10.78 -10.42 8.24
N ILE A 98 -10.84 -11.69 7.85
CA ILE A 98 -10.82 -12.06 6.44
C ILE A 98 -11.64 -13.32 6.18
N THR A 99 -12.20 -13.42 4.98
CA THR A 99 -13.00 -14.57 4.61
C THR A 99 -12.15 -15.66 3.96
N HIS A 100 -11.27 -15.25 3.06
CA HIS A 100 -10.39 -16.18 2.37
C HIS A 100 -9.02 -15.55 2.10
N ASN A 101 -7.97 -16.26 2.52
CA ASN A 101 -6.61 -15.76 2.32
C ASN A 101 -5.91 -16.50 1.19
N PRO A 102 -5.90 -15.89 0.00
CA PRO A 102 -5.27 -16.48 -1.18
C PRO A 102 -3.74 -16.52 -1.08
N PHE A 103 -3.17 -15.48 -0.48
CA PHE A 103 -1.73 -15.40 -0.30
C PHE A 103 -1.14 -16.77 0.01
N GLY A 104 -0.35 -17.30 -0.92
CA GLY A 104 0.26 -18.61 -0.73
C GLY A 104 1.70 -18.64 -1.18
N PRO A 105 2.56 -19.29 -0.38
CA PRO A 105 4.00 -19.41 -0.69
C PRO A 105 4.26 -20.32 -1.88
N GLY A 106 4.49 -19.73 -3.04
CA GLY A 106 4.75 -20.51 -4.24
C GLY A 106 3.74 -20.22 -5.35
N GLN A 107 2.80 -19.33 -5.07
CA GLN A 107 1.78 -18.98 -6.04
C GLN A 107 1.59 -17.47 -6.12
N PHE A 108 1.23 -16.98 -7.30
CA PHE A 108 1.01 -15.55 -7.50
C PHE A 108 -0.22 -15.07 -6.74
N PHE A 109 -0.42 -13.76 -6.70
CA PHE A 109 -1.56 -13.18 -6.00
C PHE A 109 -1.81 -11.75 -6.48
N ASP A 110 -3.03 -11.49 -6.94
CA ASP A 110 -3.40 -10.16 -7.41
C ASP A 110 -4.16 -9.39 -6.34
N LEU A 111 -3.48 -8.43 -5.71
CA LEU A 111 -4.09 -7.62 -4.67
C LEU A 111 -4.42 -6.22 -5.18
N SER A 112 -5.60 -5.73 -4.83
CA SER A 112 -6.03 -4.40 -5.26
C SER A 112 -6.87 -3.73 -4.18
N ILE A 113 -6.33 -2.65 -3.62
CA ILE A 113 -7.03 -1.91 -2.57
C ILE A 113 -7.78 -0.71 -3.14
N ARG A 114 -9.00 -0.51 -2.67
CA ARG A 114 -9.82 0.61 -3.13
C ARG A 114 -9.98 1.66 -2.04
N CYS A 115 -9.89 2.93 -2.44
CA CYS A 115 -10.03 4.03 -1.49
C CYS A 115 -11.38 4.71 -1.64
N GLY A 116 -12.17 4.71 -0.56
CA GLY A 116 -13.47 5.33 -0.60
C GLY A 116 -13.57 6.53 0.33
N LEU A 117 -14.72 6.66 0.99
CA LEU A 117 -14.93 7.78 1.91
C LEU A 117 -15.15 7.27 3.33
N ASP A 118 -15.86 6.15 3.46
CA ASP A 118 -16.14 5.55 4.76
C ASP A 118 -15.04 4.57 5.16
N ARG A 119 -14.64 3.72 4.21
CA ARG A 119 -13.61 2.73 4.47
C ARG A 119 -12.97 2.27 3.15
N PHE A 120 -12.05 1.32 3.26
CA PHE A 120 -11.36 0.80 2.09
C PHE A 120 -11.91 -0.57 1.70
N LYS A 121 -11.65 -0.99 0.46
CA LYS A 121 -12.12 -2.27 -0.04
C LYS A 121 -11.00 -3.01 -0.76
N VAL A 122 -10.44 -4.03 -0.11
CA VAL A 122 -9.37 -4.83 -0.69
C VAL A 122 -9.92 -6.01 -1.47
N TYR A 123 -9.36 -6.24 -2.65
CA TYR A 123 -9.80 -7.35 -3.50
C TYR A 123 -8.63 -8.26 -3.85
N ALA A 124 -8.89 -9.57 -3.93
CA ALA A 124 -7.87 -10.54 -4.27
C ALA A 124 -8.35 -11.49 -5.36
N ASN A 125 -7.82 -11.31 -6.56
CA ASN A 125 -8.19 -12.16 -7.69
C ASN A 125 -9.69 -12.07 -7.97
N GLY A 126 -10.25 -10.87 -7.77
CA GLY A 126 -11.67 -10.67 -7.99
C GLY A 126 -12.52 -11.19 -6.86
N GLN A 127 -12.06 -10.97 -5.62
CA GLN A 127 -12.79 -11.42 -4.44
C GLN A 127 -12.61 -10.45 -3.29
N HIS A 128 -13.70 -10.15 -2.59
CA HIS A 128 -13.65 -9.23 -1.47
C HIS A 128 -12.86 -9.83 -0.31
N LEU A 129 -11.62 -9.40 -0.16
CA LEU A 129 -10.75 -9.90 0.90
C LEU A 129 -11.22 -9.41 2.26
N PHE A 130 -11.09 -8.11 2.50
CA PHE A 130 -11.52 -7.52 3.76
C PHE A 130 -11.63 -6.00 3.63
N ASP A 131 -12.19 -5.37 4.67
CA ASP A 131 -12.35 -3.92 4.68
C ASP A 131 -11.42 -3.28 5.69
N PHE A 132 -11.15 -1.98 5.50
CA PHE A 132 -10.26 -1.25 6.41
C PHE A 132 -10.92 0.05 6.86
N ALA A 133 -11.39 0.07 8.10
CA ALA A 133 -12.04 1.24 8.67
C ALA A 133 -11.07 2.42 8.74
N HIS A 134 -11.55 3.59 8.34
CA HIS A 134 -10.72 4.80 8.36
C HIS A 134 -10.30 5.15 9.78
N ARG A 135 -9.02 4.94 10.09
CA ARG A 135 -8.50 5.24 11.42
C ARG A 135 -8.03 6.68 11.51
N LEU A 136 -7.24 7.11 10.53
CA LEU A 136 -6.72 8.46 10.51
C LEU A 136 -7.62 9.37 9.67
N SER A 137 -8.34 10.26 10.35
CA SER A 137 -9.25 11.18 9.67
C SER A 137 -8.54 11.85 8.49
N ALA A 138 -7.26 12.13 8.64
CA ALA A 138 -6.47 12.76 7.59
C ALA A 138 -5.98 11.73 6.58
N PHE A 139 -6.77 10.69 6.37
CA PHE A 139 -6.42 9.64 5.43
C PHE A 139 -5.98 10.22 4.08
N GLN A 140 -6.64 11.31 3.69
CA GLN A 140 -6.32 11.96 2.42
C GLN A 140 -4.83 12.29 2.33
N ARG A 141 -4.29 12.85 3.40
CA ARG A 141 -2.88 13.22 3.45
C ARG A 141 -2.00 12.05 3.00
N VAL A 142 -2.35 10.85 3.45
CA VAL A 142 -1.60 9.64 3.10
C VAL A 142 -1.35 9.58 1.60
N ASP A 143 -0.15 9.95 1.19
CA ASP A 143 0.21 9.93 -0.23
C ASP A 143 1.48 9.11 -0.45
N THR A 144 1.72 8.15 0.45
CA THR A 144 2.90 7.30 0.35
C THR A 144 2.53 5.84 0.52
N LEU A 145 3.02 5.00 -0.38
CA LEU A 145 2.74 3.57 -0.32
C LEU A 145 4.04 2.75 -0.40
N GLU A 146 4.45 2.20 0.74
CA GLU A 146 5.67 1.41 0.78
C GLU A 146 5.35 -0.07 0.99
N ILE A 147 6.22 -0.94 0.51
CA ILE A 147 6.03 -2.38 0.63
C ILE A 147 7.33 -3.08 1.02
N GLN A 148 7.33 -3.72 2.18
CA GLN A 148 8.51 -4.42 2.66
C GLN A 148 8.16 -5.85 3.07
N GLY A 149 9.18 -6.64 3.40
CA GLY A 149 8.96 -8.01 3.80
C GLY A 149 9.39 -9.00 2.73
N ASP A 150 8.74 -10.16 2.70
CA ASP A 150 9.07 -11.20 1.73
C ASP A 150 7.99 -11.31 0.66
N VAL A 151 8.17 -10.58 -0.43
CA VAL A 151 7.21 -10.59 -1.53
C VAL A 151 7.88 -10.31 -2.87
N THR A 152 7.28 -10.78 -3.94
CA THR A 152 7.82 -10.59 -5.28
C THR A 152 6.91 -9.72 -6.13
N LEU A 153 7.19 -8.41 -6.14
CA LEU A 153 6.39 -7.47 -6.91
C LEU A 153 6.77 -7.51 -8.38
N SER A 154 5.77 -7.56 -9.26
CA SER A 154 6.00 -7.61 -10.70
C SER A 154 5.40 -6.39 -11.38
N TYR A 155 4.21 -6.00 -10.94
CA TYR A 155 3.52 -4.85 -11.51
C TYR A 155 2.81 -4.04 -10.42
N VAL A 156 3.05 -2.73 -10.43
CA VAL A 156 2.45 -1.85 -9.45
C VAL A 156 2.01 -0.52 -10.09
N GLN A 157 0.71 -0.37 -10.29
CA GLN A 157 0.17 0.84 -10.89
C GLN A 157 -0.82 1.52 -9.95
N ILE A 158 -0.54 2.78 -9.62
CA ILE A 158 -1.39 3.55 -8.73
C ILE A 158 -2.48 4.28 -9.51
N SER A 159 -3.64 3.65 -9.64
CA SER A 159 -4.76 4.24 -10.37
C SER A 159 -5.28 5.48 -9.64
N GLY A 160 -5.67 6.48 -10.42
CA GLY A 160 -6.17 7.71 -9.85
C GLY A 160 -6.37 8.81 -10.88
N PRO A 161 -7.01 9.91 -10.47
CA PRO A 161 -7.28 11.05 -11.35
C PRO A 161 -6.00 11.82 -11.71
N SER A 162 -5.88 12.20 -12.97
CA SER A 162 -4.71 12.92 -13.44
C SER A 162 -5.11 14.28 -14.04
N SER A 163 -4.51 15.34 -13.54
CA SER A 163 -4.81 16.69 -14.01
C SER A 163 -6.32 16.94 -14.03
N GLY A 164 -7.00 16.48 -12.98
CA GLY A 164 -8.43 16.67 -12.90
C GLY A 164 -9.17 16.06 -14.08
N GLY A 1 -2.30 33.21 8.59
CA GLY A 1 -2.01 32.35 7.45
C GLY A 1 -1.45 31.00 7.88
N SER A 2 -0.36 30.59 7.24
CA SER A 2 0.27 29.31 7.55
C SER A 2 1.72 29.51 7.98
N SER A 3 2.12 28.77 9.02
CA SER A 3 3.48 28.87 9.53
C SER A 3 4.30 27.64 9.13
N GLY A 4 4.15 27.22 7.88
CA GLY A 4 4.88 26.08 7.39
C GLY A 4 5.73 26.41 6.18
N SER A 5 6.48 25.41 5.69
CA SER A 5 7.33 25.61 4.53
C SER A 5 6.98 24.62 3.42
N SER A 6 7.19 25.05 2.17
CA SER A 6 6.88 24.21 1.02
C SER A 6 7.74 22.95 1.02
N GLY A 7 9.04 23.11 1.32
CA GLY A 7 9.95 21.99 1.34
C GLY A 7 10.23 21.51 2.76
N HIS A 8 9.77 20.31 3.08
CA HIS A 8 9.98 19.75 4.41
C HIS A 8 11.43 19.31 4.59
N GLN A 9 12.29 20.26 4.95
CA GLN A 9 13.71 19.97 5.15
C GLN A 9 14.21 18.97 4.11
N GLN A 10 13.87 19.22 2.86
CA GLN A 10 14.29 18.34 1.76
C GLN A 10 14.55 19.14 0.49
N LEU A 11 15.71 18.92 -0.11
CA LEU A 11 16.08 19.63 -1.34
C LEU A 11 16.17 18.65 -2.51
N ASN A 12 17.06 17.68 -2.40
CA ASN A 12 17.26 16.69 -3.45
C ASN A 12 16.19 15.59 -3.35
N SER A 13 15.06 15.81 -4.01
CA SER A 13 13.98 14.84 -3.99
C SER A 13 14.02 13.95 -5.23
N LEU A 14 13.01 13.10 -5.38
CA LEU A 14 12.94 12.19 -6.51
C LEU A 14 11.82 12.60 -7.47
N PRO A 15 11.93 12.17 -8.73
CA PRO A 15 10.93 12.49 -9.77
C PRO A 15 9.62 11.76 -9.54
N THR A 16 8.56 12.23 -10.20
CA THR A 16 7.24 11.63 -10.07
C THR A 16 7.17 10.30 -10.80
N MET A 17 6.15 9.50 -10.48
CA MET A 17 5.97 8.21 -11.11
C MET A 17 4.98 8.30 -12.27
N GLU A 18 5.00 9.43 -12.97
CA GLU A 18 4.10 9.64 -14.10
C GLU A 18 4.48 8.74 -15.27
N GLY A 19 3.78 8.92 -16.39
CA GLY A 19 4.06 8.12 -17.57
C GLY A 19 3.55 6.70 -17.44
N PRO A 20 4.35 5.73 -17.90
CA PRO A 20 3.98 4.30 -17.85
C PRO A 20 3.96 3.76 -16.43
N PRO A 21 3.32 2.61 -16.24
CA PRO A 21 3.22 1.96 -14.93
C PRO A 21 4.56 1.39 -14.46
N THR A 22 4.52 0.63 -13.37
CA THR A 22 5.72 0.03 -12.81
C THR A 22 5.93 -1.38 -13.36
N PHE A 23 7.16 -1.88 -13.25
CA PHE A 23 7.49 -3.22 -13.72
C PHE A 23 8.71 -3.77 -12.98
N ASN A 24 8.63 -5.04 -12.58
CA ASN A 24 9.73 -5.68 -11.87
C ASN A 24 10.31 -4.75 -10.82
N PRO A 25 9.44 -4.14 -10.00
CA PRO A 25 9.85 -3.21 -8.95
C PRO A 25 10.55 -3.92 -7.80
N PRO A 26 11.64 -3.31 -7.30
CA PRO A 26 12.43 -3.87 -6.20
C PRO A 26 11.68 -3.83 -4.88
N VAL A 27 12.35 -4.25 -3.80
CA VAL A 27 11.74 -4.26 -2.48
C VAL A 27 12.76 -3.88 -1.41
N PRO A 28 12.32 -3.04 -0.44
CA PRO A 28 10.95 -2.53 -0.41
C PRO A 28 10.68 -1.52 -1.54
N TYR A 29 9.45 -1.54 -2.05
CA TYR A 29 9.07 -0.63 -3.12
C TYR A 29 8.37 0.60 -2.57
N PHE A 30 8.93 1.77 -2.86
CA PHE A 30 8.36 3.03 -2.40
C PHE A 30 7.60 3.73 -3.51
N GLY A 31 6.27 3.62 -3.49
CA GLY A 31 5.45 4.24 -4.50
C GLY A 31 4.86 5.56 -4.04
N ARG A 32 5.34 6.65 -4.62
CA ARG A 32 4.86 7.98 -4.26
C ARG A 32 3.45 8.22 -4.82
N LEU A 33 2.46 8.05 -3.97
CA LEU A 33 1.07 8.25 -4.37
C LEU A 33 0.79 9.71 -4.70
N GLN A 34 0.94 10.06 -5.98
CA GLN A 34 0.70 11.43 -6.42
C GLN A 34 -0.77 11.81 -6.31
N GLY A 35 -1.13 12.40 -5.18
CA GLY A 35 -2.52 12.81 -4.97
C GLY A 35 -3.01 12.44 -3.58
N GLY A 36 -2.58 11.28 -3.08
CA GLY A 36 -3.01 10.84 -1.77
C GLY A 36 -4.27 10.00 -1.81
N LEU A 37 -4.66 9.47 -0.66
CA LEU A 37 -5.85 8.63 -0.57
C LEU A 37 -7.11 9.44 -0.88
N THR A 38 -7.52 9.42 -2.14
CA THR A 38 -8.71 10.15 -2.57
C THR A 38 -9.88 9.21 -2.80
N ALA A 39 -11.09 9.73 -2.68
CA ALA A 39 -12.30 8.93 -2.88
C ALA A 39 -12.23 8.16 -4.20
N ARG A 40 -11.54 8.73 -5.17
CA ARG A 40 -11.40 8.09 -6.47
C ARG A 40 -10.00 7.50 -6.65
N ARG A 41 -9.44 7.00 -5.55
CA ARG A 41 -8.11 6.41 -5.58
C ARG A 41 -8.18 4.89 -5.43
N THR A 42 -7.42 4.19 -6.27
CA THR A 42 -7.40 2.72 -6.24
C THR A 42 -5.98 2.19 -6.35
N ILE A 43 -5.52 1.51 -5.30
CA ILE A 43 -4.18 0.95 -5.28
C ILE A 43 -4.17 -0.48 -5.80
N ILE A 44 -3.20 -0.80 -6.65
CA ILE A 44 -3.09 -2.13 -7.21
C ILE A 44 -1.69 -2.70 -7.00
N ILE A 45 -1.63 -3.96 -6.54
CA ILE A 45 -0.35 -4.62 -6.29
C ILE A 45 -0.36 -6.04 -6.84
N LYS A 46 0.36 -6.24 -7.93
CA LYS A 46 0.44 -7.56 -8.55
C LYS A 46 1.84 -8.15 -8.40
N GLY A 47 1.95 -9.20 -7.59
CA GLY A 47 3.24 -9.85 -7.37
C GLY A 47 3.12 -11.36 -7.26
N TYR A 48 3.89 -11.94 -6.35
CA TYR A 48 3.87 -13.38 -6.13
C TYR A 48 4.69 -13.77 -4.91
N VAL A 49 4.04 -14.39 -3.94
CA VAL A 49 4.70 -14.82 -2.72
C VAL A 49 5.68 -15.96 -2.98
N PRO A 50 6.98 -15.70 -2.74
CA PRO A 50 8.03 -16.69 -2.96
C PRO A 50 7.96 -17.84 -1.94
N PRO A 51 8.50 -19.00 -2.33
CA PRO A 51 8.52 -20.20 -1.48
C PRO A 51 9.46 -20.04 -0.29
N THR A 52 10.35 -19.05 -0.37
CA THR A 52 11.30 -18.80 0.70
C THR A 52 10.99 -17.50 1.43
N GLY A 53 9.76 -17.02 1.28
CA GLY A 53 9.35 -15.79 1.92
C GLY A 53 8.29 -16.01 2.98
N LYS A 54 8.58 -15.58 4.21
CA LYS A 54 7.64 -15.75 5.31
C LYS A 54 6.35 -14.96 5.05
N SER A 55 6.48 -13.65 4.94
CA SER A 55 5.34 -12.79 4.69
C SER A 55 5.78 -11.34 4.45
N PHE A 56 4.93 -10.57 3.78
CA PHE A 56 5.23 -9.18 3.48
C PHE A 56 4.32 -8.24 4.28
N ALA A 57 4.43 -6.95 4.00
CA ALA A 57 3.63 -5.95 4.70
C ALA A 57 3.50 -4.68 3.87
N ILE A 58 2.28 -4.20 3.71
CA ILE A 58 2.03 -2.98 2.94
C ILE A 58 1.53 -1.86 3.84
N ASN A 59 2.42 -0.93 4.17
CA ASN A 59 2.07 0.20 5.02
C ASN A 59 1.85 1.46 4.18
N PHE A 60 0.89 2.27 4.60
CA PHE A 60 0.57 3.51 3.89
C PHE A 60 0.87 4.73 4.77
N LYS A 61 2.04 5.32 4.56
CA LYS A 61 2.45 6.50 5.32
C LYS A 61 2.13 7.79 4.56
N VAL A 62 2.23 8.92 5.25
CA VAL A 62 1.96 10.21 4.64
C VAL A 62 3.25 10.93 4.28
N GLY A 63 3.39 11.29 3.01
CA GLY A 63 4.59 11.98 2.57
C GLY A 63 4.80 13.30 3.28
N SER A 64 3.71 14.03 3.52
CA SER A 64 3.79 15.31 4.20
C SER A 64 4.31 15.14 5.62
N SER A 65 3.49 14.55 6.49
CA SER A 65 3.87 14.34 7.88
C SER A 65 4.72 13.08 8.02
N GLY A 66 4.08 11.92 7.86
CA GLY A 66 4.79 10.66 7.96
C GLY A 66 4.12 9.69 8.92
N ASP A 67 2.80 9.61 8.84
CA ASP A 67 2.02 8.72 9.70
C ASP A 67 1.39 7.60 8.89
N ILE A 68 1.34 6.41 9.49
CA ILE A 68 0.76 5.24 8.82
C ILE A 68 -0.75 5.16 9.10
N ALA A 69 -1.55 5.33 8.05
CA ALA A 69 -2.99 5.27 8.17
C ALA A 69 -3.48 3.83 8.15
N LEU A 70 -2.86 3.01 7.30
CA LEU A 70 -3.23 1.61 7.18
C LEU A 70 -2.00 0.73 7.10
N HIS A 71 -2.00 -0.37 7.86
CA HIS A 71 -0.87 -1.30 7.86
C HIS A 71 -1.37 -2.74 7.78
N ILE A 72 -1.36 -3.29 6.58
CA ILE A 72 -1.81 -4.67 6.36
C ILE A 72 -0.63 -5.62 6.22
N ASN A 73 -0.68 -6.74 6.92
CA ASN A 73 0.38 -7.73 6.87
C ASN A 73 -0.18 -9.15 6.85
N PRO A 74 -0.12 -9.80 5.69
CA PRO A 74 -0.62 -11.17 5.52
C PRO A 74 0.24 -12.20 6.26
N ARG A 75 -0.37 -13.32 6.60
CA ARG A 75 0.33 -14.39 7.31
C ARG A 75 0.10 -15.74 6.64
N MET A 76 1.03 -16.12 5.77
CA MET A 76 0.92 -17.39 5.06
C MET A 76 0.72 -18.55 6.03
N GLY A 77 1.33 -18.44 7.20
CA GLY A 77 1.21 -19.47 8.21
C GLY A 77 -0.19 -20.05 8.28
N ASN A 78 -1.03 -19.47 9.14
CA ASN A 78 -2.39 -19.93 9.30
C ASN A 78 -3.33 -19.25 8.28
N GLY A 79 -3.11 -17.96 8.07
CA GLY A 79 -3.93 -17.21 7.13
C GLY A 79 -4.66 -16.06 7.79
N THR A 80 -3.94 -15.32 8.64
CA THR A 80 -4.54 -14.18 9.33
C THR A 80 -3.81 -12.88 8.98
N VAL A 81 -4.54 -11.94 8.37
CA VAL A 81 -3.97 -10.67 7.99
C VAL A 81 -4.31 -9.58 9.00
N VAL A 82 -3.30 -9.12 9.73
CA VAL A 82 -3.50 -8.09 10.74
C VAL A 82 -3.49 -6.69 10.10
N ARG A 83 -4.31 -5.80 10.64
CA ARG A 83 -4.40 -4.44 10.13
C ARG A 83 -4.19 -3.42 11.24
N ASN A 84 -3.22 -2.53 11.05
CA ASN A 84 -2.92 -1.51 12.04
C ASN A 84 -2.69 -0.16 11.38
N SER A 85 -2.43 0.86 12.19
CA SER A 85 -2.20 2.22 11.68
C SER A 85 -1.44 3.05 12.70
N LEU A 86 -0.15 3.28 12.44
CA LEU A 86 0.68 4.07 13.33
C LEU A 86 0.42 5.56 13.14
N LEU A 87 -0.07 6.21 14.20
CA LEU A 87 -0.36 7.64 14.16
C LEU A 87 0.82 8.44 14.70
N ASN A 88 0.82 9.74 14.39
CA ASN A 88 1.89 10.63 14.84
C ASN A 88 2.28 10.32 16.28
N GLY A 89 3.40 9.62 16.46
CA GLY A 89 3.85 9.28 17.79
C GLY A 89 2.90 8.33 18.51
N SER A 90 1.79 8.01 17.85
CA SER A 90 0.80 7.11 18.43
C SER A 90 0.52 5.93 17.51
N TRP A 91 -0.22 4.95 18.01
CA TRP A 91 -0.55 3.76 17.24
C TRP A 91 -2.06 3.51 17.26
N GLY A 92 -2.52 2.72 16.29
CA GLY A 92 -3.94 2.41 16.21
C GLY A 92 -4.30 1.18 17.00
N SER A 93 -4.45 0.04 16.31
CA SER A 93 -4.81 -1.20 16.96
C SER A 93 -4.73 -2.37 15.97
N GLU A 94 -4.80 -3.59 16.49
CA GLU A 94 -4.73 -4.79 15.66
C GLU A 94 -6.13 -5.22 15.21
N GLU A 95 -6.33 -5.28 13.91
CA GLU A 95 -7.62 -5.68 13.35
C GLU A 95 -7.48 -6.90 12.44
N LYS A 96 -8.09 -8.01 12.86
CA LYS A 96 -8.03 -9.24 12.08
C LYS A 96 -9.42 -9.69 11.67
N LYS A 97 -9.64 -9.78 10.37
CA LYS A 97 -10.93 -10.21 9.83
C LYS A 97 -10.87 -10.37 8.32
N ILE A 98 -10.85 -11.62 7.87
CA ILE A 98 -10.79 -11.92 6.44
C ILE A 98 -11.64 -13.13 6.10
N THR A 99 -12.17 -13.14 4.88
CA THR A 99 -13.01 -14.25 4.42
C THR A 99 -12.17 -15.38 3.87
N HIS A 100 -11.13 -15.04 3.13
CA HIS A 100 -10.24 -16.04 2.54
C HIS A 100 -8.84 -15.46 2.32
N ASN A 101 -7.82 -16.22 2.73
CA ASN A 101 -6.44 -15.78 2.57
C ASN A 101 -5.77 -16.50 1.41
N PRO A 102 -5.76 -15.84 0.24
CA PRO A 102 -5.15 -16.40 -0.97
C PRO A 102 -3.63 -16.45 -0.89
N PHE A 103 -3.03 -15.40 -0.33
CA PHE A 103 -1.59 -15.34 -0.19
C PHE A 103 -1.00 -16.72 0.08
N GLY A 104 -0.37 -17.30 -0.94
CA GLY A 104 0.21 -18.62 -0.79
C GLY A 104 1.66 -18.66 -1.23
N PRO A 105 2.50 -19.34 -0.44
CA PRO A 105 3.95 -19.46 -0.74
C PRO A 105 4.20 -20.35 -1.95
N GLY A 106 4.39 -19.72 -3.11
CA GLY A 106 4.65 -20.46 -4.32
C GLY A 106 3.59 -20.24 -5.38
N GLN A 107 2.63 -19.37 -5.08
CA GLN A 107 1.54 -19.08 -6.00
C GLN A 107 1.31 -17.58 -6.12
N PHE A 108 1.10 -17.11 -7.34
CA PHE A 108 0.87 -15.69 -7.60
C PHE A 108 -0.38 -15.20 -6.86
N PHE A 109 -0.53 -13.88 -6.78
CA PHE A 109 -1.68 -13.30 -6.11
C PHE A 109 -1.91 -11.87 -6.59
N ASP A 110 -3.15 -11.56 -6.95
CA ASP A 110 -3.51 -10.22 -7.43
C ASP A 110 -4.25 -9.44 -6.34
N LEU A 111 -3.55 -8.51 -5.72
CA LEU A 111 -4.14 -7.68 -4.66
C LEU A 111 -4.44 -6.28 -5.17
N SER A 112 -5.62 -5.76 -4.82
CA SER A 112 -6.03 -4.43 -5.24
C SER A 112 -6.85 -3.74 -4.16
N ILE A 113 -6.30 -2.68 -3.59
CA ILE A 113 -6.99 -1.94 -2.54
C ILE A 113 -7.74 -0.74 -3.11
N ARG A 114 -8.93 -0.49 -2.59
CA ARG A 114 -9.75 0.62 -3.04
C ARG A 114 -9.89 1.68 -1.96
N CYS A 115 -9.79 2.94 -2.35
CA CYS A 115 -9.90 4.05 -1.40
C CYS A 115 -11.19 4.82 -1.62
N GLY A 116 -12.09 4.77 -0.64
CA GLY A 116 -13.35 5.47 -0.75
C GLY A 116 -13.47 6.60 0.25
N LEU A 117 -14.64 6.71 0.88
CA LEU A 117 -14.89 7.75 1.86
C LEU A 117 -15.26 7.15 3.22
N ASP A 118 -16.04 6.08 3.19
CA ASP A 118 -16.47 5.42 4.42
C ASP A 118 -15.42 4.39 4.86
N ARG A 119 -14.81 3.72 3.91
CA ARG A 119 -13.79 2.72 4.20
C ARG A 119 -13.13 2.21 2.92
N PHE A 120 -12.09 1.41 3.07
CA PHE A 120 -11.37 0.86 1.93
C PHE A 120 -11.92 -0.52 1.56
N LYS A 121 -11.74 -0.90 0.29
CA LYS A 121 -12.22 -2.19 -0.19
C LYS A 121 -11.11 -2.94 -0.91
N VAL A 122 -10.52 -3.92 -0.23
CA VAL A 122 -9.44 -4.72 -0.81
C VAL A 122 -10.00 -5.93 -1.54
N TYR A 123 -9.44 -6.21 -2.72
CA TYR A 123 -9.88 -7.34 -3.52
C TYR A 123 -8.73 -8.31 -3.78
N ALA A 124 -9.07 -9.58 -3.98
CA ALA A 124 -8.06 -10.60 -4.23
C ALA A 124 -8.50 -11.53 -5.37
N ASN A 125 -7.86 -11.38 -6.52
CA ASN A 125 -8.18 -12.21 -7.68
C ASN A 125 -9.67 -12.14 -7.99
N GLY A 126 -10.27 -10.97 -7.78
CA GLY A 126 -11.68 -10.80 -8.04
C GLY A 126 -12.55 -11.26 -6.89
N GLN A 127 -12.02 -11.16 -5.68
CA GLN A 127 -12.75 -11.57 -4.48
C GLN A 127 -12.49 -10.60 -3.33
N HIS A 128 -13.55 -9.97 -2.84
CA HIS A 128 -13.45 -9.02 -1.74
C HIS A 128 -12.70 -9.64 -0.56
N LEU A 129 -11.43 -9.25 -0.40
CA LEU A 129 -10.60 -9.76 0.69
C LEU A 129 -11.13 -9.29 2.04
N PHE A 130 -11.03 -7.99 2.29
CA PHE A 130 -11.48 -7.41 3.54
C PHE A 130 -11.62 -5.90 3.43
N ASP A 131 -12.10 -5.27 4.49
CA ASP A 131 -12.27 -3.81 4.51
C ASP A 131 -11.39 -3.17 5.58
N PHE A 132 -10.98 -1.94 5.34
CA PHE A 132 -10.14 -1.21 6.27
C PHE A 132 -10.84 0.04 6.79
N ALA A 133 -11.28 -0.02 8.05
CA ALA A 133 -11.98 1.11 8.67
C ALA A 133 -11.07 2.34 8.73
N HIS A 134 -11.61 3.48 8.34
CA HIS A 134 -10.85 4.73 8.36
C HIS A 134 -10.39 5.06 9.78
N ARG A 135 -9.08 4.97 10.01
CA ARG A 135 -8.51 5.26 11.32
C ARG A 135 -8.06 6.72 11.40
N LEU A 136 -7.26 7.14 10.42
CA LEU A 136 -6.75 8.51 10.38
C LEU A 136 -7.63 9.39 9.50
N SER A 137 -8.38 10.29 10.13
CA SER A 137 -9.27 11.19 9.40
C SER A 137 -8.52 11.87 8.26
N ALA A 138 -7.24 12.13 8.47
CA ALA A 138 -6.41 12.78 7.46
C ALA A 138 -5.90 11.76 6.44
N PHE A 139 -6.64 10.67 6.28
CA PHE A 139 -6.26 9.63 5.33
C PHE A 139 -5.84 10.23 3.99
N GLN A 140 -6.58 11.24 3.54
CA GLN A 140 -6.28 11.90 2.28
C GLN A 140 -4.81 12.29 2.20
N ARG A 141 -4.27 12.79 3.32
CA ARG A 141 -2.88 13.20 3.37
C ARG A 141 -1.95 12.06 2.94
N VAL A 142 -2.29 10.84 3.37
CA VAL A 142 -1.50 9.67 3.05
C VAL A 142 -1.17 9.62 1.56
N ASP A 143 0.08 9.90 1.22
CA ASP A 143 0.51 9.89 -0.18
C ASP A 143 1.81 9.11 -0.33
N THR A 144 1.95 8.06 0.46
CA THR A 144 3.15 7.22 0.43
C THR A 144 2.80 5.75 0.60
N LEU A 145 3.04 4.95 -0.42
CA LEU A 145 2.75 3.53 -0.38
C LEU A 145 4.04 2.71 -0.44
N GLU A 146 4.41 2.11 0.68
CA GLU A 146 5.61 1.30 0.75
C GLU A 146 5.27 -0.17 0.98
N ILE A 147 6.12 -1.06 0.49
CA ILE A 147 5.91 -2.49 0.64
C ILE A 147 7.21 -3.21 0.97
N GLN A 148 7.34 -3.64 2.23
CA GLN A 148 8.53 -4.35 2.68
C GLN A 148 8.20 -5.78 3.06
N GLY A 149 9.24 -6.56 3.36
CA GLY A 149 9.04 -7.95 3.75
C GLY A 149 9.47 -8.92 2.67
N ASP A 150 8.76 -10.04 2.57
CA ASP A 150 9.08 -11.05 1.57
C ASP A 150 7.96 -11.15 0.52
N VAL A 151 8.12 -10.40 -0.57
CA VAL A 151 7.14 -10.39 -1.63
C VAL A 151 7.78 -10.09 -2.98
N THR A 152 7.37 -10.81 -4.01
CA THR A 152 7.91 -10.61 -5.35
C THR A 152 6.98 -9.76 -6.21
N LEU A 153 7.22 -8.46 -6.22
CA LEU A 153 6.39 -7.54 -7.01
C LEU A 153 6.70 -7.65 -8.49
N SER A 154 5.66 -7.64 -9.31
CA SER A 154 5.83 -7.73 -10.76
C SER A 154 5.26 -6.50 -11.45
N TYR A 155 4.13 -6.01 -10.96
CA TYR A 155 3.49 -4.84 -11.53
C TYR A 155 2.76 -4.03 -10.46
N VAL A 156 2.94 -2.72 -10.51
CA VAL A 156 2.29 -1.83 -9.54
C VAL A 156 1.79 -0.56 -10.21
N GLN A 157 0.47 -0.44 -10.31
CA GLN A 157 -0.14 0.73 -10.94
C GLN A 157 -1.08 1.44 -9.96
N ILE A 158 -1.00 2.77 -9.94
CA ILE A 158 -1.85 3.56 -9.05
C ILE A 158 -2.99 4.22 -9.82
N SER A 159 -4.13 3.53 -9.88
CA SER A 159 -5.29 4.05 -10.59
C SER A 159 -5.94 5.19 -9.82
N GLY A 160 -6.57 6.10 -10.54
CA GLY A 160 -7.22 7.23 -9.90
C GLY A 160 -7.69 8.27 -10.90
N PRO A 161 -7.86 9.52 -10.43
CA PRO A 161 -8.30 10.63 -11.26
C PRO A 161 -7.24 11.05 -12.28
N SER A 162 -7.69 11.74 -13.33
CA SER A 162 -6.78 12.20 -14.37
C SER A 162 -6.74 13.73 -14.44
N SER A 163 -5.92 14.33 -13.59
CA SER A 163 -5.80 15.78 -13.55
C SER A 163 -4.99 16.29 -14.73
N GLY A 164 -5.56 17.24 -15.46
CA GLY A 164 -4.89 17.81 -16.62
C GLY A 164 -3.69 18.64 -16.23
#